data_7MBT
#
_entry.id   7MBT
#
loop_
_entity.id
_entity.type
_entity.pdbx_description
1 polymer 'Transient receptor potential melastatin 5'
2 non-polymer 2-acetamido-2-deoxy-beta-D-glucopyranose
3 non-polymer '(2R)-2-(hydroxymethyl)-4-{[(25R)-10alpha,14beta,17beta-spirost-5-en-3beta-yl]oxy}butyl 4-O-alpha-D-glucopyranosyl-beta-D-glucopyranoside'
4 non-polymer (25R)-14beta,17beta-spirost-5-en-3beta-ol
#
_entity_poly.entity_id   1
_entity_poly.type   'polypeptide(L)'
_entity_poly.pdbx_seq_one_letter_code
;MVEKSSERFDKQMAGRLGDIDFTGVSRTRGKFVRVTSSTDPAEIYQILTKQWGLAPPHLVVALMGGDEVAQLKPWLRDTL
RKGLVKAAQSTGAWILTSGLRFGITKNLGQAVRDHSLASTSPKVRVVAIGIAPWNMIQNRDLLLSAKPDHPATYPTEDLP
YGAVYSLDCNHSHFILVDEDPKRPGATGEMRVKMLKHISLQRTGYGGTGSIEIPVLCLLVHGEPRILQKMYKNIQNSIPW
LILAGSGGVADILVTLMDRGCWDADIVQELLINTFPDGLHSTEITSWTKLIQRILDHGHLLTVHDPEQDSELDTVILKAL
VKACKSQSQEAQDFLDALKLAVAWNRVDIAKSEIFSGDVQWSAQDLEEVMMEALVNDKPDFVRLFVDNGVNIKQFLTYGR
LQELYCSVSEKNLLHTLLLKKNQERQAQLARKRMSGNPNNELGDRKFRFTFHEVSKVLKDFLDDTCKGFYQKLPAERMGK
GRLFHSQKNLPDMDRRCEHPWRDLFLWAILQNRQEMANYFWAMGPEAVAAALVGCKIMKEMAHLATEAESARSMKNAKYE
QFAMDLFSECYSNSEDRAYSLLVRKTCCWSKATVLNIATLAEAKCFFAHDGVQALLTKVWWGAMRTDTSISRLVLTFFIP
PLVWTSLIKFNPEEQVSKDEGEPFAELDSLETEQALLLTDGDPVAGEGSAETAARSCSATFIRVVLRRWNRFWSAPVTVF
MGNVIMYFAFLILFSYVLLLDFRPPPPYGPSAAEIILYFWVFTLVLEEIRQSFFTDEDMSILKKMKLYVEDNWNKCDMVA
ISLFVVGLSCRMAMSTYEAGRTVLALDFMVFTLRLIHIFAIHKQLGPKIIIVERMIKDVFFFLFFLSVWLIAYGVTTQAL
LHPNDPRIDWVFRRALYRPYLHIFGQIPLEEIDAAKMPDDNCTTDVQEIILGTLPPCPNIYANWLVILLLVIYLLVTNVL
LLNLLIAMFSYTFQVVQENADIFWKFQRYNLIVEYHSRPALAPPFIIISHITQALLSFIKKTENTQDLLERELPSGLDQK
LMTWETVQKENYLAKLEHEHRESSGERLRYTSSKVQTLLRMVGGFKDQEKRMATVETEVRYCGEVLSWIAECFHKSTLKC
DRDAPKAPRSIAGSSRDQQPQGAKRQQPGGHPAYGTDKKLPFIDH
;
_entity_poly.pdbx_strand_id   A,B,C,D
#
loop_
_chem_comp.id
_chem_comp.type
_chem_comp.name
_chem_comp.formula
NAG D-saccharide, beta linking 2-acetamido-2-deoxy-beta-D-glucopyranose 'C8 H15 N O6'
YUV non-polymer (25R)-14beta,17beta-spirost-5-en-3beta-ol 'C27 H42 O3'
YUY non-polymer '(2R)-2-(hydroxymethyl)-4-{[(25R)-10alpha,14beta,17beta-spirost-5-en-3beta-yl]oxy}butyl 4-O-alpha-D-glucopyranosyl-beta-D-glucopyranoside' 'C44 H72 O15'
#
# COMPACT_ATOMS: atom_id res chain seq x y z
N ARG A 16 5.98 15.40 69.46
CA ARG A 16 4.67 15.98 69.24
C ARG A 16 4.18 15.70 67.83
N LEU A 17 3.21 14.79 67.71
CA LEU A 17 2.65 14.39 66.43
C LEU A 17 1.28 15.02 66.26
N GLY A 18 0.98 15.45 65.05
CA GLY A 18 -0.32 16.05 64.76
C GLY A 18 -0.64 15.90 63.29
N ASP A 19 -1.92 16.06 62.97
CA ASP A 19 -2.40 16.02 61.60
C ASP A 19 -2.82 17.42 61.16
N ILE A 20 -2.68 17.69 59.86
CA ILE A 20 -2.99 18.99 59.29
C ILE A 20 -4.03 18.80 58.20
N ASP A 21 -5.10 19.58 58.27
CA ASP A 21 -6.16 19.57 57.27
C ASP A 21 -6.05 20.87 56.48
N PHE A 22 -5.45 20.79 55.29
CA PHE A 22 -5.26 21.97 54.47
C PHE A 22 -6.60 22.48 53.95
N THR A 23 -6.76 23.80 53.97
CA THR A 23 -7.95 24.46 53.46
C THR A 23 -7.56 25.35 52.28
N GLY A 24 -8.22 25.12 51.15
CA GLY A 24 -7.91 25.88 49.94
C GLY A 24 -8.61 25.34 48.72
N VAL A 25 -7.91 25.36 47.58
CA VAL A 25 -8.50 24.87 46.34
C VAL A 25 -8.82 23.38 46.45
N SER A 26 -7.89 22.59 46.98
CA SER A 26 -8.07 21.16 47.14
C SER A 26 -7.90 20.82 48.61
N ARG A 27 -8.93 20.23 49.21
CA ARG A 27 -8.89 19.86 50.61
C ARG A 27 -8.15 18.54 50.77
N THR A 28 -6.98 18.58 51.42
CA THR A 28 -6.17 17.40 51.62
C THR A 28 -5.69 17.37 53.06
N ARG A 29 -5.44 16.16 53.56
CA ARG A 29 -5.00 15.94 54.93
C ARG A 29 -3.55 15.51 54.93
N GLY A 30 -2.74 16.17 55.77
CA GLY A 30 -1.34 15.84 55.88
C GLY A 30 -0.88 15.71 57.31
N LYS A 31 0.11 14.86 57.55
CA LYS A 31 0.64 14.64 58.88
C LYS A 31 1.93 15.43 59.08
N PHE A 32 2.30 15.61 60.34
CA PHE A 32 3.53 16.33 60.68
C PHE A 32 3.97 15.93 62.08
N VAL A 33 5.20 16.27 62.41
CA VAL A 33 5.74 16.04 63.75
C VAL A 33 6.79 17.11 64.04
N ARG A 34 6.68 17.74 65.21
CA ARG A 34 7.72 18.63 65.67
C ARG A 34 8.87 17.82 66.23
N VAL A 35 10.09 18.26 65.92
CA VAL A 35 11.28 17.50 66.28
C VAL A 35 12.39 18.49 66.59
N THR A 36 13.26 18.12 67.53
CA THR A 36 14.36 18.99 67.95
C THR A 36 15.68 18.47 67.41
N SER A 37 16.68 19.36 67.40
CA SER A 37 17.99 19.02 66.88
C SER A 37 18.71 17.96 67.71
N SER A 38 18.29 17.73 68.95
CA SER A 38 18.92 16.74 69.81
C SER A 38 18.28 15.35 69.68
N THR A 39 17.28 15.20 68.81
CA THR A 39 16.62 13.92 68.63
C THR A 39 17.48 12.96 67.84
N ASP A 40 17.35 11.68 68.15
CA ASP A 40 18.01 10.65 67.37
C ASP A 40 17.24 10.42 66.07
N PRO A 41 17.92 10.34 64.93
CA PRO A 41 17.21 10.07 63.67
C PRO A 41 16.53 8.73 63.65
N ALA A 42 16.95 7.79 64.50
CA ALA A 42 16.30 6.48 64.55
C ALA A 42 14.84 6.61 64.93
N GLU A 43 14.54 7.46 65.92
CA GLU A 43 13.15 7.64 66.32
C GLU A 43 12.32 8.24 65.19
N ILE A 44 12.88 9.21 64.47
CA ILE A 44 12.17 9.84 63.36
C ILE A 44 11.89 8.83 62.27
N TYR A 45 12.89 8.03 61.90
CA TYR A 45 12.67 7.00 60.89
C TYR A 45 11.65 5.98 61.35
N GLN A 46 11.69 5.62 62.64
CA GLN A 46 10.73 4.65 63.17
C GLN A 46 9.31 5.18 63.08
N ILE A 47 9.09 6.45 63.46
CA ILE A 47 7.74 6.99 63.41
C ILE A 47 7.29 7.15 61.97
N LEU A 48 8.21 7.54 61.07
CA LEU A 48 7.86 7.64 59.65
C LEU A 48 7.42 6.29 59.10
N THR A 49 8.15 5.23 59.42
CA THR A 49 7.85 3.92 58.86
C THR A 49 6.59 3.31 59.48
N LYS A 50 6.47 3.39 60.81
CA LYS A 50 5.41 2.69 61.53
C LYS A 50 4.21 3.57 61.81
N GLN A 51 4.41 4.71 62.47
CA GLN A 51 3.29 5.52 62.93
C GLN A 51 2.48 6.05 61.76
N TRP A 52 3.15 6.48 60.70
CA TRP A 52 2.49 7.01 59.53
C TRP A 52 2.30 5.97 58.43
N GLY A 53 2.73 4.73 58.66
CA GLY A 53 2.45 3.67 57.72
C GLY A 53 3.20 3.75 56.42
N LEU A 54 4.34 4.45 56.39
CA LEU A 54 5.13 4.57 55.16
C LEU A 54 6.05 3.37 55.04
N ALA A 55 5.94 2.65 53.93
CA ALA A 55 6.82 1.52 53.68
C ALA A 55 8.25 2.01 53.48
N PRO A 56 9.24 1.22 53.86
CA PRO A 56 10.64 1.59 53.61
C PRO A 56 10.87 1.84 52.13
N PRO A 57 11.34 3.03 51.78
CA PRO A 57 11.42 3.40 50.37
C PRO A 57 12.50 2.63 49.63
N HIS A 58 12.29 2.46 48.32
CA HIS A 58 13.30 1.88 47.46
C HIS A 58 14.24 2.92 46.87
N LEU A 59 13.98 4.21 47.12
CA LEU A 59 14.80 5.29 46.60
C LEU A 59 14.51 6.59 47.32
N VAL A 60 15.53 7.28 47.80
CA VAL A 60 15.36 8.54 48.51
C VAL A 60 16.10 9.61 47.72
N VAL A 61 15.36 10.64 47.31
CA VAL A 61 15.93 11.77 46.56
C VAL A 61 15.70 13.02 47.39
N ALA A 62 16.77 13.74 47.69
CA ALA A 62 16.71 14.93 48.52
C ALA A 62 17.03 16.16 47.68
N LEU A 63 16.15 17.15 47.71
CA LEU A 63 16.38 18.42 47.03
C LEU A 63 17.14 19.36 47.95
N MET A 64 18.23 19.92 47.43
CA MET A 64 19.11 20.78 48.21
C MET A 64 19.29 22.12 47.52
N GLY A 65 18.19 22.71 47.10
CA GLY A 65 18.24 24.01 46.45
C GLY A 65 16.86 24.46 46.03
N GLY A 66 16.84 25.47 45.18
CA GLY A 66 15.59 26.01 44.68
C GLY A 66 14.91 27.01 45.58
N ASP A 67 15.46 27.27 46.76
CA ASP A 67 14.90 28.25 47.68
C ASP A 67 15.44 29.65 47.44
N GLU A 68 16.38 29.82 46.51
CA GLU A 68 16.96 31.13 46.25
C GLU A 68 15.96 32.02 45.51
N VAL A 69 16.32 33.30 45.39
CA VAL A 69 15.47 34.25 44.67
C VAL A 69 15.34 33.84 43.21
N ALA A 70 16.47 33.50 42.58
CA ALA A 70 16.43 33.06 41.20
C ALA A 70 15.75 31.71 41.10
N GLN A 71 14.93 31.53 40.07
CA GLN A 71 14.17 30.31 39.87
C GLN A 71 14.53 29.69 38.53
N LEU A 72 14.26 28.39 38.42
CA LEU A 72 14.50 27.69 37.16
C LEU A 72 13.54 28.16 36.09
N LYS A 73 13.96 28.01 34.84
CA LYS A 73 13.06 28.28 33.73
C LYS A 73 11.90 27.29 33.76
N PRO A 74 10.70 27.73 33.39
CA PRO A 74 9.53 26.83 33.45
C PRO A 74 9.71 25.57 32.63
N TRP A 75 10.38 25.64 31.49
CA TRP A 75 10.65 24.42 30.72
C TRP A 75 11.58 23.49 31.48
N LEU A 76 12.65 24.04 32.06
CA LEU A 76 13.59 23.21 32.81
C LEU A 76 12.94 22.66 34.08
N ARG A 77 12.15 23.49 34.75
CA ARG A 77 11.42 23.05 35.93
C ARG A 77 10.48 21.91 35.60
N ASP A 78 9.73 22.05 34.50
CA ASP A 78 8.79 21.00 34.11
C ASP A 78 9.52 19.73 33.73
N THR A 79 10.63 19.85 33.00
CA THR A 79 11.42 18.68 32.64
C THR A 79 11.93 17.96 33.88
N LEU A 80 12.44 18.73 34.85
CA LEU A 80 12.96 18.14 36.07
C LEU A 80 11.86 17.43 36.84
N ARG A 81 10.71 18.07 37.01
CA ARG A 81 9.64 17.45 37.77
C ARG A 81 9.12 16.19 37.08
N LYS A 82 8.95 16.24 35.75
CA LYS A 82 8.46 15.07 35.03
C LYS A 82 9.46 13.92 35.11
N GLY A 83 10.74 14.21 34.92
CA GLY A 83 11.75 13.17 35.00
C GLY A 83 11.84 12.57 36.39
N LEU A 84 11.78 13.40 37.42
CA LEU A 84 11.85 12.89 38.79
C LEU A 84 10.65 12.02 39.12
N VAL A 85 9.46 12.45 38.73
CA VAL A 85 8.26 11.65 39.00
C VAL A 85 8.31 10.33 38.22
N LYS A 86 8.74 10.39 36.96
CA LYS A 86 8.82 9.18 36.15
C LYS A 86 9.83 8.19 36.74
N ALA A 87 10.98 8.69 37.19
CA ALA A 87 11.98 7.81 37.80
C ALA A 87 11.47 7.24 39.11
N ALA A 88 10.76 8.05 39.90
CA ALA A 88 10.27 7.58 41.20
C ALA A 88 9.12 6.60 41.06
N GLN A 89 8.33 6.69 39.98
CA GLN A 89 7.14 5.85 39.86
C GLN A 89 7.48 4.39 39.63
N SER A 90 8.70 4.08 39.22
CA SER A 90 9.07 2.69 38.97
C SER A 90 8.98 1.86 40.25
N THR A 91 9.47 2.40 41.36
CA THR A 91 9.48 1.74 42.65
C THR A 91 8.82 2.66 43.69
N GLY A 92 8.94 2.29 44.96
CA GLY A 92 8.48 3.15 46.03
C GLY A 92 9.55 4.12 46.46
N ALA A 93 9.40 5.40 46.10
CA ALA A 93 10.44 6.39 46.32
C ALA A 93 9.94 7.50 47.24
N TRP A 94 10.89 8.06 48.00
CA TRP A 94 10.65 9.23 48.84
C TRP A 94 11.36 10.42 48.22
N ILE A 95 10.74 11.58 48.27
CA ILE A 95 11.31 12.82 47.75
C ILE A 95 11.43 13.78 48.92
N LEU A 96 12.64 13.90 49.46
CA LEU A 96 12.89 14.74 50.62
C LEU A 96 13.08 16.18 50.16
N THR A 97 12.14 17.05 50.51
CA THR A 97 12.24 18.46 50.21
C THR A 97 11.90 19.27 51.45
N SER A 98 12.14 20.57 51.39
CA SER A 98 11.70 21.47 52.44
C SER A 98 10.21 21.73 52.27
N GLY A 99 9.42 21.35 53.26
CA GLY A 99 7.98 21.41 53.12
C GLY A 99 7.44 22.83 53.13
N LEU A 100 7.92 23.65 52.19
CA LEU A 100 7.51 25.04 52.07
C LEU A 100 7.05 25.32 50.65
N ARG A 101 5.89 25.96 50.53
CA ARG A 101 5.30 26.25 49.23
C ARG A 101 6.05 27.41 48.59
N PHE A 102 7.13 27.08 47.89
CA PHE A 102 7.93 28.09 47.21
C PHE A 102 8.91 27.40 46.26
N GLY A 103 9.15 28.06 45.12
CA GLY A 103 10.18 27.65 44.21
C GLY A 103 9.93 26.29 43.59
N ILE A 104 11.02 25.56 43.34
CA ILE A 104 10.93 24.24 42.73
C ILE A 104 10.17 23.28 43.63
N THR A 105 10.18 23.52 44.94
CA THR A 105 9.50 22.62 45.87
C THR A 105 7.99 22.59 45.60
N LYS A 106 7.39 23.75 45.35
CA LYS A 106 5.96 23.81 45.11
C LYS A 106 5.56 22.99 43.89
N ASN A 107 6.24 23.22 42.76
CA ASN A 107 5.92 22.49 41.55
C ASN A 107 6.21 21.00 41.67
N LEU A 108 7.32 20.64 42.33
CA LEU A 108 7.64 19.23 42.52
C LEU A 108 6.60 18.53 43.37
N GLY A 109 6.15 19.17 44.45
CA GLY A 109 5.10 18.59 45.26
C GLY A 109 3.79 18.48 44.51
N GLN A 110 3.48 19.48 43.67
CA GLN A 110 2.28 19.41 42.86
C GLN A 110 2.33 18.24 41.89
N ALA A 111 3.49 18.02 41.27
CA ALA A 111 3.65 16.89 40.37
C ALA A 111 3.51 15.57 41.12
N VAL A 112 4.08 15.50 42.32
CA VAL A 112 3.96 14.29 43.13
C VAL A 112 2.50 14.01 43.46
N ARG A 113 1.76 15.04 43.86
CA ARG A 113 0.35 14.87 44.18
C ARG A 113 -0.45 14.44 42.95
N ASP A 114 -0.18 15.06 41.81
CA ASP A 114 -0.88 14.69 40.59
C ASP A 114 -0.61 13.24 40.21
N HIS A 115 0.64 12.80 40.35
CA HIS A 115 0.95 11.40 40.08
C HIS A 115 0.25 10.48 41.06
N SER A 116 0.18 10.88 42.34
CA SER A 116 -0.46 10.05 43.34
C SER A 116 -1.95 9.88 43.04
N LEU A 117 -2.61 10.96 42.63
CA LEU A 117 -4.03 10.86 42.30
C LEU A 117 -4.25 9.98 41.08
N ALA A 118 -3.40 10.10 40.07
CA ALA A 118 -3.57 9.38 38.81
C ALA A 118 -2.98 7.98 38.83
N SER A 119 -2.34 7.58 39.92
CA SER A 119 -1.73 6.25 40.00
C SER A 119 -2.80 5.23 40.35
N THR A 120 -3.05 4.30 39.44
CA THR A 120 -4.02 3.23 39.67
C THR A 120 -3.47 2.11 40.55
N SER A 121 -2.16 2.08 40.79
CA SER A 121 -1.55 1.03 41.58
C SER A 121 -0.99 1.61 42.87
N PRO A 122 -1.66 1.44 44.02
CA PRO A 122 -1.14 1.95 45.28
C PRO A 122 -0.03 1.10 45.89
N LYS A 123 0.40 0.04 45.20
CA LYS A 123 1.48 -0.79 45.72
C LYS A 123 2.77 0.00 45.86
N VAL A 124 3.11 0.80 44.85
CA VAL A 124 4.26 1.68 44.89
C VAL A 124 3.79 3.12 45.04
N ARG A 125 4.35 3.83 46.01
CA ARG A 125 3.89 5.16 46.36
C ARG A 125 5.06 6.13 46.35
N VAL A 126 4.87 7.28 45.71
CA VAL A 126 5.85 8.36 45.74
C VAL A 126 5.42 9.35 46.81
N VAL A 127 6.20 9.46 47.87
CA VAL A 127 5.85 10.27 49.03
C VAL A 127 6.79 11.46 49.08
N ALA A 128 6.22 12.65 49.20
CA ALA A 128 6.99 13.89 49.26
C ALA A 128 7.08 14.32 50.73
N ILE A 129 8.17 13.95 51.37
CA ILE A 129 8.41 14.30 52.77
C ILE A 129 8.90 15.74 52.84
N GLY A 130 8.44 16.47 53.86
CA GLY A 130 8.86 17.85 54.02
C GLY A 130 9.62 18.11 55.30
N ILE A 131 10.87 18.55 55.19
CA ILE A 131 11.68 18.91 56.34
C ILE A 131 11.89 20.42 56.26
N ALA A 132 11.20 21.17 57.12
CA ALA A 132 11.30 22.61 57.09
C ALA A 132 11.57 23.16 58.49
N PRO A 133 12.31 24.25 58.59
CA PRO A 133 12.57 24.85 59.91
C PRO A 133 11.30 25.41 60.52
N TRP A 134 11.21 25.33 61.85
CA TRP A 134 10.03 25.81 62.55
C TRP A 134 9.88 27.32 62.46
N ASN A 135 10.97 28.08 62.53
CA ASN A 135 10.89 29.53 62.50
C ASN A 135 10.54 30.08 61.14
N MET A 136 10.52 29.25 60.10
CA MET A 136 10.17 29.68 58.75
C MET A 136 8.76 29.21 58.38
N ILE A 137 7.92 28.97 59.38
CA ILE A 137 6.56 28.47 59.17
C ILE A 137 5.59 29.62 59.37
N GLN A 138 4.71 29.81 58.38
CA GLN A 138 3.68 30.84 58.46
C GLN A 138 2.45 30.27 59.15
N ASN A 139 1.91 31.02 60.10
CA ASN A 139 0.76 30.59 60.90
C ASN A 139 1.04 29.27 61.62
N ARG A 140 2.20 29.18 62.26
CA ARG A 140 2.52 28.00 63.05
C ARG A 140 1.57 27.84 64.23
N ASP A 141 1.03 28.95 64.74
CA ASP A 141 0.07 28.86 65.85
C ASP A 141 -1.20 28.13 65.42
N LEU A 142 -1.56 28.21 64.14
CA LEU A 142 -2.74 27.50 63.66
C LEU A 142 -2.59 26.00 63.83
N LEU A 143 -1.40 25.47 63.54
CA LEU A 143 -1.14 24.04 63.70
C LEU A 143 -0.59 23.69 65.07
N LEU A 144 -0.37 24.68 65.95
CA LEU A 144 0.04 24.39 67.31
C LEU A 144 -1.02 23.60 68.08
N SER A 145 -2.27 23.61 67.63
CA SER A 145 -3.31 22.86 68.32
C SER A 145 -3.01 21.38 68.34
N ALA A 146 -2.95 20.76 67.16
CA ALA A 146 -2.59 19.34 67.01
C ALA A 146 -3.46 18.44 67.88
N LYS A 147 -4.77 18.66 67.81
CA LYS A 147 -5.70 17.82 68.55
C LYS A 147 -5.82 16.46 67.86
N PRO A 148 -5.56 15.35 68.57
CA PRO A 148 -5.69 14.04 67.92
C PRO A 148 -7.08 13.76 67.38
N ASP A 149 -8.13 14.22 68.08
CA ASP A 149 -9.49 14.00 67.60
C ASP A 149 -9.81 14.91 66.42
N HIS A 150 -9.37 16.16 66.48
CA HIS A 150 -9.64 17.13 65.42
C HIS A 150 -8.34 17.64 64.83
N PRO A 151 -7.94 17.19 63.64
CA PRO A 151 -6.73 17.71 63.02
C PRO A 151 -6.84 19.21 62.77
N ALA A 152 -5.73 19.91 62.97
CA ALA A 152 -5.72 21.35 62.81
C ALA A 152 -5.96 21.75 61.36
N THR A 153 -6.72 22.82 61.17
CA THR A 153 -6.99 23.36 59.84
C THR A 153 -5.92 24.40 59.51
N TYR A 154 -5.31 24.25 58.34
CA TYR A 154 -4.22 25.12 57.93
C TYR A 154 -4.56 25.76 56.58
N PRO A 155 -4.52 27.08 56.47
CA PRO A 155 -4.81 27.72 55.18
C PRO A 155 -3.53 27.92 54.35
N THR A 156 -3.68 27.71 53.05
CA THR A 156 -2.56 27.80 52.13
C THR A 156 -2.55 29.18 51.48
N GLU A 157 -1.40 29.84 51.51
CA GLU A 157 -1.23 31.17 50.91
C GLU A 157 0.08 31.21 50.14
N ASP A 158 0.03 31.77 48.94
CA ASP A 158 1.23 31.93 48.11
C ASP A 158 1.95 33.21 48.53
N LEU A 159 2.76 33.09 49.56
CA LEU A 159 3.54 34.22 50.04
C LEU A 159 4.65 34.55 49.06
N PRO A 160 5.15 35.79 49.08
CA PRO A 160 6.28 36.15 48.22
C PRO A 160 7.57 35.53 48.73
N TYR A 161 8.71 35.88 48.12
CA TYR A 161 9.98 35.31 48.52
C TYR A 161 10.24 35.55 50.01
N GLY A 162 10.40 36.81 50.39
CA GLY A 162 10.55 37.18 51.79
C GLY A 162 11.49 36.26 52.55
N ALA A 163 11.06 35.85 53.75
CA ALA A 163 11.80 34.89 54.54
C ALA A 163 10.92 33.84 55.20
N VAL A 164 9.61 33.92 55.06
CA VAL A 164 8.68 32.97 55.64
C VAL A 164 7.74 32.46 54.56
N TYR A 165 7.43 31.18 54.60
CA TYR A 165 6.54 30.56 53.63
C TYR A 165 5.49 29.74 54.35
N SER A 166 4.51 29.28 53.58
CA SER A 166 3.46 28.40 54.07
C SER A 166 3.73 26.97 53.62
N LEU A 167 3.31 26.01 54.45
CA LEU A 167 3.50 24.61 54.11
C LEU A 167 2.75 24.26 52.84
N ASP A 168 3.43 23.57 51.93
CA ASP A 168 2.78 23.11 50.71
C ASP A 168 1.74 22.04 51.05
N CYS A 169 0.54 22.19 50.51
CA CYS A 169 -0.51 21.21 50.77
C CYS A 169 -0.26 19.90 50.06
N ASN A 170 0.61 19.89 49.06
CA ASN A 170 0.85 18.67 48.29
C ASN A 170 1.81 17.71 48.97
N HIS A 171 2.58 18.16 49.96
CA HIS A 171 3.42 17.25 50.72
C HIS A 171 2.58 16.51 51.75
N SER A 172 2.61 15.19 51.68
CA SER A 172 1.73 14.38 52.51
C SER A 172 2.21 14.31 53.96
N HIS A 173 3.53 14.30 54.18
CA HIS A 173 4.07 14.24 55.52
C HIS A 173 5.13 15.31 55.69
N PHE A 174 5.34 15.72 56.95
CA PHE A 174 6.22 16.83 57.27
C PHE A 174 7.10 16.48 58.46
N ILE A 175 8.28 17.12 58.50
CA ILE A 175 9.21 17.00 59.62
C ILE A 175 9.60 18.42 60.00
N LEU A 176 8.93 18.98 61.00
CA LEU A 176 9.17 20.38 61.40
C LEU A 176 10.20 20.39 62.51
N VAL A 177 11.33 21.04 62.26
CA VAL A 177 12.46 21.06 63.18
C VAL A 177 12.60 22.43 63.81
N ASP A 178 12.76 22.47 65.12
CA ASP A 178 12.94 23.72 65.84
C ASP A 178 14.35 24.25 65.65
N GLU A 179 14.50 25.57 65.76
CA GLU A 179 15.81 26.19 65.60
C GLU A 179 16.72 25.82 66.76
N ASP A 180 17.98 25.52 66.45
CA ASP A 180 18.95 25.21 67.48
C ASP A 180 19.50 26.48 68.09
N PRO A 181 19.41 26.66 69.41
CA PRO A 181 19.99 27.86 70.03
C PRO A 181 21.49 27.96 69.90
N LYS A 182 22.18 26.85 69.62
CA LYS A 182 23.64 26.88 69.49
C LYS A 182 24.05 27.50 68.16
N ARG A 183 23.62 26.90 67.06
CA ARG A 183 23.98 27.37 65.73
C ARG A 183 22.76 27.47 64.85
N PRO A 184 22.75 28.39 63.88
CA PRO A 184 21.62 28.55 62.96
C PRO A 184 21.66 27.61 61.76
N GLY A 185 21.85 26.32 62.02
CA GLY A 185 21.87 25.33 60.96
C GLY A 185 21.15 24.06 61.36
N ALA A 186 20.13 24.19 62.21
CA ALA A 186 19.46 23.01 62.76
C ALA A 186 18.82 22.17 61.65
N THR A 187 18.13 22.82 60.71
CA THR A 187 17.45 22.08 59.66
C THR A 187 18.44 21.35 58.76
N GLY A 188 19.57 21.99 58.43
CA GLY A 188 20.57 21.33 57.60
C GLY A 188 21.19 20.12 58.29
N GLU A 189 21.55 20.28 59.56
CA GLU A 189 22.11 19.15 60.30
C GLU A 189 21.09 18.02 60.42
N MET A 190 19.83 18.36 60.66
CA MET A 190 18.80 17.33 60.75
C MET A 190 18.63 16.61 59.42
N ARG A 191 18.65 17.35 58.31
CA ARG A 191 18.55 16.72 57.00
C ARG A 191 19.72 15.79 56.75
N VAL A 192 20.93 16.23 57.10
CA VAL A 192 22.12 15.40 56.90
C VAL A 192 22.02 14.12 57.72
N LYS A 193 21.62 14.25 58.98
CA LYS A 193 21.51 13.08 59.85
C LYS A 193 20.43 12.12 59.34
N MET A 194 19.29 12.66 58.90
CA MET A 194 18.24 11.81 58.36
C MET A 194 18.71 11.07 57.11
N LEU A 195 19.41 11.76 56.21
CA LEU A 195 19.89 11.09 55.02
C LEU A 195 20.89 9.99 55.36
N LYS A 196 21.81 10.27 56.29
CA LYS A 196 22.78 9.26 56.68
C LYS A 196 22.09 8.05 57.31
N HIS A 197 21.13 8.29 58.20
CA HIS A 197 20.44 7.17 58.85
C HIS A 197 19.63 6.36 57.85
N ILE A 198 18.94 7.03 56.93
CA ILE A 198 18.15 6.33 55.93
C ILE A 198 19.05 5.50 55.01
N SER A 199 20.24 6.01 54.70
CA SER A 199 21.14 5.29 53.81
C SER A 199 21.62 3.96 54.40
N LEU A 200 21.42 3.73 55.70
CA LEU A 200 21.87 2.51 56.36
C LEU A 200 20.72 1.59 56.74
N GLN A 201 19.64 1.61 55.96
CA GLN A 201 18.47 0.78 56.21
C GLN A 201 18.29 -0.23 55.08
N ARG A 202 17.21 -0.99 55.16
CA ARG A 202 16.91 -2.03 54.18
C ARG A 202 15.66 -1.66 53.39
N THR A 203 15.68 -1.94 52.08
CA THR A 203 14.60 -1.54 51.21
C THR A 203 13.28 -2.21 51.54
N GLY A 204 13.29 -3.51 51.84
CA GLY A 204 12.08 -4.25 52.10
C GLY A 204 11.79 -4.39 53.59
N TYR A 205 10.68 -5.07 53.87
CA TYR A 205 10.29 -5.31 55.26
C TYR A 205 11.32 -6.17 55.98
N GLY A 206 11.81 -7.22 55.31
CA GLY A 206 12.79 -8.10 55.91
C GLY A 206 14.09 -8.12 55.15
N GLY A 207 15.18 -8.53 55.81
CA GLY A 207 16.48 -8.56 55.18
C GLY A 207 16.75 -9.83 54.40
N THR A 208 15.71 -10.36 53.75
CA THR A 208 15.85 -11.57 52.94
C THR A 208 16.16 -11.25 51.48
N GLY A 209 15.28 -10.50 50.82
CA GLY A 209 15.50 -10.08 49.45
C GLY A 209 15.52 -8.58 49.33
N SER A 210 15.98 -7.90 50.37
CA SER A 210 15.97 -6.44 50.44
C SER A 210 17.39 -5.90 50.32
N ILE A 211 17.50 -4.75 49.67
CA ILE A 211 18.78 -4.11 49.46
C ILE A 211 18.92 -2.93 50.41
N GLU A 212 20.13 -2.40 50.53
CA GLU A 212 20.34 -1.18 51.27
C GLU A 212 19.74 0.01 50.52
N ILE A 213 19.05 0.87 51.24
CA ILE A 213 18.27 1.95 50.62
C ILE A 213 19.18 2.90 49.87
N PRO A 214 18.93 3.14 48.58
CA PRO A 214 19.75 4.09 47.81
C PRO A 214 19.30 5.52 48.08
N VAL A 215 20.15 6.27 48.78
CA VAL A 215 19.90 7.67 49.08
C VAL A 215 20.68 8.53 48.10
N LEU A 216 20.00 9.47 47.46
CA LEU A 216 20.60 10.33 46.45
C LEU A 216 20.19 11.76 46.70
N CYS A 217 21.09 12.69 46.44
CA CYS A 217 20.83 14.11 46.61
C CYS A 217 20.82 14.81 45.27
N LEU A 218 19.95 15.81 45.14
CA LEU A 218 19.79 16.57 43.91
C LEU A 218 20.03 18.04 44.22
N LEU A 219 20.87 18.69 43.43
CA LEU A 219 21.23 20.09 43.63
C LEU A 219 20.59 20.94 42.54
N VAL A 220 19.90 22.00 42.95
CA VAL A 220 19.22 22.91 42.02
C VAL A 220 19.52 24.33 42.47
N HIS A 221 20.47 24.98 41.82
CA HIS A 221 20.80 26.39 42.05
C HIS A 221 21.13 26.63 43.53
N GLY A 222 22.19 25.99 43.99
CA GLY A 222 22.61 26.16 45.36
C GLY A 222 23.23 27.51 45.62
N GLU A 223 23.19 27.91 46.88
CA GLU A 223 23.88 29.08 47.38
C GLU A 223 25.16 28.67 48.08
N PRO A 224 26.12 29.58 48.23
CA PRO A 224 27.38 29.20 48.90
C PRO A 224 27.19 28.75 50.33
N ARG A 225 26.07 29.11 50.97
CA ARG A 225 25.82 28.71 52.35
C ARG A 225 25.61 27.20 52.49
N ILE A 226 25.20 26.51 51.42
CA ILE A 226 24.90 25.08 51.49
C ILE A 226 26.11 24.22 51.15
N LEU A 227 27.25 24.84 50.86
CA LEU A 227 28.44 24.07 50.53
C LEU A 227 28.89 23.22 51.71
N GLN A 228 28.78 23.76 52.93
CA GLN A 228 29.15 22.97 54.10
C GLN A 228 28.28 21.73 54.24
N LYS A 229 26.98 21.89 54.05
CA LYS A 229 26.08 20.74 54.16
C LYS A 229 26.34 19.74 53.04
N MET A 230 26.60 20.23 51.84
CA MET A 230 26.91 19.33 50.73
C MET A 230 28.19 18.54 51.00
N TYR A 231 29.21 19.21 51.54
CA TYR A 231 30.45 18.51 51.88
C TYR A 231 30.22 17.50 53.01
N LYS A 232 29.37 17.84 53.97
CA LYS A 232 29.06 16.88 55.03
C LYS A 232 28.37 15.64 54.45
N ASN A 233 27.44 15.86 53.51
CA ASN A 233 26.78 14.73 52.85
C ASN A 233 27.78 13.88 52.07
N ILE A 234 28.72 14.54 51.38
CA ILE A 234 29.76 13.79 50.67
C ILE A 234 30.58 12.97 51.64
N GLN A 235 30.94 13.56 52.78
CA GLN A 235 31.63 12.82 53.82
C GLN A 235 30.82 11.61 54.27
N ASN A 236 29.50 11.74 54.30
CA ASN A 236 28.65 10.59 54.61
C ASN A 236 28.53 9.62 53.45
N SER A 237 29.16 9.91 52.31
CA SER A 237 29.22 9.00 51.17
C SER A 237 27.83 8.70 50.61
N ILE A 238 27.15 9.73 50.14
CA ILE A 238 25.90 9.61 49.41
C ILE A 238 26.04 10.35 48.10
N PRO A 239 25.57 9.80 46.98
CA PRO A 239 25.79 10.43 45.69
C PRO A 239 25.02 11.73 45.54
N TRP A 240 25.46 12.54 44.58
CA TRP A 240 24.84 13.82 44.28
C TRP A 240 24.60 13.92 42.78
N LEU A 241 23.51 14.58 42.41
CA LEU A 241 23.21 14.90 41.03
C LEU A 241 23.17 16.41 40.87
N ILE A 242 23.83 16.93 39.85
CA ILE A 242 23.98 18.36 39.63
C ILE A 242 23.28 18.71 38.32
N LEU A 243 22.34 19.64 38.38
CA LEU A 243 21.71 20.12 37.17
C LEU A 243 22.66 20.99 36.38
N ALA A 244 22.72 20.78 35.06
CA ALA A 244 23.63 21.53 34.22
C ALA A 244 23.26 23.01 34.18
N GLY A 245 21.96 23.31 34.02
CA GLY A 245 21.53 24.69 33.88
C GLY A 245 20.75 25.19 35.07
N SER A 246 21.18 24.82 36.28
CA SER A 246 20.47 25.24 37.48
C SER A 246 20.65 26.73 37.74
N GLY A 247 21.89 27.18 37.95
CA GLY A 247 22.15 28.59 38.11
C GLY A 247 23.11 28.97 39.20
N GLY A 248 23.09 28.23 40.32
CA GLY A 248 23.93 28.58 41.45
C GLY A 248 25.25 27.85 41.49
N VAL A 249 25.54 27.17 42.60
CA VAL A 249 26.76 26.39 42.73
C VAL A 249 26.79 25.26 41.72
N ALA A 250 25.63 24.86 41.19
CA ALA A 250 25.59 23.80 40.19
C ALA A 250 26.39 24.19 38.96
N ASP A 251 26.26 25.44 38.51
CA ASP A 251 27.04 25.87 37.35
C ASP A 251 28.53 25.83 37.64
N ILE A 252 28.94 26.25 38.83
CA ILE A 252 30.35 26.22 39.19
C ILE A 252 30.87 24.79 39.13
N LEU A 253 30.12 23.86 39.73
CA LEU A 253 30.55 22.48 39.77
C LEU A 253 30.64 21.88 38.37
N VAL A 254 29.63 22.13 37.53
CA VAL A 254 29.64 21.53 36.20
C VAL A 254 30.75 22.14 35.35
N THR A 255 31.00 23.44 35.49
CA THR A 255 32.09 24.06 34.74
C THR A 255 33.44 23.53 35.17
N LEU A 256 33.65 23.35 36.48
CA LEU A 256 34.93 22.81 36.94
C LEU A 256 35.12 21.37 36.50
N MET A 257 34.06 20.56 36.54
CA MET A 257 34.19 19.19 36.09
C MET A 257 34.43 19.11 34.59
N ASP A 258 33.78 19.98 33.81
CA ASP A 258 34.05 20.05 32.37
C ASP A 258 35.50 20.48 32.10
N ARG A 259 36.02 21.40 32.92
CA ARG A 259 37.41 21.81 32.78
C ARG A 259 38.36 20.64 33.00
N GLY A 260 38.06 19.80 33.99
CA GLY A 260 38.84 18.63 34.29
C GLY A 260 39.71 18.75 35.52
N CYS A 261 40.29 19.93 35.76
CA CYS A 261 41.11 20.16 36.93
C CYS A 261 40.66 21.44 37.60
N TRP A 262 40.72 21.45 38.93
CA TRP A 262 40.29 22.60 39.72
C TRP A 262 41.48 23.20 40.44
N ASP A 263 41.64 24.52 40.32
CA ASP A 263 42.68 25.26 41.00
C ASP A 263 42.06 26.41 41.77
N ALA A 264 42.80 26.91 42.76
CA ALA A 264 42.24 27.93 43.66
C ALA A 264 41.84 29.19 42.89
N ASP A 265 42.69 29.65 41.98
CA ASP A 265 42.39 30.87 41.25
C ASP A 265 41.15 30.71 40.39
N ILE A 266 41.03 29.57 39.70
CA ILE A 266 39.90 29.37 38.78
C ILE A 266 38.59 29.33 39.55
N VAL A 267 38.55 28.59 40.65
CA VAL A 267 37.31 28.48 41.42
C VAL A 267 36.99 29.80 42.10
N GLN A 268 38.00 30.53 42.58
CA GLN A 268 37.74 31.85 43.16
C GLN A 268 37.15 32.79 42.13
N GLU A 269 37.72 32.81 40.91
CA GLU A 269 37.20 33.69 39.87
C GLU A 269 35.78 33.31 39.50
N LEU A 270 35.50 32.01 39.34
CA LEU A 270 34.16 31.60 38.96
C LEU A 270 33.15 31.90 40.06
N LEU A 271 33.52 31.68 41.31
CA LEU A 271 32.63 32.00 42.42
C LEU A 271 32.34 33.50 42.49
N ILE A 272 33.38 34.32 42.28
CA ILE A 272 33.17 35.76 42.29
C ILE A 272 32.25 36.18 41.15
N ASN A 273 32.46 35.61 39.96
CA ASN A 273 31.62 35.97 38.81
C ASN A 273 30.17 35.56 39.03
N THR A 274 29.95 34.34 39.55
CA THR A 274 28.59 33.86 39.75
C THR A 274 27.90 34.52 40.94
N PHE A 275 28.66 34.85 41.98
CA PHE A 275 28.12 35.47 43.19
C PHE A 275 28.89 36.74 43.50
N PRO A 276 28.71 37.79 42.71
CA PRO A 276 29.39 39.07 43.02
C PRO A 276 28.96 39.67 44.34
N ASP A 277 27.72 39.41 44.77
CA ASP A 277 27.23 39.98 46.02
C ASP A 277 28.03 39.48 47.22
N GLY A 278 28.58 38.27 47.11
CA GLY A 278 29.38 37.72 48.20
C GLY A 278 30.80 38.24 48.19
N LEU A 279 31.11 39.14 49.13
CA LEU A 279 32.44 39.74 49.24
C LEU A 279 32.88 39.62 50.69
N HIS A 280 33.49 38.48 51.03
CA HIS A 280 34.08 38.26 52.34
C HIS A 280 35.27 37.33 52.17
N SER A 281 36.48 37.83 52.47
CA SER A 281 37.69 37.09 52.16
C SER A 281 37.73 35.75 52.89
N THR A 282 37.37 35.75 54.18
CA THR A 282 37.32 34.50 54.92
C THR A 282 36.26 33.57 54.34
N GLU A 283 35.08 34.11 54.03
CA GLU A 283 34.02 33.30 53.45
C GLU A 283 34.44 32.76 52.08
N ILE A 284 35.09 33.59 51.27
CA ILE A 284 35.52 33.15 49.94
C ILE A 284 36.55 32.03 50.06
N THR A 285 37.52 32.19 50.97
CA THR A 285 38.52 31.14 51.17
C THR A 285 37.88 29.85 51.67
N SER A 286 36.94 29.95 52.61
CA SER A 286 36.26 28.76 53.12
C SER A 286 35.48 28.06 52.02
N TRP A 287 34.78 28.84 51.18
CA TRP A 287 34.03 28.24 50.08
C TRP A 287 34.95 27.60 49.06
N THR A 288 36.11 28.23 48.80
CA THR A 288 37.08 27.63 47.90
C THR A 288 37.58 26.29 48.43
N LYS A 289 37.92 26.25 49.71
CA LYS A 289 38.37 24.99 50.31
C LYS A 289 37.26 23.94 50.27
N LEU A 290 36.03 24.34 50.55
CA LEU A 290 34.91 23.41 50.53
C LEU A 290 34.71 22.85 49.13
N ILE A 291 34.79 23.69 48.10
CA ILE A 291 34.63 23.22 46.73
C ILE A 291 35.76 22.27 46.36
N GLN A 292 36.98 22.59 46.76
CA GLN A 292 38.11 21.70 46.46
C GLN A 292 37.92 20.33 47.11
N ARG A 293 37.57 20.31 48.39
CA ARG A 293 37.35 19.02 49.06
C ARG A 293 36.17 18.27 48.46
N ILE A 294 35.14 18.99 48.01
CA ILE A 294 33.99 18.32 47.39
C ILE A 294 34.41 17.66 46.09
N LEU A 295 35.12 18.40 45.23
CA LEU A 295 35.55 17.86 43.95
C LEU A 295 36.62 16.79 44.11
N ASP A 296 37.31 16.75 45.26
CA ASP A 296 38.29 15.71 45.49
C ASP A 296 37.67 14.31 45.43
N HIS A 297 36.39 14.20 45.79
CA HIS A 297 35.72 12.90 45.73
C HIS A 297 35.38 12.53 44.30
N GLY A 298 34.55 13.34 43.64
CA GLY A 298 34.28 13.14 42.23
C GLY A 298 33.38 11.97 41.92
N HIS A 299 33.69 10.79 42.48
CA HIS A 299 32.89 9.61 42.21
C HIS A 299 31.48 9.75 42.77
N LEU A 300 31.28 10.65 43.73
CA LEU A 300 29.97 10.93 44.28
C LEU A 300 29.27 12.07 43.56
N LEU A 301 29.89 12.66 42.55
CA LEU A 301 29.32 13.77 41.81
C LEU A 301 28.90 13.32 40.43
N THR A 302 27.75 13.79 39.97
CA THR A 302 27.23 13.42 38.66
C THR A 302 26.48 14.59 38.06
N VAL A 303 26.57 14.74 36.74
CA VAL A 303 25.98 15.86 36.02
C VAL A 303 24.74 15.35 35.28
N HIS A 304 23.63 16.05 35.45
CA HIS A 304 22.41 15.76 34.70
C HIS A 304 22.12 16.96 33.80
N ASP A 305 22.07 16.71 32.49
CA ASP A 305 21.78 17.75 31.51
C ASP A 305 20.46 17.46 30.83
N PRO A 306 19.36 18.11 31.22
CA PRO A 306 18.07 17.82 30.59
C PRO A 306 18.05 18.12 29.09
N GLU A 307 18.91 19.01 28.62
CA GLU A 307 18.96 19.32 27.20
C GLU A 307 19.50 18.15 26.38
N GLN A 308 20.42 17.38 26.95
CA GLN A 308 21.07 16.29 26.22
C GLN A 308 20.48 14.93 26.56
N ASP A 309 20.49 14.54 27.84
CA ASP A 309 20.06 13.21 28.23
C ASP A 309 18.56 13.15 28.53
N SER A 310 18.10 13.95 29.48
CA SER A 310 16.69 14.03 29.88
C SER A 310 16.14 12.70 30.36
N GLU A 311 17.01 11.76 30.73
CA GLU A 311 16.61 10.46 31.26
C GLU A 311 17.13 10.40 32.69
N LEU A 312 16.32 10.89 33.63
CA LEU A 312 16.77 11.03 35.01
C LEU A 312 17.06 9.69 35.66
N ASP A 313 16.25 8.67 35.37
CA ASP A 313 16.48 7.35 35.97
C ASP A 313 17.81 6.77 35.53
N THR A 314 18.18 6.96 34.25
CA THR A 314 19.46 6.49 33.77
C THR A 314 20.61 7.15 34.53
N VAL A 315 20.53 8.47 34.71
CA VAL A 315 21.58 9.17 35.44
C VAL A 315 21.63 8.72 36.89
N ILE A 316 20.45 8.48 37.49
CA ILE A 316 20.42 8.03 38.89
C ILE A 316 21.11 6.69 39.04
N LEU A 317 20.77 5.74 38.16
CA LEU A 317 21.42 4.44 38.23
C LEU A 317 22.91 4.53 37.98
N LYS A 318 23.31 5.34 36.99
CA LYS A 318 24.74 5.48 36.71
C LYS A 318 25.48 6.05 37.91
N ALA A 319 24.90 7.07 38.55
CA ALA A 319 25.54 7.66 39.72
C ALA A 319 25.64 6.65 40.86
N LEU A 320 24.58 5.90 41.10
CA LEU A 320 24.59 4.94 42.21
C LEU A 320 25.61 3.84 41.97
N VAL A 321 25.63 3.27 40.76
CA VAL A 321 26.59 2.21 40.49
C VAL A 321 28.02 2.76 40.49
N LYS A 322 28.22 4.00 40.03
CA LYS A 322 29.55 4.58 40.08
C LYS A 322 30.03 4.75 41.52
N ALA A 323 29.14 5.24 42.39
CA ALA A 323 29.51 5.41 43.79
C ALA A 323 29.84 4.07 44.44
N CYS A 324 29.02 3.05 44.19
CA CYS A 324 29.27 1.75 44.80
C CYS A 324 30.56 1.11 44.25
N LYS A 325 30.79 1.23 42.94
CA LYS A 325 31.99 0.67 42.34
C LYS A 325 33.24 1.36 42.86
N SER A 326 33.19 2.68 43.03
CA SER A 326 34.33 3.38 43.63
C SER A 326 34.51 2.98 45.09
N GLN A 327 33.41 2.66 45.78
CA GLN A 327 33.52 2.26 47.18
C GLN A 327 34.32 0.97 47.33
N SER A 328 33.97 -0.07 46.58
CA SER A 328 34.65 -1.36 46.67
C SER A 328 34.48 -2.12 45.37
N GLN A 329 35.38 -3.08 45.14
CA GLN A 329 35.36 -3.92 43.96
C GLN A 329 34.79 -5.31 44.21
N GLU A 330 34.28 -5.58 45.41
CA GLU A 330 33.71 -6.89 45.71
C GLU A 330 32.41 -7.10 44.93
N ALA A 331 32.22 -8.34 44.48
CA ALA A 331 31.02 -8.66 43.69
C ALA A 331 29.76 -8.52 44.53
N GLN A 332 29.86 -8.74 45.84
CA GLN A 332 28.71 -8.58 46.72
C GLN A 332 28.23 -7.13 46.73
N ASP A 333 29.16 -6.18 46.66
CA ASP A 333 28.76 -4.77 46.59
C ASP A 333 27.95 -4.48 45.33
N PHE A 334 28.35 -5.04 44.19
CA PHE A 334 27.60 -4.83 42.97
C PHE A 334 26.26 -5.55 42.99
N LEU A 335 26.15 -6.62 43.76
CA LEU A 335 24.91 -7.39 43.82
C LEU A 335 23.75 -6.52 44.30
N ASP A 336 24.00 -5.69 45.31
CA ASP A 336 22.97 -4.73 45.73
C ASP A 336 22.65 -3.75 44.61
N ALA A 337 23.67 -3.31 43.87
CA ALA A 337 23.43 -2.48 42.70
C ALA A 337 22.78 -3.26 41.57
N LEU A 338 23.12 -4.54 41.43
CA LEU A 338 22.49 -5.36 40.40
C LEU A 338 20.99 -5.49 40.65
N LYS A 339 20.59 -5.68 41.90
CA LYS A 339 19.16 -5.75 42.21
C LYS A 339 18.46 -4.45 41.87
N LEU A 340 19.12 -3.31 42.17
CA LEU A 340 18.54 -2.01 41.83
C LEU A 340 18.38 -1.86 40.32
N ALA A 341 19.40 -2.29 39.56
CA ALA A 341 19.30 -2.24 38.11
C ALA A 341 18.17 -3.12 37.60
N VAL A 342 17.98 -4.29 38.23
CA VAL A 342 16.86 -5.15 37.87
C VAL A 342 15.53 -4.44 38.13
N ALA A 343 15.42 -3.77 39.29
CA ALA A 343 14.14 -3.22 39.71
C ALA A 343 13.62 -2.20 38.71
N TRP A 344 14.50 -1.51 38.00
CA TRP A 344 14.09 -0.49 37.05
C TRP A 344 14.09 -0.99 35.61
N ASN A 345 14.37 -2.27 35.39
CA ASN A 345 14.33 -2.89 34.06
C ASN A 345 15.27 -2.14 33.11
N ARG A 346 16.39 -1.69 33.63
CA ARG A 346 17.44 -1.07 32.82
C ARG A 346 18.55 -2.07 32.53
N VAL A 347 18.25 -2.98 31.61
CA VAL A 347 19.19 -4.05 31.29
C VAL A 347 20.43 -3.49 30.61
N ASP A 348 20.28 -2.45 29.79
CA ASP A 348 21.42 -1.87 29.10
C ASP A 348 22.42 -1.28 30.10
N ILE A 349 21.92 -0.56 31.10
CA ILE A 349 22.79 0.02 32.11
C ILE A 349 23.52 -1.08 32.88
N ALA A 350 22.80 -2.14 33.25
CA ALA A 350 23.43 -3.24 33.97
C ALA A 350 24.52 -3.89 33.14
N LYS A 351 24.24 -4.16 31.86
CA LYS A 351 25.22 -4.77 30.99
C LYS A 351 26.44 -3.88 30.81
N SER A 352 26.22 -2.57 30.69
CA SER A 352 27.33 -1.64 30.51
C SER A 352 28.20 -1.56 31.74
N GLU A 353 27.60 -1.49 32.93
CA GLU A 353 28.33 -1.20 34.16
C GLU A 353 28.69 -2.43 34.98
N ILE A 354 27.68 -3.21 35.41
CA ILE A 354 27.96 -4.30 36.34
C ILE A 354 28.58 -5.49 35.62
N PHE A 355 28.01 -5.87 34.48
CA PHE A 355 28.47 -7.05 33.76
C PHE A 355 29.48 -6.68 32.68
N SER A 356 30.65 -6.14 33.07
CA SER A 356 31.69 -5.81 32.11
C SER A 356 33.03 -6.31 32.65
N GLY A 357 33.33 -7.58 32.41
CA GLY A 357 34.67 -8.10 32.58
C GLY A 357 35.20 -8.21 34.00
N ASP A 358 35.22 -7.07 34.70
CA ASP A 358 35.96 -6.99 35.95
C ASP A 358 35.35 -7.89 37.03
N VAL A 359 34.03 -7.92 37.12
CA VAL A 359 33.35 -8.56 38.24
C VAL A 359 33.06 -10.01 37.88
N GLN A 360 33.59 -10.93 38.67
CA GLN A 360 33.26 -12.34 38.51
C GLN A 360 31.90 -12.63 39.12
N TRP A 361 31.12 -13.46 38.43
CA TRP A 361 29.75 -13.76 38.83
C TRP A 361 29.57 -15.27 38.84
N SER A 362 29.37 -15.85 40.02
CA SER A 362 29.12 -17.27 40.15
C SER A 362 27.62 -17.54 40.10
N ALA A 363 27.29 -18.82 39.88
CA ALA A 363 25.88 -19.20 39.80
C ALA A 363 25.16 -18.95 41.12
N GLN A 364 25.82 -19.27 42.25
CA GLN A 364 25.20 -19.04 43.55
C GLN A 364 25.00 -17.55 43.80
N ASP A 365 25.85 -16.71 43.22
CA ASP A 365 25.71 -15.27 43.37
C ASP A 365 24.42 -14.77 42.73
N LEU A 366 24.06 -15.32 41.58
CA LEU A 366 22.95 -14.83 40.79
C LEU A 366 21.62 -15.50 41.13
N GLU A 367 21.60 -16.41 42.11
CA GLU A 367 20.37 -17.13 42.42
C GLU A 367 19.26 -16.19 42.87
N GLU A 368 19.53 -15.35 43.88
CA GLU A 368 18.52 -14.44 44.40
C GLU A 368 18.15 -13.39 43.35
N VAL A 369 19.15 -12.88 42.63
CA VAL A 369 18.87 -11.86 41.61
C VAL A 369 18.08 -12.48 40.47
N MET A 370 18.39 -13.73 40.10
CA MET A 370 17.58 -14.41 39.10
C MET A 370 16.15 -14.58 39.55
N MET A 371 15.95 -14.93 40.83
CA MET A 371 14.59 -15.02 41.37
C MET A 371 13.87 -13.69 41.27
N GLU A 372 14.55 -12.61 41.62
CA GLU A 372 13.91 -11.29 41.57
C GLU A 372 13.55 -10.91 40.15
N ALA A 373 14.44 -11.18 39.19
CA ALA A 373 14.14 -10.86 37.79
C ALA A 373 13.02 -11.73 37.26
N LEU A 374 12.95 -12.99 37.71
CA LEU A 374 11.93 -13.91 37.20
C LEU A 374 10.56 -13.56 37.74
N VAL A 375 10.49 -13.27 39.03
CA VAL A 375 9.22 -12.96 39.69
C VAL A 375 8.72 -11.53 39.47
N ASN A 376 9.56 -10.69 38.90
CA ASN A 376 9.19 -9.30 38.62
C ASN A 376 8.89 -9.03 37.15
N ASP A 377 8.70 -10.09 36.37
CA ASP A 377 8.39 -10.01 34.94
C ASP A 377 9.39 -9.23 34.09
N LYS A 378 10.68 -9.41 34.35
CA LYS A 378 11.73 -8.77 33.56
C LYS A 378 12.40 -9.86 32.74
N PRO A 379 12.07 -9.94 31.44
CA PRO A 379 12.68 -11.04 30.69
C PRO A 379 14.11 -10.77 30.23
N ASP A 380 14.44 -9.50 30.01
CA ASP A 380 15.78 -9.17 29.54
C ASP A 380 16.83 -9.59 30.57
N PHE A 381 16.55 -9.36 31.85
CA PHE A 381 17.48 -9.77 32.88
C PHE A 381 17.53 -11.29 33.02
N VAL A 382 16.41 -11.97 32.77
CA VAL A 382 16.42 -13.43 32.78
C VAL A 382 17.36 -13.95 31.70
N ARG A 383 17.24 -13.40 30.49
CA ARG A 383 18.13 -13.79 29.41
C ARG A 383 19.58 -13.46 29.75
N LEU A 384 19.84 -12.30 30.35
CA LEU A 384 21.19 -11.92 30.70
C LEU A 384 21.79 -12.88 31.72
N PHE A 385 21.00 -13.27 32.72
CA PHE A 385 21.52 -14.14 33.77
C PHE A 385 21.74 -15.55 33.24
N VAL A 386 20.83 -16.04 32.38
CA VAL A 386 21.04 -17.35 31.77
C VAL A 386 22.31 -17.34 30.93
N ASP A 387 22.54 -16.26 30.18
CA ASP A 387 23.74 -16.13 29.38
C ASP A 387 25.00 -15.96 30.21
N ASN A 388 24.87 -15.71 31.51
CA ASN A 388 26.02 -15.40 32.36
C ASN A 388 26.24 -16.45 33.44
N GLY A 389 25.95 -17.71 33.14
CA GLY A 389 26.31 -18.82 34.01
C GLY A 389 25.17 -19.45 34.77
N VAL A 390 23.97 -18.87 34.79
CA VAL A 390 22.87 -19.48 35.52
C VAL A 390 22.39 -20.72 34.76
N ASN A 391 22.40 -21.86 35.44
CA ASN A 391 22.03 -23.14 34.85
C ASN A 391 20.59 -23.47 35.25
N ILE A 392 19.67 -23.31 34.29
CA ILE A 392 18.26 -23.57 34.57
C ILE A 392 18.03 -25.02 34.99
N LYS A 393 18.82 -25.94 34.44
CA LYS A 393 18.66 -27.35 34.79
C LYS A 393 18.85 -27.58 36.29
N GLN A 394 19.84 -26.92 36.89
CA GLN A 394 20.07 -27.05 38.31
C GLN A 394 19.35 -25.99 39.14
N PHE A 395 19.09 -24.82 38.54
CA PHE A 395 18.43 -23.75 39.28
C PHE A 395 16.99 -24.11 39.61
N LEU A 396 16.26 -24.67 38.63
CA LEU A 396 14.81 -24.85 38.75
C LEU A 396 14.51 -26.22 39.34
N THR A 397 14.25 -26.27 40.63
CA THR A 397 13.74 -27.47 41.28
C THR A 397 12.23 -27.36 41.43
N TYR A 398 11.62 -28.47 41.84
CA TYR A 398 10.16 -28.48 42.01
C TYR A 398 9.75 -27.52 43.12
N GLY A 399 10.53 -27.47 44.21
CA GLY A 399 10.23 -26.50 45.25
C GLY A 399 10.35 -25.06 44.76
N ARG A 400 11.35 -24.79 43.94
CA ARG A 400 11.49 -23.45 43.38
C ARG A 400 10.36 -23.12 42.42
N LEU A 401 9.90 -24.11 41.65
CA LEU A 401 8.76 -23.89 40.77
C LEU A 401 7.51 -23.59 41.58
N GLN A 402 7.30 -24.30 42.69
CA GLN A 402 6.16 -24.00 43.55
C GLN A 402 6.29 -22.62 44.17
N GLU A 403 7.51 -22.20 44.54
CA GLU A 403 7.72 -20.85 45.05
C GLU A 403 7.38 -19.81 43.99
N LEU A 404 7.76 -20.07 42.74
CA LEU A 404 7.39 -19.16 41.65
C LEU A 404 5.89 -19.09 41.47
N TYR A 405 5.21 -20.23 41.57
CA TYR A 405 3.76 -20.23 41.42
C TYR A 405 3.06 -19.53 42.59
N CYS A 406 3.63 -19.61 43.79
CA CYS A 406 3.03 -18.94 44.93
C CYS A 406 3.13 -17.42 44.82
N SER A 407 4.23 -16.92 44.28
CA SER A 407 4.47 -15.48 44.24
C SER A 407 3.99 -14.88 42.92
N VAL A 408 2.69 -15.04 42.66
CA VAL A 408 2.08 -14.37 41.52
C VAL A 408 1.74 -12.92 41.89
N SER A 409 1.41 -12.13 40.87
CA SER A 409 1.18 -10.71 41.07
C SER A 409 -0.07 -10.41 41.88
N GLU A 410 -0.94 -11.39 42.11
CA GLU A 410 -2.19 -11.26 42.85
C GLU A 410 -3.17 -10.31 42.19
N LYS A 411 -2.90 -9.86 40.97
CA LYS A 411 -3.79 -8.97 40.25
C LYS A 411 -4.16 -9.47 38.86
N ASN A 412 -3.75 -10.68 38.51
CA ASN A 412 -4.04 -11.25 37.20
C ASN A 412 -4.92 -12.49 37.33
N LEU A 413 -5.28 -13.05 36.18
CA LEU A 413 -6.25 -14.14 36.16
C LEU A 413 -5.73 -15.38 36.89
N LEU A 414 -4.44 -15.66 36.75
CA LEU A 414 -3.88 -16.88 37.32
C LEU A 414 -4.08 -16.91 38.82
N HIS A 415 -3.91 -15.77 39.48
CA HIS A 415 -4.10 -15.73 40.93
C HIS A 415 -5.54 -16.02 41.31
N THR A 416 -6.50 -15.47 40.56
CA THR A 416 -7.90 -15.75 40.85
C THR A 416 -8.24 -17.21 40.65
N LEU A 417 -7.73 -17.81 39.58
CA LEU A 417 -7.97 -19.24 39.34
C LEU A 417 -7.36 -20.08 40.45
N LEU A 418 -6.15 -19.74 40.87
CA LEU A 418 -5.51 -20.49 41.95
C LEU A 418 -6.27 -20.33 43.25
N LEU A 419 -6.81 -19.14 43.52
CA LEU A 419 -7.62 -18.94 44.71
C LEU A 419 -8.88 -19.79 44.66
N LYS A 420 -9.54 -19.85 43.50
CA LYS A 420 -10.74 -20.66 43.39
C LYS A 420 -10.43 -22.13 43.62
N LYS A 421 -9.34 -22.62 43.03
CA LYS A 421 -8.97 -24.02 43.23
C LYS A 421 -8.59 -24.28 44.68
N ASN A 422 -7.91 -23.33 45.33
CA ASN A 422 -7.55 -23.48 46.73
C ASN A 422 -8.80 -23.55 47.62
N GLN A 423 -9.78 -22.70 47.32
CA GLN A 423 -11.04 -22.75 48.07
C GLN A 423 -11.74 -24.08 47.87
N GLU A 424 -11.77 -24.59 46.64
CA GLU A 424 -12.39 -25.89 46.39
C GLU A 424 -11.68 -26.98 47.16
N ARG A 425 -10.34 -26.97 47.17
CA ARG A 425 -9.59 -27.99 47.90
C ARG A 425 -9.84 -27.89 49.41
N GLN A 426 -9.86 -26.67 49.94
CA GLN A 426 -10.09 -26.49 51.37
C GLN A 426 -11.50 -26.95 51.76
N ALA A 427 -12.49 -26.63 50.93
CA ALA A 427 -13.85 -27.07 51.21
C ALA A 427 -13.97 -28.59 51.12
N GLN A 428 -13.24 -29.21 50.19
CA GLN A 428 -13.29 -30.66 50.06
C GLN A 428 -12.76 -31.35 51.32
N LEU A 429 -11.68 -30.83 51.89
CA LEU A 429 -11.09 -31.42 53.09
C LEU A 429 -11.86 -30.98 54.34
N LYS A 446 2.20 -22.23 55.20
CA LYS A 446 3.44 -22.58 54.52
C LYS A 446 3.48 -21.99 53.11
N PHE A 447 2.79 -22.66 52.18
CA PHE A 447 2.72 -22.24 50.80
C PHE A 447 1.29 -21.82 50.47
N ARG A 448 1.16 -20.64 49.86
CA ARG A 448 -0.17 -20.13 49.52
C ARG A 448 -0.87 -21.03 48.52
N PHE A 449 -0.15 -21.51 47.52
CA PHE A 449 -0.70 -22.37 46.49
C PHE A 449 0.14 -23.62 46.34
N THR A 450 -0.54 -24.76 46.19
CA THR A 450 0.08 -26.05 46.06
C THR A 450 -0.03 -26.51 44.61
N PHE A 451 0.77 -27.51 44.23
CA PHE A 451 0.75 -28.00 42.86
C PHE A 451 -0.62 -28.56 42.47
N HIS A 452 -1.46 -28.91 43.44
CA HIS A 452 -2.82 -29.35 43.11
C HIS A 452 -3.59 -28.25 42.40
N GLU A 453 -3.46 -27.01 42.87
CA GLU A 453 -4.21 -25.90 42.27
C GLU A 453 -3.79 -25.66 40.83
N VAL A 454 -2.49 -25.61 40.57
CA VAL A 454 -2.02 -25.40 39.21
C VAL A 454 -2.37 -26.58 38.33
N SER A 455 -2.33 -27.80 38.89
CA SER A 455 -2.74 -28.97 38.12
C SER A 455 -4.21 -28.87 37.72
N LYS A 456 -5.07 -28.42 38.63
CA LYS A 456 -6.48 -28.27 38.31
C LYS A 456 -6.70 -27.18 37.28
N VAL A 457 -5.93 -26.09 37.36
CA VAL A 457 -6.05 -25.03 36.36
C VAL A 457 -5.65 -25.56 34.99
N LEU A 458 -4.56 -26.31 34.93
CA LEU A 458 -4.13 -26.91 33.67
C LEU A 458 -5.13 -27.94 33.18
N LYS A 459 -5.83 -28.61 34.09
CA LYS A 459 -6.89 -29.54 33.68
C LYS A 459 -8.09 -28.78 33.14
N ASP A 460 -8.37 -27.60 33.68
CA ASP A 460 -9.42 -26.77 33.11
C ASP A 460 -9.06 -26.32 31.70
N PHE A 461 -7.80 -25.98 31.48
CA PHE A 461 -7.39 -25.44 30.18
C PHE A 461 -7.19 -26.52 29.13
N LEU A 462 -6.31 -27.49 29.40
CA LEU A 462 -5.97 -28.50 28.41
C LEU A 462 -6.77 -29.79 28.63
N ASP A 463 -6.79 -30.27 29.87
CA ASP A 463 -7.59 -31.40 30.37
C ASP A 463 -7.06 -32.78 29.95
N ASP A 464 -6.12 -32.85 29.02
CA ASP A 464 -5.57 -34.14 28.66
C ASP A 464 -4.05 -34.12 28.72
N THR A 465 -3.46 -33.02 28.28
CA THR A 465 -2.01 -32.96 28.17
C THR A 465 -1.34 -32.92 29.55
N CYS A 466 -1.90 -32.12 30.47
CA CYS A 466 -1.30 -31.93 31.78
C CYS A 466 -1.77 -33.02 32.73
N LYS A 467 -1.26 -34.22 32.49
CA LYS A 467 -1.47 -35.35 33.38
C LYS A 467 -0.12 -35.91 33.78
N GLY A 468 0.15 -35.94 35.08
CA GLY A 468 1.41 -36.46 35.57
C GLY A 468 2.57 -35.49 35.54
N PHE A 469 2.33 -34.22 35.19
CA PHE A 469 3.41 -33.23 35.24
C PHE A 469 3.95 -33.08 36.65
N TYR A 470 3.05 -32.98 37.63
CA TYR A 470 3.45 -32.79 39.02
C TYR A 470 2.79 -33.74 39.98
N GLN A 471 1.77 -34.50 39.55
CA GLN A 471 1.14 -35.47 40.43
C GLN A 471 2.01 -36.70 40.65
N LYS A 472 2.87 -37.03 39.69
CA LYS A 472 3.77 -38.15 39.86
C LYS A 472 4.87 -37.81 40.84
N LEU A 473 5.24 -38.78 41.67
CA LEU A 473 6.29 -38.57 42.67
C LEU A 473 7.60 -39.20 42.22
N ASN A 489 1.63 -37.16 47.14
CA ASN A 489 1.43 -37.05 45.69
C ASN A 489 2.48 -36.14 45.06
N LEU A 490 2.71 -34.99 45.69
CA LEU A 490 3.67 -34.04 45.16
C LEU A 490 5.08 -34.63 45.18
N PRO A 491 5.92 -34.28 44.22
CA PRO A 491 7.29 -34.80 44.17
C PRO A 491 8.16 -34.15 45.24
N ASP A 492 9.42 -34.54 45.27
CA ASP A 492 10.37 -33.97 46.21
C ASP A 492 10.67 -32.53 45.82
N MET A 493 10.61 -31.62 46.80
CA MET A 493 10.87 -30.22 46.54
C MET A 493 12.32 -29.99 46.13
N ASP A 494 13.23 -30.79 46.68
CA ASP A 494 14.65 -30.65 46.37
C ASP A 494 15.05 -31.32 45.07
N ARG A 495 14.11 -31.95 44.36
CA ARG A 495 14.41 -32.62 43.11
C ARG A 495 14.16 -31.69 41.93
N ARG A 496 15.13 -31.61 41.03
CA ARG A 496 15.02 -30.72 39.88
C ARG A 496 13.98 -31.23 38.91
N CYS A 497 13.35 -30.29 38.19
CA CYS A 497 12.30 -30.64 37.25
C CYS A 497 12.87 -31.38 36.05
N GLU A 498 12.11 -32.37 35.58
CA GLU A 498 12.54 -33.14 34.41
C GLU A 498 12.50 -32.30 33.14
N HIS A 499 11.54 -31.39 33.03
CA HIS A 499 11.39 -30.52 31.86
C HIS A 499 11.34 -29.08 32.35
N PRO A 500 12.50 -28.50 32.68
CA PRO A 500 12.49 -27.14 33.26
C PRO A 500 11.91 -26.09 32.33
N TRP A 501 12.32 -26.11 31.06
CA TRP A 501 11.85 -25.09 30.13
C TRP A 501 10.35 -25.22 29.89
N ARG A 502 9.83 -26.44 29.84
CA ARG A 502 8.39 -26.63 29.69
C ARG A 502 7.64 -25.99 30.83
N ASP A 503 8.07 -26.26 32.07
CA ASP A 503 7.37 -25.71 33.23
C ASP A 503 7.48 -24.20 33.27
N LEU A 504 8.66 -23.65 32.96
CA LEU A 504 8.82 -22.21 32.97
C LEU A 504 7.95 -21.54 31.92
N PHE A 505 7.91 -22.12 30.70
CA PHE A 505 7.07 -21.57 29.64
C PHE A 505 5.60 -21.64 30.04
N LEU A 506 5.19 -22.76 30.62
CA LEU A 506 3.78 -22.93 31.00
C LEU A 506 3.39 -21.92 32.09
N TRP A 507 4.30 -21.75 33.04
CA TRP A 507 4.11 -20.83 34.16
C TRP A 507 4.01 -19.40 33.66
N ALA A 508 4.93 -19.01 32.79
CA ALA A 508 4.93 -17.65 32.24
C ALA A 508 3.72 -17.43 31.36
N ILE A 509 3.20 -18.49 30.76
CA ILE A 509 2.04 -18.37 29.90
C ILE A 509 0.74 -18.24 30.72
N LEU A 510 0.64 -18.94 31.83
CA LEU A 510 -0.59 -18.85 32.61
C LEU A 510 -0.88 -17.44 33.12
N GLN A 511 0.14 -16.59 33.18
CA GLN A 511 -0.04 -15.22 33.67
C GLN A 511 0.09 -14.08 32.66
N ASN A 512 -0.13 -14.40 31.39
CA ASN A 512 -0.09 -13.45 30.29
C ASN A 512 1.21 -12.67 30.12
N ARG A 513 2.32 -13.27 30.55
CA ARG A 513 3.61 -12.64 30.36
C ARG A 513 4.05 -13.26 29.06
N GLN A 514 4.04 -12.47 27.99
CA GLN A 514 4.35 -13.00 26.67
C GLN A 514 5.82 -12.91 26.26
N GLU A 515 6.49 -11.86 26.69
CA GLU A 515 7.89 -11.67 26.36
C GLU A 515 8.77 -12.68 27.07
N MET A 516 8.46 -12.92 28.34
CA MET A 516 9.21 -13.89 29.13
C MET A 516 8.88 -15.28 28.64
N ALA A 517 7.62 -15.49 28.29
CA ALA A 517 7.15 -16.78 27.78
C ALA A 517 7.72 -17.07 26.41
N ASN A 518 7.84 -16.05 25.55
CA ASN A 518 8.47 -16.23 24.25
C ASN A 518 9.93 -16.63 24.41
N TYR A 519 10.63 -15.99 25.35
CA TYR A 519 12.01 -16.36 25.61
C TYR A 519 12.11 -17.82 26.07
N PHE A 520 11.20 -18.24 26.95
CA PHE A 520 11.22 -19.62 27.41
C PHE A 520 10.90 -20.59 26.28
N TRP A 521 10.01 -20.20 25.37
CA TRP A 521 9.71 -21.01 24.21
C TRP A 521 10.93 -21.14 23.31
N ALA A 522 11.71 -20.07 23.17
CA ALA A 522 12.90 -20.10 22.34
C ALA A 522 13.99 -21.02 22.89
N MET A 523 13.89 -21.43 24.15
CA MET A 523 14.89 -22.31 24.75
C MET A 523 14.40 -23.73 24.99
N GLY A 524 13.11 -23.98 24.87
CA GLY A 524 12.56 -25.28 25.13
C GLY A 524 12.90 -26.30 24.06
N PRO A 525 12.91 -27.58 24.43
CA PRO A 525 13.24 -28.62 23.44
C PRO A 525 12.21 -28.79 22.35
N GLU A 526 10.94 -28.94 22.71
CA GLU A 526 9.86 -29.18 21.74
C GLU A 526 9.06 -27.89 21.60
N ALA A 527 9.19 -27.25 20.45
CA ALA A 527 8.69 -25.90 20.26
C ALA A 527 7.34 -25.84 19.56
N VAL A 528 7.08 -26.73 18.61
CA VAL A 528 5.77 -26.72 17.94
C VAL A 528 4.66 -27.05 18.92
N ALA A 529 4.86 -28.11 19.71
CA ALA A 529 3.88 -28.48 20.71
C ALA A 529 3.72 -27.39 21.75
N ALA A 530 4.83 -26.78 22.17
CA ALA A 530 4.76 -25.70 23.14
C ALA A 530 3.98 -24.51 22.60
N ALA A 531 4.22 -24.14 21.35
CA ALA A 531 3.49 -23.02 20.76
C ALA A 531 2.00 -23.33 20.65
N LEU A 532 1.65 -24.55 20.25
CA LEU A 532 0.24 -24.90 20.16
C LEU A 532 -0.43 -24.89 21.54
N VAL A 533 0.26 -25.41 22.56
CA VAL A 533 -0.26 -25.35 23.92
C VAL A 533 -0.46 -23.90 24.34
N GLY A 534 0.51 -23.04 24.01
CA GLY A 534 0.39 -21.64 24.37
C GLY A 534 -0.80 -20.96 23.71
N CYS A 535 -1.01 -21.23 22.42
CA CYS A 535 -2.14 -20.60 21.76
C CYS A 535 -3.47 -21.13 22.31
N LYS A 536 -3.52 -22.41 22.64
CA LYS A 536 -4.72 -22.95 23.28
C LYS A 536 -4.99 -22.26 24.59
N ILE A 537 -3.96 -22.12 25.44
CA ILE A 537 -4.16 -21.48 26.73
C ILE A 537 -4.58 -20.04 26.57
N MET A 538 -3.99 -19.33 25.61
CA MET A 538 -4.32 -17.93 25.43
C MET A 538 -5.75 -17.74 24.95
N LYS A 539 -6.18 -18.57 23.99
CA LYS A 539 -7.56 -18.44 23.53
C LYS A 539 -8.56 -18.96 24.55
N GLU A 540 -8.13 -19.79 25.50
CA GLU A 540 -9.01 -20.15 26.60
C GLU A 540 -9.11 -19.03 27.62
N MET A 541 -7.99 -18.35 27.89
CA MET A 541 -7.97 -17.27 28.87
C MET A 541 -8.60 -15.98 28.35
N ALA A 542 -8.64 -15.78 27.04
CA ALA A 542 -9.24 -14.56 26.50
C ALA A 542 -10.69 -14.42 26.94
N HIS A 543 -11.39 -15.54 27.11
CA HIS A 543 -12.77 -15.49 27.60
C HIS A 543 -12.81 -15.10 29.08
N LEU A 544 -11.86 -15.56 29.87
CA LEU A 544 -11.85 -15.30 31.30
C LEU A 544 -11.23 -13.95 31.67
N ALA A 545 -10.68 -13.23 30.69
CA ALA A 545 -10.04 -11.96 30.99
C ALA A 545 -11.05 -10.92 31.44
N THR A 546 -10.67 -10.14 32.44
CA THR A 546 -11.54 -9.08 32.95
C THR A 546 -11.28 -7.75 32.23
N GLU A 547 -10.05 -7.25 32.29
CA GLU A 547 -9.70 -6.00 31.63
C GLU A 547 -9.72 -6.18 30.12
N ALA A 548 -10.11 -5.11 29.42
CA ALA A 548 -10.17 -5.18 27.96
C ALA A 548 -8.78 -5.23 27.35
N GLU A 549 -7.82 -4.52 27.94
CA GLU A 549 -6.47 -4.53 27.40
C GLU A 549 -5.84 -5.92 27.49
N SER A 550 -6.02 -6.60 28.64
CA SER A 550 -5.49 -7.95 28.78
C SER A 550 -6.16 -8.91 27.81
N ALA A 551 -7.47 -8.78 27.63
CA ALA A 551 -8.17 -9.64 26.67
C ALA A 551 -7.67 -9.40 25.25
N ARG A 552 -7.44 -8.14 24.89
CA ARG A 552 -6.91 -7.84 23.56
C ARG A 552 -5.51 -8.42 23.39
N SER A 553 -4.66 -8.31 24.41
CA SER A 553 -3.32 -8.86 24.32
C SER A 553 -3.37 -10.38 24.18
N MET A 554 -4.28 -11.04 24.90
CA MET A 554 -4.40 -12.49 24.79
C MET A 554 -4.94 -12.90 23.42
N LYS A 555 -5.86 -12.12 22.86
CA LYS A 555 -6.39 -12.45 21.54
C LYS A 555 -5.36 -12.27 20.44
N ASN A 556 -4.26 -11.59 20.72
CA ASN A 556 -3.18 -11.39 19.75
C ASN A 556 -1.90 -12.08 20.22
N ALA A 557 -2.05 -13.31 20.73
CA ALA A 557 -0.89 -14.02 21.27
C ALA A 557 0.08 -14.44 20.18
N LYS A 558 -0.41 -14.64 18.96
CA LYS A 558 0.39 -15.06 17.80
C LYS A 558 1.31 -16.24 18.13
N TYR A 559 0.88 -17.10 19.05
CA TYR A 559 1.65 -18.31 19.33
C TYR A 559 1.44 -19.36 18.25
N GLU A 560 0.24 -19.43 17.68
CA GLU A 560 0.01 -20.30 16.54
C GLU A 560 0.88 -19.89 15.37
N GLN A 561 1.15 -18.59 15.23
CA GLN A 561 2.05 -18.13 14.19
C GLN A 561 3.47 -18.64 14.40
N PHE A 562 3.91 -18.72 15.66
CA PHE A 562 5.23 -19.28 15.94
C PHE A 562 5.31 -20.72 15.49
N ALA A 563 4.30 -21.52 15.82
CA ALA A 563 4.30 -22.92 15.40
C ALA A 563 4.28 -23.05 13.89
N MET A 564 3.44 -22.25 13.23
CA MET A 564 3.36 -22.32 11.77
C MET A 564 4.68 -21.95 11.11
N ASP A 565 5.32 -20.88 11.59
CA ASP A 565 6.58 -20.46 10.99
C ASP A 565 7.69 -21.48 11.25
N LEU A 566 7.77 -22.00 12.47
CA LEU A 566 8.82 -22.96 12.76
C LEU A 566 8.60 -24.25 11.98
N PHE A 567 7.35 -24.68 11.83
CA PHE A 567 7.10 -25.87 11.04
C PHE A 567 7.34 -25.62 9.56
N SER A 568 7.10 -24.40 9.08
CA SER A 568 7.46 -24.08 7.70
C SER A 568 8.96 -24.20 7.50
N GLU A 569 9.74 -23.71 8.46
CA GLU A 569 11.19 -23.87 8.38
C GLU A 569 11.58 -25.35 8.38
N CYS A 570 10.97 -26.13 9.28
CA CYS A 570 11.29 -27.56 9.36
C CYS A 570 10.93 -28.28 8.07
N TYR A 571 9.76 -27.98 7.50
CA TYR A 571 9.32 -28.62 6.27
C TYR A 571 10.21 -28.22 5.11
N SER A 572 10.64 -26.97 5.06
CA SER A 572 11.57 -26.56 4.02
C SER A 572 12.93 -27.24 4.17
N ASN A 573 13.33 -27.55 5.39
CA ASN A 573 14.62 -28.19 5.60
C ASN A 573 14.61 -29.65 5.15
N SER A 574 13.71 -30.45 5.70
CA SER A 574 13.72 -31.89 5.49
C SER A 574 12.53 -32.41 4.70
N GLU A 575 11.30 -32.10 5.14
CA GLU A 575 10.06 -32.50 4.49
C GLU A 575 9.79 -33.99 4.71
N ASP A 576 10.77 -34.71 5.24
CA ASP A 576 10.59 -36.09 5.67
C ASP A 576 10.67 -36.22 7.18
N ARG A 577 11.57 -35.45 7.80
CA ARG A 577 11.60 -35.39 9.26
C ARG A 577 10.42 -34.56 9.79
N ALA A 578 9.86 -33.69 8.95
CA ALA A 578 8.73 -32.88 9.37
C ALA A 578 7.52 -33.75 9.68
N TYR A 579 7.27 -34.77 8.85
CA TYR A 579 6.16 -35.67 9.11
C TYR A 579 6.35 -36.43 10.41
N SER A 580 7.58 -36.91 10.67
CA SER A 580 7.86 -37.60 11.92
C SER A 580 7.67 -36.66 13.10
N LEU A 581 8.08 -35.40 12.95
CA LEU A 581 7.84 -34.41 14.01
C LEU A 581 6.35 -34.22 14.25
N LEU A 582 5.57 -34.20 13.17
CA LEU A 582 4.12 -34.04 13.32
C LEU A 582 3.50 -35.22 14.06
N VAL A 583 3.94 -36.44 13.75
CA VAL A 583 3.26 -37.63 14.23
C VAL A 583 3.96 -38.31 15.40
N ARG A 584 5.05 -37.74 15.89
CA ARG A 584 5.72 -38.37 17.02
C ARG A 584 5.00 -38.06 18.32
N LYS A 585 5.27 -38.89 19.33
CA LYS A 585 4.71 -38.69 20.66
C LYS A 585 5.69 -37.86 21.47
N THR A 586 5.32 -36.61 21.74
CA THR A 586 6.20 -35.68 22.43
C THR A 586 6.46 -36.14 23.86
N CYS A 587 7.72 -36.04 24.28
CA CYS A 587 8.07 -36.46 25.63
C CYS A 587 7.66 -35.43 26.68
N CYS A 588 7.72 -34.14 26.34
CA CYS A 588 7.47 -33.11 27.34
C CYS A 588 5.99 -32.90 27.59
N TRP A 589 5.12 -33.41 26.72
CA TRP A 589 3.68 -33.17 26.82
C TRP A 589 2.89 -34.47 26.97
N SER A 590 3.40 -35.39 27.78
CA SER A 590 2.69 -36.61 28.16
C SER A 590 2.27 -37.43 26.94
N LYS A 591 3.25 -37.69 26.07
CA LYS A 591 3.06 -38.58 24.93
C LYS A 591 1.91 -38.12 24.04
N ALA A 592 1.82 -36.81 23.83
CA ALA A 592 0.77 -36.23 23.00
C ALA A 592 1.35 -35.85 21.64
N THR A 593 0.70 -36.33 20.58
CA THR A 593 1.09 -35.99 19.23
C THR A 593 0.87 -34.51 18.97
N VAL A 594 1.75 -33.92 18.16
CA VAL A 594 1.61 -32.50 17.81
C VAL A 594 0.27 -32.25 17.14
N LEU A 595 -0.17 -33.18 16.29
CA LEU A 595 -1.49 -33.06 15.69
C LEU A 595 -2.59 -33.12 16.76
N ASN A 596 -2.40 -33.94 17.79
CA ASN A 596 -3.37 -33.99 18.87
C ASN A 596 -3.47 -32.64 19.58
N ILE A 597 -2.33 -32.01 19.84
CA ILE A 597 -2.35 -30.71 20.51
C ILE A 597 -2.95 -29.65 19.60
N ALA A 598 -2.67 -29.72 18.30
CA ALA A 598 -3.29 -28.78 17.38
C ALA A 598 -4.80 -28.94 17.34
N THR A 599 -5.28 -30.18 17.40
CA THR A 599 -6.71 -30.43 17.50
C THR A 599 -7.27 -29.86 18.79
N LEU A 600 -6.55 -30.06 19.90
CA LEU A 600 -6.98 -29.51 21.18
C LEU A 600 -7.03 -27.99 21.13
N ALA A 601 -6.01 -27.37 20.53
CA ALA A 601 -5.95 -25.92 20.42
C ALA A 601 -6.87 -25.38 19.34
N GLU A 602 -7.44 -26.24 18.50
CA GLU A 602 -8.24 -25.81 17.35
C GLU A 602 -7.46 -24.81 16.50
N ALA A 603 -6.18 -25.10 16.30
CA ALA A 603 -5.30 -24.25 15.50
C ALA A 603 -5.61 -24.50 14.03
N LYS A 604 -6.67 -23.87 13.56
CA LYS A 604 -7.12 -24.07 12.18
C LYS A 604 -6.07 -23.60 11.19
N CYS A 605 -5.40 -22.48 11.47
CA CYS A 605 -4.38 -21.99 10.57
C CYS A 605 -3.18 -22.94 10.51
N PHE A 606 -2.93 -23.68 11.58
CA PHE A 606 -1.85 -24.66 11.57
C PHE A 606 -2.16 -25.82 10.63
N PHE A 607 -3.38 -26.35 10.70
CA PHE A 607 -3.76 -27.45 9.84
C PHE A 607 -3.82 -27.03 8.38
N ALA A 608 -3.99 -25.73 8.12
CA ALA A 608 -4.01 -25.24 6.75
C ALA A 608 -2.62 -25.17 6.14
N HIS A 609 -1.57 -25.45 6.92
CA HIS A 609 -0.21 -25.38 6.41
C HIS A 609 0.00 -26.44 5.33
N ASP A 610 0.90 -26.13 4.40
CA ASP A 610 1.13 -27.03 3.26
C ASP A 610 1.68 -28.37 3.71
N GLY A 611 2.57 -28.39 4.71
CA GLY A 611 3.14 -29.65 5.16
C GLY A 611 2.11 -30.56 5.81
N VAL A 612 1.25 -29.99 6.66
CA VAL A 612 0.22 -30.78 7.32
C VAL A 612 -0.76 -31.33 6.29
N GLN A 613 -1.15 -30.50 5.32
CA GLN A 613 -2.06 -30.95 4.28
C GLN A 613 -1.40 -32.02 3.42
N ALA A 614 -0.11 -31.90 3.16
CA ALA A 614 0.60 -32.92 2.39
C ALA A 614 0.63 -34.25 3.15
N LEU A 615 0.89 -34.20 4.45
CA LEU A 615 0.85 -35.43 5.25
C LEU A 615 -0.55 -36.03 5.25
N LEU A 616 -1.57 -35.19 5.36
CA LEU A 616 -2.94 -35.68 5.35
C LEU A 616 -3.29 -36.32 4.01
N THR A 617 -2.82 -35.73 2.91
CA THR A 617 -3.02 -36.33 1.60
C THR A 617 -2.29 -37.66 1.48
N LYS A 618 -1.08 -37.74 2.05
CA LYS A 618 -0.34 -38.99 2.03
C LYS A 618 -1.09 -40.07 2.79
N VAL A 619 -1.70 -39.71 3.91
CA VAL A 619 -2.53 -40.67 4.65
C VAL A 619 -3.78 -41.02 3.85
N TRP A 620 -4.34 -40.03 3.15
CA TRP A 620 -5.61 -40.22 2.44
C TRP A 620 -5.49 -41.26 1.35
N TRP A 621 -4.40 -41.24 0.60
CA TRP A 621 -4.20 -42.17 -0.49
C TRP A 621 -3.63 -43.51 -0.05
N GLY A 622 -3.26 -43.65 1.22
CA GLY A 622 -2.76 -44.92 1.70
C GLY A 622 -1.50 -45.33 0.96
N ALA A 623 -1.47 -46.58 0.51
CA ALA A 623 -0.29 -47.10 -0.18
C ALA A 623 -0.19 -46.59 -1.61
N MET A 624 -1.27 -46.11 -2.18
CA MET A 624 -1.22 -45.61 -3.55
C MET A 624 -0.46 -44.29 -3.62
N ARG A 625 0.01 -43.96 -4.82
CA ARG A 625 0.72 -42.71 -5.03
C ARG A 625 -0.25 -41.54 -5.03
N THR A 626 0.16 -40.43 -4.43
CA THR A 626 -0.72 -39.29 -4.27
C THR A 626 -1.08 -38.63 -5.59
N ASP A 627 -0.33 -38.89 -6.65
CA ASP A 627 -0.63 -38.29 -7.95
C ASP A 627 -1.53 -39.17 -8.81
N THR A 628 -2.08 -40.25 -8.26
CA THR A 628 -2.96 -41.13 -9.03
C THR A 628 -4.18 -40.37 -9.50
N SER A 629 -4.49 -40.50 -10.79
CA SER A 629 -5.63 -39.80 -11.37
C SER A 629 -6.94 -40.37 -10.83
N ILE A 630 -7.91 -39.48 -10.63
CA ILE A 630 -9.20 -39.89 -10.12
C ILE A 630 -9.92 -40.81 -11.10
N SER A 631 -9.80 -40.51 -12.40
CA SER A 631 -10.43 -41.37 -13.40
C SER A 631 -9.85 -42.77 -13.37
N ARG A 632 -8.52 -42.89 -13.34
CA ARG A 632 -7.90 -44.21 -13.23
C ARG A 632 -8.29 -44.90 -11.94
N LEU A 633 -8.40 -44.13 -10.86
CA LEU A 633 -8.75 -44.71 -9.57
C LEU A 633 -10.15 -45.29 -9.57
N VAL A 634 -11.13 -44.54 -10.08
CA VAL A 634 -12.50 -45.05 -10.10
C VAL A 634 -12.62 -46.19 -11.11
N LEU A 635 -11.86 -46.12 -12.20
CA LEU A 635 -11.85 -47.22 -13.17
C LEU A 635 -11.34 -48.50 -12.51
N THR A 636 -10.28 -48.39 -11.71
CA THR A 636 -9.78 -49.56 -10.99
C THR A 636 -10.81 -50.04 -9.96
N PHE A 637 -11.48 -49.10 -9.29
CA PHE A 637 -12.45 -49.46 -8.27
C PHE A 637 -13.62 -50.25 -8.86
N PHE A 638 -14.14 -49.81 -10.01
CA PHE A 638 -15.34 -50.43 -10.53
C PHE A 638 -15.09 -51.83 -11.08
N ILE A 639 -13.91 -52.11 -11.59
CA ILE A 639 -13.53 -53.45 -12.01
C ILE A 639 -12.37 -53.92 -11.13
N PRO A 640 -12.65 -54.71 -10.10
CA PRO A 640 -11.65 -55.04 -9.08
C PRO A 640 -10.39 -55.69 -9.65
N PRO A 641 -10.47 -56.60 -10.63
CA PRO A 641 -9.25 -57.32 -11.04
C PRO A 641 -8.13 -56.43 -11.56
N LEU A 642 -8.43 -55.22 -12.01
CA LEU A 642 -7.36 -54.33 -12.48
C LEU A 642 -6.47 -53.81 -11.36
N VAL A 643 -6.69 -54.24 -10.12
CA VAL A 643 -5.80 -53.81 -9.04
C VAL A 643 -4.41 -54.39 -9.22
N TRP A 644 -4.32 -55.62 -9.73
CA TRP A 644 -3.03 -56.28 -9.90
C TRP A 644 -2.29 -55.79 -11.14
N THR A 645 -2.96 -55.07 -12.04
CA THR A 645 -2.30 -54.46 -13.18
C THR A 645 -1.50 -53.25 -12.69
N SER A 646 -0.61 -52.74 -13.53
CA SER A 646 0.19 -51.56 -13.19
C SER A 646 -0.54 -50.26 -13.53
N LEU A 647 -1.87 -50.29 -13.56
CA LEU A 647 -2.63 -49.11 -13.93
C LEU A 647 -2.44 -47.99 -12.90
N ILE A 648 -2.37 -48.34 -11.62
CA ILE A 648 -2.17 -47.37 -10.55
C ILE A 648 -0.87 -47.69 -9.84
N LYS A 649 -0.01 -46.68 -9.69
CA LYS A 649 1.27 -46.89 -9.03
C LYS A 649 1.10 -46.98 -7.52
N PHE A 650 2.03 -47.67 -6.88
CA PHE A 650 1.98 -47.93 -5.45
C PHE A 650 3.28 -47.48 -4.79
N ASN A 651 3.18 -46.98 -3.57
CA ASN A 651 4.37 -46.59 -2.84
C ASN A 651 5.20 -47.83 -2.50
N PRO A 652 6.52 -47.76 -2.61
CA PRO A 652 7.35 -48.92 -2.26
C PRO A 652 7.25 -49.26 -0.79
N GLU A 653 7.31 -50.56 -0.50
CA GLU A 653 7.25 -51.08 0.86
C GLU A 653 6.01 -50.58 1.60
N SER A 698 4.32 -70.77 -4.51
CA SER A 698 2.92 -70.50 -4.77
C SER A 698 2.27 -69.75 -3.61
N ALA A 699 2.61 -70.16 -2.38
CA ALA A 699 2.08 -69.49 -1.20
C ALA A 699 2.56 -68.05 -1.14
N THR A 700 3.83 -67.80 -1.51
CA THR A 700 4.36 -66.45 -1.51
C THR A 700 3.62 -65.57 -2.51
N PHE A 701 3.31 -66.12 -3.70
CA PHE A 701 2.54 -65.35 -4.68
C PHE A 701 1.15 -65.05 -4.16
N ILE A 702 0.52 -66.02 -3.49
CA ILE A 702 -0.78 -65.76 -2.87
C ILE A 702 -0.67 -64.65 -1.84
N ARG A 703 0.40 -64.68 -1.03
CA ARG A 703 0.63 -63.59 -0.08
C ARG A 703 0.80 -62.26 -0.80
N VAL A 704 1.50 -62.25 -1.94
CA VAL A 704 1.73 -61.01 -2.66
C VAL A 704 0.42 -60.42 -3.17
N VAL A 705 -0.42 -61.26 -3.79
CA VAL A 705 -1.66 -60.76 -4.35
C VAL A 705 -2.62 -60.34 -3.23
N LEU A 706 -2.62 -61.08 -2.11
CA LEU A 706 -3.45 -60.68 -0.98
C LEU A 706 -2.98 -59.34 -0.42
N ARG A 707 -1.68 -59.13 -0.32
CA ARG A 707 -1.16 -57.86 0.18
C ARG A 707 -1.52 -56.71 -0.76
N ARG A 708 -1.43 -56.94 -2.08
CA ARG A 708 -1.83 -55.92 -3.03
C ARG A 708 -3.30 -55.57 -2.87
N TRP A 709 -4.15 -56.59 -2.76
CA TRP A 709 -5.58 -56.38 -2.59
C TRP A 709 -5.88 -55.58 -1.32
N ASN A 710 -5.25 -55.98 -0.21
CA ASN A 710 -5.46 -55.28 1.05
C ASN A 710 -4.98 -53.84 0.98
N ARG A 711 -3.80 -53.63 0.40
CA ARG A 711 -3.24 -52.28 0.34
C ARG A 711 -4.08 -51.36 -0.52
N PHE A 712 -4.69 -51.88 -1.58
CA PHE A 712 -5.59 -51.04 -2.36
C PHE A 712 -6.89 -50.78 -1.63
N TRP A 713 -7.48 -51.82 -1.02
CA TRP A 713 -8.80 -51.66 -0.45
C TRP A 713 -8.80 -51.12 0.97
N SER A 714 -7.65 -51.02 1.62
CA SER A 714 -7.56 -50.41 2.93
C SER A 714 -7.28 -48.91 2.87
N ALA A 715 -7.03 -48.37 1.68
CA ALA A 715 -6.77 -46.96 1.56
C ALA A 715 -8.02 -46.16 1.94
N PRO A 716 -7.85 -45.05 2.67
CA PRO A 716 -9.04 -44.26 3.06
C PRO A 716 -9.85 -43.75 1.89
N VAL A 717 -9.22 -43.44 0.75
CA VAL A 717 -9.98 -42.91 -0.37
C VAL A 717 -10.87 -43.98 -0.98
N THR A 718 -10.38 -45.22 -1.08
CA THR A 718 -11.22 -46.31 -1.58
C THR A 718 -12.36 -46.60 -0.61
N VAL A 719 -12.09 -46.55 0.70
CA VAL A 719 -13.15 -46.73 1.68
C VAL A 719 -14.21 -45.64 1.51
N PHE A 720 -13.76 -44.40 1.30
CA PHE A 720 -14.69 -43.29 1.15
C PHE A 720 -15.55 -43.45 -0.09
N MET A 721 -14.95 -43.86 -1.22
CA MET A 721 -15.76 -44.01 -2.42
C MET A 721 -16.69 -45.20 -2.31
N GLY A 722 -16.27 -46.28 -1.64
CA GLY A 722 -17.19 -47.38 -1.39
C GLY A 722 -18.37 -46.96 -0.54
N ASN A 723 -18.11 -46.16 0.50
CA ASN A 723 -19.19 -45.64 1.32
C ASN A 723 -20.12 -44.76 0.51
N VAL A 724 -19.57 -43.91 -0.36
CA VAL A 724 -20.41 -43.03 -1.17
C VAL A 724 -21.27 -43.84 -2.13
N ILE A 725 -20.68 -44.82 -2.81
CA ILE A 725 -21.42 -45.62 -3.77
C ILE A 725 -22.52 -46.40 -3.07
N MET A 726 -22.21 -47.02 -1.93
CA MET A 726 -23.23 -47.80 -1.27
C MET A 726 -24.25 -46.93 -0.55
N TYR A 727 -23.92 -45.67 -0.24
CA TYR A 727 -24.93 -44.75 0.25
C TYR A 727 -25.87 -44.34 -0.87
N PHE A 728 -25.34 -44.16 -2.09
CA PHE A 728 -26.21 -43.95 -3.24
C PHE A 728 -27.15 -45.14 -3.44
N ALA A 729 -26.60 -46.35 -3.31
CA ALA A 729 -27.43 -47.55 -3.42
C ALA A 729 -28.48 -47.59 -2.31
N PHE A 730 -28.10 -47.20 -1.10
CA PHE A 730 -29.04 -47.15 0.01
C PHE A 730 -30.18 -46.17 -0.27
N LEU A 731 -29.85 -44.99 -0.79
CA LEU A 731 -30.88 -44.01 -1.11
C LEU A 731 -31.79 -44.52 -2.22
N ILE A 732 -31.21 -45.18 -3.22
CA ILE A 732 -32.02 -45.71 -4.32
C ILE A 732 -32.98 -46.78 -3.81
N LEU A 733 -32.49 -47.67 -2.95
CA LEU A 733 -33.35 -48.69 -2.37
C LEU A 733 -34.42 -48.08 -1.49
N PHE A 734 -34.07 -47.07 -0.71
CA PHE A 734 -35.05 -46.39 0.14
C PHE A 734 -36.16 -45.78 -0.70
N SER A 735 -35.78 -45.11 -1.79
CA SER A 735 -36.78 -44.49 -2.67
C SER A 735 -37.64 -45.55 -3.34
N TYR A 736 -37.04 -46.66 -3.78
CA TYR A 736 -37.81 -47.72 -4.40
C TYR A 736 -38.84 -48.29 -3.43
N VAL A 737 -38.42 -48.58 -2.19
CA VAL A 737 -39.34 -49.10 -1.20
C VAL A 737 -40.44 -48.09 -0.92
N LEU A 738 -40.08 -46.81 -0.83
CA LEU A 738 -41.06 -45.78 -0.47
C LEU A 738 -42.08 -45.55 -1.56
N LEU A 739 -41.65 -45.59 -2.83
CA LEU A 739 -42.51 -45.17 -3.93
C LEU A 739 -43.18 -46.31 -4.68
N LEU A 740 -42.58 -47.50 -4.69
CA LEU A 740 -43.10 -48.60 -5.50
C LEU A 740 -43.34 -49.90 -4.74
N ASP A 741 -42.69 -50.12 -3.60
CA ASP A 741 -42.79 -51.38 -2.88
C ASP A 741 -43.11 -51.14 -1.41
N PHE A 742 -44.06 -50.24 -1.15
CA PHE A 742 -44.58 -50.01 0.19
C PHE A 742 -45.92 -50.70 0.31
N ARG A 743 -45.95 -51.81 1.04
CA ARG A 743 -47.10 -52.70 1.09
C ARG A 743 -47.95 -52.40 2.31
N PRO A 744 -49.16 -52.98 2.38
CA PRO A 744 -50.02 -52.79 3.55
C PRO A 744 -49.36 -53.31 4.82
N PRO A 745 -50.00 -53.10 5.98
CA PRO A 745 -49.40 -53.53 7.26
C PRO A 745 -49.05 -55.00 7.28
N PRO A 746 -48.30 -55.44 8.30
CA PRO A 746 -47.76 -56.82 8.33
C PRO A 746 -48.82 -57.90 8.16
N PRO A 747 -50.09 -57.65 8.52
CA PRO A 747 -51.15 -58.59 8.08
C PRO A 747 -51.00 -59.00 6.61
N TYR A 748 -50.58 -58.06 5.76
CA TYR A 748 -50.19 -58.37 4.40
C TYR A 748 -48.68 -58.32 4.20
N GLY A 749 -47.92 -57.93 5.22
CA GLY A 749 -46.48 -58.09 5.22
C GLY A 749 -45.74 -56.95 4.54
N PRO A 750 -44.69 -56.46 5.20
CA PRO A 750 -43.76 -55.57 4.51
C PRO A 750 -43.02 -56.32 3.41
N SER A 751 -42.65 -55.59 2.36
CA SER A 751 -41.96 -56.21 1.25
C SER A 751 -40.58 -56.73 1.68
N ALA A 752 -40.05 -57.67 0.90
CA ALA A 752 -38.71 -58.16 1.17
C ALA A 752 -37.69 -57.04 1.06
N ALA A 753 -37.85 -56.15 0.08
CA ALA A 753 -36.98 -55.00 -0.02
C ALA A 753 -37.09 -54.12 1.22
N GLU A 754 -38.26 -54.05 1.84
CA GLU A 754 -38.39 -53.28 3.07
C GLU A 754 -37.59 -53.92 4.20
N ILE A 755 -37.60 -55.25 4.28
CA ILE A 755 -36.79 -55.93 5.30
C ILE A 755 -35.31 -55.68 5.05
N ILE A 756 -34.88 -55.74 3.79
CA ILE A 756 -33.50 -55.43 3.44
C ILE A 756 -33.14 -54.02 3.85
N LEU A 757 -34.06 -53.07 3.61
CA LEU A 757 -33.83 -51.69 4.01
C LEU A 757 -33.71 -51.56 5.52
N TYR A 758 -34.56 -52.27 6.27
CA TYR A 758 -34.48 -52.23 7.73
C TYR A 758 -33.13 -52.73 8.21
N PHE A 759 -32.66 -53.84 7.64
CA PHE A 759 -31.36 -54.38 8.03
C PHE A 759 -30.25 -53.41 7.65
N TRP A 760 -30.38 -52.76 6.50
CA TRP A 760 -29.38 -51.78 6.06
C TRP A 760 -29.29 -50.62 7.04
N VAL A 761 -30.44 -50.10 7.46
CA VAL A 761 -30.45 -49.00 8.43
C VAL A 761 -29.90 -49.48 9.76
N PHE A 762 -30.17 -50.74 10.13
CA PHE A 762 -29.62 -51.28 11.36
C PHE A 762 -28.10 -51.32 11.33
N THR A 763 -27.52 -51.74 10.19
CA THR A 763 -26.07 -51.73 10.07
C THR A 763 -25.52 -50.33 10.09
N LEU A 764 -26.22 -49.37 9.46
CA LEU A 764 -25.80 -47.98 9.53
C LEU A 764 -25.76 -47.50 10.98
N VAL A 765 -26.78 -47.86 11.76
CA VAL A 765 -26.82 -47.47 13.16
C VAL A 765 -25.68 -48.11 13.94
N LEU A 766 -25.41 -49.40 13.67
CA LEU A 766 -24.29 -50.05 14.34
C LEU A 766 -22.98 -49.35 14.05
N GLU A 767 -22.77 -48.97 12.79
CA GLU A 767 -21.55 -48.25 12.42
C GLU A 767 -21.47 -46.91 13.13
N GLU A 768 -22.59 -46.19 13.20
CA GLU A 768 -22.58 -44.90 13.89
C GLU A 768 -22.26 -45.07 15.37
N ILE A 769 -22.85 -46.08 16.02
CA ILE A 769 -22.58 -46.32 17.43
C ILE A 769 -21.11 -46.67 17.64
N ARG A 770 -20.57 -47.55 16.81
CA ARG A 770 -19.17 -47.93 16.96
C ARG A 770 -18.26 -46.72 16.77
N GLN A 771 -18.52 -45.91 15.75
CA GLN A 771 -17.70 -44.74 15.48
C GLN A 771 -17.76 -43.75 16.63
N SER A 772 -18.95 -43.55 17.21
CA SER A 772 -19.09 -42.55 18.25
C SER A 772 -18.54 -43.02 19.59
N PHE A 773 -18.61 -44.32 19.89
CA PHE A 773 -18.36 -44.78 21.24
C PHE A 773 -17.17 -45.71 21.38
N PHE A 774 -16.97 -46.65 20.45
CA PHE A 774 -15.97 -47.69 20.65
C PHE A 774 -14.60 -47.33 20.09
N THR A 775 -14.43 -46.12 19.57
CA THR A 775 -13.11 -45.71 19.11
C THR A 775 -12.19 -45.30 20.26
N ASP A 776 -12.73 -44.70 21.31
CA ASP A 776 -11.95 -44.27 22.46
C ASP A 776 -12.21 -45.22 23.62
N GLU A 777 -11.14 -45.88 24.09
CA GLU A 777 -11.30 -46.86 25.16
C GLU A 777 -11.46 -46.19 26.52
N ASP A 778 -10.79 -45.06 26.73
CA ASP A 778 -10.77 -44.38 28.03
C ASP A 778 -11.40 -43.01 27.88
N MET A 779 -12.67 -42.90 28.27
CA MET A 779 -13.39 -41.64 28.33
C MET A 779 -14.74 -41.89 28.99
N SER A 780 -15.24 -40.88 29.69
CA SER A 780 -16.53 -41.01 30.36
C SER A 780 -17.65 -41.16 29.33
N ILE A 781 -18.60 -42.05 29.64
CA ILE A 781 -19.71 -42.28 28.73
C ILE A 781 -20.55 -41.02 28.57
N LEU A 782 -20.80 -40.31 29.67
CA LEU A 782 -21.56 -39.06 29.59
C LEU A 782 -20.79 -38.01 28.79
N LYS A 783 -19.47 -37.96 28.96
CA LYS A 783 -18.67 -37.01 28.19
C LYS A 783 -18.74 -37.33 26.70
N LYS A 784 -18.65 -38.60 26.34
CA LYS A 784 -18.75 -38.99 24.93
C LYS A 784 -20.13 -38.68 24.37
N MET A 785 -21.17 -38.90 25.18
CA MET A 785 -22.53 -38.58 24.73
C MET A 785 -22.69 -37.08 24.50
N LYS A 786 -22.16 -36.25 25.40
CA LYS A 786 -22.24 -34.81 25.22
C LYS A 786 -21.46 -34.36 23.99
N LEU A 787 -20.27 -34.93 23.78
CA LEU A 787 -19.49 -34.60 22.60
C LEU A 787 -20.21 -35.01 21.32
N TYR A 788 -20.87 -36.17 21.35
CA TYR A 788 -21.62 -36.63 20.18
C TYR A 788 -22.79 -35.71 19.88
N VAL A 789 -23.59 -35.38 20.89
CA VAL A 789 -24.75 -34.52 20.67
C VAL A 789 -24.36 -33.06 20.42
N GLU A 790 -23.10 -32.70 20.67
CA GLU A 790 -22.65 -31.34 20.38
C GLU A 790 -22.76 -31.02 18.90
N ASP A 791 -22.39 -31.97 18.04
CA ASP A 791 -22.44 -31.76 16.60
C ASP A 791 -23.88 -31.63 16.12
N ASN A 792 -24.11 -30.70 15.20
CA ASN A 792 -25.45 -30.53 14.65
C ASN A 792 -25.76 -31.65 13.65
N TRP A 793 -24.75 -32.12 12.92
CA TRP A 793 -24.98 -33.21 11.98
C TRP A 793 -25.28 -34.52 12.70
N ASN A 794 -24.67 -34.74 13.86
CA ASN A 794 -25.07 -35.88 14.67
C ASN A 794 -26.48 -35.72 15.20
N LYS A 795 -26.91 -34.49 15.48
CA LYS A 795 -28.32 -34.25 15.80
C LYS A 795 -29.21 -34.64 14.63
N CYS A 796 -28.78 -34.31 13.41
CA CYS A 796 -29.54 -34.70 12.22
C CYS A 796 -29.61 -36.21 12.09
N ASP A 797 -28.50 -36.90 12.38
CA ASP A 797 -28.51 -38.37 12.32
C ASP A 797 -29.45 -38.96 13.36
N MET A 798 -29.44 -38.41 14.58
CA MET A 798 -30.37 -38.88 15.60
C MET A 798 -31.81 -38.64 15.18
N VAL A 799 -32.08 -37.47 14.58
CA VAL A 799 -33.43 -37.20 14.07
C VAL A 799 -33.81 -38.22 13.00
N ALA A 800 -32.86 -38.55 12.11
CA ALA A 800 -33.14 -39.51 11.06
C ALA A 800 -33.51 -40.87 11.64
N ILE A 801 -32.73 -41.35 12.61
CA ILE A 801 -33.01 -42.69 13.14
C ILE A 801 -34.27 -42.68 14.00
N SER A 802 -34.53 -41.60 14.72
CA SER A 802 -35.77 -41.51 15.47
C SER A 802 -36.97 -41.54 14.54
N LEU A 803 -36.89 -40.81 13.43
CA LEU A 803 -37.96 -40.86 12.44
C LEU A 803 -38.10 -42.25 11.86
N PHE A 804 -36.98 -42.93 11.60
CA PHE A 804 -37.06 -44.27 11.04
C PHE A 804 -37.76 -45.23 11.99
N VAL A 805 -37.40 -45.22 13.27
CA VAL A 805 -38.00 -46.16 14.20
C VAL A 805 -39.47 -45.83 14.43
N VAL A 806 -39.80 -44.53 14.51
CA VAL A 806 -41.19 -44.14 14.67
C VAL A 806 -42.01 -44.57 13.46
N GLY A 807 -41.49 -44.34 12.26
CA GLY A 807 -42.20 -44.73 11.06
C GLY A 807 -42.37 -46.23 10.94
N LEU A 808 -41.33 -46.99 11.30
CA LEU A 808 -41.44 -48.44 11.29
C LEU A 808 -42.50 -48.93 12.26
N SER A 809 -42.50 -48.38 13.48
CA SER A 809 -43.48 -48.79 14.48
C SER A 809 -44.90 -48.45 14.02
N CYS A 810 -45.10 -47.26 13.46
CA CYS A 810 -46.42 -46.88 12.98
C CYS A 810 -46.85 -47.71 11.79
N ARG A 811 -45.90 -48.09 10.93
CA ARG A 811 -46.21 -48.90 9.76
C ARG A 811 -46.58 -50.32 10.15
N MET A 812 -46.00 -50.84 11.24
CA MET A 812 -46.41 -52.15 11.72
C MET A 812 -47.88 -52.18 12.11
N ALA A 813 -48.43 -51.05 12.53
CA ALA A 813 -49.84 -50.98 12.88
C ALA A 813 -50.67 -50.79 11.62
N MET A 814 -52.00 -50.76 11.79
CA MET A 814 -52.92 -50.50 10.70
C MET A 814 -53.68 -49.18 10.86
N SER A 815 -53.83 -48.69 12.09
CA SER A 815 -54.50 -47.41 12.30
C SER A 815 -53.56 -46.23 12.15
N THR A 816 -52.25 -46.47 12.10
CA THR A 816 -51.25 -45.42 11.94
C THR A 816 -50.36 -45.68 10.73
N TYR A 817 -50.88 -46.43 9.75
CA TYR A 817 -50.09 -46.80 8.59
C TYR A 817 -49.68 -45.57 7.79
N GLU A 818 -50.63 -44.66 7.53
CA GLU A 818 -50.32 -43.48 6.74
C GLU A 818 -49.37 -42.56 7.48
N ALA A 819 -49.49 -42.47 8.80
CA ALA A 819 -48.54 -41.68 9.58
C ALA A 819 -47.13 -42.24 9.45
N GLY A 820 -47.00 -43.56 9.51
CA GLY A 820 -45.69 -44.16 9.32
C GLY A 820 -45.13 -43.90 7.94
N ARG A 821 -45.97 -43.98 6.91
CA ARG A 821 -45.51 -43.69 5.56
C ARG A 821 -45.03 -42.25 5.46
N THR A 822 -45.77 -41.31 6.05
CA THR A 822 -45.37 -39.90 6.02
C THR A 822 -44.04 -39.70 6.74
N VAL A 823 -43.87 -40.34 7.90
CA VAL A 823 -42.62 -40.18 8.65
C VAL A 823 -41.45 -40.76 7.87
N LEU A 824 -41.65 -41.90 7.21
CA LEU A 824 -40.58 -42.47 6.38
C LEU A 824 -40.26 -41.56 5.19
N ALA A 825 -41.29 -40.92 4.63
CA ALA A 825 -41.05 -39.98 3.55
C ALA A 825 -40.19 -38.82 4.02
N LEU A 826 -40.46 -38.31 5.22
CA LEU A 826 -39.59 -37.27 5.78
C LEU A 826 -38.18 -37.78 6.02
N ASP A 827 -38.07 -39.03 6.49
CA ASP A 827 -36.76 -39.61 6.76
C ASP A 827 -35.91 -39.72 5.50
N PHE A 828 -36.54 -40.01 4.36
CA PHE A 828 -35.78 -40.04 3.12
C PHE A 828 -35.13 -38.70 2.85
N MET A 829 -35.87 -37.62 3.06
CA MET A 829 -35.30 -36.28 2.89
C MET A 829 -34.15 -36.05 3.86
N VAL A 830 -34.31 -36.51 5.10
CA VAL A 830 -33.24 -36.33 6.09
C VAL A 830 -31.97 -37.04 5.65
N PHE A 831 -32.10 -38.28 5.17
CA PHE A 831 -30.93 -39.02 4.71
C PHE A 831 -30.29 -38.36 3.49
N THR A 832 -31.11 -37.94 2.53
CA THR A 832 -30.58 -37.24 1.37
C THR A 832 -29.83 -35.98 1.77
N LEU A 833 -30.28 -35.31 2.84
CA LEU A 833 -29.52 -34.17 3.34
C LEU A 833 -28.22 -34.61 4.02
N ARG A 834 -28.23 -35.76 4.69
CA ARG A 834 -26.99 -36.29 5.28
C ARG A 834 -25.94 -36.55 4.20
N LEU A 835 -26.39 -36.78 2.97
CA LEU A 835 -25.44 -37.01 1.87
C LEU A 835 -24.45 -35.85 1.74
N ILE A 836 -24.87 -34.64 2.07
CA ILE A 836 -23.97 -33.48 2.01
C ILE A 836 -22.83 -33.64 3.01
N HIS A 837 -23.19 -34.02 4.23
CA HIS A 837 -22.19 -34.24 5.27
C HIS A 837 -21.24 -35.32 4.78
N ILE A 838 -21.80 -36.33 4.11
CA ILE A 838 -20.97 -37.41 3.58
C ILE A 838 -19.92 -36.87 2.61
N PHE A 839 -20.35 -35.99 1.69
CA PHE A 839 -19.42 -35.40 0.73
C PHE A 839 -18.59 -34.25 1.28
N ALA A 840 -18.73 -33.93 2.56
CA ALA A 840 -17.97 -32.82 3.14
C ALA A 840 -16.47 -32.92 2.88
N ILE A 841 -15.94 -34.15 2.82
CA ILE A 841 -14.50 -34.33 2.66
C ILE A 841 -14.02 -33.99 1.25
N HIS A 842 -14.93 -33.93 0.29
CA HIS A 842 -14.55 -33.67 -1.10
C HIS A 842 -13.82 -32.34 -1.21
N LYS A 843 -12.75 -32.31 -2.01
CA LYS A 843 -11.88 -31.13 -2.02
C LYS A 843 -12.52 -29.97 -2.76
N GLN A 844 -13.37 -30.24 -3.75
CA GLN A 844 -14.01 -29.15 -4.49
C GLN A 844 -15.26 -28.63 -3.79
N LEU A 845 -15.95 -29.50 -3.06
CA LEU A 845 -17.27 -29.15 -2.52
C LEU A 845 -17.23 -28.69 -1.07
N GLY A 846 -16.26 -29.14 -0.28
CA GLY A 846 -16.22 -28.83 1.14
C GLY A 846 -16.24 -27.35 1.47
N PRO A 847 -15.37 -26.57 0.82
CA PRO A 847 -15.44 -25.12 0.99
C PRO A 847 -16.80 -24.53 0.67
N LYS A 848 -17.48 -25.07 -0.35
CA LYS A 848 -18.83 -24.58 -0.66
C LYS A 848 -19.79 -24.89 0.48
N ILE A 849 -19.67 -26.06 1.10
CA ILE A 849 -20.53 -26.40 2.24
C ILE A 849 -20.29 -25.41 3.38
N ILE A 850 -19.01 -25.12 3.66
CA ILE A 850 -18.70 -24.16 4.71
C ILE A 850 -19.30 -22.80 4.39
N ILE A 851 -19.17 -22.37 3.13
CA ILE A 851 -19.67 -21.06 2.73
C ILE A 851 -21.19 -21.00 2.90
N VAL A 852 -21.90 -22.05 2.50
CA VAL A 852 -23.35 -22.06 2.65
C VAL A 852 -23.75 -21.99 4.12
N GLU A 853 -23.06 -22.77 4.96
CA GLU A 853 -23.33 -22.70 6.39
C GLU A 853 -23.09 -21.29 6.93
N ARG A 854 -22.19 -20.54 6.31
CA ARG A 854 -22.02 -19.14 6.69
C ARG A 854 -23.15 -18.25 6.19
N MET A 855 -23.61 -18.48 4.96
CA MET A 855 -24.67 -17.64 4.39
C MET A 855 -26.01 -17.83 5.07
N ILE A 856 -26.17 -18.91 5.84
CA ILE A 856 -27.42 -19.12 6.58
C ILE A 856 -27.78 -17.91 7.44
N LYS A 857 -26.78 -17.20 7.98
CA LYS A 857 -27.07 -16.04 8.82
C LYS A 857 -27.74 -14.92 8.02
N ASP A 858 -27.23 -14.63 6.83
CA ASP A 858 -27.86 -13.64 5.97
C ASP A 858 -29.25 -14.10 5.56
N VAL A 859 -29.41 -15.41 5.34
CA VAL A 859 -30.74 -15.96 5.06
C VAL A 859 -31.70 -15.61 6.20
N PHE A 860 -31.24 -15.74 7.45
CA PHE A 860 -32.11 -15.46 8.58
C PHE A 860 -32.43 -13.98 8.70
N PHE A 861 -31.45 -13.11 8.42
CA PHE A 861 -31.73 -11.67 8.41
C PHE A 861 -32.83 -11.34 7.40
N PHE A 862 -32.67 -11.84 6.17
CA PHE A 862 -33.69 -11.61 5.16
C PHE A 862 -35.02 -12.21 5.58
N LEU A 863 -34.99 -13.35 6.27
CA LEU A 863 -36.22 -13.96 6.73
C LEU A 863 -36.95 -13.07 7.73
N PHE A 864 -36.21 -12.46 8.65
CA PHE A 864 -36.85 -11.55 9.61
C PHE A 864 -37.51 -10.38 8.88
N PHE A 865 -36.76 -9.73 7.98
CA PHE A 865 -37.32 -8.58 7.26
C PHE A 865 -38.56 -8.98 6.48
N LEU A 866 -38.44 -10.06 5.69
CA LEU A 866 -39.56 -10.51 4.87
C LEU A 866 -40.74 -10.94 5.72
N SER A 867 -40.48 -11.55 6.87
CA SER A 867 -41.57 -11.98 7.73
C SER A 867 -42.35 -10.81 8.26
N VAL A 868 -41.67 -9.76 8.72
CA VAL A 868 -42.38 -8.59 9.22
C VAL A 868 -43.22 -7.97 8.10
N TRP A 869 -42.59 -7.74 6.94
CA TRP A 869 -43.32 -7.12 5.84
C TRP A 869 -44.49 -7.97 5.39
N LEU A 870 -44.30 -9.29 5.37
CA LEU A 870 -45.33 -10.21 4.89
C LEU A 870 -46.49 -10.28 5.87
N ILE A 871 -46.22 -10.31 7.18
CA ILE A 871 -47.30 -10.24 8.15
C ILE A 871 -48.13 -8.99 7.91
N ALA A 872 -47.46 -7.83 7.78
CA ALA A 872 -48.20 -6.59 7.61
C ALA A 872 -49.08 -6.64 6.36
N TYR A 873 -48.48 -6.96 5.21
CA TYR A 873 -49.22 -6.90 3.95
C TYR A 873 -50.33 -7.95 3.91
N GLY A 874 -50.02 -9.18 4.34
CA GLY A 874 -51.02 -10.24 4.26
C GLY A 874 -52.20 -9.99 5.16
N VAL A 875 -51.94 -9.56 6.40
CA VAL A 875 -53.05 -9.27 7.30
C VAL A 875 -53.89 -8.12 6.77
N THR A 876 -53.23 -7.07 6.25
CA THR A 876 -53.99 -5.94 5.74
C THR A 876 -54.88 -6.35 4.56
N THR A 877 -54.33 -7.12 3.62
CA THR A 877 -55.12 -7.49 2.45
C THR A 877 -56.22 -8.48 2.81
N GLN A 878 -55.95 -9.40 3.74
CA GLN A 878 -56.99 -10.32 4.18
C GLN A 878 -58.13 -9.57 4.85
N ALA A 879 -57.81 -8.57 5.66
CA ALA A 879 -58.86 -7.76 6.28
C ALA A 879 -59.63 -6.96 5.24
N LEU A 880 -58.93 -6.41 4.26
CA LEU A 880 -59.59 -5.54 3.27
C LEU A 880 -60.42 -6.34 2.28
N LEU A 881 -60.06 -7.59 2.04
CA LEU A 881 -60.61 -8.36 0.92
C LEU A 881 -61.61 -9.42 1.35
N HIS A 882 -61.36 -10.12 2.45
CA HIS A 882 -62.29 -11.13 2.98
C HIS A 882 -62.54 -10.84 4.46
N PRO A 883 -63.30 -9.80 4.77
CA PRO A 883 -63.57 -9.47 6.17
C PRO A 883 -64.60 -10.36 6.82
N ASN A 884 -65.27 -11.23 6.07
CA ASN A 884 -66.34 -12.06 6.59
C ASN A 884 -66.04 -13.55 6.40
N ASP A 885 -64.78 -13.94 6.50
CA ASP A 885 -64.40 -15.33 6.34
C ASP A 885 -64.03 -15.90 7.70
N PRO A 886 -64.89 -16.71 8.33
CA PRO A 886 -64.57 -17.21 9.68
C PRO A 886 -63.53 -18.31 9.69
N ARG A 887 -63.25 -18.95 8.56
CA ARG A 887 -62.37 -20.12 8.55
C ARG A 887 -60.93 -19.70 8.86
N ILE A 888 -60.39 -20.23 9.96
CA ILE A 888 -59.05 -19.85 10.39
C ILE A 888 -58.01 -20.36 9.41
N ASP A 889 -58.21 -21.57 8.88
CA ASP A 889 -57.24 -22.12 7.93
C ASP A 889 -57.13 -21.23 6.70
N TRP A 890 -58.26 -20.76 6.17
CA TRP A 890 -58.21 -19.90 5.00
C TRP A 890 -57.71 -18.51 5.36
N VAL A 891 -57.94 -18.06 6.60
CA VAL A 891 -57.36 -16.80 7.04
C VAL A 891 -55.84 -16.88 6.98
N PHE A 892 -55.28 -17.95 7.54
CA PHE A 892 -53.83 -18.12 7.49
C PHE A 892 -53.33 -18.31 6.07
N ARG A 893 -54.09 -19.02 5.25
CA ARG A 893 -53.75 -19.16 3.84
C ARG A 893 -53.61 -17.80 3.19
N ARG A 894 -54.71 -17.05 3.11
CA ARG A 894 -54.68 -15.77 2.41
C ARG A 894 -53.79 -14.74 3.09
N ALA A 895 -53.42 -14.96 4.35
CA ALA A 895 -52.56 -13.99 5.04
C ALA A 895 -51.08 -14.29 4.87
N LEU A 896 -50.69 -15.55 4.80
CA LEU A 896 -49.26 -15.84 4.79
C LEU A 896 -48.83 -16.71 3.62
N TYR A 897 -49.65 -17.67 3.22
CA TYR A 897 -49.26 -18.58 2.15
C TYR A 897 -49.22 -17.85 0.80
N ARG A 898 -50.27 -17.09 0.48
CA ARG A 898 -50.28 -16.35 -0.77
C ARG A 898 -49.21 -15.27 -0.83
N PRO A 899 -49.07 -14.39 0.17
CA PRO A 899 -47.99 -13.39 0.09
C PRO A 899 -46.61 -14.00 -0.01
N TYR A 900 -46.39 -15.16 0.60
CA TYR A 900 -45.12 -15.84 0.43
C TYR A 900 -44.92 -16.28 -1.02
N LEU A 901 -45.99 -16.75 -1.66
CA LEU A 901 -45.87 -17.20 -3.04
C LEU A 901 -45.74 -16.06 -4.03
N HIS A 902 -46.15 -14.83 -3.65
CA HIS A 902 -45.93 -13.71 -4.57
C HIS A 902 -44.46 -13.47 -4.83
N ILE A 903 -43.58 -13.95 -3.95
CA ILE A 903 -42.14 -13.75 -4.15
C ILE A 903 -41.66 -14.52 -5.37
N PHE A 904 -42.22 -15.71 -5.61
CA PHE A 904 -41.77 -16.60 -6.65
C PHE A 904 -42.63 -16.51 -7.91
N GLY A 905 -43.13 -15.33 -8.24
CA GLY A 905 -43.85 -15.13 -9.47
C GLY A 905 -45.27 -15.67 -9.49
N GLN A 906 -45.78 -16.13 -8.34
CA GLN A 906 -47.13 -16.65 -8.25
C GLN A 906 -48.03 -15.54 -7.74
N ILE A 907 -48.58 -14.76 -8.66
CA ILE A 907 -49.44 -13.63 -8.32
C ILE A 907 -50.83 -13.91 -8.87
N PRO A 908 -51.73 -14.51 -8.09
CA PRO A 908 -53.09 -14.83 -8.56
C PRO A 908 -54.02 -13.61 -8.53
N LEU A 909 -53.96 -12.82 -9.60
CA LEU A 909 -54.80 -11.64 -9.69
C LEU A 909 -56.28 -12.00 -9.82
N GLU A 910 -56.60 -13.27 -10.06
CA GLU A 910 -57.98 -13.69 -10.23
C GLU A 910 -58.81 -13.47 -8.96
N GLU A 911 -58.18 -13.29 -7.81
CA GLU A 911 -58.90 -13.02 -6.58
C GLU A 911 -58.37 -11.83 -5.80
N ILE A 912 -57.64 -10.93 -6.44
CA ILE A 912 -57.17 -9.71 -5.79
C ILE A 912 -57.67 -8.49 -6.55
N ASP A 913 -57.87 -8.64 -7.85
CA ASP A 913 -58.29 -7.55 -8.72
C ASP A 913 -59.73 -7.80 -9.16
N ALA A 914 -60.58 -6.79 -8.94
CA ALA A 914 -62.01 -6.95 -9.26
C ALA A 914 -62.23 -7.16 -10.74
N ALA A 915 -61.49 -6.44 -11.58
CA ALA A 915 -61.63 -6.61 -13.03
C ALA A 915 -61.21 -7.99 -13.48
N LYS A 916 -60.43 -8.72 -12.69
CA LYS A 916 -59.99 -10.05 -13.04
C LYS A 916 -60.68 -11.15 -12.23
N MET A 917 -61.57 -10.79 -11.32
CA MET A 917 -62.32 -11.80 -10.57
C MET A 917 -63.34 -12.47 -11.49
N PRO A 918 -63.30 -13.79 -11.63
CA PRO A 918 -64.27 -14.46 -12.51
C PRO A 918 -65.66 -14.43 -11.90
N ASP A 919 -66.66 -14.62 -12.75
CA ASP A 919 -68.05 -14.66 -12.31
C ASP A 919 -68.42 -16.00 -11.69
N ASP A 920 -67.63 -16.45 -10.72
CA ASP A 920 -67.92 -17.70 -10.04
C ASP A 920 -69.15 -17.55 -9.15
N ASN A 921 -69.76 -18.69 -8.81
CA ASN A 921 -71.02 -18.70 -8.08
C ASN A 921 -70.69 -18.62 -6.60
N CYS A 922 -70.68 -17.41 -6.05
CA CYS A 922 -70.18 -17.16 -4.72
C CYS A 922 -71.30 -16.68 -3.81
N THR A 923 -71.11 -16.86 -2.51
CA THR A 923 -72.11 -16.53 -1.50
C THR A 923 -71.50 -15.61 -0.45
N THR A 924 -72.39 -14.97 0.33
CA THR A 924 -71.98 -14.15 1.46
C THR A 924 -72.46 -14.69 2.80
N ASP A 925 -73.28 -15.73 2.81
CA ASP A 925 -73.77 -16.30 4.06
C ASP A 925 -72.62 -16.95 4.81
N VAL A 926 -72.50 -16.62 6.09
CA VAL A 926 -71.42 -17.18 6.91
C VAL A 926 -71.59 -18.68 7.07
N GLN A 927 -72.84 -19.13 7.29
CA GLN A 927 -73.09 -20.55 7.46
C GLN A 927 -72.70 -21.35 6.22
N GLU A 928 -73.07 -20.84 5.05
CA GLU A 928 -72.69 -21.51 3.81
C GLU A 928 -71.20 -21.45 3.58
N ILE A 929 -70.55 -20.35 3.96
CA ILE A 929 -69.10 -20.21 3.79
C ILE A 929 -68.37 -21.24 4.63
N ILE A 930 -68.79 -21.40 5.89
CA ILE A 930 -68.10 -22.32 6.80
C ILE A 930 -68.25 -23.76 6.32
N LEU A 931 -69.44 -24.15 5.89
CA LEU A 931 -69.67 -25.51 5.43
C LEU A 931 -68.93 -25.82 4.13
N GLY A 932 -68.40 -24.82 3.44
CA GLY A 932 -67.68 -25.05 2.20
C GLY A 932 -68.55 -25.34 1.01
N THR A 933 -69.86 -25.09 1.11
CA THR A 933 -70.75 -25.33 -0.03
C THR A 933 -70.40 -24.44 -1.21
N LEU A 934 -70.15 -23.16 -0.95
CA LEU A 934 -69.80 -22.21 -1.99
C LEU A 934 -68.63 -21.36 -1.51
N PRO A 935 -67.75 -20.96 -2.42
CA PRO A 935 -66.61 -20.12 -2.03
C PRO A 935 -67.09 -18.76 -1.56
N PRO A 936 -66.36 -18.14 -0.64
CA PRO A 936 -66.75 -16.81 -0.15
C PRO A 936 -66.68 -15.77 -1.26
N CYS A 937 -67.58 -14.81 -1.22
CA CYS A 937 -67.53 -13.72 -2.18
C CYS A 937 -66.57 -12.64 -1.71
N PRO A 938 -65.48 -12.39 -2.44
CA PRO A 938 -64.52 -11.39 -2.00
C PRO A 938 -65.10 -10.00 -1.98
N ASN A 939 -64.65 -9.22 -1.02
CA ASN A 939 -65.13 -7.85 -0.85
C ASN A 939 -64.37 -6.92 -1.81
N ILE A 940 -65.13 -6.10 -2.53
CA ILE A 940 -64.55 -5.20 -3.52
C ILE A 940 -64.90 -3.77 -3.18
N TYR A 941 -65.05 -3.48 -1.88
CA TYR A 941 -65.42 -2.14 -1.45
C TYR A 941 -64.41 -1.10 -1.92
N ALA A 942 -63.18 -1.19 -1.43
CA ALA A 942 -62.09 -0.30 -1.87
C ALA A 942 -61.00 -1.21 -2.41
N ASN A 943 -61.13 -1.58 -3.67
CA ASN A 943 -60.18 -2.50 -4.28
C ASN A 943 -59.00 -1.79 -4.91
N TRP A 944 -59.12 -0.49 -5.19
CA TRP A 944 -57.96 0.28 -5.61
C TRP A 944 -56.89 0.26 -4.53
N LEU A 945 -57.31 0.32 -3.26
CA LEU A 945 -56.35 0.23 -2.16
C LEU A 945 -55.68 -1.13 -2.16
N VAL A 946 -56.43 -2.20 -2.40
CA VAL A 946 -55.85 -3.53 -2.41
C VAL A 946 -54.84 -3.67 -3.53
N ILE A 947 -55.18 -3.17 -4.71
CA ILE A 947 -54.26 -3.26 -5.85
C ILE A 947 -53.01 -2.43 -5.58
N LEU A 948 -53.18 -1.23 -5.01
CA LEU A 948 -52.02 -0.39 -4.70
C LEU A 948 -51.12 -1.06 -3.67
N LEU A 949 -51.71 -1.68 -2.65
CA LEU A 949 -50.93 -2.40 -1.66
C LEU A 949 -50.20 -3.58 -2.28
N LEU A 950 -50.86 -4.29 -3.20
CA LEU A 950 -50.19 -5.38 -3.89
C LEU A 950 -49.00 -4.87 -4.70
N VAL A 951 -49.17 -3.74 -5.38
CA VAL A 951 -48.07 -3.17 -6.17
C VAL A 951 -46.92 -2.79 -5.27
N ILE A 952 -47.21 -2.13 -4.14
CA ILE A 952 -46.15 -1.71 -3.23
C ILE A 952 -45.44 -2.93 -2.64
N TYR A 953 -46.20 -3.94 -2.23
CA TYR A 953 -45.61 -5.15 -1.68
C TYR A 953 -44.74 -5.87 -2.70
N LEU A 954 -45.22 -5.98 -3.94
CA LEU A 954 -44.43 -6.61 -4.98
C LEU A 954 -43.14 -5.86 -5.22
N LEU A 955 -43.23 -4.54 -5.34
CA LEU A 955 -42.03 -3.72 -5.49
C LEU A 955 -41.04 -4.00 -4.38
N VAL A 956 -41.48 -3.78 -3.13
CA VAL A 956 -40.58 -3.93 -1.98
C VAL A 956 -39.95 -5.31 -1.97
N THR A 957 -40.78 -6.35 -1.88
CA THR A 957 -40.27 -7.71 -1.75
C THR A 957 -39.40 -8.11 -2.95
N ASN A 958 -40.00 -8.11 -4.15
CA ASN A 958 -39.30 -8.65 -5.31
C ASN A 958 -38.16 -7.77 -5.81
N VAL A 959 -38.00 -6.55 -5.29
CA VAL A 959 -36.86 -5.76 -5.73
C VAL A 959 -35.94 -5.48 -4.56
N LEU A 960 -36.42 -4.71 -3.58
CA LEU A 960 -35.53 -4.25 -2.52
C LEU A 960 -35.01 -5.41 -1.70
N LEU A 961 -35.91 -6.27 -1.20
CA LEU A 961 -35.49 -7.33 -0.31
C LEU A 961 -34.64 -8.37 -1.04
N LEU A 962 -35.06 -8.76 -2.25
CA LEU A 962 -34.31 -9.78 -2.97
C LEU A 962 -32.93 -9.28 -3.39
N ASN A 963 -32.84 -8.04 -3.89
CA ASN A 963 -31.55 -7.51 -4.27
C ASN A 963 -30.68 -7.25 -3.05
N LEU A 964 -31.28 -6.88 -1.91
CA LEU A 964 -30.50 -6.75 -0.69
C LEU A 964 -29.94 -8.10 -0.26
N LEU A 965 -30.74 -9.17 -0.39
CA LEU A 965 -30.22 -10.49 -0.09
C LEU A 965 -29.07 -10.87 -1.03
N ILE A 966 -29.20 -10.53 -2.31
CA ILE A 966 -28.13 -10.82 -3.26
C ILE A 966 -26.86 -10.07 -2.88
N ALA A 967 -26.99 -8.78 -2.53
CA ALA A 967 -25.82 -7.99 -2.15
C ALA A 967 -25.18 -8.53 -0.88
N MET A 968 -26.01 -8.91 0.10
CA MET A 968 -25.47 -9.48 1.33
C MET A 968 -24.74 -10.78 1.05
N PHE A 969 -25.28 -11.61 0.16
CA PHE A 969 -24.60 -12.85 -0.21
C PHE A 969 -23.27 -12.56 -0.88
N SER A 970 -23.23 -11.58 -1.78
CA SER A 970 -21.98 -11.26 -2.46
C SER A 970 -20.92 -10.81 -1.46
N TYR A 971 -21.29 -9.89 -0.56
CA TYR A 971 -20.33 -9.39 0.42
C TYR A 971 -19.87 -10.50 1.35
N THR A 972 -20.81 -11.33 1.82
CA THR A 972 -20.44 -12.42 2.72
C THR A 972 -19.55 -13.42 2.04
N PHE A 973 -19.81 -13.74 0.78
CA PHE A 973 -18.95 -14.65 0.04
C PHE A 973 -17.53 -14.10 -0.03
N GLN A 974 -17.41 -12.82 -0.40
CA GLN A 974 -16.09 -12.21 -0.50
C GLN A 974 -15.36 -12.24 0.85
N VAL A 975 -16.07 -11.94 1.93
CA VAL A 975 -15.42 -11.92 3.24
C VAL A 975 -15.06 -13.33 3.70
N VAL A 976 -15.89 -14.33 3.41
CA VAL A 976 -15.76 -15.64 4.05
C VAL A 976 -14.80 -16.56 3.31
N GLN A 977 -14.73 -16.47 1.98
CA GLN A 977 -14.10 -17.54 1.20
C GLN A 977 -12.73 -17.96 1.75
N GLU A 978 -11.89 -17.00 2.11
CA GLU A 978 -10.54 -17.34 2.57
C GLU A 978 -10.58 -18.12 3.89
N ASN A 979 -11.42 -17.69 4.85
CA ASN A 979 -11.53 -18.42 6.10
C ASN A 979 -12.23 -19.76 5.90
N ALA A 980 -13.15 -19.83 4.95
CA ALA A 980 -13.84 -21.08 4.65
C ALA A 980 -12.86 -22.14 4.16
N ASP A 981 -11.88 -21.73 3.35
CA ASP A 981 -10.87 -22.69 2.89
C ASP A 981 -10.08 -23.27 4.06
N ILE A 982 -9.65 -22.41 4.98
CA ILE A 982 -8.88 -22.87 6.14
C ILE A 982 -9.72 -23.77 7.02
N PHE A 983 -10.98 -23.39 7.25
CA PHE A 983 -11.87 -24.24 8.05
C PHE A 983 -12.09 -25.58 7.38
N TRP A 984 -12.19 -25.60 6.05
CA TRP A 984 -12.32 -26.87 5.35
C TRP A 984 -11.10 -27.75 5.56
N LYS A 985 -9.91 -27.17 5.51
CA LYS A 985 -8.71 -27.96 5.74
C LYS A 985 -8.69 -28.53 7.16
N PHE A 986 -9.05 -27.70 8.14
CA PHE A 986 -9.07 -28.17 9.51
C PHE A 986 -10.08 -29.29 9.70
N GLN A 987 -11.25 -29.17 9.07
CA GLN A 987 -12.24 -30.24 9.14
C GLN A 987 -11.76 -31.49 8.42
N ARG A 988 -11.05 -31.31 7.30
CA ARG A 988 -10.54 -32.43 6.53
C ARG A 988 -9.58 -33.27 7.36
N TYR A 989 -8.79 -32.62 8.22
CA TYR A 989 -7.93 -33.40 9.11
C TYR A 989 -8.75 -34.40 9.92
N ASN A 990 -9.80 -33.92 10.60
CA ASN A 990 -10.60 -34.78 11.46
C ASN A 990 -11.30 -35.86 10.65
N LEU A 991 -11.81 -35.51 9.47
CA LEU A 991 -12.50 -36.49 8.65
C LEU A 991 -11.55 -37.60 8.18
N ILE A 992 -10.33 -37.24 7.81
CA ILE A 992 -9.36 -38.25 7.39
C ILE A 992 -8.97 -39.13 8.58
N VAL A 993 -8.81 -38.53 9.75
CA VAL A 993 -8.52 -39.33 10.94
C VAL A 993 -9.66 -40.31 11.20
N GLU A 994 -10.87 -39.84 10.95
CA GLU A 994 -12.06 -40.63 11.15
C GLU A 994 -12.14 -41.81 10.17
N TYR A 995 -11.72 -41.59 8.92
CA TYR A 995 -11.68 -42.63 7.89
C TYR A 995 -10.50 -43.57 8.08
N HIS A 996 -9.48 -43.16 8.84
CA HIS A 996 -8.37 -44.07 9.12
C HIS A 996 -8.83 -45.30 9.89
N SER A 997 -9.67 -45.09 10.91
CA SER A 997 -10.10 -46.19 11.77
C SER A 997 -11.36 -46.89 11.27
N ARG A 998 -11.99 -46.36 10.24
CA ARG A 998 -13.26 -46.92 9.76
C ARG A 998 -13.01 -48.26 9.06
N PRO A 999 -13.82 -49.27 9.30
CA PRO A 999 -13.65 -50.54 8.60
C PRO A 999 -13.82 -50.37 7.10
N ALA A 1000 -13.07 -51.17 6.34
CA ALA A 1000 -12.98 -50.99 4.89
C ALA A 1000 -14.24 -51.38 4.15
N LEU A 1001 -15.18 -52.05 4.82
CA LEU A 1001 -16.41 -52.50 4.17
C LEU A 1001 -17.61 -51.58 4.41
N ALA A 1002 -18.12 -51.01 3.33
CA ALA A 1002 -19.29 -50.13 3.41
C ALA A 1002 -20.54 -50.93 3.75
N PRO A 1003 -21.47 -50.32 4.50
CA PRO A 1003 -22.73 -50.98 4.89
C PRO A 1003 -23.60 -51.21 3.67
N PRO A 1004 -24.37 -52.31 3.65
CA PRO A 1004 -24.80 -53.13 4.79
C PRO A 1004 -23.78 -54.22 5.12
N PHE A 1005 -22.73 -54.31 4.32
CA PHE A 1005 -21.68 -55.32 4.52
C PHE A 1005 -20.96 -55.15 5.84
N ILE A 1006 -20.76 -53.89 6.24
CA ILE A 1006 -20.09 -53.53 7.49
C ILE A 1006 -20.39 -54.43 8.69
N ILE A 1007 -21.49 -55.18 8.64
CA ILE A 1007 -21.80 -56.10 9.72
C ILE A 1007 -20.74 -57.20 9.81
N ILE A 1008 -20.19 -57.61 8.67
CA ILE A 1008 -19.11 -58.60 8.67
C ILE A 1008 -17.90 -58.05 9.41
N SER A 1009 -17.53 -56.79 9.11
CA SER A 1009 -16.41 -56.17 9.80
C SER A 1009 -16.66 -56.04 11.28
N HIS A 1010 -17.89 -55.66 11.66
CA HIS A 1010 -18.22 -55.51 13.07
C HIS A 1010 -18.14 -56.85 13.80
N ILE A 1011 -18.67 -57.91 13.19
CA ILE A 1011 -18.61 -59.22 13.80
C ILE A 1011 -17.17 -59.69 13.94
N THR A 1012 -16.36 -59.47 12.90
CA THR A 1012 -14.95 -59.86 12.96
C THR A 1012 -14.23 -59.10 14.06
N GLN A 1013 -14.47 -57.79 14.18
CA GLN A 1013 -13.83 -57.00 15.22
C GLN A 1013 -14.24 -57.47 16.61
N ALA A 1014 -15.53 -57.76 16.80
CA ALA A 1014 -16.00 -58.23 18.09
C ALA A 1014 -15.39 -59.58 18.45
N LEU A 1015 -15.32 -60.49 17.47
CA LEU A 1015 -14.73 -61.80 17.73
C LEU A 1015 -13.25 -61.68 18.05
N LEU A 1016 -12.53 -60.80 17.34
CA LEU A 1016 -11.13 -60.60 17.63
C LEU A 1016 -10.91 -60.00 19.01
N SER A 1017 -11.78 -59.07 19.41
CA SER A 1017 -11.68 -58.49 20.74
C SER A 1017 -11.94 -59.54 21.81
N PHE A 1018 -12.96 -60.39 21.61
CA PHE A 1018 -13.25 -61.44 22.59
C PHE A 1018 -12.11 -62.44 22.67
N ILE A 1019 -11.55 -62.84 21.53
CA ILE A 1019 -10.45 -63.80 21.53
C ILE A 1019 -9.19 -63.15 22.11
N LYS A 1020 -8.88 -61.94 21.69
CA LYS A 1020 -7.69 -61.24 22.16
C LYS A 1020 -8.06 -60.04 23.02
N ASP A 1027 -1.39 -47.61 13.30
CA ASP A 1027 -1.72 -46.19 13.22
C ASP A 1027 -0.58 -45.40 12.59
N LEU A 1028 -0.74 -45.02 11.32
CA LEU A 1028 0.29 -44.26 10.65
C LEU A 1028 0.50 -42.90 11.32
N LEU A 1029 -0.58 -42.23 11.69
CA LEU A 1029 -0.50 -41.02 12.49
C LEU A 1029 -0.36 -41.39 13.97
N GLU A 1030 0.20 -40.47 14.74
CA GLU A 1030 0.40 -40.66 16.18
C GLU A 1030 1.21 -41.91 16.46
N ARG A 1031 2.45 -41.90 15.96
CA ARG A 1031 3.36 -43.02 16.11
C ARG A 1031 4.41 -42.72 17.19
N GLU A 1032 4.92 -43.78 17.80
CA GLU A 1032 5.93 -43.69 18.84
C GLU A 1032 7.26 -44.15 18.27
N LEU A 1033 8.29 -43.35 18.49
CA LEU A 1033 9.59 -43.54 17.86
C LEU A 1033 10.62 -44.06 18.85
N PRO A 1034 11.65 -44.74 18.37
CA PRO A 1034 12.72 -45.20 19.26
C PRO A 1034 13.44 -44.01 19.91
N SER A 1035 14.14 -44.30 21.00
CA SER A 1035 14.77 -43.25 21.78
C SER A 1035 15.80 -42.48 20.96
N GLY A 1036 16.63 -43.19 20.20
CA GLY A 1036 17.65 -42.51 19.41
C GLY A 1036 17.05 -41.61 18.35
N LEU A 1037 16.06 -42.12 17.62
CA LEU A 1037 15.41 -41.31 16.58
C LEU A 1037 14.66 -40.14 17.20
N ASP A 1038 14.02 -40.35 18.35
CA ASP A 1038 13.31 -39.26 19.01
C ASP A 1038 14.27 -38.16 19.44
N GLN A 1039 15.41 -38.54 20.01
CA GLN A 1039 16.40 -37.56 20.41
C GLN A 1039 16.97 -36.82 19.21
N LYS A 1040 17.23 -37.54 18.12
CA LYS A 1040 17.72 -36.90 16.91
C LYS A 1040 16.70 -35.90 16.37
N LEU A 1041 15.42 -36.26 16.38
CA LEU A 1041 14.40 -35.34 15.89
C LEU A 1041 14.26 -34.13 16.79
N MET A 1042 14.39 -34.32 18.11
CA MET A 1042 14.32 -33.17 19.01
C MET A 1042 15.47 -32.21 18.76
N THR A 1043 16.69 -32.74 18.60
CA THR A 1043 17.82 -31.87 18.31
C THR A 1043 17.67 -31.19 16.96
N TRP A 1044 17.14 -31.91 15.96
CA TRP A 1044 16.93 -31.31 14.66
C TRP A 1044 15.91 -30.17 14.73
N GLU A 1045 14.82 -30.38 15.49
CA GLU A 1045 13.84 -29.32 15.66
C GLU A 1045 14.44 -28.12 16.38
N THR A 1046 15.27 -28.37 17.39
CA THR A 1046 15.93 -27.26 18.07
C THR A 1046 16.83 -26.48 17.13
N VAL A 1047 17.57 -27.18 16.27
CA VAL A 1047 18.43 -26.51 15.30
C VAL A 1047 17.60 -25.68 14.33
N GLN A 1048 16.49 -26.24 13.86
CA GLN A 1048 15.62 -25.49 12.96
C GLN A 1048 15.04 -24.26 13.63
N LYS A 1049 14.66 -24.39 14.91
CA LYS A 1049 14.16 -23.24 15.64
C LYS A 1049 15.22 -22.15 15.78
N GLU A 1050 16.46 -22.55 16.08
CA GLU A 1050 17.54 -21.59 16.19
C GLU A 1050 17.78 -20.89 14.85
N ASN A 1051 17.75 -21.64 13.76
CA ASN A 1051 17.93 -21.04 12.43
C ASN A 1051 16.80 -20.07 12.11
N TYR A 1052 15.57 -20.44 12.45
CA TYR A 1052 14.43 -19.57 12.17
C TYR A 1052 14.51 -18.28 12.98
N LEU A 1053 14.88 -18.37 14.25
CA LEU A 1053 15.03 -17.18 15.07
C LEU A 1053 16.18 -16.31 14.57
N ALA A 1054 17.29 -16.94 14.15
CA ALA A 1054 18.40 -16.17 13.61
C ALA A 1054 18.00 -15.46 12.33
N LYS A 1055 17.21 -16.12 11.47
CA LYS A 1055 16.74 -15.47 10.26
C LYS A 1055 15.82 -14.29 10.59
N LEU A 1056 14.95 -14.46 11.58
CA LEU A 1056 14.10 -13.34 11.99
C LEU A 1056 14.94 -12.16 12.48
N GLU A 1057 15.94 -12.45 13.31
CA GLU A 1057 16.79 -11.38 13.82
C GLU A 1057 17.55 -10.69 12.71
N HIS A 1058 18.07 -11.48 11.75
CA HIS A 1058 18.81 -10.89 10.64
C HIS A 1058 17.90 -10.02 9.78
N GLU A 1059 16.70 -10.50 9.47
CA GLU A 1059 15.78 -9.70 8.66
C GLU A 1059 15.36 -8.43 9.39
N HIS A 1060 15.25 -8.49 10.72
CA HIS A 1060 14.96 -7.27 11.48
C HIS A 1060 16.15 -6.31 11.45
N ARG A 1061 17.38 -6.85 11.51
CA ARG A 1061 18.55 -5.99 11.52
C ARG A 1061 18.76 -5.29 10.18
N GLU A 1062 18.39 -5.94 9.08
CA GLU A 1062 18.54 -5.35 7.76
C GLU A 1062 17.31 -4.56 7.32
N SER A 1063 16.33 -4.38 8.21
CA SER A 1063 15.15 -3.61 7.86
C SER A 1063 15.51 -2.14 7.66
N SER A 1064 14.67 -1.46 6.88
CA SER A 1064 14.92 -0.04 6.62
C SER A 1064 14.84 0.78 7.89
N GLY A 1065 13.86 0.50 8.75
CA GLY A 1065 13.72 1.28 9.97
C GLY A 1065 14.89 1.12 10.91
N GLU A 1066 15.37 -0.11 11.10
CA GLU A 1066 16.51 -0.33 11.98
C GLU A 1066 17.78 0.28 11.40
N ARG A 1067 17.95 0.19 10.08
CA ARG A 1067 19.09 0.83 9.44
C ARG A 1067 19.05 2.34 9.65
N LEU A 1068 17.87 2.94 9.51
CA LEU A 1068 17.75 4.38 9.74
C LEU A 1068 18.06 4.74 11.19
N ARG A 1069 17.56 3.95 12.13
CA ARG A 1069 17.81 4.22 13.54
C ARG A 1069 19.30 4.15 13.85
N TYR A 1070 19.96 3.09 13.37
CA TYR A 1070 21.39 2.93 13.60
C TYR A 1070 22.17 4.06 12.94
N THR A 1071 21.77 4.45 11.72
CA THR A 1071 22.45 5.54 11.03
C THR A 1071 22.29 6.84 11.78
N SER A 1072 21.09 7.14 12.29
CA SER A 1072 20.89 8.38 13.02
C SER A 1072 21.73 8.40 14.30
N SER A 1073 21.76 7.27 15.02
CA SER A 1073 22.54 7.22 16.25
C SER A 1073 24.04 7.40 15.97
N LYS A 1074 24.54 6.69 14.95
CA LYS A 1074 25.95 6.82 14.63
C LYS A 1074 26.29 8.20 14.10
N VAL A 1075 25.36 8.84 13.38
CA VAL A 1075 25.60 10.20 12.91
C VAL A 1075 25.64 11.18 14.08
N GLN A 1076 24.77 10.99 15.07
CA GLN A 1076 24.81 11.86 16.24
C GLN A 1076 26.13 11.71 17.00
N THR A 1077 26.56 10.46 17.21
CA THR A 1077 27.83 10.23 17.88
C THR A 1077 29.00 10.79 17.08
N LEU A 1078 28.99 10.57 15.76
CA LEU A 1078 30.04 11.09 14.91
C LEU A 1078 30.06 12.61 14.93
N LEU A 1079 28.89 13.23 14.96
CA LEU A 1079 28.81 14.69 14.97
C LEU A 1079 29.41 15.26 16.24
N ARG A 1080 29.05 14.68 17.40
CA ARG A 1080 29.61 15.21 18.65
C ARG A 1080 31.12 14.96 18.72
N MET A 1081 31.56 13.78 18.28
CA MET A 1081 33.00 13.49 18.29
C MET A 1081 33.75 14.43 17.35
N VAL A 1082 33.19 14.69 16.17
CA VAL A 1082 33.83 15.58 15.20
C VAL A 1082 33.83 17.01 15.72
N GLY A 1083 32.79 17.42 16.44
CA GLY A 1083 32.82 18.73 17.07
C GLY A 1083 33.93 18.86 18.09
N GLY A 1084 34.10 17.85 18.93
CA GLY A 1084 35.21 17.87 19.87
C GLY A 1084 36.56 17.89 19.17
N PHE A 1085 36.72 17.08 18.12
CA PHE A 1085 37.99 17.04 17.39
C PHE A 1085 38.26 18.36 16.68
N LYS A 1086 37.22 18.99 16.13
CA LYS A 1086 37.38 20.28 15.46
C LYS A 1086 37.76 21.36 16.47
N ASP A 1087 37.16 21.33 17.67
CA ASP A 1087 37.56 22.28 18.70
C ASP A 1087 39.03 22.09 19.08
N GLN A 1088 39.45 20.83 19.25
CA GLN A 1088 40.84 20.56 19.59
C GLN A 1088 41.78 21.02 18.48
N GLU A 1089 41.42 20.77 17.22
CA GLU A 1089 42.27 21.19 16.10
C GLU A 1089 42.33 22.72 16.00
N LYS A 1090 41.21 23.39 16.21
CA LYS A 1090 41.20 24.85 16.17
C LYS A 1090 42.01 25.43 17.31
N ARG A 1091 42.09 24.74 18.45
CA ARG A 1091 42.97 25.18 19.52
C ARG A 1091 44.43 25.20 19.08
N MET A 1092 44.85 24.18 18.33
CA MET A 1092 46.21 24.10 17.84
C MET A 1092 46.28 24.41 16.34
N ARG B 16 7.16 70.94 -3.51
CA ARG B 16 6.47 70.75 -4.77
C ARG B 16 6.04 69.30 -4.95
N LEU B 17 4.74 69.04 -4.79
CA LEU B 17 4.19 67.71 -4.91
C LEU B 17 3.46 67.57 -6.24
N GLY B 18 3.59 66.41 -6.85
CA GLY B 18 2.92 66.15 -8.11
C GLY B 18 2.71 64.67 -8.31
N ASP B 19 1.81 64.33 -9.22
CA ASP B 19 1.53 62.94 -9.57
C ASP B 19 2.04 62.66 -10.97
N ILE B 20 2.44 61.41 -11.20
CA ILE B 20 3.01 60.99 -12.47
C ILE B 20 2.17 59.85 -13.02
N ASP B 21 1.76 59.98 -14.28
CA ASP B 21 0.99 58.95 -14.99
C ASP B 21 1.92 58.32 -16.02
N PHE B 22 2.47 57.15 -15.67
CA PHE B 22 3.39 56.47 -16.58
C PHE B 22 2.67 55.99 -17.83
N THR B 23 3.30 56.16 -18.98
CA THR B 23 2.78 55.69 -20.25
C THR B 23 3.72 54.64 -20.83
N GLY B 24 3.18 53.46 -21.11
CA GLY B 24 3.98 52.37 -21.64
C GLY B 24 3.22 51.07 -21.72
N VAL B 25 3.90 49.96 -21.39
CA VAL B 25 3.26 48.66 -21.45
C VAL B 25 2.13 48.57 -20.44
N SER B 26 2.36 49.03 -19.22
CA SER B 26 1.36 49.02 -18.15
C SER B 26 1.15 50.44 -17.67
N ARG B 27 -0.09 50.93 -17.76
CA ARG B 27 -0.40 52.29 -17.33
C ARG B 27 -0.58 52.30 -15.82
N THR B 28 0.31 52.99 -15.12
CA THR B 28 0.26 53.09 -13.67
C THR B 28 0.49 54.53 -13.25
N ARG B 29 -0.07 54.89 -12.10
CA ARG B 29 0.03 56.23 -11.55
C ARG B 29 0.95 56.23 -10.36
N GLY B 30 1.90 57.16 -10.34
CA GLY B 30 2.83 57.29 -9.24
C GLY B 30 2.98 58.71 -8.75
N LYS B 31 3.26 58.88 -7.47
CA LYS B 31 3.43 60.19 -6.87
C LYS B 31 4.91 60.51 -6.73
N PHE B 32 5.20 61.80 -6.55
CA PHE B 32 6.58 62.26 -6.38
C PHE B 32 6.56 63.61 -5.69
N VAL B 33 7.72 64.02 -5.21
CA VAL B 33 7.89 65.34 -4.61
C VAL B 33 9.33 65.80 -4.82
N ARG B 34 9.50 67.02 -5.30
CA ARG B 34 10.82 67.61 -5.37
C ARG B 34 11.22 68.12 -3.99
N VAL B 35 12.49 67.90 -3.64
CA VAL B 35 12.97 68.20 -2.30
C VAL B 35 14.41 68.67 -2.41
N THR B 36 14.80 69.58 -1.54
CA THR B 36 16.15 70.14 -1.54
C THR B 36 16.96 69.58 -0.38
N SER B 37 18.29 69.72 -0.51
CA SER B 37 19.20 69.19 0.50
C SER B 37 19.08 69.92 1.84
N SER B 38 18.48 71.11 1.87
CA SER B 38 18.32 71.86 3.10
C SER B 38 17.02 71.55 3.83
N THR B 39 16.21 70.64 3.30
CA THR B 39 14.95 70.29 3.91
C THR B 39 15.15 69.41 5.13
N ASP B 40 14.27 69.57 6.10
CA ASP B 40 14.27 68.69 7.26
C ASP B 40 13.65 67.35 6.89
N PRO B 41 14.26 66.23 7.27
CA PRO B 41 13.65 64.93 6.97
C PRO B 41 12.31 64.72 7.65
N ALA B 42 12.01 65.47 8.71
CA ALA B 42 10.73 65.35 9.38
C ALA B 42 9.58 65.69 8.44
N GLU B 43 9.74 66.76 7.65
CA GLU B 43 8.69 67.13 6.71
C GLU B 43 8.49 66.06 5.65
N ILE B 44 9.58 65.48 5.16
CA ILE B 44 9.47 64.44 4.15
C ILE B 44 8.77 63.21 4.71
N TYR B 45 9.14 62.80 5.92
CA TYR B 45 8.46 61.66 6.53
C TYR B 45 6.99 61.97 6.78
N GLN B 46 6.69 63.20 7.19
CA GLN B 46 5.30 63.57 7.44
C GLN B 46 4.48 63.51 6.17
N ILE B 47 5.01 64.03 5.06
CA ILE B 47 4.23 64.00 3.81
C ILE B 47 4.12 62.57 3.30
N LEU B 48 5.16 61.76 3.47
CA LEU B 48 5.07 60.35 3.07
C LEU B 48 3.98 59.63 3.86
N THR B 49 3.93 59.85 5.17
CA THR B 49 2.96 59.13 5.99
C THR B 49 1.54 59.64 5.79
N LYS B 50 1.35 60.96 5.75
CA LYS B 50 0.02 61.54 5.75
C LYS B 50 -0.46 61.89 4.34
N GLN B 51 0.32 62.70 3.61
CA GLN B 51 -0.16 63.21 2.32
C GLN B 51 -0.39 62.08 1.33
N TRP B 52 0.50 61.10 1.31
CA TRP B 52 0.39 59.98 0.39
C TRP B 52 -0.26 58.77 1.03
N GLY B 53 -0.67 58.86 2.29
CA GLY B 53 -1.42 57.79 2.92
C GLY B 53 -0.63 56.53 3.19
N LEU B 54 0.68 56.62 3.30
CA LEU B 54 1.50 55.44 3.58
C LEU B 54 1.55 55.21 5.09
N ALA B 55 1.16 54.01 5.51
CA ALA B 55 1.24 53.66 6.91
C ALA B 55 2.69 53.58 7.35
N PRO B 56 2.98 53.89 8.61
CA PRO B 56 4.35 53.73 9.11
C PRO B 56 4.82 52.30 8.94
N PRO B 57 5.94 52.10 8.24
CA PRO B 57 6.35 50.74 7.88
C PRO B 57 6.85 49.97 9.08
N HIS B 58 6.70 48.64 8.99
CA HIS B 58 7.25 47.74 9.99
C HIS B 58 8.68 47.31 9.66
N LEU B 59 9.19 47.72 8.50
CA LEU B 59 10.55 47.34 8.08
C LEU B 59 10.99 48.20 6.91
N VAL B 60 12.17 48.80 7.00
CA VAL B 60 12.71 49.64 5.94
C VAL B 60 14.00 49.01 5.46
N VAL B 61 14.06 48.70 4.17
CA VAL B 61 15.24 48.12 3.54
C VAL B 61 15.70 49.07 2.46
N ALA B 62 16.96 49.50 2.55
CA ALA B 62 17.54 50.45 1.62
C ALA B 62 18.59 49.77 0.76
N LEU B 63 18.45 49.90 -0.55
CA LEU B 63 19.44 49.38 -1.49
C LEU B 63 20.52 50.43 -1.72
N MET B 64 21.78 50.02 -1.57
CA MET B 64 22.91 50.92 -1.68
C MET B 64 23.91 50.39 -2.70
N GLY B 65 23.41 50.01 -3.85
CA GLY B 65 24.27 49.52 -4.92
C GLY B 65 23.47 49.12 -6.12
N GLY B 66 24.13 48.39 -7.02
CA GLY B 66 23.48 47.92 -8.23
C GLY B 66 23.43 48.91 -9.35
N ASP B 67 23.91 50.13 -9.15
CA ASP B 67 23.95 51.13 -10.21
C ASP B 67 25.23 51.08 -11.02
N GLU B 68 26.17 50.20 -10.68
CA GLU B 68 27.42 50.12 -11.40
C GLU B 68 27.21 49.46 -12.76
N VAL B 69 28.26 49.51 -13.59
CA VAL B 69 28.21 48.88 -14.91
C VAL B 69 28.01 47.38 -14.77
N ALA B 70 28.77 46.74 -13.88
CA ALA B 70 28.62 45.32 -13.65
C ALA B 70 27.28 45.05 -12.98
N GLN B 71 26.62 43.97 -13.40
CA GLN B 71 25.32 43.60 -12.89
C GLN B 71 25.36 42.21 -12.28
N LEU B 72 24.40 41.93 -11.41
CA LEU B 72 24.31 40.62 -10.79
C LEU B 72 23.92 39.57 -11.83
N LYS B 73 24.29 38.33 -11.55
CA LYS B 73 23.83 37.23 -12.38
C LYS B 73 22.31 37.11 -12.28
N PRO B 74 21.63 36.75 -13.37
CA PRO B 74 20.17 36.67 -13.32
C PRO B 74 19.65 35.72 -12.27
N TRP B 75 20.34 34.61 -12.01
CA TRP B 75 19.92 33.72 -10.95
C TRP B 75 20.05 34.39 -9.59
N LEU B 76 21.17 35.06 -9.34
CA LEU B 76 21.36 35.74 -8.06
C LEU B 76 20.41 36.92 -7.92
N ARG B 77 20.20 37.65 -9.01
CA ARG B 77 19.23 38.75 -8.98
C ARG B 77 17.83 38.25 -8.66
N ASP B 78 17.42 37.16 -9.30
CA ASP B 78 16.10 36.61 -9.05
C ASP B 78 15.97 36.11 -7.62
N THR B 79 17.01 35.43 -7.11
CA THR B 79 16.98 34.96 -5.74
C THR B 79 16.86 36.14 -4.77
N LEU B 80 17.64 37.19 -5.00
CA LEU B 80 17.59 38.36 -4.13
C LEU B 80 16.21 39.00 -4.14
N ARG B 81 15.64 39.20 -5.34
CA ARG B 81 14.33 39.86 -5.41
C ARG B 81 13.25 39.00 -4.76
N LYS B 82 13.28 37.68 -4.99
CA LYS B 82 12.27 36.82 -4.41
C LYS B 82 12.39 36.79 -2.89
N GLY B 83 13.62 36.67 -2.37
CA GLY B 83 13.80 36.67 -0.94
C GLY B 83 13.38 37.98 -0.29
N LEU B 84 13.73 39.10 -0.92
CA LEU B 84 13.36 40.40 -0.37
C LEU B 84 11.85 40.57 -0.35
N VAL B 85 11.18 40.21 -1.44
CA VAL B 85 9.73 40.34 -1.48
C VAL B 85 9.07 39.41 -0.46
N LYS B 86 9.57 38.18 -0.34
CA LYS B 86 9.00 37.24 0.62
C LYS B 86 9.18 37.74 2.05
N ALA B 87 10.35 38.29 2.36
CA ALA B 87 10.59 38.81 3.70
C ALA B 87 9.71 40.04 3.97
N ALA B 88 9.53 40.90 2.97
CA ALA B 88 8.75 42.10 3.15
C ALA B 88 7.26 41.81 3.24
N GLN B 89 6.78 40.74 2.62
CA GLN B 89 5.35 40.48 2.57
C GLN B 89 4.78 40.08 3.92
N SER B 90 5.62 39.68 4.88
CA SER B 90 5.12 39.28 6.19
C SER B 90 4.46 40.45 6.91
N THR B 91 5.06 41.63 6.84
CA THR B 91 4.55 42.84 7.47
C THR B 91 4.46 43.94 6.43
N GLY B 92 4.22 45.17 6.88
CA GLY B 92 4.25 46.31 6.00
C GLY B 92 5.64 46.89 5.89
N ALA B 93 6.30 46.69 4.76
CA ALA B 93 7.70 47.06 4.59
C ALA B 93 7.87 48.08 3.48
N TRP B 94 8.87 48.94 3.64
CA TRP B 94 9.29 49.89 2.63
C TRP B 94 10.62 49.45 2.06
N ILE B 95 10.79 49.62 0.75
CA ILE B 95 12.03 49.26 0.06
C ILE B 95 12.57 50.54 -0.55
N LEU B 96 13.57 51.13 0.11
CA LEU B 96 14.15 52.39 -0.33
C LEU B 96 15.19 52.11 -1.40
N THR B 97 14.90 52.53 -2.63
CA THR B 97 15.84 52.40 -3.74
C THR B 97 15.92 53.73 -4.48
N SER B 98 16.88 53.81 -5.40
CA SER B 98 16.95 54.95 -6.30
C SER B 98 15.92 54.77 -7.40
N GLY B 99 14.96 55.68 -7.48
CA GLY B 99 13.86 55.50 -8.40
C GLY B 99 14.26 55.66 -9.86
N LEU B 100 15.21 54.84 -10.30
CA LEU B 100 15.70 54.88 -11.66
C LEU B 100 15.63 53.49 -12.26
N ARG B 101 15.09 53.40 -13.48
CA ARG B 101 14.89 52.12 -14.17
C ARG B 101 16.25 51.65 -14.70
N PHE B 102 16.99 50.96 -13.84
CA PHE B 102 18.29 50.43 -14.23
C PHE B 102 18.76 49.43 -13.19
N GLY B 103 19.45 48.40 -13.66
CA GLY B 103 20.14 47.47 -12.78
C GLY B 103 19.18 46.68 -11.88
N ILE B 104 19.67 46.39 -10.68
CA ILE B 104 18.88 45.62 -9.71
C ILE B 104 17.62 46.38 -9.33
N THR B 105 17.65 47.71 -9.41
CA THR B 105 16.48 48.49 -9.03
C THR B 105 15.28 48.17 -9.91
N LYS B 106 15.50 48.05 -11.22
CA LYS B 106 14.40 47.77 -12.14
C LYS B 106 13.71 46.45 -11.79
N ASN B 107 14.51 45.38 -11.66
CA ASN B 107 13.94 44.07 -11.36
C ASN B 107 13.29 44.03 -9.98
N LEU B 108 13.91 44.69 -9.00
CA LEU B 108 13.32 44.71 -7.66
C LEU B 108 11.98 45.43 -7.66
N GLY B 109 11.90 46.58 -8.34
CA GLY B 109 10.64 47.28 -8.44
C GLY B 109 9.59 46.48 -9.19
N GLN B 110 10.01 45.75 -10.24
CA GLN B 110 9.08 44.90 -10.96
C GLN B 110 8.53 43.80 -10.05
N ALA B 111 9.40 43.19 -9.24
CA ALA B 111 8.95 42.17 -8.31
C ALA B 111 8.00 42.75 -7.27
N VAL B 112 8.29 43.96 -6.78
CA VAL B 112 7.41 44.62 -5.83
C VAL B 112 6.04 44.86 -6.45
N ARG B 113 6.01 45.36 -7.68
CA ARG B 113 4.74 45.61 -8.35
C ARG B 113 3.96 44.32 -8.57
N ASP B 114 4.66 43.26 -8.99
CA ASP B 114 3.99 41.98 -9.22
C ASP B 114 3.39 41.45 -7.92
N HIS B 115 4.13 41.57 -6.81
CA HIS B 115 3.58 41.15 -5.52
C HIS B 115 2.39 42.00 -5.13
N SER B 116 2.45 43.30 -5.39
CA SER B 116 1.35 44.18 -5.04
C SER B 116 0.08 43.82 -5.80
N LEU B 117 0.22 43.52 -7.10
CA LEU B 117 -0.95 43.13 -7.87
C LEU B 117 -1.53 41.81 -7.38
N ALA B 118 -0.67 40.84 -7.07
CA ALA B 118 -1.11 39.51 -6.69
C ALA B 118 -1.46 39.38 -5.21
N SER B 119 -1.29 40.44 -4.42
CA SER B 119 -1.57 40.38 -2.99
C SER B 119 -3.07 40.57 -2.78
N THR B 120 -3.73 39.54 -2.24
CA THR B 120 -5.15 39.63 -1.94
C THR B 120 -5.45 40.37 -0.65
N SER B 121 -4.44 40.64 0.16
CA SER B 121 -4.64 41.34 1.43
C SER B 121 -3.97 42.71 1.39
N PRO B 122 -4.72 43.79 1.22
CA PRO B 122 -4.12 45.13 1.22
C PRO B 122 -3.79 45.67 2.60
N LYS B 123 -4.00 44.87 3.66
CA LYS B 123 -3.66 45.33 5.00
C LYS B 123 -2.17 45.61 5.13
N VAL B 124 -1.34 44.70 4.61
CA VAL B 124 0.11 44.88 4.61
C VAL B 124 0.55 45.18 3.18
N ARG B 125 1.33 46.25 3.01
CA ARG B 125 1.70 46.73 1.70
C ARG B 125 3.21 46.88 1.62
N VAL B 126 3.80 46.39 0.53
CA VAL B 126 5.21 46.57 0.25
C VAL B 126 5.35 47.72 -0.72
N VAL B 127 5.93 48.83 -0.26
CA VAL B 127 6.01 50.06 -1.03
C VAL B 127 7.46 50.27 -1.43
N ALA B 128 7.69 50.52 -2.72
CA ALA B 128 9.03 50.75 -3.25
C ALA B 128 9.21 52.25 -3.42
N ILE B 129 9.81 52.89 -2.44
CA ILE B 129 10.07 54.33 -2.47
C ILE B 129 11.30 54.59 -3.32
N GLY B 130 11.27 55.66 -4.10
CA GLY B 130 12.39 56.00 -4.95
C GLY B 130 13.03 57.33 -4.60
N ILE B 131 14.30 57.31 -4.22
CA ILE B 131 15.06 58.52 -3.96
C ILE B 131 16.12 58.64 -5.05
N ALA B 132 15.92 59.54 -5.98
CA ALA B 132 16.84 59.69 -7.10
C ALA B 132 17.26 61.15 -7.26
N PRO B 133 18.48 61.41 -7.69
CA PRO B 133 18.90 62.80 -7.92
C PRO B 133 18.15 63.42 -9.08
N TRP B 134 17.91 64.73 -8.96
CA TRP B 134 17.18 65.44 -10.00
C TRP B 134 17.94 65.53 -11.31
N ASN B 135 19.26 65.73 -11.26
CA ASN B 135 20.05 65.87 -12.47
C ASN B 135 20.23 64.56 -13.23
N MET B 136 19.82 63.44 -12.64
CA MET B 136 19.91 62.14 -13.31
C MET B 136 18.53 61.67 -13.79
N ILE B 137 17.62 62.60 -14.02
CA ILE B 137 16.26 62.30 -14.44
C ILE B 137 16.13 62.59 -15.93
N GLN B 138 15.63 61.61 -16.67
CA GLN B 138 15.40 61.78 -18.10
C GLN B 138 14.00 62.35 -18.32
N ASN B 139 13.91 63.37 -19.17
CA ASN B 139 12.66 64.09 -19.45
C ASN B 139 12.05 64.64 -18.17
N ARG B 140 12.87 65.31 -17.35
CA ARG B 140 12.36 65.96 -16.16
C ARG B 140 11.39 67.08 -16.50
N ASP B 141 11.55 67.71 -17.67
CA ASP B 141 10.63 68.76 -18.08
C ASP B 141 9.22 68.21 -18.28
N LEU B 142 9.10 66.94 -18.65
CA LEU B 142 7.78 66.34 -18.83
C LEU B 142 7.01 66.33 -17.51
N LEU B 143 7.68 66.02 -16.41
CA LEU B 143 7.04 66.02 -15.11
C LEU B 143 7.14 67.37 -14.39
N LEU B 144 7.81 68.35 -14.98
CA LEU B 144 7.83 69.69 -14.39
C LEU B 144 6.45 70.33 -14.33
N SER B 145 5.49 69.83 -15.12
CA SER B 145 4.15 70.40 -15.09
C SER B 145 3.52 70.26 -13.71
N ALA B 146 3.32 69.01 -13.27
CA ALA B 146 2.81 68.70 -11.94
C ALA B 146 1.49 69.43 -11.66
N LYS B 147 0.57 69.34 -12.61
CA LYS B 147 -0.74 69.95 -12.43
C LYS B 147 -1.56 69.11 -11.47
N PRO B 148 -2.07 69.68 -10.38
CA PRO B 148 -2.89 68.89 -9.45
C PRO B 148 -4.12 68.27 -10.08
N ASP B 149 -4.76 68.98 -11.02
CA ASP B 149 -5.94 68.43 -11.68
C ASP B 149 -5.55 67.35 -12.69
N HIS B 150 -4.48 67.58 -13.45
CA HIS B 150 -4.02 66.63 -14.47
C HIS B 150 -2.62 66.15 -14.13
N PRO B 151 -2.45 64.93 -13.63
CA PRO B 151 -1.10 64.41 -13.39
C PRO B 151 -0.29 64.34 -14.66
N ALA B 152 1.00 64.65 -14.55
CA ALA B 152 1.87 64.67 -15.73
C ALA B 152 2.04 63.27 -16.30
N THR B 153 2.07 63.19 -17.62
CA THR B 153 2.30 61.93 -18.31
C THR B 153 3.79 61.75 -18.53
N TYR B 154 4.32 60.59 -18.14
CA TYR B 154 5.75 60.32 -18.24
C TYR B 154 5.96 59.04 -19.04
N PRO B 155 6.78 59.09 -20.10
CA PRO B 155 7.06 57.88 -20.87
C PRO B 155 8.27 57.12 -20.34
N THR B 156 8.16 55.80 -20.35
CA THR B 156 9.21 54.93 -19.83
C THR B 156 10.08 54.45 -20.98
N GLU B 157 11.39 54.60 -20.84
CA GLU B 157 12.35 54.17 -21.85
C GLU B 157 13.51 53.46 -21.17
N ASP B 158 13.93 52.32 -21.74
CA ASP B 158 15.05 51.56 -21.22
C ASP B 158 16.34 52.14 -21.79
N LEU B 159 16.83 53.20 -21.13
CA LEU B 159 18.07 53.83 -21.54
C LEU B 159 19.26 52.92 -21.22
N PRO B 160 20.37 53.10 -21.93
CA PRO B 160 21.58 52.32 -21.61
C PRO B 160 22.21 52.80 -20.30
N TYR B 161 23.38 52.27 -19.96
CA TYR B 161 24.05 52.65 -18.71
C TYR B 161 24.25 54.16 -18.64
N GLY B 162 25.08 54.70 -19.53
CA GLY B 162 25.27 56.14 -19.63
C GLY B 162 25.43 56.81 -18.27
N ALA B 163 24.72 57.93 -18.11
CA ALA B 163 24.69 58.63 -16.84
C ALA B 163 23.30 59.13 -16.47
N VAL B 164 22.29 58.95 -17.32
CA VAL B 164 20.94 59.40 -17.06
C VAL B 164 19.99 58.23 -17.30
N TYR B 165 18.98 58.11 -16.45
CA TYR B 165 18.00 57.04 -16.54
C TYR B 165 16.60 57.63 -16.47
N SER B 166 15.62 56.78 -16.73
CA SER B 166 14.22 57.13 -16.61
C SER B 166 13.64 56.52 -15.33
N LEU B 167 12.66 57.21 -14.76
CA LEU B 167 12.03 56.72 -13.54
C LEU B 167 11.34 55.39 -13.80
N ASP B 168 11.57 54.43 -12.91
CA ASP B 168 10.89 53.15 -13.02
C ASP B 168 9.40 53.33 -12.75
N CYS B 169 8.57 52.77 -13.62
CA CYS B 169 7.13 52.88 -13.45
C CYS B 169 6.63 52.02 -12.29
N ASN B 170 7.42 51.05 -11.84
CA ASN B 170 6.97 50.15 -10.80
C ASN B 170 7.11 50.74 -9.40
N HIS B 171 7.91 51.80 -9.23
CA HIS B 171 7.97 52.49 -7.95
C HIS B 171 6.77 53.40 -7.77
N SER B 172 6.02 53.17 -6.69
CA SER B 172 4.76 53.87 -6.51
C SER B 172 4.98 55.31 -6.05
N HIS B 173 6.01 55.56 -5.25
CA HIS B 173 6.29 56.90 -4.77
C HIS B 173 7.75 57.25 -5.00
N PHE B 174 8.03 58.54 -5.10
CA PHE B 174 9.36 59.02 -5.45
C PHE B 174 9.76 60.19 -4.55
N ILE B 175 11.06 60.35 -4.36
CA ILE B 175 11.64 61.47 -3.64
C ILE B 175 12.75 62.02 -4.52
N LEU B 176 12.45 63.06 -5.29
CA LEU B 176 13.41 63.63 -6.22
C LEU B 176 14.16 64.77 -5.54
N VAL B 177 15.47 64.63 -5.42
CA VAL B 177 16.29 65.60 -4.69
C VAL B 177 17.15 66.38 -5.67
N ASP B 178 17.17 67.70 -5.50
CA ASP B 178 17.98 68.56 -6.35
C ASP B 178 19.45 68.48 -5.95
N GLU B 179 20.33 68.74 -6.91
CA GLU B 179 21.76 68.70 -6.64
C GLU B 179 22.17 69.84 -5.73
N ASP B 180 23.03 69.54 -4.76
CA ASP B 180 23.53 70.56 -3.85
C ASP B 180 24.66 71.33 -4.50
N PRO B 181 24.57 72.66 -4.59
CA PRO B 181 25.68 73.43 -5.18
C PRO B 181 26.96 73.37 -4.36
N LYS B 182 26.89 72.98 -3.09
CA LYS B 182 28.09 72.91 -2.26
C LYS B 182 28.92 71.67 -2.62
N ARG B 183 28.33 70.49 -2.48
CA ARG B 183 29.02 69.24 -2.74
C ARG B 183 28.17 68.34 -3.61
N PRO B 184 28.80 67.48 -4.43
CA PRO B 184 28.08 66.55 -5.30
C PRO B 184 27.67 65.25 -4.62
N GLY B 185 27.05 65.36 -3.44
CA GLY B 185 26.58 64.20 -2.72
C GLY B 185 25.22 64.41 -2.09
N ALA B 186 24.39 65.25 -2.74
CA ALA B 186 23.12 65.63 -2.15
C ALA B 186 22.21 64.42 -1.95
N THR B 187 22.13 63.53 -2.95
CA THR B 187 21.25 62.37 -2.82
C THR B 187 21.70 61.43 -1.72
N GLY B 188 23.02 61.21 -1.59
CA GLY B 188 23.52 60.34 -0.53
C GLY B 188 23.24 60.90 0.85
N GLU B 189 23.50 62.19 1.04
CA GLU B 189 23.22 62.82 2.33
C GLU B 189 21.74 62.77 2.65
N MET B 190 20.88 63.01 1.65
CA MET B 190 19.45 62.94 1.86
C MET B 190 19.02 61.53 2.24
N ARG B 191 19.58 60.52 1.57
CA ARG B 191 19.25 59.13 1.92
C ARG B 191 19.68 58.82 3.34
N VAL B 192 20.87 59.26 3.73
CA VAL B 192 21.36 58.99 5.08
C VAL B 192 20.45 59.65 6.11
N LYS B 193 20.09 60.91 5.87
CA LYS B 193 19.22 61.62 6.81
C LYS B 193 17.85 60.99 6.90
N MET B 194 17.29 60.56 5.76
CA MET B 194 16.00 59.90 5.78
C MET B 194 16.06 58.58 6.55
N LEU B 195 17.11 57.80 6.35
CA LEU B 195 17.23 56.55 7.08
C LEU B 195 17.36 56.79 8.58
N LYS B 196 18.17 57.78 8.97
CA LYS B 196 18.31 58.08 10.39
C LYS B 196 16.99 58.53 11.00
N HIS B 197 16.28 59.41 10.30
CA HIS B 197 15.01 59.91 10.84
C HIS B 197 13.98 58.80 10.93
N ILE B 198 13.91 57.93 9.92
CA ILE B 198 12.95 56.84 9.94
C ILE B 198 13.27 55.86 11.06
N SER B 199 14.56 55.64 11.33
CA SER B 199 14.95 54.71 12.38
C SER B 199 14.50 55.15 13.77
N LEU B 200 14.09 56.40 13.94
CA LEU B 200 13.67 56.92 15.23
C LEU B 200 12.16 57.16 15.32
N GLN B 201 11.39 56.35 14.61
CA GLN B 201 9.94 56.47 14.60
C GLN B 201 9.31 55.22 15.23
N ARG B 202 7.98 55.16 15.20
CA ARG B 202 7.22 54.07 15.77
C ARG B 202 6.51 53.29 14.67
N THR B 203 6.50 51.97 14.82
CA THR B 203 5.94 51.10 13.78
C THR B 203 4.45 51.31 13.57
N GLY B 204 3.67 51.45 14.64
CA GLY B 204 2.24 51.59 14.53
C GLY B 204 1.78 53.04 14.59
N TYR B 205 0.46 53.21 14.50
CA TYR B 205 -0.12 54.54 14.57
C TYR B 205 0.13 55.18 15.93
N GLY B 206 -0.03 54.42 17.00
CA GLY B 206 0.19 54.94 18.34
C GLY B 206 1.30 54.22 19.07
N GLY B 207 1.88 54.86 20.08
CA GLY B 207 2.97 54.27 20.83
C GLY B 207 2.51 53.36 21.95
N THR B 208 1.43 52.61 21.73
CA THR B 208 0.91 51.67 22.71
C THR B 208 1.49 50.28 22.52
N GLY B 209 1.27 49.68 21.35
CA GLY B 209 1.84 48.39 21.04
C GLY B 209 2.74 48.43 19.83
N SER B 210 3.41 49.56 19.64
CA SER B 210 4.25 49.80 18.48
C SER B 210 5.71 49.78 18.88
N ILE B 211 6.55 49.30 17.96
CA ILE B 211 7.98 49.20 18.19
C ILE B 211 8.68 50.30 17.40
N GLU B 212 9.96 50.50 17.70
CA GLU B 212 10.77 51.40 16.90
C GLU B 212 11.05 50.77 15.54
N ILE B 213 10.93 51.56 14.49
CA ILE B 213 10.99 51.04 13.11
C ILE B 213 12.35 50.44 12.83
N PRO B 214 12.42 49.19 12.40
CA PRO B 214 13.70 48.57 12.06
C PRO B 214 14.17 48.99 10.67
N VAL B 215 15.22 49.79 10.63
CA VAL B 215 15.81 50.25 9.37
C VAL B 215 17.03 49.41 9.07
N LEU B 216 17.08 48.86 7.86
CA LEU B 216 18.17 47.98 7.47
C LEU B 216 18.66 48.38 6.08
N CYS B 217 19.95 48.26 5.85
CA CYS B 217 20.56 48.59 4.57
C CYS B 217 21.09 47.34 3.90
N LEU B 218 20.98 47.30 2.57
CA LEU B 218 21.42 46.17 1.77
C LEU B 218 22.43 46.67 0.76
N LEU B 219 23.57 45.98 0.67
CA LEU B 219 24.66 46.36 -0.22
C LEU B 219 24.75 45.35 -1.36
N VAL B 220 24.78 45.86 -2.59
CA VAL B 220 24.84 45.03 -3.78
C VAL B 220 25.87 45.65 -4.72
N HIS B 221 27.08 45.10 -4.73
CA HIS B 221 28.15 45.52 -5.65
C HIS B 221 28.41 47.02 -5.53
N GLY B 222 28.85 47.44 -4.36
CA GLY B 222 29.15 48.83 -4.14
C GLY B 222 30.43 49.27 -4.83
N GLU B 223 30.51 50.56 -5.08
CA GLU B 223 31.69 51.22 -5.59
C GLU B 223 32.42 51.91 -4.44
N PRO B 224 33.72 52.20 -4.59
CA PRO B 224 34.44 52.86 -3.49
C PRO B 224 33.89 54.22 -3.13
N ARG B 225 33.14 54.86 -4.02
CA ARG B 225 32.57 56.18 -3.74
C ARG B 225 31.50 56.13 -2.65
N ILE B 226 30.87 54.98 -2.43
CA ILE B 226 29.79 54.87 -1.46
C ILE B 226 30.29 54.47 -0.07
N LEU B 227 31.60 54.29 0.09
CA LEU B 227 32.14 53.91 1.39
C LEU B 227 31.89 54.99 2.42
N GLN B 228 32.00 56.26 2.02
CA GLN B 228 31.73 57.35 2.95
C GLN B 228 30.28 57.31 3.45
N LYS B 229 29.34 57.09 2.54
CA LYS B 229 27.94 57.04 2.93
C LYS B 229 27.66 55.82 3.81
N MET B 230 28.28 54.69 3.48
CA MET B 230 28.12 53.49 4.30
C MET B 230 28.65 53.72 5.70
N TYR B 231 29.81 54.36 5.82
CA TYR B 231 30.37 54.65 7.14
C TYR B 231 29.49 55.64 7.90
N LYS B 232 28.91 56.61 7.19
CA LYS B 232 27.99 57.53 7.86
C LYS B 232 26.77 56.80 8.39
N ASN B 233 26.24 55.85 7.61
CA ASN B 233 25.11 55.05 8.07
C ASN B 233 25.49 54.22 9.28
N ILE B 234 26.69 53.63 9.26
CA ILE B 234 27.16 52.87 10.42
C ILE B 234 27.26 53.76 11.64
N GLN B 235 27.78 54.98 11.47
CA GLN B 235 27.81 55.94 12.56
C GLN B 235 26.41 56.22 13.08
N ASN B 236 25.41 56.22 12.19
CA ASN B 236 24.04 56.37 12.64
C ASN B 236 23.48 55.09 13.25
N SER B 237 24.26 54.02 13.31
CA SER B 237 23.88 52.78 13.98
C SER B 237 22.65 52.14 13.36
N ILE B 238 22.75 51.78 12.09
CA ILE B 238 21.73 51.01 11.39
C ILE B 238 22.41 49.79 10.78
N PRO B 239 21.81 48.60 10.86
CA PRO B 239 22.49 47.40 10.38
C PRO B 239 22.65 47.38 8.87
N TRP B 240 23.56 46.54 8.42
CA TRP B 240 23.83 46.37 7.00
C TRP B 240 23.85 44.89 6.66
N LEU B 241 23.39 44.56 5.45
CA LEU B 241 23.47 43.22 4.91
C LEU B 241 24.33 43.25 3.67
N ILE B 242 25.27 42.31 3.57
CA ILE B 242 26.25 42.27 2.50
C ILE B 242 26.02 40.99 1.70
N LEU B 243 25.79 41.13 0.40
CA LEU B 243 25.68 39.96 -0.45
C LEU B 243 27.04 39.31 -0.65
N ALA B 244 27.07 37.98 -0.55
CA ALA B 244 28.34 37.27 -0.67
C ALA B 244 28.90 37.39 -2.09
N GLY B 245 28.06 37.21 -3.10
CA GLY B 245 28.53 37.23 -4.47
C GLY B 245 28.08 38.45 -5.25
N SER B 246 28.09 39.62 -4.60
CA SER B 246 27.66 40.83 -5.27
C SER B 246 28.64 41.27 -6.34
N GLY B 247 29.88 41.57 -5.94
CA GLY B 247 30.90 41.91 -6.91
C GLY B 247 31.79 43.08 -6.56
N GLY B 248 31.25 44.09 -5.90
CA GLY B 248 32.02 45.28 -5.60
C GLY B 248 32.65 45.27 -4.23
N VAL B 249 32.38 46.31 -3.43
CA VAL B 249 32.89 46.38 -2.07
C VAL B 249 32.35 45.24 -1.22
N ALA B 250 31.23 44.64 -1.62
CA ALA B 250 30.68 43.52 -0.88
C ALA B 250 31.67 42.36 -0.80
N ASP B 251 32.34 42.06 -1.91
CA ASP B 251 33.32 40.99 -1.90
C ASP B 251 34.47 41.32 -0.96
N ILE B 252 34.94 42.57 -0.98
CA ILE B 252 36.01 42.97 -0.08
C ILE B 252 35.60 42.76 1.37
N LEU B 253 34.40 43.21 1.72
CA LEU B 253 33.94 43.10 3.09
C LEU B 253 33.80 41.64 3.51
N VAL B 254 33.20 40.81 2.65
CA VAL B 254 32.99 39.42 3.04
C VAL B 254 34.32 38.69 3.14
N THR B 255 35.27 38.99 2.26
CA THR B 255 36.58 38.35 2.34
C THR B 255 37.32 38.76 3.61
N LEU B 256 37.27 40.05 3.97
CA LEU B 256 37.93 40.48 5.20
C LEU B 256 37.28 39.87 6.43
N MET B 257 35.95 39.78 6.46
CA MET B 257 35.29 39.18 7.60
C MET B 257 35.58 37.68 7.69
N ASP B 258 35.65 37.00 6.55
CA ASP B 258 36.04 35.59 6.55
C ASP B 258 37.49 35.42 7.03
N ARG B 259 38.36 36.36 6.66
CA ARG B 259 39.74 36.31 7.15
C ARG B 259 39.79 36.42 8.67
N GLY B 260 38.97 37.30 9.25
CA GLY B 260 38.88 37.48 10.67
C GLY B 260 39.55 38.74 11.19
N CYS B 261 40.67 39.13 10.60
CA CYS B 261 41.36 40.35 10.99
C CYS B 261 41.67 41.16 9.74
N TRP B 262 41.61 42.48 9.86
CA TRP B 262 41.86 43.39 8.75
C TRP B 262 43.09 44.21 9.03
N ASP B 263 44.00 44.25 8.05
CA ASP B 263 45.21 45.04 8.13
C ASP B 263 45.31 45.93 6.90
N ALA B 264 46.10 47.00 7.01
CA ALA B 264 46.17 47.99 5.93
C ALA B 264 46.64 47.36 4.63
N ASP B 265 47.69 46.54 4.69
CA ASP B 265 48.24 45.95 3.47
C ASP B 265 47.23 45.03 2.80
N ILE B 266 46.53 44.21 3.59
CA ILE B 266 45.60 43.24 3.02
C ILE B 266 44.44 43.96 2.33
N VAL B 267 43.86 44.96 3.00
CA VAL B 267 42.73 45.67 2.40
C VAL B 267 43.18 46.49 1.21
N GLN B 268 44.38 47.08 1.25
CA GLN B 268 44.87 47.80 0.09
C GLN B 268 45.06 46.88 -1.09
N GLU B 269 45.64 45.70 -0.87
CA GLU B 269 45.84 44.75 -1.96
C GLU B 269 44.51 44.29 -2.53
N LEU B 270 43.54 43.97 -1.67
CA LEU B 270 42.25 43.49 -2.16
C LEU B 270 41.51 44.59 -2.91
N LEU B 271 41.57 45.82 -2.42
CA LEU B 271 40.93 46.93 -3.12
C LEU B 271 41.57 47.17 -4.48
N ILE B 272 42.90 47.09 -4.55
CA ILE B 272 43.58 47.26 -5.82
C ILE B 272 43.19 46.15 -6.79
N ASN B 273 43.14 44.91 -6.31
CA ASN B 273 42.79 43.79 -7.17
C ASN B 273 41.35 43.91 -7.68
N THR B 274 40.42 44.27 -6.80
CA THR B 274 39.02 44.37 -7.20
C THR B 274 38.74 45.60 -8.05
N PHE B 275 39.44 46.70 -7.79
CA PHE B 275 39.24 47.95 -8.52
C PHE B 275 40.59 48.45 -9.05
N PRO B 276 41.13 47.78 -10.07
CA PRO B 276 42.39 48.25 -10.66
C PRO B 276 42.27 49.62 -11.29
N ASP B 277 41.08 49.98 -11.79
CA ASP B 277 40.91 51.28 -12.45
C ASP B 277 41.14 52.42 -11.47
N GLY B 278 40.88 52.20 -10.18
CA GLY B 278 41.10 53.23 -9.20
C GLY B 278 42.55 53.34 -8.77
N LEU B 279 43.23 54.38 -9.23
CA LEU B 279 44.64 54.61 -8.92
C LEU B 279 44.80 56.05 -8.44
N HIS B 280 44.59 56.27 -7.14
CA HIS B 280 44.81 57.56 -6.52
C HIS B 280 45.24 57.31 -5.08
N SER B 281 46.47 57.71 -4.76
CA SER B 281 47.05 57.36 -3.46
C SER B 281 46.22 57.93 -2.31
N THR B 282 45.81 59.19 -2.42
CA THR B 282 44.97 59.78 -1.39
C THR B 282 43.62 59.06 -1.32
N GLU B 283 43.03 58.78 -2.48
CA GLU B 283 41.75 58.07 -2.49
C GLU B 283 41.90 56.67 -1.92
N ILE B 284 43.00 55.98 -2.25
CA ILE B 284 43.20 54.63 -1.76
C ILE B 284 43.38 54.64 -0.23
N THR B 285 44.14 55.59 0.28
CA THR B 285 44.32 55.70 1.73
C THR B 285 43.01 56.02 2.42
N SER B 286 42.22 56.94 1.85
CA SER B 286 40.94 57.28 2.44
C SER B 286 40.00 56.08 2.46
N TRP B 287 39.96 55.31 1.36
CA TRP B 287 39.12 54.13 1.30
C TRP B 287 39.59 53.07 2.29
N THR B 288 40.91 52.93 2.46
CA THR B 288 41.43 52.00 3.44
C THR B 288 40.99 52.38 4.85
N LYS B 289 41.12 53.66 5.19
CA LYS B 289 40.69 54.11 6.51
C LYS B 289 39.19 53.91 6.70
N LEU B 290 38.41 54.21 5.65
CA LEU B 290 36.96 54.03 5.75
C LEU B 290 36.60 52.57 5.98
N ILE B 291 37.25 51.66 5.26
CA ILE B 291 36.99 50.24 5.43
C ILE B 291 37.37 49.79 6.84
N GLN B 292 38.51 50.26 7.35
CA GLN B 292 38.92 49.89 8.70
C GLN B 292 37.91 50.37 9.74
N ARG B 293 37.49 51.63 9.64
CA ARG B 293 36.50 52.14 10.59
C ARG B 293 35.17 51.41 10.46
N ILE B 294 34.79 51.03 9.24
CA ILE B 294 33.55 50.29 9.04
C ILE B 294 33.62 48.93 9.73
N LEU B 295 34.71 48.19 9.47
CA LEU B 295 34.85 46.87 10.08
C LEU B 295 35.08 46.94 11.57
N ASP B 296 35.50 48.09 12.10
CA ASP B 296 35.66 48.23 13.54
C ASP B 296 34.34 47.99 14.28
N HIS B 297 33.21 48.28 13.65
CA HIS B 297 31.92 48.05 14.28
C HIS B 297 31.56 46.58 14.27
N GLY B 298 31.44 46.00 13.09
CA GLY B 298 31.24 44.56 12.98
C GLY B 298 29.85 44.08 13.36
N HIS B 299 29.37 44.51 14.53
CA HIS B 299 28.05 44.07 14.98
C HIS B 299 26.94 44.60 14.08
N LEU B 300 27.22 45.66 13.32
CA LEU B 300 26.27 46.19 12.36
C LEU B 300 26.44 45.60 10.97
N LEU B 301 27.38 44.68 10.79
CA LEU B 301 27.65 44.07 9.49
C LEU B 301 27.18 42.62 9.51
N THR B 302 26.58 42.18 8.41
CA THR B 302 26.07 40.83 8.31
C THR B 302 26.20 40.35 6.87
N VAL B 303 26.49 39.06 6.71
CA VAL B 303 26.74 38.45 5.41
C VAL B 303 25.52 37.63 5.03
N HIS B 304 25.01 37.84 3.82
CA HIS B 304 23.94 37.02 3.27
C HIS B 304 24.48 36.26 2.07
N ASP B 305 24.43 34.92 2.14
CA ASP B 305 24.90 34.07 1.05
C ASP B 305 23.73 33.31 0.45
N PRO B 306 23.19 33.74 -0.69
CA PRO B 306 22.04 33.04 -1.26
C PRO B 306 22.34 31.60 -1.63
N GLU B 307 23.61 31.26 -1.88
CA GLU B 307 23.95 29.89 -2.21
C GLU B 307 23.79 28.96 -1.01
N GLN B 308 24.02 29.46 0.21
CA GLN B 308 23.99 28.63 1.41
C GLN B 308 22.67 28.78 2.17
N ASP B 309 22.34 30.00 2.58
CA ASP B 309 21.16 30.22 3.43
C ASP B 309 19.90 30.45 2.61
N SER B 310 19.91 31.49 1.77
CA SER B 310 18.78 31.85 0.90
C SER B 310 17.51 32.14 1.69
N GLU B 311 17.62 32.44 2.97
CA GLU B 311 16.50 32.79 3.83
C GLU B 311 16.73 34.22 4.30
N LEU B 312 16.28 35.18 3.50
CA LEU B 312 16.61 36.58 3.75
C LEU B 312 15.98 37.08 5.05
N ASP B 313 14.76 36.64 5.36
CA ASP B 313 14.12 37.09 6.60
C ASP B 313 14.90 36.63 7.83
N THR B 314 15.42 35.39 7.78
CA THR B 314 16.23 34.90 8.90
C THR B 314 17.46 35.76 9.10
N VAL B 315 18.15 36.11 8.02
CA VAL B 315 19.34 36.95 8.12
C VAL B 315 18.97 38.34 8.63
N ILE B 316 17.83 38.87 8.18
CA ILE B 316 17.41 40.20 8.61
C ILE B 316 17.16 40.20 10.11
N LEU B 317 16.43 39.21 10.61
CA LEU B 317 16.17 39.14 12.04
C LEU B 317 17.46 38.95 12.83
N LYS B 318 18.35 38.10 12.34
CA LYS B 318 19.60 37.87 13.05
C LYS B 318 20.42 39.15 13.12
N ALA B 319 20.49 39.89 12.02
CA ALA B 319 21.24 41.15 12.01
C ALA B 319 20.61 42.16 12.97
N LEU B 320 19.29 42.28 12.96
CA LEU B 320 18.64 43.26 13.82
C LEU B 320 18.84 42.93 15.29
N VAL B 321 18.65 41.66 15.66
CA VAL B 321 18.83 41.29 17.06
C VAL B 321 20.28 41.40 17.47
N LYS B 322 21.22 41.11 16.57
CA LYS B 322 22.64 41.26 16.88
C LYS B 322 22.96 42.73 17.14
N ALA B 323 22.46 43.62 16.29
CA ALA B 323 22.71 45.05 16.47
C ALA B 323 22.15 45.54 17.80
N CYS B 324 20.91 45.14 18.11
CA CYS B 324 20.30 45.61 19.35
C CYS B 324 21.00 45.02 20.58
N LYS B 325 21.39 43.75 20.52
CA LYS B 325 22.08 43.13 21.63
C LYS B 325 23.45 43.77 21.87
N SER B 326 24.16 44.09 20.79
CA SER B 326 25.43 44.80 20.93
C SER B 326 25.21 46.20 21.48
N GLN B 327 24.07 46.81 21.14
CA GLN B 327 23.78 48.17 21.63
C GLN B 327 23.66 48.18 23.16
N SER B 328 22.83 47.31 23.72
CA SER B 328 22.62 47.27 25.17
C SER B 328 22.17 45.88 25.58
N GLN B 329 22.35 45.58 26.87
CA GLN B 329 21.97 44.30 27.43
C GLN B 329 20.66 44.36 28.23
N GLU B 330 19.98 45.50 28.23
CA GLU B 330 18.73 45.63 28.97
C GLU B 330 17.63 44.79 28.32
N ALA B 331 16.78 44.19 29.16
CA ALA B 331 15.72 43.33 28.65
C ALA B 331 14.70 44.14 27.85
N GLN B 332 14.54 45.42 28.19
CA GLN B 332 13.61 46.27 27.45
C GLN B 332 14.06 46.44 26.00
N ASP B 333 15.37 46.51 25.78
CA ASP B 333 15.90 46.59 24.41
C ASP B 333 15.53 45.36 23.60
N PHE B 334 15.63 44.17 24.20
CA PHE B 334 15.28 42.95 23.50
C PHE B 334 13.77 42.84 23.28
N LEU B 335 12.98 43.49 24.13
CA LEU B 335 11.53 43.41 24.02
C LEU B 335 11.06 43.95 22.67
N ASP B 336 11.64 45.06 22.22
CA ASP B 336 11.34 45.56 20.88
C ASP B 336 11.76 44.55 19.83
N ALA B 337 12.91 43.90 20.03
CA ALA B 337 13.32 42.83 19.12
C ALA B 337 12.44 41.59 19.27
N LEU B 338 11.97 41.32 20.49
CA LEU B 338 11.09 40.18 20.69
C LEU B 338 9.78 40.35 19.94
N LYS B 339 9.22 41.57 19.95
CA LYS B 339 8.01 41.83 19.18
C LYS B 339 8.25 41.62 17.69
N LEU B 340 9.40 42.06 17.20
CA LEU B 340 9.73 41.87 15.79
C LEU B 340 9.85 40.38 15.46
N ALA B 341 10.47 39.61 16.35
CA ALA B 341 10.57 38.17 16.13
C ALA B 341 9.18 37.53 16.13
N VAL B 342 8.30 38.00 17.00
CA VAL B 342 6.92 37.51 17.00
C VAL B 342 6.25 37.82 15.67
N ALA B 343 6.43 39.04 15.16
CA ALA B 343 5.68 39.47 13.99
C ALA B 343 5.96 38.59 12.77
N TRP B 344 7.14 38.00 12.70
CA TRP B 344 7.50 37.15 11.56
C TRP B 344 7.34 35.67 11.85
N ASN B 345 6.84 35.31 13.03
CA ASN B 345 6.58 33.92 13.39
C ASN B 345 7.86 33.08 13.29
N ARG B 346 8.98 33.71 13.63
CA ARG B 346 10.26 33.01 13.68
C ARG B 346 10.61 32.63 15.12
N VAL B 347 9.91 31.60 15.61
CA VAL B 347 10.08 31.18 17.00
C VAL B 347 11.47 30.62 17.24
N ASP B 348 12.03 29.92 16.24
CA ASP B 348 13.36 29.35 16.41
C ASP B 348 14.41 30.43 16.59
N ILE B 349 14.33 31.51 15.80
CA ILE B 349 15.28 32.61 15.94
C ILE B 349 15.15 33.26 17.31
N ALA B 350 13.92 33.48 17.76
CA ALA B 350 13.71 34.08 19.06
C ALA B 350 14.28 33.20 20.17
N LYS B 351 14.02 31.90 20.11
CA LYS B 351 14.54 30.99 21.12
C LYS B 351 16.07 30.96 21.11
N SER B 352 16.66 31.00 19.92
CA SER B 352 18.12 30.96 19.82
C SER B 352 18.75 32.23 20.37
N GLU B 353 18.18 33.39 20.05
CA GLU B 353 18.83 34.66 20.34
C GLU B 353 18.31 35.35 21.60
N ILE B 354 17.02 35.64 21.67
CA ILE B 354 16.51 36.46 22.77
C ILE B 354 16.39 35.61 24.04
N PHE B 355 15.81 34.42 23.92
CA PHE B 355 15.56 33.58 25.09
C PHE B 355 16.69 32.58 25.30
N SER B 356 17.90 33.06 25.59
CA SER B 356 19.03 32.19 25.87
C SER B 356 19.77 32.72 27.11
N GLY B 357 19.29 32.33 28.29
CA GLY B 357 20.05 32.48 29.51
C GLY B 357 20.27 33.89 30.01
N ASP B 358 20.90 34.73 29.17
CA ASP B 358 21.41 36.01 29.64
C ASP B 358 20.30 36.95 30.09
N VAL B 359 19.21 36.99 29.34
CA VAL B 359 18.17 38.01 29.53
C VAL B 359 17.13 37.46 30.50
N GLN B 360 16.94 38.17 31.61
CA GLN B 360 15.86 37.83 32.53
C GLN B 360 14.54 38.36 32.02
N TRP B 361 13.50 37.54 32.15
CA TRP B 361 12.17 37.87 31.61
C TRP B 361 11.15 37.68 32.72
N SER B 362 10.54 38.78 33.16
CA SER B 362 9.48 38.74 34.16
C SER B 362 8.13 38.61 33.49
N ALA B 363 7.14 38.22 34.29
CA ALA B 363 5.78 38.06 33.76
C ALA B 363 5.22 39.38 33.23
N GLN B 364 5.46 40.47 33.97
CA GLN B 364 4.97 41.78 33.52
C GLN B 364 5.66 42.20 32.22
N ASP B 365 6.89 41.74 32.01
CA ASP B 365 7.60 42.07 30.78
C ASP B 365 6.92 41.45 29.57
N LEU B 366 6.42 40.22 29.72
CA LEU B 366 5.89 39.46 28.59
C LEU B 366 4.39 39.68 28.37
N GLU B 367 3.75 40.53 29.16
CA GLU B 367 2.31 40.73 29.05
C GLU B 367 1.92 41.25 27.66
N GLU B 368 2.53 42.35 27.24
CA GLU B 368 2.20 42.94 25.95
C GLU B 368 2.62 42.02 24.80
N VAL B 369 3.79 41.40 24.92
CA VAL B 369 4.26 40.50 23.87
C VAL B 369 3.37 39.26 23.80
N MET B 370 2.92 38.76 24.95
CA MET B 370 1.97 37.65 24.96
C MET B 370 0.67 38.05 24.27
N MET B 371 0.19 39.26 24.53
CA MET B 371 -1.00 39.74 23.84
C MET B 371 -0.80 39.78 22.34
N GLU B 372 0.34 40.28 21.90
CA GLU B 372 0.61 40.37 20.47
C GLU B 372 0.68 38.98 19.83
N ALA B 373 1.33 38.03 20.50
CA ALA B 373 1.40 36.68 19.97
C ALA B 373 0.03 36.00 19.96
N LEU B 374 -0.80 36.29 20.96
CA LEU B 374 -2.10 35.65 21.07
C LEU B 374 -3.06 36.19 20.01
N VAL B 375 -3.08 37.50 19.83
CA VAL B 375 -3.97 38.16 18.88
C VAL B 375 -3.52 38.08 17.43
N ASN B 376 -2.29 37.63 17.21
CA ASN B 376 -1.76 37.52 15.85
C ASN B 376 -1.69 36.08 15.34
N ASP B 377 -2.39 35.18 16.02
CA ASP B 377 -2.45 33.76 15.66
C ASP B 377 -1.11 33.03 15.57
N LYS B 378 -0.21 33.31 16.50
CA LYS B 378 1.09 32.64 16.53
C LYS B 378 1.07 31.72 17.74
N PRO B 379 0.89 30.41 17.52
CA PRO B 379 0.80 29.54 18.71
C PRO B 379 2.14 29.16 19.30
N ASP B 380 3.19 29.12 18.46
CA ASP B 380 4.51 28.74 18.96
C ASP B 380 5.00 29.74 19.99
N PHE B 381 4.78 31.02 19.74
CA PHE B 381 5.20 32.04 20.71
C PHE B 381 4.34 31.99 21.96
N VAL B 382 3.07 31.63 21.81
CA VAL B 382 2.22 31.47 22.99
C VAL B 382 2.76 30.35 23.88
N ARG B 383 3.12 29.22 23.28
CA ARG B 383 3.71 28.13 24.03
C ARG B 383 5.02 28.56 24.67
N LEU B 384 5.85 29.29 23.92
CA LEU B 384 7.14 29.73 24.45
C LEU B 384 6.96 30.65 25.66
N PHE B 385 6.01 31.58 25.58
CA PHE B 385 5.81 32.52 26.67
C PHE B 385 5.21 31.84 27.89
N VAL B 386 4.28 30.90 27.67
CA VAL B 386 3.75 30.14 28.80
C VAL B 386 4.86 29.35 29.48
N ASP B 387 5.74 28.75 28.69
CA ASP B 387 6.86 28.00 29.24
C ASP B 387 7.89 28.89 29.91
N ASN B 388 7.81 30.21 29.73
CA ASN B 388 8.84 31.12 30.23
C ASN B 388 8.29 32.08 31.28
N GLY B 389 7.35 31.62 32.11
CA GLY B 389 6.91 32.37 33.26
C GLY B 389 5.55 33.02 33.16
N VAL B 390 4.92 33.07 31.98
CA VAL B 390 3.60 33.67 31.88
C VAL B 390 2.57 32.76 32.53
N ASN B 391 1.84 33.30 33.50
CA ASN B 391 0.85 32.54 34.26
C ASN B 391 -0.52 32.86 33.70
N ILE B 392 -1.10 31.90 32.97
CA ILE B 392 -2.40 32.10 32.36
C ILE B 392 -3.48 32.33 33.41
N LYS B 393 -3.33 31.72 34.59
CA LYS B 393 -4.32 31.89 35.65
C LYS B 393 -4.45 33.36 36.05
N GLN B 394 -3.32 34.06 36.15
CA GLN B 394 -3.35 35.47 36.51
C GLN B 394 -3.39 36.38 35.30
N PHE B 395 -2.86 35.93 34.16
CA PHE B 395 -2.83 36.76 32.97
C PHE B 395 -4.24 37.00 32.43
N LEU B 396 -5.05 35.94 32.36
CA LEU B 396 -6.33 36.00 31.66
C LEU B 396 -7.43 36.39 32.63
N THR B 397 -7.79 37.68 32.62
CA THR B 397 -8.97 38.15 33.32
C THR B 397 -10.13 38.28 32.35
N TYR B 398 -11.32 38.52 32.91
CA TYR B 398 -12.51 38.65 32.07
C TYR B 398 -12.39 39.85 31.14
N GLY B 399 -11.84 40.96 31.64
CA GLY B 399 -11.61 42.10 30.77
C GLY B 399 -10.63 41.78 29.65
N ARG B 400 -9.58 41.03 29.95
CA ARG B 400 -8.63 40.65 28.92
C ARG B 400 -9.26 39.69 27.92
N LEU B 401 -10.12 38.80 28.39
CA LEU B 401 -10.84 37.91 27.46
C LEU B 401 -11.75 38.71 26.54
N GLN B 402 -12.44 39.72 27.08
CA GLN B 402 -13.26 40.57 26.23
C GLN B 402 -12.40 41.35 25.23
N GLU B 403 -11.21 41.81 25.65
CA GLU B 403 -10.32 42.48 24.73
C GLU B 403 -9.88 41.54 23.62
N LEU B 404 -9.60 40.29 23.96
CA LEU B 404 -9.26 39.30 22.94
C LEU B 404 -10.42 39.09 21.97
N TYR B 405 -11.64 39.03 22.49
CA TYR B 405 -12.80 38.83 21.61
C TYR B 405 -13.05 40.05 20.73
N CYS B 406 -12.76 41.25 21.23
CA CYS B 406 -12.96 42.44 20.42
C CYS B 406 -11.99 42.51 19.25
N SER B 407 -10.75 42.07 19.46
CA SER B 407 -9.70 42.21 18.44
C SER B 407 -9.61 40.96 17.57
N VAL B 408 -10.72 40.63 16.91
CA VAL B 408 -10.72 39.57 15.93
C VAL B 408 -10.18 40.10 14.60
N SER B 409 -9.89 39.17 13.69
CA SER B 409 -9.27 39.52 12.42
C SER B 409 -10.17 40.32 11.50
N GLU B 410 -11.47 40.41 11.80
CA GLU B 410 -12.47 41.12 11.01
C GLU B 410 -12.64 40.54 9.62
N LYS B 411 -12.04 39.39 9.32
CA LYS B 411 -12.16 38.75 8.01
C LYS B 411 -12.63 37.31 8.10
N ASN B 412 -12.97 36.82 9.29
CA ASN B 412 -13.41 35.45 9.47
C ASN B 412 -14.85 35.41 9.95
N LEU B 413 -15.36 34.19 10.11
CA LEU B 413 -16.78 34.00 10.40
C LEU B 413 -17.15 34.60 11.76
N LEU B 414 -16.26 34.46 12.74
CA LEU B 414 -16.60 34.91 14.09
C LEU B 414 -16.91 36.40 14.11
N HIS B 415 -16.17 37.19 13.35
CA HIS B 415 -16.43 38.63 13.31
C HIS B 415 -17.80 38.92 12.73
N THR B 416 -18.18 38.21 11.66
CA THR B 416 -19.50 38.43 11.07
C THR B 416 -20.62 38.04 12.03
N LEU B 417 -20.46 36.91 12.73
CA LEU B 417 -21.46 36.50 13.72
C LEU B 417 -21.56 37.53 14.84
N LEU B 418 -20.43 38.02 15.31
CA LEU B 418 -20.45 39.02 16.38
C LEU B 418 -21.10 40.31 15.89
N LEU B 419 -20.86 40.70 14.64
CA LEU B 419 -21.51 41.88 14.09
C LEU B 419 -23.02 41.69 14.03
N LYS B 420 -23.47 40.51 13.59
CA LYS B 420 -24.91 40.26 13.53
C LYS B 420 -25.54 40.33 14.91
N LYS B 421 -24.89 39.73 15.91
CA LYS B 421 -25.42 39.77 17.26
C LYS B 421 -25.41 41.19 17.81
N ASN B 422 -24.37 41.97 17.49
CA ASN B 422 -24.31 43.36 17.93
C ASN B 422 -25.43 44.18 17.31
N GLN B 423 -25.70 43.96 16.03
CA GLN B 423 -26.82 44.65 15.38
C GLN B 423 -28.14 44.28 16.02
N GLU B 424 -28.34 42.99 16.32
CA GLU B 424 -29.57 42.57 16.97
C GLU B 424 -29.72 43.24 18.33
N ARG B 425 -28.64 43.29 19.12
CA ARG B 425 -28.70 43.91 20.43
C ARG B 425 -28.98 45.40 20.32
N GLN B 426 -28.34 46.08 19.37
CA GLN B 426 -28.56 47.52 19.20
C GLN B 426 -29.99 47.81 18.76
N ALA B 427 -30.53 46.99 17.86
CA ALA B 427 -31.91 47.17 17.43
C ALA B 427 -32.88 46.90 18.57
N GLN B 428 -32.57 45.92 19.42
CA GLN B 428 -33.44 45.62 20.55
C GLN B 428 -33.54 46.80 21.51
N LEU B 429 -32.43 47.46 21.77
CA LEU B 429 -32.41 48.60 22.69
C LEU B 429 -32.89 49.87 21.99
N LYS B 446 -16.54 52.22 23.36
CA LYS B 446 -15.67 51.55 24.31
C LYS B 446 -15.17 50.21 23.76
N PHE B 447 -16.02 49.19 23.82
CA PHE B 447 -15.70 47.86 23.33
C PHE B 447 -16.57 47.54 22.12
N ARG B 448 -15.93 47.07 21.05
CA ARG B 448 -16.67 46.76 19.83
C ARG B 448 -17.67 45.63 20.06
N PHE B 449 -17.27 44.61 20.80
CA PHE B 449 -18.13 43.46 21.07
C PHE B 449 -18.16 43.19 22.56
N THR B 450 -19.36 42.89 23.07
CA THR B 450 -19.60 42.63 24.47
C THR B 450 -19.83 41.12 24.65
N PHE B 451 -19.72 40.66 25.90
CA PHE B 451 -19.90 39.24 26.18
C PHE B 451 -21.29 38.74 25.79
N HIS B 452 -22.26 39.65 25.64
CA HIS B 452 -23.58 39.22 25.17
C HIS B 452 -23.49 38.62 23.78
N GLU B 453 -22.70 39.23 22.89
CA GLU B 453 -22.61 38.75 21.51
C GLU B 453 -21.99 37.36 21.45
N VAL B 454 -20.88 37.15 22.17
CA VAL B 454 -20.26 35.84 22.17
C VAL B 454 -21.14 34.82 22.85
N SER B 455 -21.88 35.22 23.89
CA SER B 455 -22.81 34.30 24.53
C SER B 455 -23.91 33.88 23.55
N LYS B 456 -24.42 34.81 22.75
CA LYS B 456 -25.44 34.46 21.77
C LYS B 456 -24.87 33.56 20.68
N VAL B 457 -23.63 33.80 20.27
CA VAL B 457 -23.01 32.93 19.27
C VAL B 457 -22.87 31.51 19.83
N LEU B 458 -22.42 31.41 21.08
CA LEU B 458 -22.30 30.10 21.71
C LEU B 458 -23.67 29.46 21.91
N LYS B 459 -24.71 30.25 22.10
CA LYS B 459 -26.07 29.71 22.19
C LYS B 459 -26.55 29.21 20.83
N ASP B 460 -26.12 29.88 19.76
CA ASP B 460 -26.43 29.38 18.43
C ASP B 460 -25.74 28.05 18.16
N PHE B 461 -24.51 27.92 18.63
CA PHE B 461 -23.74 26.70 18.33
C PHE B 461 -24.11 25.53 19.24
N LEU B 462 -23.99 25.72 20.56
CA LEU B 462 -24.22 24.62 21.50
C LEU B 462 -25.63 24.67 22.08
N ASP B 463 -26.05 25.83 22.55
CA ASP B 463 -27.40 26.18 23.02
C ASP B 463 -27.74 25.61 24.40
N ASP B 464 -26.94 24.70 24.94
CA ASP B 464 -27.22 24.21 26.29
C ASP B 464 -25.99 24.33 27.18
N THR B 465 -24.82 24.04 26.61
CA THR B 465 -23.60 23.99 27.40
C THR B 465 -23.18 25.38 27.87
N CYS B 466 -23.25 26.36 26.97
CA CYS B 466 -22.78 27.72 27.27
C CYS B 466 -23.89 28.52 27.94
N LYS B 467 -24.16 28.16 29.19
CA LYS B 467 -25.08 28.90 30.04
C LYS B 467 -24.35 29.27 31.32
N GLY B 468 -24.28 30.57 31.60
CA GLY B 468 -23.61 31.03 32.80
C GLY B 468 -22.10 31.14 32.70
N PHE B 469 -21.53 30.95 31.51
CA PHE B 469 -20.09 31.14 31.37
C PHE B 469 -19.70 32.58 31.67
N TYR B 470 -20.45 33.54 31.14
CA TYR B 470 -20.15 34.95 31.33
C TYR B 470 -21.34 35.77 31.77
N GLN B 471 -22.56 35.22 31.74
CA GLN B 471 -23.72 35.96 32.22
C GLN B 471 -23.76 36.06 33.73
N LYS B 472 -23.16 35.10 34.43
CA LYS B 472 -23.12 35.16 35.88
C LYS B 472 -22.11 36.21 36.34
N LEU B 473 -22.47 36.93 37.39
CA LEU B 473 -21.60 37.98 37.93
C LEU B 473 -20.87 37.50 39.18
N ASN B 489 -24.96 42.42 34.37
CA ASN B 489 -24.91 41.00 34.06
C ASN B 489 -23.47 40.52 33.90
N LEU B 490 -22.68 41.29 33.16
CA LEU B 490 -21.29 40.91 32.93
C LEU B 490 -20.51 40.90 34.24
N PRO B 491 -19.53 40.02 34.38
CA PRO B 491 -18.74 39.95 35.61
C PRO B 491 -17.75 41.12 35.67
N ASP B 492 -16.97 41.13 36.75
CA ASP B 492 -15.96 42.17 36.92
C ASP B 492 -14.84 41.97 35.92
N MET B 493 -14.46 43.04 35.23
CA MET B 493 -13.40 42.96 34.23
C MET B 493 -12.06 42.62 34.88
N ASP B 494 -11.85 43.10 36.10
CA ASP B 494 -10.59 42.86 36.81
C ASP B 494 -10.54 41.50 37.47
N ARG B 495 -11.59 40.69 37.37
CA ARG B 495 -11.62 39.38 37.99
C ARG B 495 -11.17 38.32 37.01
N ARG B 496 -10.26 37.46 37.45
CA ARG B 496 -9.71 36.43 36.58
C ARG B 496 -10.75 35.35 36.30
N CYS B 497 -10.64 34.75 35.12
CA CYS B 497 -11.60 33.74 34.70
C CYS B 497 -11.47 32.48 35.55
N GLU B 498 -12.61 31.86 35.85
CA GLU B 498 -12.60 30.63 36.64
C GLU B 498 -12.01 29.47 35.85
N HIS B 499 -12.24 29.44 34.53
CA HIS B 499 -11.74 28.38 33.65
C HIS B 499 -10.99 29.03 32.51
N PRO B 500 -9.75 29.46 32.75
CA PRO B 500 -9.02 30.20 31.70
C PRO B 500 -8.78 29.39 30.45
N TRP B 501 -8.33 28.14 30.60
CA TRP B 501 -8.04 27.31 29.44
C TRP B 501 -9.29 27.02 28.63
N ARG B 502 -10.42 26.80 29.31
CA ARG B 502 -11.67 26.57 28.60
C ARG B 502 -12.02 27.77 27.73
N ASP B 503 -11.95 28.97 28.29
CA ASP B 503 -12.30 30.17 27.53
C ASP B 503 -11.33 30.39 26.38
N LEU B 504 -10.03 30.19 26.62
CA LEU B 504 -9.06 30.38 25.55
C LEU B 504 -9.27 29.37 24.42
N PHE B 505 -9.52 28.10 24.76
CA PHE B 505 -9.78 27.10 23.74
C PHE B 505 -11.05 27.43 22.97
N LEU B 506 -12.09 27.86 23.66
CA LEU B 506 -13.34 28.17 22.99
C LEU B 506 -13.17 29.36 22.05
N TRP B 507 -12.43 30.36 22.52
CA TRP B 507 -12.16 31.56 21.75
C TRP B 507 -11.35 31.23 20.50
N ALA B 508 -10.30 30.45 20.67
CA ALA B 508 -9.45 30.06 19.54
C ALA B 508 -10.22 29.17 18.58
N ILE B 509 -11.20 28.44 19.08
CA ILE B 509 -11.99 27.56 18.22
C ILE B 509 -13.02 28.35 17.42
N LEU B 510 -13.63 29.36 18.00
CA LEU B 510 -14.64 30.11 17.26
C LEU B 510 -14.10 30.78 16.00
N GLN B 511 -12.79 30.97 15.93
CA GLN B 511 -12.17 31.61 14.76
C GLN B 511 -11.30 30.75 13.84
N ASN B 512 -11.55 29.44 13.87
CA ASN B 512 -10.85 28.46 13.04
C ASN B 512 -9.33 28.43 13.18
N ARG B 513 -8.83 28.82 14.35
CA ARG B 513 -7.40 28.75 14.60
C ARG B 513 -7.29 27.39 15.25
N GLN B 514 -6.74 26.43 14.53
CA GLN B 514 -6.66 25.07 15.04
C GLN B 514 -5.40 24.71 15.80
N GLU B 515 -4.27 25.30 15.40
CA GLU B 515 -3.00 25.03 16.05
C GLU B 515 -2.97 25.65 17.42
N MET B 516 -3.48 26.87 17.54
CA MET B 516 -3.51 27.56 18.82
C MET B 516 -4.54 26.90 19.71
N ALA B 517 -5.65 26.49 19.09
CA ALA B 517 -6.73 25.82 19.81
C ALA B 517 -6.30 24.42 20.29
N ASN B 518 -5.54 23.71 19.47
CA ASN B 518 -5.01 22.42 19.89
C ASN B 518 -4.08 22.58 21.07
N TYR B 519 -3.23 23.61 21.05
CA TYR B 519 -2.37 23.87 22.19
C TYR B 519 -3.17 24.15 23.44
N PHE B 520 -4.24 24.95 23.32
CA PHE B 520 -5.08 25.24 24.48
C PHE B 520 -5.79 23.99 24.98
N TRP B 521 -6.20 23.11 24.05
CA TRP B 521 -6.80 21.84 24.45
C TRP B 521 -5.81 20.97 25.20
N ALA B 522 -4.54 21.00 24.80
CA ALA B 522 -3.52 20.20 25.47
C ALA B 522 -3.24 20.68 26.89
N MET B 523 -3.68 21.87 27.27
CA MET B 523 -3.44 22.40 28.60
C MET B 523 -4.69 22.44 29.47
N GLY B 524 -5.87 22.27 28.90
CA GLY B 524 -7.11 22.35 29.64
C GLY B 524 -7.32 21.18 30.57
N PRO B 525 -8.09 21.39 31.63
CA PRO B 525 -8.33 20.30 32.59
C PRO B 525 -9.16 19.16 32.02
N GLU B 526 -10.31 19.46 31.42
CA GLU B 526 -11.22 18.44 30.91
C GLU B 526 -11.10 18.42 29.39
N ALA B 527 -10.50 17.35 28.86
CA ALA B 527 -10.11 17.32 27.47
C ALA B 527 -11.08 16.58 26.57
N VAL B 528 -11.74 15.53 27.05
CA VAL B 528 -12.71 14.82 26.22
C VAL B 528 -13.90 15.73 25.91
N ALA B 529 -14.43 16.39 26.93
CA ALA B 529 -15.54 17.31 26.72
C ALA B 529 -15.12 18.46 25.83
N ALA B 530 -13.91 18.99 26.03
CA ALA B 530 -13.43 20.08 25.20
C ALA B 530 -13.31 19.66 23.75
N ALA B 531 -12.79 18.46 23.49
CA ALA B 531 -12.66 17.99 22.12
C ALA B 531 -14.02 17.78 21.47
N LEU B 532 -14.99 17.24 22.22
CA LEU B 532 -16.32 17.06 21.65
C LEU B 532 -16.98 18.41 21.36
N VAL B 533 -16.82 19.37 22.26
CA VAL B 533 -17.34 20.72 22.01
C VAL B 533 -16.69 21.31 20.76
N GLY B 534 -15.38 21.11 20.62
CA GLY B 534 -14.69 21.63 19.45
C GLY B 534 -15.19 21.02 18.15
N CYS B 535 -15.39 19.71 18.14
CA CYS B 535 -15.88 19.08 16.91
C CYS B 535 -17.30 19.52 16.60
N LYS B 536 -18.13 19.70 17.62
CA LYS B 536 -19.47 20.23 17.41
C LYS B 536 -19.41 21.61 16.77
N ILE B 537 -18.59 22.50 17.34
CA ILE B 537 -18.49 23.85 16.82
C ILE B 537 -17.97 23.85 15.39
N MET B 538 -17.00 23.00 15.10
CA MET B 538 -16.41 22.98 13.76
C MET B 538 -17.41 22.47 12.73
N LYS B 539 -18.16 21.41 13.06
CA LYS B 539 -19.14 20.92 12.11
C LYS B 539 -20.34 21.84 12.02
N GLU B 540 -20.57 22.69 13.01
CA GLU B 540 -21.60 23.72 12.87
C GLU B 540 -21.12 24.86 11.98
N MET B 541 -19.85 25.24 12.11
CA MET B 541 -19.30 26.34 11.33
C MET B 541 -19.00 25.97 9.89
N ALA B 542 -18.79 24.68 9.60
CA ALA B 542 -18.51 24.27 8.23
C ALA B 542 -19.63 24.69 7.30
N HIS B 543 -20.88 24.69 7.79
CA HIS B 543 -21.99 25.15 6.98
C HIS B 543 -21.95 26.65 6.74
N LEU B 544 -21.52 27.42 7.74
CA LEU B 544 -21.50 28.87 7.65
C LEU B 544 -20.25 29.40 6.95
N ALA B 545 -19.29 28.55 6.63
CA ALA B 545 -18.06 29.01 6.01
C ALA B 545 -18.32 29.55 4.62
N THR B 546 -17.65 30.65 4.29
CA THR B 546 -17.76 31.24 2.97
C THR B 546 -16.71 30.70 2.00
N GLU B 547 -15.43 30.87 2.33
CA GLU B 547 -14.37 30.36 1.49
C GLU B 547 -14.34 28.84 1.50
N ALA B 548 -13.96 28.26 0.36
CA ALA B 548 -13.91 26.81 0.27
C ALA B 548 -12.76 26.23 1.08
N GLU B 549 -11.63 26.93 1.13
CA GLU B 549 -10.48 26.45 1.90
C GLU B 549 -10.80 26.39 3.39
N SER B 550 -11.46 27.44 3.91
CA SER B 550 -11.84 27.43 5.32
C SER B 550 -12.84 26.33 5.62
N ALA B 551 -13.81 26.13 4.72
CA ALA B 551 -14.78 25.06 4.93
C ALA B 551 -14.10 23.70 4.93
N ARG B 552 -13.15 23.49 4.02
CA ARG B 552 -12.42 22.23 3.99
C ARG B 552 -11.62 22.03 5.28
N SER B 553 -10.97 23.09 5.76
CA SER B 553 -10.20 22.97 7.00
C SER B 553 -11.11 22.65 8.17
N MET B 554 -12.30 23.25 8.21
CA MET B 554 -13.24 22.97 9.30
C MET B 554 -13.78 21.55 9.21
N LYS B 555 -14.02 21.06 7.99
CA LYS B 555 -14.51 19.69 7.84
C LYS B 555 -13.47 18.65 8.22
N ASN B 556 -12.21 19.05 8.35
CA ASN B 556 -11.13 18.15 8.76
C ASN B 556 -10.55 18.56 10.10
N ALA B 557 -11.43 18.93 11.05
CA ALA B 557 -10.98 19.42 12.34
C ALA B 557 -10.33 18.32 13.17
N LYS B 558 -10.72 17.07 12.95
CA LYS B 558 -10.21 15.89 13.67
C LYS B 558 -10.19 16.11 15.18
N TYR B 559 -11.12 16.91 15.70
CA TYR B 559 -11.25 17.07 17.14
C TYR B 559 -11.93 15.86 17.77
N GLU B 560 -12.89 15.25 17.07
CA GLU B 560 -13.46 14.00 17.55
C GLU B 560 -12.40 12.92 17.65
N GLN B 561 -11.42 12.95 16.76
CA GLN B 561 -10.31 11.99 16.84
C GLN B 561 -9.51 12.19 18.10
N PHE B 562 -9.31 13.44 18.52
CA PHE B 562 -8.61 13.70 19.78
C PHE B 562 -9.34 13.09 20.95
N ALA B 563 -10.65 13.29 21.02
CA ALA B 563 -11.43 12.71 22.10
C ALA B 563 -11.38 11.19 22.08
N MET B 564 -11.52 10.60 20.89
CA MET B 564 -11.49 9.14 20.79
C MET B 564 -10.15 8.58 21.23
N ASP B 565 -9.04 9.19 20.78
CA ASP B 565 -7.72 8.69 21.15
C ASP B 565 -7.46 8.86 22.64
N LEU B 566 -7.82 10.02 23.20
CA LEU B 566 -7.57 10.23 24.61
C LEU B 566 -8.42 9.30 25.46
N PHE B 567 -9.67 9.05 25.06
CA PHE B 567 -10.49 8.12 25.80
C PHE B 567 -10.01 6.69 25.62
N SER B 568 -9.43 6.35 24.47
CA SER B 568 -8.83 5.03 24.32
C SER B 568 -7.68 4.85 25.29
N GLU B 569 -6.84 5.89 25.43
CA GLU B 569 -5.76 5.85 26.42
C GLU B 569 -6.32 5.69 27.83
N CYS B 570 -7.35 6.46 28.17
CA CYS B 570 -7.93 6.39 29.50
C CYS B 570 -8.53 5.01 29.78
N TYR B 571 -9.23 4.45 28.79
CA TYR B 571 -9.85 3.14 28.95
C TYR B 571 -8.80 2.05 29.07
N SER B 572 -7.70 2.17 28.32
CA SER B 572 -6.61 1.21 28.46
C SER B 572 -5.95 1.32 29.82
N ASN B 573 -5.92 2.52 30.40
CA ASN B 573 -5.26 2.69 31.69
C ASN B 573 -6.08 2.06 32.81
N SER B 574 -7.33 2.49 32.98
CA SER B 574 -8.14 2.11 34.13
C SER B 574 -9.33 1.22 33.77
N GLU B 575 -10.18 1.66 32.83
CA GLU B 575 -11.35 0.93 32.37
C GLU B 575 -12.47 0.96 33.42
N ASP B 576 -12.15 1.43 34.62
CA ASP B 576 -13.14 1.69 35.65
C ASP B 576 -13.30 3.18 35.92
N ARG B 577 -12.18 3.92 35.88
CA ARG B 577 -12.26 5.37 35.96
C ARG B 577 -12.77 5.95 34.64
N ALA B 578 -12.64 5.21 33.54
CA ALA B 578 -13.12 5.69 32.26
C ALA B 578 -14.63 5.84 32.26
N TYR B 579 -15.35 4.90 32.87
CA TYR B 579 -16.80 5.02 32.96
C TYR B 579 -17.20 6.23 33.78
N SER B 580 -16.53 6.46 34.91
CA SER B 580 -16.82 7.63 35.72
C SER B 580 -16.54 8.91 34.95
N LEU B 581 -15.46 8.92 34.17
CA LEU B 581 -15.17 10.07 33.32
C LEU B 581 -16.28 10.30 32.30
N LEU B 582 -16.80 9.20 31.73
CA LEU B 582 -17.88 9.32 30.76
C LEU B 582 -19.15 9.89 31.40
N VAL B 583 -19.48 9.46 32.62
CA VAL B 583 -20.77 9.77 33.20
C VAL B 583 -20.71 10.86 34.25
N ARG B 584 -19.54 11.47 34.47
CA ARG B 584 -19.48 12.53 35.47
C ARG B 584 -20.01 13.84 34.89
N LYS B 585 -20.37 14.75 35.79
CA LYS B 585 -20.83 16.07 35.41
C LYS B 585 -19.63 17.01 35.38
N THR B 586 -19.23 17.41 34.17
CA THR B 586 -18.04 18.23 34.00
C THR B 586 -18.24 19.61 34.64
N CYS B 587 -17.21 20.08 35.34
CA CYS B 587 -17.29 21.38 35.98
C CYS B 587 -17.13 22.53 35.00
N CYS B 588 -16.29 22.35 33.97
CA CYS B 588 -15.98 23.45 33.08
C CYS B 588 -17.09 23.68 32.04
N TRP B 589 -18.00 22.73 31.87
CA TRP B 589 -19.02 22.81 30.84
C TRP B 589 -20.44 22.78 31.41
N SER B 590 -20.64 23.49 32.52
CA SER B 590 -21.96 23.70 33.11
C SER B 590 -22.66 22.37 33.43
N LYS B 591 -21.95 21.52 34.15
CA LYS B 591 -22.49 20.26 34.66
C LYS B 591 -23.08 19.41 33.54
N ALA B 592 -22.36 19.34 32.42
CA ALA B 592 -22.79 18.55 31.28
C ALA B 592 -21.97 17.28 31.20
N THR B 593 -22.67 16.15 31.12
CA THR B 593 -22.04 14.85 30.98
C THR B 593 -21.32 14.76 29.64
N VAL B 594 -20.18 14.06 29.63
CA VAL B 594 -19.43 13.88 28.39
C VAL B 594 -20.30 13.19 27.35
N LEU B 595 -21.12 12.24 27.76
CA LEU B 595 -22.06 11.61 26.84
C LEU B 595 -23.07 12.62 26.32
N ASN B 596 -23.50 13.56 27.16
CA ASN B 596 -24.42 14.59 26.71
C ASN B 596 -23.78 15.45 25.63
N ILE B 597 -22.51 15.81 25.81
CA ILE B 597 -21.83 16.64 24.81
C ILE B 597 -21.61 15.85 23.53
N ALA B 598 -21.30 14.56 23.65
CA ALA B 598 -21.16 13.72 22.46
C ALA B 598 -22.47 13.63 21.70
N THR B 599 -23.59 13.52 22.42
CA THR B 599 -24.89 13.55 21.77
C THR B 599 -25.14 14.88 21.08
N LEU B 600 -24.79 15.98 21.75
CA LEU B 600 -24.93 17.30 21.15
C LEU B 600 -24.06 17.43 19.90
N ALA B 601 -22.82 16.93 19.96
CA ALA B 601 -21.92 17.00 18.83
C ALA B 601 -22.24 15.97 17.76
N GLU B 602 -23.13 15.01 18.05
CA GLU B 602 -23.40 13.90 17.15
C GLU B 602 -22.11 13.19 16.74
N ALA B 603 -21.23 13.01 17.72
CA ALA B 603 -19.94 12.34 17.50
C ALA B 603 -20.21 10.83 17.40
N LYS B 604 -20.65 10.41 16.22
CA LYS B 604 -20.99 9.01 16.03
C LYS B 604 -19.77 8.11 16.20
N CYS B 605 -18.62 8.54 15.70
CA CYS B 605 -17.41 7.75 15.85
C CYS B 605 -17.00 7.61 17.32
N PHE B 606 -17.33 8.61 18.15
CA PHE B 606 -17.03 8.50 19.57
C PHE B 606 -17.87 7.42 20.24
N PHE B 607 -19.17 7.39 19.95
CA PHE B 607 -20.04 6.39 20.55
C PHE B 607 -19.70 4.99 20.05
N ALA B 608 -19.05 4.88 18.89
CA ALA B 608 -18.65 3.58 18.39
C ALA B 608 -17.43 3.03 19.12
N HIS B 609 -16.82 3.80 20.01
CA HIS B 609 -15.64 3.35 20.72
C HIS B 609 -15.99 2.16 21.61
N ASP B 610 -14.99 1.30 21.83
CA ASP B 610 -15.22 0.07 22.60
C ASP B 610 -15.61 0.38 24.04
N GLY B 611 -15.00 1.39 24.65
CA GLY B 611 -15.32 1.71 26.03
C GLY B 611 -16.75 2.21 26.20
N VAL B 612 -17.18 3.10 25.31
CA VAL B 612 -18.55 3.62 25.39
C VAL B 612 -19.55 2.51 25.16
N GLN B 613 -19.29 1.63 24.19
CA GLN B 613 -20.18 0.52 23.94
C GLN B 613 -20.21 -0.45 25.12
N ALA B 614 -19.06 -0.65 25.76
CA ALA B 614 -19.03 -1.52 26.94
C ALA B 614 -19.84 -0.92 28.09
N LEU B 615 -19.73 0.40 28.30
CA LEU B 615 -20.56 1.03 29.32
C LEU B 615 -22.04 0.92 28.98
N LEU B 616 -22.38 1.10 27.70
CA LEU B 616 -23.77 0.98 27.29
C LEU B 616 -24.29 -0.43 27.49
N THR B 617 -23.46 -1.44 27.21
CA THR B 617 -23.85 -2.82 27.48
C THR B 617 -24.03 -3.06 28.96
N LYS B 618 -23.16 -2.47 29.78
CA LYS B 618 -23.29 -2.62 31.23
C LYS B 618 -24.60 -2.01 31.72
N VAL B 619 -24.99 -0.88 31.15
CA VAL B 619 -26.29 -0.29 31.48
C VAL B 619 -27.42 -1.16 30.96
N TRP B 620 -27.23 -1.76 29.79
CA TRP B 620 -28.29 -2.52 29.12
C TRP B 620 -28.71 -3.72 29.96
N TRP B 621 -27.73 -4.43 30.53
CA TRP B 621 -28.01 -5.62 31.31
C TRP B 621 -28.39 -5.32 32.75
N GLY B 622 -28.30 -4.06 33.17
CA GLY B 622 -28.68 -3.73 34.53
C GLY B 622 -27.84 -4.47 35.55
N ALA B 623 -28.50 -5.06 36.54
CA ALA B 623 -27.79 -5.77 37.59
C ALA B 623 -27.26 -7.12 37.13
N MET B 624 -27.80 -7.68 36.06
CA MET B 624 -27.34 -8.97 35.59
C MET B 624 -25.95 -8.86 34.99
N ARG B 625 -25.26 -9.99 34.90
CA ARG B 625 -23.93 -10.03 34.30
C ARG B 625 -24.03 -9.93 32.79
N THR B 626 -23.11 -9.19 32.19
CA THR B 626 -23.16 -8.91 30.76
C THR B 626 -22.95 -10.16 29.92
N ASP B 627 -22.40 -11.22 30.50
CA ASP B 627 -22.16 -12.45 29.74
C ASP B 627 -23.31 -13.44 29.83
N THR B 628 -24.44 -13.03 30.42
CA THR B 628 -25.59 -13.92 30.55
C THR B 628 -26.08 -14.35 29.18
N SER B 629 -26.29 -15.64 29.00
CA SER B 629 -26.74 -16.17 27.73
C SER B 629 -28.18 -15.75 27.45
N ILE B 630 -28.45 -15.48 26.17
CA ILE B 630 -29.79 -15.06 25.78
C ILE B 630 -30.81 -16.17 26.01
N SER B 631 -30.41 -17.42 25.75
CA SER B 631 -31.33 -18.54 25.99
C SER B 631 -31.69 -18.66 27.46
N ARG B 632 -30.69 -18.59 28.34
CA ARG B 632 -30.97 -18.62 29.77
C ARG B 632 -31.81 -17.43 30.19
N LEU B 633 -31.55 -16.27 29.60
CA LEU B 633 -32.30 -15.06 29.95
C LEU B 633 -33.77 -15.19 29.59
N VAL B 634 -34.07 -15.63 28.36
CA VAL B 634 -35.46 -15.77 27.97
C VAL B 634 -36.13 -16.90 28.72
N LEU B 635 -35.37 -17.96 29.04
CA LEU B 635 -35.92 -19.03 29.86
C LEU B 635 -36.32 -18.53 31.24
N THR B 636 -35.48 -17.69 31.84
CA THR B 636 -35.84 -17.08 33.13
C THR B 636 -37.04 -16.16 32.98
N PHE B 637 -37.09 -15.40 31.88
CA PHE B 637 -38.18 -14.46 31.68
C PHE B 637 -39.52 -15.17 31.57
N PHE B 638 -39.57 -16.28 30.82
CA PHE B 638 -40.86 -16.92 30.56
C PHE B 638 -41.43 -17.61 31.79
N ILE B 639 -40.58 -18.12 32.68
CA ILE B 639 -41.03 -18.68 33.95
C ILE B 639 -40.45 -17.83 35.07
N PRO B 640 -41.25 -16.91 35.63
CA PRO B 640 -40.72 -15.91 36.57
C PRO B 640 -40.03 -16.51 37.79
N PRO B 641 -40.54 -17.59 38.40
CA PRO B 641 -39.94 -18.05 39.66
C PRO B 641 -38.47 -18.42 39.57
N LEU B 642 -37.95 -18.73 38.38
CA LEU B 642 -36.53 -19.05 38.27
C LEU B 642 -35.62 -17.86 38.47
N VAL B 643 -36.15 -16.67 38.77
CA VAL B 643 -35.29 -15.52 39.04
C VAL B 643 -34.50 -15.74 40.32
N TRP B 644 -35.10 -16.38 41.32
CA TRP B 644 -34.43 -16.59 42.60
C TRP B 644 -33.42 -17.74 42.55
N THR B 645 -33.46 -18.55 41.51
CA THR B 645 -32.47 -19.61 41.31
C THR B 645 -31.16 -18.95 40.86
N SER B 646 -30.06 -19.69 40.90
CA SER B 646 -28.76 -19.20 40.46
C SER B 646 -28.55 -19.40 38.97
N LEU B 647 -29.64 -19.48 38.21
CA LEU B 647 -29.53 -19.72 36.78
C LEU B 647 -28.82 -18.57 36.07
N ILE B 648 -29.08 -17.34 36.49
CA ILE B 648 -28.46 -16.15 35.91
C ILE B 648 -27.66 -15.44 37.00
N LYS B 649 -26.40 -15.14 36.70
CA LYS B 649 -25.55 -14.47 37.67
C LYS B 649 -25.89 -13.00 37.77
N PHE B 650 -25.61 -12.41 38.92
CA PHE B 650 -25.94 -11.02 39.20
C PHE B 650 -24.69 -10.28 39.67
N ASN B 651 -24.60 -9.01 39.29
CA ASN B 651 -23.47 -8.20 39.75
C ASN B 651 -23.57 -7.97 41.25
N PRO B 652 -22.44 -8.03 41.97
CA PRO B 652 -22.50 -7.80 43.42
C PRO B 652 -22.92 -6.39 43.76
N GLU B 653 -23.66 -6.25 44.85
CA GLU B 653 -24.14 -4.96 45.33
C GLU B 653 -24.92 -4.20 44.26
N SER B 698 -37.50 -12.71 58.98
CA SER B 698 -38.45 -12.98 57.92
C SER B 698 -38.64 -11.77 57.02
N ALA B 699 -38.74 -10.59 57.65
CA ALA B 699 -38.88 -9.35 56.89
C ALA B 699 -37.65 -9.10 56.01
N THR B 700 -36.46 -9.40 56.55
CA THR B 700 -35.23 -9.23 55.77
C THR B 700 -35.22 -10.14 54.55
N PHE B 701 -35.67 -11.39 54.71
CA PHE B 701 -35.75 -12.30 53.58
C PHE B 701 -36.74 -11.79 52.54
N ILE B 702 -37.88 -11.25 53.00
CA ILE B 702 -38.84 -10.65 52.08
C ILE B 702 -38.19 -9.49 51.32
N ARG B 703 -37.42 -8.67 52.04
CA ARG B 703 -36.70 -7.59 51.38
C ARG B 703 -35.71 -8.14 50.35
N VAL B 704 -35.04 -9.24 50.68
CA VAL B 704 -34.05 -9.80 49.77
C VAL B 704 -34.72 -10.29 48.48
N VAL B 705 -35.82 -11.03 48.61
CA VAL B 705 -36.48 -11.56 47.43
C VAL B 705 -37.10 -10.43 46.61
N LEU B 706 -37.66 -9.42 47.28
CA LEU B 706 -38.19 -8.27 46.56
C LEU B 706 -37.10 -7.54 45.80
N ARG B 707 -35.92 -7.38 46.42
CA ARG B 707 -34.81 -6.71 45.74
C ARG B 707 -34.35 -7.53 44.54
N ARG B 708 -34.27 -8.85 44.68
CA ARG B 708 -33.90 -9.68 43.54
C ARG B 708 -34.91 -9.54 42.40
N TRP B 709 -36.20 -9.57 42.73
CA TRP B 709 -37.24 -9.42 41.71
C TRP B 709 -37.13 -8.08 41.01
N ASN B 710 -36.97 -7.00 41.79
CA ASN B 710 -36.86 -5.67 41.19
C ASN B 710 -35.61 -5.57 40.31
N ARG B 711 -34.48 -6.07 40.80
CA ARG B 711 -33.23 -5.96 40.05
C ARG B 711 -33.29 -6.73 38.75
N PHE B 712 -34.00 -7.87 38.72
CA PHE B 712 -34.14 -8.56 37.45
C PHE B 712 -35.12 -7.85 36.52
N TRP B 713 -36.24 -7.39 37.06
CA TRP B 713 -37.29 -6.84 36.20
C TRP B 713 -37.11 -5.37 35.88
N SER B 714 -36.17 -4.68 36.53
CA SER B 714 -35.88 -3.30 36.18
C SER B 714 -34.77 -3.18 35.15
N ALA B 715 -34.14 -4.28 34.77
CA ALA B 715 -33.08 -4.23 33.77
C ALA B 715 -33.66 -3.80 32.43
N PRO B 716 -32.95 -2.94 31.69
CA PRO B 716 -33.48 -2.50 30.39
C PRO B 716 -33.73 -3.62 29.41
N VAL B 717 -32.93 -4.69 29.45
CA VAL B 717 -33.12 -5.78 28.49
C VAL B 717 -34.40 -6.53 28.77
N THR B 718 -34.72 -6.77 30.05
CA THR B 718 -35.98 -7.41 30.38
C THR B 718 -37.17 -6.53 30.02
N VAL B 719 -37.05 -5.21 30.24
CA VAL B 719 -38.10 -4.29 29.83
C VAL B 719 -38.28 -4.36 28.32
N PHE B 720 -37.19 -4.42 27.57
CA PHE B 720 -37.28 -4.46 26.12
C PHE B 720 -37.95 -5.74 25.64
N MET B 721 -37.59 -6.88 26.24
CA MET B 721 -38.22 -8.12 25.79
C MET B 721 -39.68 -8.18 26.20
N GLY B 722 -40.04 -7.64 27.37
CA GLY B 722 -41.44 -7.55 27.73
C GLY B 722 -42.22 -6.69 26.74
N ASN B 723 -41.64 -5.56 26.35
CA ASN B 723 -42.30 -4.71 25.35
C ASN B 723 -42.45 -5.44 24.03
N VAL B 724 -41.43 -6.19 23.61
CA VAL B 724 -41.50 -6.92 22.35
C VAL B 724 -42.59 -7.99 22.42
N ILE B 725 -42.61 -8.76 23.50
CA ILE B 725 -43.59 -9.84 23.63
C ILE B 725 -45.00 -9.27 23.66
N MET B 726 -45.22 -8.20 24.42
CA MET B 726 -46.56 -7.66 24.49
C MET B 726 -46.95 -6.88 23.25
N TYR B 727 -45.97 -6.42 22.46
CA TYR B 727 -46.29 -5.86 21.15
C TYR B 727 -46.70 -6.95 20.17
N PHE B 728 -46.05 -8.12 20.26
CA PHE B 728 -46.52 -9.26 19.49
C PHE B 728 -47.95 -9.64 19.88
N ALA B 729 -48.23 -9.63 21.18
CA ALA B 729 -49.59 -9.91 21.64
C ALA B 729 -50.57 -8.85 21.14
N PHE B 730 -50.15 -7.58 21.14
CA PHE B 730 -50.98 -6.51 20.63
C PHE B 730 -51.30 -6.71 19.15
N LEU B 731 -50.29 -7.08 18.36
CA LEU B 731 -50.52 -7.31 16.94
C LEU B 731 -51.45 -8.50 16.72
N ILE B 732 -51.26 -9.56 17.52
CA ILE B 732 -52.12 -10.74 17.38
C ILE B 732 -53.57 -10.38 17.71
N LEU B 733 -53.78 -9.62 18.79
CA LEU B 733 -55.12 -9.19 19.13
C LEU B 733 -55.72 -8.29 18.07
N PHE B 734 -54.91 -7.38 17.53
CA PHE B 734 -55.39 -6.49 16.48
C PHE B 734 -55.84 -7.29 15.27
N SER B 735 -55.04 -8.27 14.86
CA SER B 735 -55.41 -9.10 13.72
C SER B 735 -56.65 -9.92 14.00
N TYR B 736 -56.77 -10.47 15.21
CA TYR B 736 -57.95 -11.23 15.56
C TYR B 736 -59.21 -10.37 15.48
N VAL B 737 -59.15 -9.17 16.05
CA VAL B 737 -60.31 -8.27 16.00
C VAL B 737 -60.63 -7.90 14.56
N LEU B 738 -59.59 -7.66 13.75
CA LEU B 738 -59.81 -7.20 12.39
C LEU B 738 -60.39 -8.30 11.51
N LEU B 739 -59.96 -9.55 11.70
CA LEU B 739 -60.29 -10.63 10.78
C LEU B 739 -61.42 -11.52 11.23
N LEU B 740 -61.64 -11.65 12.54
CA LEU B 740 -62.63 -12.60 13.04
C LEU B 740 -63.65 -12.00 14.00
N ASP B 741 -63.36 -10.88 14.65
CA ASP B 741 -64.25 -10.32 15.66
C ASP B 741 -64.51 -8.84 15.39
N PHE B 742 -64.78 -8.51 14.13
CA PHE B 742 -65.19 -7.16 13.75
C PHE B 742 -66.68 -7.17 13.52
N ARG B 743 -67.43 -6.58 14.43
CA ARG B 743 -68.88 -6.67 14.48
C ARG B 743 -69.51 -5.46 13.83
N PRO B 744 -70.81 -5.50 13.58
CA PRO B 744 -71.52 -4.33 13.01
C PRO B 744 -71.41 -3.11 13.91
N PRO B 745 -71.90 -1.97 13.46
CA PRO B 745 -71.81 -0.73 14.25
C PRO B 745 -72.39 -0.87 15.65
N PRO B 746 -72.14 0.12 16.52
CA PRO B 746 -72.51 0.00 17.94
C PRO B 746 -73.98 -0.33 18.17
N PRO B 747 -74.90 0.01 17.24
CA PRO B 747 -76.25 -0.57 17.33
C PRO B 747 -76.23 -2.06 17.64
N TYR B 748 -75.27 -2.78 17.08
CA TYR B 748 -74.99 -4.16 17.44
C TYR B 748 -73.73 -4.31 18.28
N GLY B 749 -73.00 -3.22 18.50
CA GLY B 749 -71.93 -3.19 19.47
C GLY B 749 -70.60 -3.71 18.96
N PRO B 750 -69.53 -2.97 19.22
CA PRO B 750 -68.19 -3.52 19.01
C PRO B 750 -67.93 -4.66 19.97
N SER B 751 -67.10 -5.60 19.53
CA SER B 751 -66.80 -6.77 20.35
C SER B 751 -66.05 -6.35 21.61
N ALA B 752 -66.09 -7.23 22.61
CA ALA B 752 -65.33 -6.97 23.83
C ALA B 752 -63.83 -6.91 23.53
N ALA B 753 -63.35 -7.79 22.65
CA ALA B 753 -61.96 -7.73 22.22
C ALA B 753 -61.66 -6.39 21.55
N GLU B 754 -62.62 -5.81 20.84
CA GLU B 754 -62.39 -4.49 20.25
C GLU B 754 -62.23 -3.42 21.32
N ILE B 755 -63.03 -3.50 22.39
CA ILE B 755 -62.86 -2.55 23.49
C ILE B 755 -61.50 -2.71 24.14
N ILE B 756 -61.07 -3.97 24.34
CA ILE B 756 -59.76 -4.22 24.91
C ILE B 756 -58.68 -3.64 24.01
N LEU B 757 -58.83 -3.80 22.69
CA LEU B 757 -57.88 -3.23 21.75
C LEU B 757 -57.85 -1.71 21.82
N TYR B 758 -59.02 -1.09 21.96
CA TYR B 758 -59.07 0.37 22.07
C TYR B 758 -58.33 0.84 23.31
N PHE B 759 -58.55 0.16 24.43
CA PHE B 759 -57.85 0.52 25.67
C PHE B 759 -56.35 0.30 25.52
N TRP B 760 -55.96 -0.78 24.83
CA TRP B 760 -54.55 -1.06 24.61
C TRP B 760 -53.89 0.05 23.80
N VAL B 761 -54.55 0.49 22.73
CA VAL B 761 -54.01 1.59 21.92
C VAL B 761 -53.97 2.87 22.74
N PHE B 762 -54.96 3.07 23.61
CA PHE B 762 -54.96 4.26 24.47
C PHE B 762 -53.75 4.26 25.40
N THR B 763 -53.43 3.11 25.99
CA THR B 763 -52.24 3.03 26.83
C THR B 763 -50.96 3.23 26.04
N LEU B 764 -50.92 2.70 24.81
CA LEU B 764 -49.76 2.96 23.95
C LEU B 764 -49.60 4.44 23.69
N VAL B 765 -50.70 5.14 23.44
CA VAL B 765 -50.65 6.59 23.21
C VAL B 765 -50.18 7.31 24.46
N LEU B 766 -50.68 6.91 25.63
CA LEU B 766 -50.23 7.52 26.87
C LEU B 766 -48.73 7.35 27.06
N GLU B 767 -48.22 6.16 26.78
CA GLU B 767 -46.79 5.93 26.89
C GLU B 767 -46.00 6.79 25.91
N GLU B 768 -46.49 6.90 24.68
CA GLU B 768 -45.80 7.74 23.71
C GLU B 768 -45.78 9.20 24.15
N ILE B 769 -46.91 9.70 24.65
CA ILE B 769 -46.96 11.09 25.11
C ILE B 769 -46.01 11.30 26.29
N ARG B 770 -46.01 10.38 27.25
CA ARG B 770 -45.11 10.53 28.40
C ARG B 770 -43.66 10.53 27.96
N GLN B 771 -43.30 9.59 27.07
CA GLN B 771 -41.92 9.50 26.60
C GLN B 771 -41.51 10.75 25.85
N SER B 772 -42.40 11.30 25.03
CA SER B 772 -42.02 12.46 24.22
C SER B 772 -41.99 13.75 25.03
N PHE B 773 -42.83 13.89 26.05
CA PHE B 773 -43.04 15.18 26.68
C PHE B 773 -42.63 15.25 28.14
N PHE B 774 -42.93 14.22 28.94
CA PHE B 774 -42.76 14.33 30.38
C PHE B 774 -41.39 13.86 30.86
N THR B 775 -40.49 13.50 29.95
CA THR B 775 -39.13 13.14 30.36
C THR B 775 -38.27 14.35 30.68
N ASP B 776 -38.45 15.45 29.95
CA ASP B 776 -37.69 16.67 30.15
C ASP B 776 -38.56 17.70 30.85
N GLU B 777 -38.14 18.12 32.04
CA GLU B 777 -38.94 19.06 32.83
C GLU B 777 -38.80 20.48 32.29
N ASP B 778 -37.61 20.85 31.80
CA ASP B 778 -37.33 22.21 31.37
C ASP B 778 -37.02 22.22 29.88
N MET B 779 -38.03 22.57 29.08
CA MET B 779 -37.87 22.75 27.63
C MET B 779 -39.17 23.33 27.10
N SER B 780 -39.05 24.13 26.04
CA SER B 780 -40.22 24.74 25.42
C SER B 780 -41.11 23.66 24.81
N ILE B 781 -42.42 23.84 24.98
CA ILE B 781 -43.38 22.87 24.44
C ILE B 781 -43.30 22.84 22.92
N LEU B 782 -43.19 24.01 22.28
CA LEU B 782 -43.06 24.05 20.84
C LEU B 782 -41.75 23.40 20.39
N LYS B 783 -40.67 23.62 21.13
CA LYS B 783 -39.40 22.99 20.80
C LYS B 783 -39.50 21.47 20.89
N LYS B 784 -40.14 20.97 21.94
CA LYS B 784 -40.31 19.52 22.08
C LYS B 784 -41.19 18.97 20.97
N MET B 785 -42.23 19.69 20.60
CA MET B 785 -43.10 19.26 19.50
C MET B 785 -42.32 19.19 18.19
N LYS B 786 -41.50 20.20 17.91
CA LYS B 786 -40.70 20.18 16.69
C LYS B 786 -39.70 19.05 16.69
N LEU B 787 -39.05 18.81 17.84
CA LEU B 787 -38.11 17.70 17.94
C LEU B 787 -38.81 16.37 17.74
N TYR B 788 -40.02 16.23 18.28
CA TYR B 788 -40.78 14.99 18.13
C TYR B 788 -41.16 14.76 16.67
N VAL B 789 -41.71 15.78 16.00
CA VAL B 789 -42.12 15.62 14.62
C VAL B 789 -40.93 15.56 13.66
N GLU B 790 -39.72 15.89 14.14
CA GLU B 790 -38.55 15.79 13.28
C GLU B 790 -38.30 14.34 12.86
N ASP B 791 -38.47 13.39 13.77
CA ASP B 791 -38.25 11.99 13.45
C ASP B 791 -39.29 11.48 12.47
N ASN B 792 -38.84 10.68 11.51
CA ASN B 792 -39.78 10.09 10.54
C ASN B 792 -40.59 8.96 11.18
N TRP B 793 -39.97 8.22 12.10
CA TRP B 793 -40.71 7.15 12.77
C TRP B 793 -41.78 7.70 13.70
N ASN B 794 -41.53 8.85 14.32
CA ASN B 794 -42.60 9.51 15.06
C ASN B 794 -43.70 9.99 14.13
N LYS B 795 -43.34 10.41 12.92
CA LYS B 795 -44.36 10.71 11.92
C LYS B 795 -45.20 9.47 11.61
N CYS B 796 -44.54 8.31 11.51
CA CYS B 796 -45.28 7.08 11.27
C CYS B 796 -46.21 6.76 12.44
N ASP B 797 -45.74 6.99 13.67
CA ASP B 797 -46.59 6.77 14.84
C ASP B 797 -47.80 7.69 14.84
N MET B 798 -47.59 8.97 14.49
CA MET B 798 -48.72 9.90 14.40
C MET B 798 -49.69 9.47 13.32
N VAL B 799 -49.17 8.99 12.18
CA VAL B 799 -50.04 8.48 11.13
C VAL B 799 -50.84 7.29 11.64
N ALA B 800 -50.19 6.40 12.38
CA ALA B 800 -50.88 5.23 12.91
C ALA B 800 -52.02 5.63 13.83
N ILE B 801 -51.77 6.56 14.75
CA ILE B 801 -52.82 6.92 15.70
C ILE B 801 -53.92 7.73 15.02
N SER B 802 -53.56 8.57 14.05
CA SER B 802 -54.59 9.29 13.30
C SER B 802 -55.48 8.32 12.54
N LEU B 803 -54.88 7.31 11.93
CA LEU B 803 -55.68 6.29 11.25
C LEU B 803 -56.54 5.54 12.25
N PHE B 804 -56.02 5.25 13.43
CA PHE B 804 -56.81 4.53 14.42
C PHE B 804 -58.03 5.32 14.84
N VAL B 805 -57.86 6.61 15.14
CA VAL B 805 -58.98 7.41 15.62
C VAL B 805 -59.99 7.63 14.50
N VAL B 806 -59.50 7.85 13.27
CA VAL B 806 -60.41 8.01 12.14
C VAL B 806 -61.21 6.73 11.90
N GLY B 807 -60.53 5.58 11.95
CA GLY B 807 -61.22 4.32 11.74
C GLY B 807 -62.23 4.03 12.83
N LEU B 808 -61.87 4.32 14.08
CA LEU B 808 -62.80 4.13 15.18
C LEU B 808 -64.04 5.01 15.02
N SER B 809 -63.83 6.28 14.68
CA SER B 809 -64.96 7.19 14.49
C SER B 809 -65.85 6.72 13.35
N CYS B 810 -65.26 6.31 12.24
CA CYS B 810 -66.05 5.84 11.11
C CYS B 810 -66.78 4.53 11.44
N ARG B 811 -66.15 3.67 12.24
CA ARG B 811 -66.77 2.41 12.61
C ARG B 811 -67.93 2.61 13.57
N MET B 812 -67.88 3.66 14.41
CA MET B 812 -69.01 3.96 15.25
C MET B 812 -70.26 4.30 14.44
N ALA B 813 -70.07 4.83 13.24
CA ALA B 813 -71.21 5.14 12.37
C ALA B 813 -71.65 3.89 11.63
N MET B 814 -72.71 4.02 10.84
CA MET B 814 -73.19 2.94 9.99
C MET B 814 -73.05 3.22 8.51
N SER B 815 -73.00 4.50 8.11
CA SER B 815 -72.81 4.84 6.71
C SER B 815 -71.35 4.86 6.31
N THR B 816 -70.43 4.83 7.28
CA THR B 816 -69.00 4.82 7.01
C THR B 816 -68.32 3.61 7.64
N TYR B 817 -69.08 2.54 7.87
CA TYR B 817 -68.55 1.37 8.55
C TYR B 817 -67.42 0.73 7.74
N GLU B 818 -67.63 0.55 6.44
CA GLU B 818 -66.61 -0.08 5.60
C GLU B 818 -65.38 0.79 5.49
N ALA B 819 -65.55 2.11 5.45
CA ALA B 819 -64.40 3.01 5.43
C ALA B 819 -63.58 2.87 6.70
N GLY B 820 -64.25 2.76 7.84
CA GLY B 820 -63.54 2.55 9.09
C GLY B 820 -62.80 1.23 9.11
N ARG B 821 -63.42 0.17 8.59
CA ARG B 821 -62.75 -1.12 8.52
C ARG B 821 -61.51 -1.05 7.64
N THR B 822 -61.61 -0.36 6.50
CA THR B 822 -60.47 -0.21 5.62
C THR B 822 -59.34 0.57 6.29
N VAL B 823 -59.69 1.65 6.99
CA VAL B 823 -58.68 2.45 7.66
C VAL B 823 -57.98 1.64 8.75
N LEU B 824 -58.75 0.85 9.51
CA LEU B 824 -58.15 0.00 10.53
C LEU B 824 -57.25 -1.06 9.90
N ALA B 825 -57.64 -1.58 8.73
CA ALA B 825 -56.80 -2.53 8.03
C ALA B 825 -55.47 -1.91 7.65
N LEU B 826 -55.50 -0.66 7.17
CA LEU B 826 -54.25 0.05 6.89
C LEU B 826 -53.44 0.26 8.16
N ASP B 827 -54.12 0.59 9.27
CA ASP B 827 -53.43 0.84 10.52
C ASP B 827 -52.69 -0.40 11.02
N PHE B 828 -53.26 -1.58 10.79
CA PHE B 828 -52.56 -2.80 11.17
C PHE B 828 -51.21 -2.89 10.46
N MET B 829 -51.19 -2.57 9.17
CA MET B 829 -49.95 -2.56 8.42
C MET B 829 -48.98 -1.54 8.99
N VAL B 830 -49.49 -0.36 9.36
CA VAL B 830 -48.61 0.67 9.92
C VAL B 830 -47.97 0.19 11.22
N PHE B 831 -48.75 -0.44 12.09
CA PHE B 831 -48.19 -0.94 13.35
C PHE B 831 -47.17 -2.06 13.11
N THR B 832 -47.50 -2.99 12.21
CA THR B 832 -46.56 -4.04 11.87
C THR B 832 -45.26 -3.46 11.34
N LEU B 833 -45.33 -2.35 10.61
CA LEU B 833 -44.10 -1.68 10.19
C LEU B 833 -43.38 -1.03 11.36
N ARG B 834 -44.12 -0.49 12.33
CA ARG B 834 -43.48 0.06 13.53
C ARG B 834 -42.68 -1.00 14.29
N LEU B 835 -43.06 -2.26 14.11
CA LEU B 835 -42.32 -3.34 14.76
C LEU B 835 -40.84 -3.31 14.42
N ILE B 836 -40.50 -2.85 13.22
CA ILE B 836 -39.09 -2.75 12.82
C ILE B 836 -38.36 -1.74 13.70
N HIS B 837 -38.99 -0.57 13.88
CA HIS B 837 -38.42 0.46 14.72
C HIS B 837 -38.24 -0.13 16.12
N ILE B 838 -39.21 -0.93 16.55
CA ILE B 838 -39.13 -1.56 17.87
C ILE B 838 -37.88 -2.43 17.98
N PHE B 839 -37.61 -3.24 16.95
CA PHE B 839 -36.42 -4.10 16.96
C PHE B 839 -35.14 -3.39 16.56
N ALA B 840 -35.19 -2.08 16.32
CA ALA B 840 -33.98 -1.35 15.92
C ALA B 840 -32.82 -1.58 16.88
N ILE B 841 -33.09 -1.76 18.17
CA ILE B 841 -32.02 -1.89 19.16
C ILE B 841 -31.31 -3.23 19.06
N HIS B 842 -31.91 -4.21 18.40
CA HIS B 842 -31.32 -5.54 18.32
C HIS B 842 -29.94 -5.48 17.66
N LYS B 843 -28.99 -6.24 18.21
CA LYS B 843 -27.60 -6.08 17.78
C LYS B 843 -27.37 -6.69 16.40
N GLN B 844 -28.12 -7.74 16.05
CA GLN B 844 -27.91 -8.36 14.75
C GLN B 844 -28.68 -7.65 13.65
N LEU B 845 -29.83 -7.05 13.98
CA LEU B 845 -30.73 -6.51 12.97
C LEU B 845 -30.57 -5.01 12.73
N GLY B 846 -30.12 -4.25 13.73
CA GLY B 846 -30.04 -2.81 13.61
C GLY B 846 -29.23 -2.31 12.44
N PRO B 847 -28.01 -2.83 12.28
CA PRO B 847 -27.23 -2.49 11.08
C PRO B 847 -27.95 -2.79 9.79
N LYS B 848 -28.72 -3.87 9.73
CA LYS B 848 -29.49 -4.17 8.52
C LYS B 848 -30.56 -3.11 8.28
N ILE B 849 -31.19 -2.63 9.34
CA ILE B 849 -32.19 -1.57 9.20
C ILE B 849 -31.54 -0.32 8.63
N ILE B 850 -30.37 0.05 9.17
CA ILE B 850 -29.66 1.21 8.66
C ILE B 850 -29.31 1.03 7.18
N ILE B 851 -28.83 -0.17 6.83
CA ILE B 851 -28.43 -0.42 5.45
C ILE B 851 -29.62 -0.29 4.51
N VAL B 852 -30.78 -0.84 4.91
CA VAL B 852 -31.98 -0.74 4.06
C VAL B 852 -32.39 0.72 3.89
N GLU B 853 -32.37 1.48 4.98
CA GLU B 853 -32.68 2.90 4.89
C GLU B 853 -31.73 3.60 3.93
N ARG B 854 -30.50 3.11 3.82
CA ARG B 854 -29.57 3.66 2.83
C ARG B 854 -29.92 3.23 1.40
N MET B 855 -30.31 1.97 1.22
CA MET B 855 -30.60 1.47 -0.13
C MET B 855 -31.87 2.08 -0.72
N ILE B 856 -32.71 2.70 0.12
CA ILE B 856 -33.90 3.38 -0.39
C ILE B 856 -33.57 4.36 -1.52
N LYS B 857 -32.40 5.01 -1.46
CA LYS B 857 -32.03 5.98 -2.49
C LYS B 857 -31.85 5.29 -3.84
N ASP B 858 -31.15 4.16 -3.86
CA ASP B 858 -31.00 3.40 -5.10
C ASP B 858 -32.35 2.90 -5.58
N VAL B 859 -33.22 2.53 -4.64
CA VAL B 859 -34.59 2.15 -5.02
C VAL B 859 -35.26 3.28 -5.77
N PHE B 860 -35.08 4.52 -5.30
CA PHE B 860 -35.74 5.64 -5.96
C PHE B 860 -35.14 5.93 -7.33
N PHE B 861 -33.81 5.79 -7.46
CA PHE B 861 -33.20 5.95 -8.78
C PHE B 861 -33.79 4.94 -9.78
N PHE B 862 -33.82 3.67 -9.39
CA PHE B 862 -34.42 2.66 -10.24
C PHE B 862 -35.89 2.96 -10.53
N LEU B 863 -36.59 3.51 -9.54
CA LEU B 863 -37.99 3.86 -9.73
C LEU B 863 -38.15 4.93 -10.79
N PHE B 864 -37.28 5.94 -10.79
CA PHE B 864 -37.36 6.97 -11.82
C PHE B 864 -37.14 6.37 -13.21
N PHE B 865 -36.07 5.58 -13.35
CA PHE B 865 -35.78 4.98 -14.66
C PHE B 865 -36.94 4.12 -15.13
N LEU B 866 -37.40 3.22 -14.26
CA LEU B 866 -38.48 2.30 -14.61
C LEU B 866 -39.76 3.06 -14.91
N SER B 867 -40.02 4.14 -14.18
CA SER B 867 -41.24 4.92 -14.41
C SER B 867 -41.23 5.55 -15.77
N VAL B 868 -40.10 6.15 -16.18
CA VAL B 868 -40.04 6.76 -17.50
C VAL B 868 -40.25 5.71 -18.58
N TRP B 869 -39.50 4.61 -18.48
CA TRP B 869 -39.61 3.56 -19.50
C TRP B 869 -41.01 2.97 -19.54
N LEU B 870 -41.63 2.79 -18.36
CA LEU B 870 -42.95 2.18 -18.28
C LEU B 870 -44.03 3.11 -18.84
N ILE B 871 -43.94 4.41 -18.55
CA ILE B 871 -44.87 5.35 -19.18
C ILE B 871 -44.78 5.22 -20.68
N ALA B 872 -43.57 5.26 -21.22
CA ALA B 872 -43.41 5.22 -22.68
C ALA B 872 -44.03 3.94 -23.25
N TYR B 873 -43.61 2.78 -22.73
CA TYR B 873 -44.07 1.52 -23.31
C TYR B 873 -45.56 1.32 -23.13
N GLY B 874 -46.08 1.60 -21.92
CA GLY B 874 -47.49 1.36 -21.67
C GLY B 874 -48.39 2.26 -22.51
N VAL B 875 -48.05 3.55 -22.60
CA VAL B 875 -48.85 4.44 -23.41
C VAL B 875 -48.80 4.01 -24.88
N THR B 876 -47.61 3.65 -25.37
CA THR B 876 -47.52 3.24 -26.77
C THR B 876 -48.35 2.00 -27.05
N THR B 877 -48.27 0.99 -26.19
CA THR B 877 -49.01 -0.23 -26.44
C THR B 877 -50.52 -0.02 -26.27
N GLN B 878 -50.92 0.80 -25.30
CA GLN B 878 -52.33 1.08 -25.15
C GLN B 878 -52.89 1.79 -26.37
N ALA B 879 -52.12 2.74 -26.92
CA ALA B 879 -52.54 3.42 -28.14
C ALA B 879 -52.60 2.45 -29.32
N LEU B 880 -51.62 1.56 -29.43
CA LEU B 880 -51.55 0.67 -30.58
C LEU B 880 -52.59 -0.44 -30.52
N LEU B 881 -53.02 -0.82 -29.32
CA LEU B 881 -53.79 -2.02 -29.11
C LEU B 881 -55.26 -1.77 -28.82
N HIS B 882 -55.57 -0.74 -28.03
CA HIS B 882 -56.96 -0.37 -27.72
C HIS B 882 -57.14 1.12 -27.98
N PRO B 883 -57.18 1.52 -29.26
CA PRO B 883 -57.33 2.95 -29.57
C PRO B 883 -58.74 3.46 -29.41
N ASN B 884 -59.72 2.59 -29.17
CA ASN B 884 -61.12 2.98 -29.10
C ASN B 884 -61.73 2.62 -27.75
N ASP B 885 -60.95 2.71 -26.68
CA ASP B 885 -61.45 2.40 -25.34
C ASP B 885 -61.61 3.70 -24.57
N PRO B 886 -62.84 4.19 -24.38
CA PRO B 886 -63.00 5.48 -23.68
C PRO B 886 -62.81 5.40 -22.18
N ARG B 887 -62.85 4.21 -21.59
CA ARG B 887 -62.81 4.09 -20.14
C ARG B 887 -61.45 4.49 -19.59
N ILE B 888 -61.43 5.54 -18.77
CA ILE B 888 -60.17 6.06 -18.25
C ILE B 888 -59.53 5.06 -17.30
N ASP B 889 -60.35 4.38 -16.49
CA ASP B 889 -59.81 3.41 -15.55
C ASP B 889 -59.08 2.29 -16.28
N TRP B 890 -59.66 1.79 -17.36
CA TRP B 890 -59.01 0.73 -18.12
C TRP B 890 -57.83 1.27 -18.92
N VAL B 891 -57.87 2.53 -19.31
CA VAL B 891 -56.70 3.14 -19.95
C VAL B 891 -55.52 3.13 -18.99
N PHE B 892 -55.75 3.57 -17.76
CA PHE B 892 -54.67 3.56 -16.76
C PHE B 892 -54.25 2.14 -16.42
N ARG B 893 -55.20 1.20 -16.38
CA ARG B 893 -54.87 -0.20 -16.16
C ARG B 893 -53.89 -0.68 -17.22
N ARG B 894 -54.33 -0.70 -18.48
CA ARG B 894 -53.50 -1.23 -19.55
C ARG B 894 -52.24 -0.41 -19.79
N ALA B 895 -52.19 0.82 -19.30
CA ALA B 895 -51.00 1.64 -19.50
C ALA B 895 -49.97 1.50 -18.41
N LEU B 896 -50.38 1.29 -17.17
CA LEU B 896 -49.40 1.29 -16.09
C LEU B 896 -49.45 0.05 -15.22
N TYR B 897 -50.64 -0.51 -14.97
CA TYR B 897 -50.75 -1.66 -14.10
C TYR B 897 -50.16 -2.90 -14.76
N ARG B 898 -50.54 -3.16 -16.01
CA ARG B 898 -49.98 -4.33 -16.72
C ARG B 898 -48.49 -4.22 -16.96
N PRO B 899 -47.96 -3.11 -17.50
CA PRO B 899 -46.50 -3.04 -17.67
C PRO B 899 -45.73 -3.17 -16.37
N TYR B 900 -46.30 -2.70 -15.26
CA TYR B 900 -45.66 -2.91 -13.97
C TYR B 900 -45.62 -4.38 -13.63
N LEU B 901 -46.69 -5.11 -13.92
CA LEU B 901 -46.72 -6.54 -13.60
C LEU B 901 -45.85 -7.37 -14.51
N HIS B 902 -45.50 -6.87 -15.70
CA HIS B 902 -44.58 -7.63 -16.55
C HIS B 902 -43.23 -7.82 -15.89
N ILE B 903 -42.88 -6.98 -14.91
CA ILE B 903 -41.59 -7.11 -14.23
C ILE B 903 -41.54 -8.39 -13.43
N PHE B 904 -42.66 -8.78 -12.83
CA PHE B 904 -42.72 -9.92 -11.92
C PHE B 904 -43.24 -11.18 -12.60
N GLY B 905 -42.92 -11.39 -13.86
CA GLY B 905 -43.26 -12.61 -14.56
C GLY B 905 -44.72 -12.73 -14.95
N GLN B 906 -45.51 -11.67 -14.80
CA GLN B 906 -46.92 -11.68 -15.17
C GLN B 906 -47.03 -11.07 -16.56
N ILE B 907 -46.93 -11.92 -17.59
CA ILE B 907 -47.00 -11.46 -18.96
C ILE B 907 -48.23 -12.09 -19.62
N PRO B 908 -49.37 -11.42 -19.60
CA PRO B 908 -50.61 -11.97 -20.20
C PRO B 908 -50.65 -11.83 -21.71
N LEU B 909 -50.04 -12.79 -22.40
CA LEU B 909 -50.02 -12.77 -23.85
C LEU B 909 -51.40 -12.99 -24.44
N GLU B 910 -52.39 -13.38 -23.62
CA GLU B 910 -53.72 -13.64 -24.13
C GLU B 910 -54.39 -12.40 -24.70
N GLU B 911 -53.89 -11.20 -24.39
CA GLU B 911 -54.44 -9.97 -24.93
C GLU B 911 -53.38 -9.04 -25.52
N ILE B 912 -52.19 -9.55 -25.86
CA ILE B 912 -51.17 -8.74 -26.50
C ILE B 912 -50.79 -9.37 -27.83
N ASP B 913 -50.91 -10.68 -27.94
CA ASP B 913 -50.53 -11.44 -29.13
C ASP B 913 -51.78 -11.94 -29.82
N ALA B 914 -51.92 -11.63 -31.11
CA ALA B 914 -53.12 -12.02 -31.84
C ALA B 914 -53.27 -13.52 -31.92
N ALA B 915 -52.17 -14.24 -32.13
CA ALA B 915 -52.25 -15.69 -32.19
C ALA B 915 -52.69 -16.31 -30.87
N LYS B 916 -52.55 -15.57 -29.76
CA LYS B 916 -52.95 -16.06 -28.45
C LYS B 916 -54.21 -15.41 -27.93
N MET B 917 -54.82 -14.50 -28.68
CA MET B 917 -56.09 -13.91 -28.24
C MET B 917 -57.20 -14.93 -28.38
N PRO B 918 -57.94 -15.23 -27.31
CA PRO B 918 -59.03 -16.20 -27.42
C PRO B 918 -60.18 -15.64 -28.21
N ASP B 919 -61.02 -16.54 -28.71
CA ASP B 919 -62.20 -16.15 -29.48
C ASP B 919 -63.35 -15.70 -28.57
N ASP B 920 -63.07 -14.76 -27.66
CA ASP B 920 -64.11 -14.25 -26.78
C ASP B 920 -65.09 -13.39 -27.56
N ASN B 921 -66.27 -13.21 -26.99
CA ASN B 921 -67.36 -12.52 -27.66
C ASN B 921 -67.20 -11.03 -27.42
N CYS B 922 -66.52 -10.35 -28.35
CA CYS B 922 -66.11 -8.97 -28.16
C CYS B 922 -66.82 -8.05 -29.13
N THR B 923 -66.90 -6.77 -28.76
CA THR B 923 -67.60 -5.77 -29.55
C THR B 923 -66.68 -4.60 -29.85
N THR B 924 -67.09 -3.78 -30.82
CA THR B 924 -66.39 -2.55 -31.16
C THR B 924 -67.22 -1.30 -30.92
N ASP B 925 -68.49 -1.43 -30.57
CA ASP B 925 -69.33 -0.28 -30.30
C ASP B 925 -68.86 0.42 -29.04
N VAL B 926 -68.69 1.74 -29.12
CA VAL B 926 -68.23 2.52 -27.98
C VAL B 926 -69.27 2.50 -26.87
N GLN B 927 -70.55 2.61 -27.22
CA GLN B 927 -71.61 2.62 -26.22
C GLN B 927 -71.64 1.31 -25.45
N GLU B 928 -71.52 0.18 -26.17
CA GLU B 928 -71.49 -1.12 -25.50
C GLU B 928 -70.23 -1.29 -24.68
N ILE B 929 -69.10 -0.74 -25.14
CA ILE B 929 -67.84 -0.86 -24.41
C ILE B 929 -67.94 -0.12 -23.09
N ILE B 930 -68.49 1.09 -23.11
CA ILE B 930 -68.55 1.91 -21.90
C ILE B 930 -69.46 1.26 -20.86
N LEU B 931 -70.61 0.75 -21.29
CA LEU B 931 -71.56 0.11 -20.38
C LEU B 931 -71.02 -1.18 -19.78
N GLY B 932 -69.93 -1.73 -20.34
CA GLY B 932 -69.38 -2.96 -19.81
C GLY B 932 -70.13 -4.21 -20.19
N THR B 933 -71.05 -4.13 -21.16
CA THR B 933 -71.81 -5.30 -21.58
C THR B 933 -70.88 -6.36 -22.17
N LEU B 934 -69.95 -5.94 -23.03
CA LEU B 934 -69.02 -6.85 -23.67
C LEU B 934 -67.63 -6.24 -23.61
N PRO B 935 -66.59 -7.07 -23.49
CA PRO B 935 -65.23 -6.55 -23.46
C PRO B 935 -64.86 -5.93 -24.78
N PRO B 936 -63.99 -4.91 -24.79
CA PRO B 936 -63.59 -4.29 -26.06
C PRO B 936 -62.81 -5.28 -26.92
N CYS B 937 -62.98 -5.14 -28.23
CA CYS B 937 -62.21 -5.98 -29.14
C CYS B 937 -60.85 -5.34 -29.40
N PRO B 938 -59.76 -6.00 -29.01
CA PRO B 938 -58.43 -5.41 -29.21
C PRO B 938 -58.09 -5.26 -30.68
N ASN B 939 -57.36 -4.18 -30.97
CA ASN B 939 -56.96 -3.88 -32.33
C ASN B 939 -55.73 -4.69 -32.70
N ILE B 940 -55.78 -5.34 -33.86
CA ILE B 940 -54.69 -6.20 -34.31
C ILE B 940 -54.17 -5.69 -35.65
N TYR B 941 -54.24 -4.38 -35.87
CA TYR B 941 -53.79 -3.79 -37.13
C TYR B 941 -52.33 -4.12 -37.40
N ALA B 942 -51.44 -3.59 -36.57
CA ALA B 942 -50.01 -3.89 -36.66
C ALA B 942 -49.61 -4.50 -35.33
N ASN B 943 -49.81 -5.81 -35.20
CA ASN B 943 -49.51 -6.49 -33.96
C ASN B 943 -48.09 -6.99 -33.87
N TRP B 944 -47.40 -7.11 -35.02
CA TRP B 944 -45.97 -7.41 -34.97
C TRP B 944 -45.23 -6.31 -34.24
N LEU B 945 -45.65 -5.05 -34.45
CA LEU B 945 -45.05 -3.94 -33.72
C LEU B 945 -45.29 -4.07 -32.23
N VAL B 946 -46.51 -4.47 -31.84
CA VAL B 946 -46.82 -4.61 -30.41
C VAL B 946 -45.98 -5.71 -29.79
N ILE B 947 -45.85 -6.84 -30.48
CA ILE B 947 -45.04 -7.94 -29.96
C ILE B 947 -43.57 -7.54 -29.87
N LEU B 948 -43.06 -6.84 -30.88
CA LEU B 948 -41.68 -6.38 -30.84
C LEU B 948 -41.44 -5.41 -29.70
N LEU B 949 -42.39 -4.50 -29.48
CA LEU B 949 -42.26 -3.57 -28.36
C LEU B 949 -42.30 -4.31 -27.03
N LEU B 950 -43.16 -5.33 -26.92
CA LEU B 950 -43.19 -6.12 -25.70
C LEU B 950 -41.87 -6.83 -25.47
N VAL B 951 -41.27 -7.37 -26.53
CA VAL B 951 -39.99 -8.06 -26.39
C VAL B 951 -38.91 -7.07 -25.95
N ILE B 952 -38.87 -5.89 -26.56
CA ILE B 952 -37.87 -4.89 -26.20
C ILE B 952 -38.06 -4.43 -24.75
N TYR B 953 -39.31 -4.18 -24.36
CA TYR B 953 -39.58 -3.75 -23.00
C TYR B 953 -39.21 -4.82 -21.99
N LEU B 954 -39.55 -6.09 -22.29
CA LEU B 954 -39.19 -7.17 -21.38
C LEU B 954 -37.68 -7.26 -21.24
N LEU B 955 -36.96 -7.24 -22.37
CA LEU B 955 -35.51 -7.26 -22.32
C LEU B 955 -34.99 -6.14 -21.43
N VAL B 956 -35.33 -4.89 -21.77
CA VAL B 956 -34.80 -3.74 -21.03
C VAL B 956 -35.11 -3.88 -19.55
N THR B 957 -36.38 -3.94 -19.20
CA THR B 957 -36.78 -3.96 -17.79
C THR B 957 -36.20 -5.17 -17.05
N ASN B 958 -36.57 -6.37 -17.49
CA ASN B 958 -36.22 -7.57 -16.74
C ASN B 958 -34.73 -7.91 -16.81
N VAL B 959 -33.93 -7.25 -17.65
CA VAL B 959 -32.51 -7.56 -17.64
C VAL B 959 -31.71 -6.34 -17.23
N LEU B 960 -31.75 -5.29 -18.06
CA LEU B 960 -30.86 -4.15 -17.84
C LEU B 960 -31.20 -3.45 -16.53
N LEU B 961 -32.48 -3.09 -16.34
CA LEU B 961 -32.85 -2.32 -15.16
C LEU B 961 -32.70 -3.14 -13.87
N LEU B 962 -33.15 -4.41 -13.90
CA LEU B 962 -33.07 -5.22 -12.70
C LEU B 962 -31.63 -5.52 -12.31
N ASN B 963 -30.79 -5.87 -13.29
CA ASN B 963 -29.40 -6.14 -12.98
C ASN B 963 -28.66 -4.88 -12.58
N LEU B 964 -29.04 -3.73 -13.14
CA LEU B 964 -28.46 -2.47 -12.70
C LEU B 964 -28.83 -2.19 -11.25
N LEU B 965 -30.08 -2.47 -10.88
CA LEU B 965 -30.48 -2.32 -9.49
C LEU B 965 -29.68 -3.25 -8.59
N ILE B 966 -29.46 -4.49 -9.02
CA ILE B 966 -28.67 -5.43 -8.23
C ILE B 966 -27.25 -4.92 -8.05
N ALA B 967 -26.64 -4.43 -9.13
CA ALA B 967 -25.27 -3.91 -9.04
C ALA B 967 -25.19 -2.69 -8.14
N MET B 968 -26.16 -1.78 -8.25
CA MET B 968 -26.20 -0.62 -7.37
C MET B 968 -26.33 -1.04 -5.92
N PHE B 969 -27.17 -2.04 -5.64
CA PHE B 969 -27.31 -2.52 -4.28
C PHE B 969 -26.01 -3.12 -3.77
N SER B 970 -25.32 -3.90 -4.60
CA SER B 970 -24.06 -4.48 -4.18
C SER B 970 -23.04 -3.40 -3.83
N TYR B 971 -22.88 -2.42 -4.72
CA TYR B 971 -21.92 -1.36 -4.48
C TYR B 971 -22.29 -0.54 -3.25
N THR B 972 -23.57 -0.22 -3.09
CA THR B 972 -24.00 0.57 -1.94
C THR B 972 -23.80 -0.19 -0.65
N PHE B 973 -24.08 -1.50 -0.65
CA PHE B 973 -23.84 -2.31 0.53
C PHE B 973 -22.37 -2.27 0.92
N GLN B 974 -21.49 -2.49 -0.05
CA GLN B 974 -20.06 -2.46 0.23
C GLN B 974 -19.62 -1.11 0.79
N VAL B 975 -20.12 -0.02 0.20
CA VAL B 975 -19.71 1.30 0.69
C VAL B 975 -20.29 1.60 2.06
N VAL B 976 -21.51 1.17 2.36
CA VAL B 976 -22.24 1.65 3.51
C VAL B 976 -21.94 0.84 4.78
N GLN B 977 -21.70 -0.46 4.65
CA GLN B 977 -21.74 -1.35 5.81
C GLN B 977 -20.94 -0.81 7.00
N GLU B 978 -19.72 -0.31 6.75
CA GLU B 978 -18.89 0.16 7.86
C GLU B 978 -19.51 1.38 8.56
N ASN B 979 -20.02 2.34 7.80
CA ASN B 979 -20.66 3.50 8.42
C ASN B 979 -21.98 3.12 9.06
N ALA B 980 -22.67 2.13 8.51
CA ALA B 980 -23.93 1.67 9.08
C ALA B 980 -23.71 1.09 10.45
N ASP B 981 -22.61 0.36 10.66
CA ASP B 981 -22.32 -0.18 11.98
C ASP B 981 -22.13 0.95 13.01
N ILE B 982 -21.37 1.98 12.64
CA ILE B 982 -21.12 3.10 13.55
C ILE B 982 -22.42 3.84 13.84
N PHE B 983 -23.23 4.07 12.82
CA PHE B 983 -24.51 4.73 13.03
C PHE B 983 -25.42 3.91 13.92
N TRP B 984 -25.38 2.58 13.78
CA TRP B 984 -26.17 1.73 14.67
C TRP B 984 -25.73 1.88 16.10
N LYS B 985 -24.41 1.93 16.34
CA LYS B 985 -23.93 2.10 17.72
C LYS B 985 -24.38 3.44 18.29
N PHE B 986 -24.28 4.50 17.49
CA PHE B 986 -24.71 5.82 17.95
C PHE B 986 -26.19 5.83 18.28
N GLN B 987 -27.00 5.18 17.44
CA GLN B 987 -28.44 5.08 17.70
C GLN B 987 -28.71 4.25 18.94
N ARG B 988 -27.93 3.19 19.13
CA ARG B 988 -28.10 2.30 20.28
C ARG B 988 -27.90 3.05 21.57
N TYR B 989 -26.96 4.01 21.59
CA TYR B 989 -26.81 4.83 22.79
C TYR B 989 -28.13 5.49 23.18
N ASN B 990 -28.76 6.18 22.22
CA ASN B 990 -29.99 6.91 22.50
C ASN B 990 -31.11 5.96 22.89
N LEU B 991 -31.19 4.80 22.22
CA LEU B 991 -32.26 3.86 22.54
C LEU B 991 -32.10 3.30 23.94
N ILE B 992 -30.86 3.01 24.35
CA ILE B 992 -30.63 2.51 25.70
C ILE B 992 -30.95 3.58 26.73
N VAL B 993 -30.58 4.84 26.44
CA VAL B 993 -30.93 5.92 27.35
C VAL B 993 -32.45 6.03 27.47
N GLU B 994 -33.12 5.80 26.36
CA GLU B 994 -34.57 5.87 26.29
C GLU B 994 -35.22 4.74 27.13
N TYR B 995 -34.64 3.55 27.10
CA TYR B 995 -35.11 2.41 27.89
C TYR B 995 -34.74 2.52 29.35
N HIS B 996 -33.74 3.35 29.69
CA HIS B 996 -33.41 3.57 31.09
C HIS B 996 -34.57 4.18 31.86
N SER B 997 -35.22 5.18 31.29
CA SER B 997 -36.30 5.89 31.98
C SER B 997 -37.67 5.27 31.74
N ARG B 998 -37.78 4.29 30.88
CA ARG B 998 -39.07 3.70 30.54
C ARG B 998 -39.58 2.86 31.70
N PRO B 999 -40.86 2.96 32.05
CA PRO B 999 -41.40 2.10 33.12
C PRO B 999 -41.29 0.63 32.77
N ALA B 1000 -41.08 -0.19 33.80
CA ALA B 1000 -40.76 -1.60 33.60
C ALA B 1000 -41.94 -2.43 33.10
N LEU B 1001 -43.14 -1.87 33.14
CA LEU B 1001 -44.34 -2.61 32.72
C LEU B 1001 -44.80 -2.30 31.29
N ALA B 1002 -44.77 -3.32 30.44
CA ALA B 1002 -45.20 -3.18 29.06
C ALA B 1002 -46.71 -2.98 28.98
N PRO B 1003 -47.17 -2.18 28.00
CA PRO B 1003 -48.60 -1.92 27.81
C PRO B 1003 -49.33 -3.18 27.39
N PRO B 1004 -50.60 -3.35 27.81
CA PRO B 1004 -51.52 -2.33 28.31
C PRO B 1004 -51.38 -2.10 29.81
N PHE B 1005 -50.51 -2.88 30.44
CA PHE B 1005 -50.27 -2.77 31.88
C PHE B 1005 -49.71 -1.41 32.28
N ILE B 1006 -48.85 -0.86 31.42
CA ILE B 1006 -48.22 0.45 31.61
C ILE B 1006 -49.11 1.52 32.26
N ILE B 1007 -50.42 1.34 32.20
CA ILE B 1007 -51.32 2.30 32.84
C ILE B 1007 -51.12 2.29 34.35
N ILE B 1008 -50.81 1.12 34.93
CA ILE B 1008 -50.51 1.06 36.36
C ILE B 1008 -49.28 1.89 36.68
N SER B 1009 -48.23 1.75 35.88
CA SER B 1009 -47.02 2.54 36.10
C SER B 1009 -47.30 4.03 35.94
N HIS B 1010 -48.09 4.41 34.94
CA HIS B 1010 -48.41 5.82 34.74
C HIS B 1010 -49.20 6.38 35.92
N ILE B 1011 -50.18 5.63 36.41
CA ILE B 1011 -50.97 6.09 37.55
C ILE B 1011 -50.09 6.22 38.78
N THR B 1012 -49.22 5.23 39.00
CA THR B 1012 -48.31 5.30 40.15
C THR B 1012 -47.39 6.51 40.07
N GLN B 1013 -46.84 6.76 38.88
CA GLN B 1013 -45.95 7.91 38.70
C GLN B 1013 -46.69 9.22 38.95
N ALA B 1014 -47.92 9.33 38.42
CA ALA B 1014 -48.69 10.55 38.62
C ALA B 1014 -49.03 10.76 40.09
N LEU B 1015 -49.42 9.69 40.79
CA LEU B 1015 -49.74 9.80 42.21
C LEU B 1015 -48.49 10.19 43.01
N LEU B 1016 -47.34 9.60 42.68
CA LEU B 1016 -46.11 9.96 43.37
C LEU B 1016 -45.73 11.41 43.12
N SER B 1017 -45.91 11.89 41.88
CA SER B 1017 -45.63 13.28 41.59
C SER B 1017 -46.55 14.21 42.36
N PHE B 1018 -47.85 13.89 42.42
CA PHE B 1018 -48.79 14.72 43.16
C PHE B 1018 -48.47 14.73 44.66
N ILE B 1019 -48.14 13.55 45.21
CA ILE B 1019 -47.81 13.49 46.64
C ILE B 1019 -46.48 14.16 46.92
N LYS B 1020 -45.48 13.90 46.08
CA LYS B 1020 -44.16 14.49 46.27
C LYS B 1020 -43.83 15.47 45.14
N ASP B 1027 -30.25 7.52 38.38
CA ASP B 1027 -29.69 7.59 37.05
C ASP B 1027 -28.24 7.10 37.05
N LEU B 1028 -28.03 5.88 36.54
CA LEU B 1028 -26.68 5.34 36.49
C LEU B 1028 -25.79 6.17 35.57
N LEU B 1029 -26.31 6.58 34.42
CA LEU B 1029 -25.62 7.53 33.57
C LEU B 1029 -25.86 8.95 34.06
N GLU B 1030 -24.94 9.85 33.71
CA GLU B 1030 -25.03 11.26 34.08
C GLU B 1030 -25.13 11.41 35.61
N ARG B 1031 -24.09 10.95 36.28
CA ARG B 1031 -24.01 11.00 37.73
C ARG B 1031 -23.11 12.14 38.19
N GLU B 1032 -23.38 12.64 39.39
CA GLU B 1032 -22.61 13.71 40.00
C GLU B 1032 -21.75 13.14 41.11
N LEU B 1033 -20.47 13.48 41.10
CA LEU B 1033 -19.47 12.88 41.97
C LEU B 1033 -19.04 13.83 43.07
N PRO B 1034 -18.56 13.31 44.20
CA PRO B 1034 -18.05 14.18 45.25
C PRO B 1034 -16.85 14.98 44.78
N SER B 1035 -16.55 16.05 45.52
CA SER B 1035 -15.51 16.97 45.10
C SER B 1035 -14.15 16.28 45.03
N GLY B 1036 -13.82 15.47 46.04
CA GLY B 1036 -12.53 14.80 46.03
C GLY B 1036 -12.39 13.84 44.88
N LEU B 1037 -13.41 13.01 44.64
CA LEU B 1037 -13.36 12.06 43.54
C LEU B 1037 -13.33 12.79 42.20
N ASP B 1038 -14.09 13.88 42.06
CA ASP B 1038 -14.09 14.65 40.83
C ASP B 1038 -12.70 15.23 40.55
N GLN B 1039 -12.06 15.79 41.57
CA GLN B 1039 -10.73 16.35 41.39
C GLN B 1039 -9.73 15.25 41.04
N LYS B 1040 -9.84 14.09 41.70
CA LYS B 1040 -8.95 12.98 41.38
C LYS B 1040 -9.13 12.54 39.93
N LEU B 1041 -10.37 12.45 39.46
CA LEU B 1041 -10.61 12.05 38.09
C LEU B 1041 -10.09 13.09 37.10
N MET B 1042 -10.24 14.37 37.42
CA MET B 1042 -9.71 15.40 36.54
C MET B 1042 -8.20 15.31 36.43
N THR B 1043 -7.52 15.12 37.57
CA THR B 1043 -6.06 14.97 37.52
C THR B 1043 -5.66 13.71 36.77
N TRP B 1044 -6.40 12.62 36.97
CA TRP B 1044 -6.10 11.38 36.26
C TRP B 1044 -6.26 11.56 34.75
N GLU B 1045 -7.33 12.25 34.32
CA GLU B 1045 -7.52 12.52 32.91
C GLU B 1045 -6.41 13.39 32.36
N THR B 1046 -5.97 14.39 33.12
CA THR B 1046 -4.86 15.22 32.67
C THR B 1046 -3.59 14.40 32.50
N VAL B 1047 -3.33 13.50 33.44
CA VAL B 1047 -2.14 12.64 33.34
C VAL B 1047 -2.24 11.75 32.12
N GLN B 1048 -3.41 11.18 31.87
CA GLN B 1048 -3.58 10.33 30.68
C GLN B 1048 -3.40 11.14 29.41
N LYS B 1049 -3.90 12.37 29.38
CA LYS B 1049 -3.70 13.23 28.21
C LYS B 1049 -2.23 13.53 27.99
N GLU B 1050 -1.50 13.82 29.07
CA GLU B 1050 -0.06 14.06 28.94
C GLU B 1050 0.66 12.83 28.41
N ASN B 1051 0.30 11.65 28.92
CA ASN B 1051 0.93 10.43 28.45
C ASN B 1051 0.62 10.18 26.98
N TYR B 1052 -0.62 10.44 26.57
CA TYR B 1052 -1.00 10.22 25.17
C TYR B 1052 -0.26 11.17 24.25
N LEU B 1053 -0.14 12.45 24.64
CA LEU B 1053 0.60 13.40 23.82
C LEU B 1053 2.08 13.05 23.77
N ALA B 1054 2.64 12.60 24.89
CA ALA B 1054 4.04 12.17 24.90
C ALA B 1054 4.25 10.97 23.99
N LYS B 1055 3.32 10.03 24.00
CA LYS B 1055 3.43 8.88 23.10
C LYS B 1055 3.36 9.32 21.64
N LEU B 1056 2.46 10.26 21.33
CA LEU B 1056 2.39 10.76 19.96
C LEU B 1056 3.70 11.42 19.55
N GLU B 1057 4.26 12.25 20.44
CA GLU B 1057 5.53 12.91 20.13
C GLU B 1057 6.65 11.90 19.94
N HIS B 1058 6.71 10.89 20.80
CA HIS B 1058 7.75 9.87 20.68
C HIS B 1058 7.61 9.09 19.39
N GLU B 1059 6.39 8.69 19.03
CA GLU B 1059 6.19 7.96 17.78
C GLU B 1059 6.53 8.82 16.57
N HIS B 1060 6.27 10.12 16.65
CA HIS B 1060 6.69 11.01 15.57
C HIS B 1060 8.21 11.13 15.49
N ARG B 1061 8.87 11.17 16.65
CA ARG B 1061 10.33 11.31 16.67
C ARG B 1061 11.02 10.08 16.13
N GLU B 1062 10.46 8.90 16.34
CA GLU B 1062 11.05 7.66 15.85
C GLU B 1062 10.56 7.28 14.47
N SER B 1063 9.80 8.15 13.81
CA SER B 1063 9.32 7.86 12.46
C SER B 1063 10.49 7.84 11.48
N SER B 1064 10.31 7.12 10.37
CA SER B 1064 11.34 7.03 9.37
C SER B 1064 11.66 8.39 8.76
N GLY B 1065 10.62 9.18 8.46
CA GLY B 1065 10.83 10.48 7.85
C GLY B 1065 11.60 11.44 8.75
N GLU B 1066 11.24 11.48 10.03
CA GLU B 1066 11.94 12.36 10.95
C GLU B 1066 13.38 11.90 11.17
N ARG B 1067 13.59 10.59 11.24
CA ARG B 1067 14.94 10.08 11.35
C ARG B 1067 15.78 10.46 10.13
N LEU B 1068 15.20 10.35 8.94
CA LEU B 1068 15.92 10.75 7.73
C LEU B 1068 16.23 12.24 7.74
N ARG B 1069 15.27 13.07 8.16
CA ARG B 1069 15.51 14.51 8.20
C ARG B 1069 16.63 14.86 9.15
N TYR B 1070 16.59 14.27 10.35
CA TYR B 1070 17.63 14.53 11.35
C TYR B 1070 18.98 14.02 10.85
N THR B 1071 19.00 12.86 10.21
CA THR B 1071 20.25 12.32 9.69
C THR B 1071 20.82 13.22 8.60
N SER B 1072 19.97 13.71 7.69
CA SER B 1072 20.46 14.59 6.64
C SER B 1072 21.03 15.88 7.21
N SER B 1073 20.33 16.47 8.19
CA SER B 1073 20.81 17.71 8.79
C SER B 1073 22.14 17.49 9.51
N LYS B 1074 22.24 16.41 10.30
CA LYS B 1074 23.48 16.16 11.02
C LYS B 1074 24.61 15.81 10.05
N VAL B 1075 24.30 15.15 8.94
CA VAL B 1075 25.33 14.84 7.96
C VAL B 1075 25.83 16.12 7.29
N GLN B 1076 24.93 17.05 6.99
CA GLN B 1076 25.35 18.32 6.41
C GLN B 1076 26.26 19.09 7.37
N THR B 1077 25.85 19.17 8.64
CA THR B 1077 26.68 19.86 9.63
C THR B 1077 28.02 19.15 9.81
N LEU B 1078 28.01 17.83 9.88
CA LEU B 1078 29.25 17.07 10.02
C LEU B 1078 30.15 17.27 8.81
N LEU B 1079 29.56 17.34 7.63
CA LEU B 1079 30.35 17.52 6.41
C LEU B 1079 31.04 18.86 6.41
N ARG B 1080 30.32 19.94 6.74
CA ARG B 1080 30.95 21.25 6.75
C ARG B 1080 32.01 21.35 7.85
N MET B 1081 31.73 20.79 9.03
CA MET B 1081 32.71 20.80 10.11
C MET B 1081 33.95 20.01 9.73
N VAL B 1082 33.77 18.84 9.09
CA VAL B 1082 34.89 18.01 8.69
C VAL B 1082 35.68 18.70 7.59
N GLY B 1083 35.02 19.44 6.69
CA GLY B 1083 35.74 20.20 5.70
C GLY B 1083 36.62 21.27 6.34
N GLY B 1084 36.08 21.99 7.32
CA GLY B 1084 36.90 22.96 8.03
C GLY B 1084 38.07 22.31 8.75
N PHE B 1085 37.82 21.19 9.42
CA PHE B 1085 38.89 20.49 10.14
C PHE B 1085 39.94 19.96 9.18
N LYS B 1086 39.53 19.45 8.03
CA LYS B 1086 40.48 18.95 7.05
C LYS B 1086 41.32 20.07 6.47
N ASP B 1087 40.71 21.25 6.22
CA ASP B 1087 41.48 22.40 5.79
C ASP B 1087 42.51 22.79 6.84
N GLN B 1088 42.10 22.84 8.11
CA GLN B 1088 43.03 23.18 9.18
C GLN B 1088 44.17 22.17 9.27
N GLU B 1089 43.85 20.88 9.18
CA GLU B 1089 44.88 19.84 9.25
C GLU B 1089 45.84 19.93 8.06
N LYS B 1090 45.30 20.17 6.86
CA LYS B 1090 46.16 20.31 5.69
C LYS B 1090 47.05 21.54 5.78
N ARG B 1091 46.59 22.58 6.47
CA ARG B 1091 47.46 23.73 6.71
C ARG B 1091 48.68 23.34 7.54
N MET B 1092 48.50 22.49 8.55
CA MET B 1092 49.60 22.03 9.38
C MET B 1092 49.98 20.59 9.05
N ARG C 16 47.63 5.16 -52.93
CA ARG C 16 47.08 3.86 -53.28
C ARG C 16 45.91 3.50 -52.39
N LEU C 17 44.70 3.58 -52.94
CA LEU C 17 43.48 3.28 -52.20
C LEU C 17 42.94 1.92 -52.63
N GLY C 18 42.43 1.18 -51.66
CA GLY C 18 41.86 -0.12 -51.95
C GLY C 18 40.84 -0.50 -50.90
N ASP C 19 40.00 -1.47 -51.23
CA ASP C 19 39.00 -1.99 -50.31
C ASP C 19 39.38 -3.40 -49.89
N ILE C 20 39.00 -3.77 -48.66
CA ILE C 20 39.32 -5.06 -48.08
C ILE C 20 38.04 -5.77 -47.71
N ASP C 21 37.89 -7.01 -48.15
CA ASP C 21 36.74 -7.85 -47.84
C ASP C 21 37.23 -8.93 -46.87
N PHE C 22 36.95 -8.71 -45.58
CA PHE C 22 37.38 -9.66 -44.56
C PHE C 22 36.63 -10.97 -44.69
N THR C 23 37.36 -12.08 -44.54
CA THR C 23 36.79 -13.41 -44.57
C THR C 23 36.98 -14.07 -43.21
N GLY C 24 35.88 -14.52 -42.61
CA GLY C 24 35.94 -15.14 -41.31
C GLY C 24 34.57 -15.39 -40.70
N VAL C 25 34.44 -15.19 -39.40
CA VAL C 25 33.16 -15.42 -38.73
C VAL C 25 32.10 -14.46 -39.26
N SER C 26 32.45 -13.18 -39.40
CA SER C 26 31.54 -12.17 -39.90
C SER C 26 32.16 -11.52 -41.13
N ARG C 27 31.46 -11.60 -42.25
CA ARG C 27 31.95 -11.02 -43.50
C ARG C 27 31.67 -9.52 -43.51
N THR C 28 32.72 -8.71 -43.48
CA THR C 28 32.60 -7.27 -43.47
C THR C 28 33.59 -6.68 -44.46
N ARG C 29 33.24 -5.51 -44.98
CA ARG C 29 34.04 -4.81 -45.97
C ARG C 29 34.68 -3.59 -45.33
N GLY C 30 35.99 -3.43 -45.52
CA GLY C 30 36.71 -2.29 -44.98
C GLY C 30 37.60 -1.63 -46.00
N LYS C 31 37.81 -0.33 -45.86
CA LYS C 31 38.66 0.42 -46.76
C LYS C 31 40.03 0.64 -46.14
N PHE C 32 41.00 0.99 -46.99
CA PHE C 32 42.36 1.25 -46.53
C PHE C 32 43.07 2.10 -47.57
N VAL C 33 44.20 2.67 -47.17
CA VAL C 33 45.05 3.42 -48.09
C VAL C 33 46.49 3.32 -47.61
N ARG C 34 47.39 2.99 -48.54
CA ARG C 34 48.81 3.03 -48.24
C ARG C 34 49.30 4.47 -48.29
N VAL C 35 50.15 4.83 -47.35
CA VAL C 35 50.59 6.21 -47.20
C VAL C 35 52.03 6.20 -46.72
N THR C 36 52.79 7.20 -47.15
CA THR C 36 54.21 7.30 -46.81
C THR C 36 54.43 8.40 -45.78
N SER C 37 55.59 8.34 -45.12
CA SER C 37 55.92 9.31 -44.09
C SER C 37 56.12 10.72 -44.63
N SER C 38 56.33 10.87 -45.94
CA SER C 38 56.53 12.18 -46.55
C SER C 38 55.22 12.82 -47.01
N THR C 39 54.09 12.16 -46.79
CA THR C 39 52.81 12.69 -47.23
C THR C 39 52.34 13.80 -46.31
N ASP C 40 51.63 14.76 -46.88
CA ASP C 40 51.01 15.80 -46.09
C ASP C 40 49.76 15.26 -45.41
N PRO C 41 49.55 15.52 -44.12
CA PRO C 41 48.32 15.05 -43.46
C PRO C 41 47.07 15.65 -44.04
N ALA C 42 47.17 16.79 -44.73
CA ALA C 42 46.00 17.40 -45.34
C ALA C 42 45.36 16.47 -46.36
N GLU C 43 46.19 15.82 -47.19
CA GLU C 43 45.66 14.89 -48.19
C GLU C 43 44.96 13.71 -47.53
N ILE C 44 45.55 13.19 -46.45
CA ILE C 44 44.95 12.05 -45.75
C ILE C 44 43.61 12.45 -45.14
N TYR C 45 43.55 13.61 -44.50
CA TYR C 45 42.28 14.07 -43.94
C TYR C 45 41.25 14.29 -45.04
N GLN C 46 41.70 14.84 -46.18
CA GLN C 46 40.77 15.09 -47.28
C GLN C 46 40.20 13.79 -47.81
N ILE C 47 41.02 12.77 -48.00
CA ILE C 47 40.51 11.51 -48.53
C ILE C 47 39.63 10.82 -47.50
N LEU C 48 39.98 10.92 -46.20
CA LEU C 48 39.12 10.36 -45.17
C LEU C 48 37.75 11.02 -45.18
N THR C 49 37.70 12.35 -45.28
CA THR C 49 36.42 13.04 -45.20
C THR C 49 35.60 12.86 -46.47
N LYS C 50 36.22 12.96 -47.64
CA LYS C 50 35.50 12.99 -48.91
C LYS C 50 35.45 11.63 -49.58
N GLN C 51 36.62 11.02 -49.83
CA GLN C 51 36.65 9.78 -50.61
C GLN C 51 35.90 8.67 -49.92
N TRP C 52 36.05 8.55 -48.61
CA TRP C 52 35.39 7.50 -47.84
C TRP C 52 34.10 7.98 -47.20
N GLY C 53 33.70 9.22 -47.43
CA GLY C 53 32.41 9.70 -46.97
C GLY C 53 32.28 9.85 -45.47
N LEU C 54 33.38 10.00 -44.76
CA LEU C 54 33.33 10.17 -43.31
C LEU C 54 33.09 11.64 -42.97
N ALA C 55 32.03 11.90 -42.22
CA ALA C 55 31.74 13.25 -41.79
C ALA C 55 32.82 13.72 -40.81
N PRO C 56 33.12 15.02 -40.79
CA PRO C 56 34.08 15.55 -39.82
C PRO C 56 33.65 15.22 -38.40
N PRO C 57 34.50 14.54 -37.64
CA PRO C 57 34.07 14.04 -36.34
C PRO C 57 33.89 15.15 -35.32
N HIS C 58 33.01 14.90 -34.36
CA HIS C 58 32.83 15.80 -33.23
C HIS C 58 33.76 15.47 -32.07
N LEU C 59 34.52 14.38 -32.17
CA LEU C 59 35.42 13.97 -31.11
C LEU C 59 36.41 12.92 -31.62
N VAL C 60 37.69 13.13 -31.38
CA VAL C 60 38.73 12.19 -31.83
C VAL C 60 39.44 11.67 -30.59
N VAL C 61 39.42 10.36 -30.40
CA VAL C 61 40.10 9.70 -29.29
C VAL C 61 41.14 8.76 -29.86
N ALA C 62 42.39 8.94 -29.45
CA ALA C 62 43.50 8.14 -29.96
C ALA C 62 44.03 7.25 -28.85
N LEU C 63 44.13 5.95 -29.13
CA LEU C 63 44.70 5.00 -28.20
C LEU C 63 46.20 4.92 -28.42
N MET C 64 46.96 5.06 -27.34
CA MET C 64 48.42 5.10 -27.39
C MET C 64 49.01 4.06 -26.46
N GLY C 65 48.49 2.85 -26.54
CA GLY C 65 49.00 1.78 -25.72
C GLY C 65 48.24 0.50 -25.96
N GLY C 66 48.42 -0.46 -25.06
CA GLY C 66 47.74 -1.73 -25.15
C GLY C 66 48.39 -2.74 -26.06
N ASP C 67 49.48 -2.38 -26.74
CA ASP C 67 50.20 -3.30 -27.61
C ASP C 67 51.28 -4.08 -26.87
N GLU C 68 51.49 -3.81 -25.58
CA GLU C 68 52.52 -4.50 -24.83
C GLU C 68 52.09 -5.93 -24.53
N VAL C 69 53.04 -6.71 -24.00
CA VAL C 69 52.76 -8.10 -23.64
C VAL C 69 51.70 -8.14 -22.54
N ALA C 70 51.86 -7.31 -21.51
CA ALA C 70 50.88 -7.25 -20.44
C ALA C 70 49.58 -6.67 -20.96
N GLN C 71 48.46 -7.24 -20.53
CA GLN C 71 47.14 -6.81 -20.97
C GLN C 71 46.31 -6.36 -19.76
N LEU C 72 45.29 -5.57 -20.05
CA LEU C 72 44.39 -5.12 -19.00
C LEU C 72 43.55 -6.27 -18.48
N LYS C 73 43.09 -6.14 -17.24
CA LYS C 73 42.17 -7.11 -16.69
C LYS C 73 40.86 -7.07 -17.48
N PRO C 74 40.22 -8.22 -17.68
CA PRO C 74 38.99 -8.23 -18.48
C PRO C 74 37.90 -7.31 -17.95
N TRP C 75 37.79 -7.17 -16.63
CA TRP C 75 36.82 -6.22 -16.08
C TRP C 75 37.20 -4.80 -16.44
N LEU C 76 38.47 -4.44 -16.29
CA LEU C 76 38.90 -3.08 -16.62
C LEU C 76 38.81 -2.83 -18.12
N ARG C 77 39.16 -3.83 -18.93
CA ARG C 77 39.04 -3.71 -20.37
C ARG C 77 37.59 -3.49 -20.78
N ASP C 78 36.67 -4.26 -20.19
CA ASP C 78 35.27 -4.12 -20.53
C ASP C 78 34.73 -2.76 -20.08
N THR C 79 35.12 -2.31 -18.89
CA THR C 79 34.69 -1.00 -18.43
C THR C 79 35.18 0.09 -19.36
N LEU C 80 36.45 0.01 -19.77
CA LEU C 80 37.01 1.01 -20.66
C LEU C 80 36.28 1.03 -21.99
N ARG C 81 36.06 -0.15 -22.59
CA ARG C 81 35.39 -0.19 -23.88
C ARG C 81 33.96 0.33 -23.79
N LYS C 82 33.23 -0.06 -22.74
CA LYS C 82 31.86 0.38 -22.60
C LYS C 82 31.79 1.89 -22.39
N GLY C 83 32.66 2.43 -21.53
CA GLY C 83 32.67 3.86 -21.31
C GLY C 83 33.03 4.64 -22.55
N LEU C 84 34.04 4.16 -23.29
CA LEU C 84 34.45 4.86 -24.52
C LEU C 84 33.33 4.84 -25.55
N VAL C 85 32.68 3.69 -25.73
CA VAL C 85 31.59 3.63 -26.71
C VAL C 85 30.42 4.50 -26.27
N LYS C 86 30.09 4.50 -24.98
CA LYS C 86 28.99 5.32 -24.49
C LYS C 86 29.29 6.81 -24.67
N ALA C 87 30.52 7.22 -24.39
CA ALA C 87 30.90 8.61 -24.58
C ALA C 87 30.88 8.99 -26.05
N ALA C 88 31.34 8.09 -26.92
CA ALA C 88 31.39 8.40 -28.35
C ALA C 88 30.02 8.41 -28.99
N GLN C 89 29.06 7.64 -28.45
CA GLN C 89 27.76 7.53 -29.10
C GLN C 89 26.94 8.81 -29.02
N SER C 90 27.29 9.72 -28.12
CA SER C 90 26.53 10.96 -28.00
C SER C 90 26.61 11.79 -29.27
N THR C 91 27.78 11.88 -29.87
CA THR C 91 28.03 12.64 -31.08
C THR C 91 28.70 11.73 -32.11
N GLY C 92 29.19 12.33 -33.20
CA GLY C 92 29.96 11.58 -34.17
C GLY C 92 31.43 11.59 -33.82
N ALA C 93 31.95 10.45 -33.35
CA ALA C 93 33.31 10.38 -32.84
C ALA C 93 34.15 9.40 -33.64
N TRP C 94 35.45 9.70 -33.72
CA TRP C 94 36.44 8.82 -34.32
C TRP C 94 37.30 8.23 -33.21
N ILE C 95 37.65 6.96 -33.35
CA ILE C 95 38.51 6.28 -32.38
C ILE C 95 39.76 5.85 -33.13
N LEU C 96 40.84 6.60 -32.97
CA LEU C 96 42.10 6.33 -33.67
C LEU C 96 42.87 5.27 -32.91
N THR C 97 43.00 4.09 -33.51
CA THR C 97 43.79 3.01 -32.93
C THR C 97 44.70 2.42 -34.00
N SER C 98 45.61 1.57 -33.58
CA SER C 98 46.43 0.81 -34.52
C SER C 98 45.58 -0.34 -35.06
N GLY C 99 45.35 -0.35 -36.37
CA GLY C 99 44.46 -1.32 -36.95
C GLY C 99 45.01 -2.72 -36.94
N LEU C 100 45.34 -3.23 -35.77
CA LEU C 100 45.89 -4.57 -35.60
C LEU C 100 45.07 -5.34 -34.58
N ARG C 101 44.70 -6.57 -34.93
CA ARG C 101 43.87 -7.41 -34.07
C ARG C 101 44.73 -7.95 -32.94
N PHE C 102 44.83 -7.16 -31.86
CA PHE C 102 45.60 -7.56 -30.70
C PHE C 102 45.31 -6.63 -29.54
N GLY C 103 45.30 -7.20 -28.33
CA GLY C 103 45.23 -6.40 -27.12
C GLY C 103 43.92 -5.65 -26.99
N ILE C 104 44.01 -4.47 -26.38
CA ILE C 104 42.84 -3.63 -26.15
C ILE C 104 42.22 -3.19 -27.47
N THR C 105 43.03 -3.12 -28.53
CA THR C 105 42.53 -2.68 -29.82
C THR C 105 41.46 -3.63 -30.35
N LYS C 106 41.69 -4.94 -30.22
CA LYS C 106 40.72 -5.92 -30.71
C LYS C 106 39.37 -5.76 -30.03
N ASN C 107 39.36 -5.73 -28.70
CA ASN C 107 38.11 -5.61 -27.97
C ASN C 107 37.44 -4.26 -28.21
N LEU C 108 38.23 -3.19 -28.29
CA LEU C 108 37.64 -1.88 -28.56
C LEU C 108 36.98 -1.83 -29.93
N GLY C 109 37.65 -2.38 -30.94
CA GLY C 109 37.06 -2.44 -32.26
C GLY C 109 35.82 -3.31 -32.29
N GLN C 110 35.83 -4.41 -31.55
CA GLN C 110 34.65 -5.27 -31.47
C GLN C 110 33.48 -4.51 -30.85
N ALA C 111 33.74 -3.75 -29.78
CA ALA C 111 32.69 -2.96 -29.16
C ALA C 111 32.16 -1.90 -30.11
N VAL C 112 33.06 -1.26 -30.86
CA VAL C 112 32.63 -0.26 -31.84
C VAL C 112 31.74 -0.88 -32.90
N ARG C 113 32.13 -2.05 -33.40
CA ARG C 113 31.32 -2.73 -34.42
C ARG C 113 29.97 -3.13 -33.86
N ASP C 114 29.93 -3.66 -32.63
CA ASP C 114 28.68 -4.04 -32.01
C ASP C 114 27.76 -2.83 -31.83
N HIS C 115 28.31 -1.70 -31.42
CA HIS C 115 27.51 -0.49 -31.30
C HIS C 115 27.00 -0.04 -32.67
N SER C 116 27.84 -0.14 -33.69
CA SER C 116 27.44 0.28 -35.02
C SER C 116 26.28 -0.56 -35.54
N LEU C 117 26.34 -1.87 -35.32
CA LEU C 117 25.24 -2.73 -35.76
C LEU C 117 23.95 -2.42 -35.00
N ALA C 118 24.05 -2.19 -33.70
CA ALA C 118 22.88 -1.99 -32.85
C ALA C 118 22.38 -0.55 -32.85
N SER C 119 23.07 0.36 -33.53
CA SER C 119 22.66 1.77 -33.55
C SER C 119 21.55 1.95 -34.57
N THR C 120 20.36 2.35 -34.09
CA THR C 120 19.24 2.60 -34.99
C THR C 120 19.31 3.96 -35.66
N SER C 121 20.21 4.84 -35.21
CA SER C 121 20.33 6.17 -35.79
C SER C 121 21.67 6.31 -36.49
N PRO C 122 21.72 6.25 -37.82
CA PRO C 122 22.98 6.42 -38.55
C PRO C 122 23.44 7.86 -38.68
N LYS C 123 22.71 8.82 -38.07
CA LYS C 123 23.11 10.22 -38.14
C LYS C 123 24.46 10.43 -37.46
N VAL C 124 24.66 9.83 -36.30
CA VAL C 124 25.93 9.89 -35.57
C VAL C 124 26.59 8.53 -35.67
N ARG C 125 27.85 8.52 -36.07
CA ARG C 125 28.57 7.28 -36.35
C ARG C 125 29.87 7.27 -35.58
N VAL C 126 30.15 6.15 -34.91
CA VAL C 126 31.43 5.93 -34.24
C VAL C 126 32.32 5.11 -35.17
N VAL C 127 33.38 5.71 -35.66
CA VAL C 127 34.25 5.10 -36.66
C VAL C 127 35.58 4.78 -36.01
N ALA C 128 36.03 3.53 -36.18
CA ALA C 128 37.30 3.08 -35.61
C ALA C 128 38.34 3.08 -36.71
N ILE C 129 39.10 4.16 -36.79
CA ILE C 129 40.15 4.30 -37.80
C ILE C 129 41.37 3.53 -37.34
N GLY C 130 42.05 2.89 -38.28
CA GLY C 130 43.23 2.13 -37.95
C GLY C 130 44.50 2.64 -38.61
N ILE C 131 45.48 3.06 -37.81
CA ILE C 131 46.77 3.48 -38.31
C ILE C 131 47.79 2.46 -37.86
N ALA C 132 48.25 1.63 -38.79
CA ALA C 132 49.19 0.57 -38.44
C ALA C 132 50.38 0.59 -39.38
N PRO C 133 51.57 0.24 -38.90
CA PRO C 133 52.74 0.19 -39.77
C PRO C 133 52.61 -0.92 -40.81
N TRP C 134 53.17 -0.65 -42.00
CA TRP C 134 53.10 -1.61 -43.08
C TRP C 134 53.89 -2.89 -42.79
N ASN C 135 55.06 -2.77 -42.17
CA ASN C 135 55.90 -3.93 -41.91
C ASN C 135 55.34 -4.84 -40.81
N MET C 136 54.31 -4.40 -40.10
CA MET C 136 53.69 -5.21 -39.06
C MET C 136 52.35 -5.79 -39.53
N ILE C 137 52.18 -5.92 -40.85
CA ILE C 137 50.95 -6.43 -41.44
C ILE C 137 51.16 -7.87 -41.87
N GLN C 138 50.26 -8.75 -41.43
CA GLN C 138 50.29 -10.15 -41.82
C GLN C 138 49.53 -10.35 -43.12
N ASN C 139 50.14 -11.07 -44.06
CA ASN C 139 49.57 -11.30 -45.38
C ASN C 139 49.28 -9.98 -46.10
N ARG C 140 50.27 -9.07 -46.09
CA ARG C 140 50.12 -7.83 -46.82
C ARG C 140 50.02 -8.07 -48.32
N ASP C 141 50.63 -9.14 -48.81
CA ASP C 141 50.55 -9.46 -50.23
C ASP C 141 49.11 -9.76 -50.65
N LEU C 142 48.30 -10.29 -49.72
CA LEU C 142 46.91 -10.58 -50.04
C LEU C 142 46.15 -9.30 -50.40
N LEU C 143 46.41 -8.22 -49.67
CA LEU C 143 45.77 -6.94 -49.94
C LEU C 143 46.57 -6.07 -50.90
N LEU C 144 47.74 -6.53 -51.35
CA LEU C 144 48.49 -5.78 -52.35
C LEU C 144 47.74 -5.69 -53.67
N SER C 145 46.76 -6.55 -53.91
CA SER C 145 46.01 -6.50 -55.16
C SER C 145 45.27 -5.17 -55.31
N ALA C 146 44.35 -4.89 -54.39
CA ALA C 146 43.62 -3.61 -54.36
C ALA C 146 42.97 -3.29 -55.69
N LYS C 147 42.27 -4.28 -56.24
CA LYS C 147 41.55 -4.07 -57.50
C LYS C 147 40.29 -3.25 -57.23
N PRO C 148 40.12 -2.11 -57.91
CA PRO C 148 38.91 -1.30 -57.69
C PRO C 148 37.62 -2.05 -57.97
N ASP C 149 37.61 -2.92 -58.98
CA ASP C 149 36.40 -3.68 -59.29
C ASP C 149 36.18 -4.80 -58.28
N HIS C 150 37.25 -5.48 -57.88
CA HIS C 150 37.16 -6.58 -56.93
C HIS C 150 37.98 -6.28 -55.68
N PRO C 151 37.35 -5.91 -54.56
CA PRO C 151 38.11 -5.68 -53.34
C PRO C 151 38.85 -6.94 -52.90
N ALA C 152 40.05 -6.75 -52.38
CA ALA C 152 40.87 -7.88 -51.97
C ALA C 152 40.25 -8.61 -50.79
N THR C 153 40.34 -9.93 -50.80
CA THR C 153 39.86 -10.76 -49.71
C THR C 153 40.99 -10.96 -48.70
N TYR C 154 40.69 -10.69 -47.42
CA TYR C 154 41.69 -10.77 -46.37
C TYR C 154 41.19 -11.71 -45.29
N PRO C 155 41.98 -12.72 -44.91
CA PRO C 155 41.57 -13.63 -43.84
C PRO C 155 42.05 -13.16 -42.47
N THR C 156 41.19 -13.33 -41.48
CA THR C 156 41.48 -12.88 -40.12
C THR C 156 42.01 -14.05 -39.31
N GLU C 157 43.14 -13.85 -38.63
CA GLU C 157 43.75 -14.87 -37.80
C GLU C 157 44.20 -14.24 -36.49
N ASP C 158 43.92 -14.93 -35.38
CA ASP C 158 44.34 -14.46 -34.05
C ASP C 158 45.77 -14.92 -33.81
N LEU C 159 46.72 -14.12 -34.32
CA LEU C 159 48.12 -14.43 -34.11
C LEU C 159 48.51 -14.18 -32.67
N PRO C 160 49.60 -14.82 -32.20
CA PRO C 160 50.07 -14.54 -30.84
C PRO C 160 50.74 -13.18 -30.75
N TYR C 161 51.35 -12.87 -29.60
CA TYR C 161 51.97 -11.57 -29.42
C TYR C 161 53.01 -11.31 -30.51
N GLY C 162 54.09 -12.10 -30.51
CA GLY C 162 55.10 -12.01 -31.55
C GLY C 162 55.47 -10.59 -31.90
N ALA C 163 55.56 -10.32 -33.20
CA ALA C 163 55.82 -8.97 -33.69
C ALA C 163 54.96 -8.59 -34.89
N VAL C 164 54.12 -9.50 -35.40
CA VAL C 164 53.26 -9.23 -36.55
C VAL C 164 51.84 -9.63 -36.19
N TYR C 165 50.88 -8.82 -36.61
CA TYR C 165 49.47 -9.08 -36.36
C TYR C 165 48.68 -8.98 -37.65
N SER C 166 47.42 -9.38 -37.57
CA SER C 166 46.47 -9.26 -38.67
C SER C 166 45.55 -8.08 -38.43
N LEU C 167 45.10 -7.45 -39.52
CA LEU C 167 44.19 -6.33 -39.40
C LEU C 167 42.89 -6.77 -38.77
N ASP C 168 42.42 -5.99 -37.79
CA ASP C 168 41.13 -6.28 -37.17
C ASP C 168 40.01 -6.03 -38.18
N CYS C 169 39.10 -7.00 -38.29
CA CYS C 169 37.99 -6.86 -39.22
C CYS C 169 36.96 -5.83 -38.74
N ASN C 170 37.00 -5.47 -37.46
CA ASN C 170 36.01 -4.54 -36.92
C ASN C 170 36.33 -3.09 -37.21
N HIS C 171 37.58 -2.78 -37.58
CA HIS C 171 37.91 -1.41 -37.98
C HIS C 171 37.45 -1.16 -39.40
N SER C 172 36.62 -0.15 -39.58
CA SER C 172 36.00 0.08 -40.88
C SER C 172 36.96 0.71 -41.87
N HIS C 173 37.87 1.56 -41.41
CA HIS C 173 38.83 2.21 -42.28
C HIS C 173 40.23 2.07 -41.70
N PHE C 174 41.23 2.13 -42.58
CA PHE C 174 42.61 1.88 -42.22
C PHE C 174 43.52 2.92 -42.85
N ILE C 175 44.65 3.17 -42.18
CA ILE C 175 45.71 4.05 -42.69
C ILE C 175 47.01 3.27 -42.53
N LEU C 176 47.45 2.62 -43.61
CA LEU C 176 48.64 1.79 -43.58
C LEU C 176 49.84 2.63 -44.00
N VAL C 177 50.81 2.78 -43.10
CA VAL C 177 51.96 3.64 -43.32
C VAL C 177 53.21 2.79 -43.52
N ASP C 178 53.98 3.11 -44.54
CA ASP C 178 55.22 2.40 -44.82
C ASP C 178 56.32 2.83 -43.86
N GLU C 179 57.27 1.94 -43.63
CA GLU C 179 58.38 2.25 -42.73
C GLU C 179 59.28 3.31 -43.33
N ASP C 180 59.71 4.26 -42.50
CA ASP C 180 60.62 5.29 -42.95
C ASP C 180 62.05 4.77 -42.94
N PRO C 181 62.76 4.84 -44.08
CA PRO C 181 64.16 4.39 -44.09
C PRO C 181 65.07 5.22 -43.20
N LYS C 182 64.67 6.44 -42.85
CA LYS C 182 65.52 7.29 -42.01
C LYS C 182 65.49 6.82 -40.56
N ARG C 183 64.31 6.80 -39.95
CA ARG C 183 64.16 6.42 -38.55
C ARG C 183 63.03 5.41 -38.40
N PRO C 184 63.12 4.52 -37.39
CA PRO C 184 62.07 3.52 -37.15
C PRO C 184 60.92 4.04 -36.29
N GLY C 185 60.37 5.19 -36.66
CA GLY C 185 59.25 5.76 -35.96
C GLY C 185 58.22 6.36 -36.89
N ALA C 186 58.10 5.79 -38.09
CA ALA C 186 57.23 6.39 -39.10
C ALA C 186 55.78 6.41 -38.65
N THR C 187 55.29 5.32 -38.08
CA THR C 187 53.89 5.27 -37.65
C THR C 187 53.60 6.26 -36.54
N GLY C 188 54.53 6.41 -35.59
CA GLY C 188 54.31 7.37 -34.52
C GLY C 188 54.29 8.80 -35.01
N GLU C 189 55.24 9.16 -35.89
CA GLU C 189 55.25 10.50 -36.45
C GLU C 189 54.00 10.76 -37.26
N MET C 190 53.55 9.77 -38.04
CA MET C 190 52.33 9.93 -38.82
C MET C 190 51.12 10.12 -37.91
N ARG C 191 51.04 9.36 -36.82
CA ARG C 191 49.93 9.53 -35.89
C ARG C 191 49.95 10.92 -35.27
N VAL C 192 51.14 11.39 -34.87
CA VAL C 192 51.24 12.72 -34.28
C VAL C 192 50.80 13.79 -35.26
N LYS C 193 51.27 13.69 -36.50
CA LYS C 193 50.90 14.68 -37.52
C LYS C 193 49.41 14.65 -37.81
N MET C 194 48.83 13.44 -37.89
CA MET C 194 47.39 13.35 -38.12
C MET C 194 46.60 13.96 -36.98
N LEU C 195 47.01 13.69 -35.74
CA LEU C 195 46.30 14.28 -34.61
C LEU C 195 46.40 15.80 -34.62
N LYS C 196 47.60 16.34 -34.89
CA LYS C 196 47.74 17.78 -34.93
C LYS C 196 46.89 18.39 -36.04
N HIS C 197 46.90 17.79 -37.23
CA HIS C 197 46.12 18.33 -38.32
C HIS C 197 44.62 18.26 -38.04
N ILE C 198 44.16 17.15 -37.46
CA ILE C 198 42.74 17.02 -37.15
C ILE C 198 42.33 18.02 -36.09
N SER C 199 43.21 18.32 -35.14
CA SER C 199 42.88 19.25 -34.07
C SER C 199 42.64 20.67 -34.59
N LEU C 200 43.02 20.97 -35.83
CA LEU C 200 42.87 22.30 -36.40
C LEU C 200 41.79 22.36 -37.47
N GLN C 201 40.76 21.54 -37.33
CA GLN C 201 39.66 21.50 -38.29
C GLN C 201 38.37 21.95 -37.61
N ARG C 202 37.27 21.87 -38.36
CA ARG C 202 35.96 22.29 -37.88
C ARG C 202 35.04 21.09 -37.76
N THR C 203 34.23 21.08 -36.69
CA THR C 203 33.38 19.92 -36.41
C THR C 203 32.32 19.69 -37.47
N GLY C 204 31.67 20.75 -37.97
CA GLY C 204 30.61 20.61 -38.93
C GLY C 204 31.08 20.82 -40.37
N TYR C 205 30.13 20.70 -41.29
CA TYR C 205 30.44 20.92 -42.71
C TYR C 205 30.88 22.35 -42.96
N GLY C 206 30.20 23.32 -42.36
CA GLY C 206 30.56 24.71 -42.54
C GLY C 206 30.96 25.39 -41.26
N GLY C 207 31.71 26.49 -41.36
CA GLY C 207 32.17 27.20 -40.18
C GLY C 207 31.16 28.18 -39.63
N THR C 208 29.87 27.84 -39.69
CA THR C 208 28.81 28.69 -39.17
C THR C 208 28.48 28.35 -37.72
N GLY C 209 28.06 27.11 -37.46
CA GLY C 209 27.79 26.68 -36.11
C GLY C 209 28.66 25.51 -35.70
N SER C 210 29.88 25.48 -36.23
CA SER C 210 30.80 24.38 -36.02
C SER C 210 31.94 24.82 -35.10
N ILE C 211 32.41 23.88 -34.28
CA ILE C 211 33.48 24.14 -33.35
C ILE C 211 34.76 23.50 -33.86
N GLU C 212 35.88 23.86 -33.25
CA GLU C 212 37.15 23.21 -33.55
C GLU C 212 37.12 21.80 -32.99
N ILE C 213 37.60 20.84 -33.77
CA ILE C 213 37.47 19.42 -33.43
C ILE C 213 38.25 19.11 -32.16
N PRO C 214 37.61 18.53 -31.14
CA PRO C 214 38.31 18.16 -29.91
C PRO C 214 39.06 16.85 -30.09
N VAL C 215 40.39 16.93 -30.10
CA VAL C 215 41.24 15.76 -30.23
C VAL C 215 41.77 15.40 -28.84
N LEU C 216 41.61 14.14 -28.46
CA LEU C 216 42.00 13.68 -27.14
C LEU C 216 42.76 12.37 -27.29
N CYS C 217 43.76 12.16 -26.44
CA CYS C 217 44.56 10.95 -26.45
C CYS C 217 44.32 10.15 -25.17
N LEU C 218 44.33 8.84 -25.32
CA LEU C 218 44.11 7.92 -24.21
C LEU C 218 45.31 7.00 -24.08
N LEU C 219 45.84 6.87 -22.87
CA LEU C 219 47.02 6.07 -22.59
C LEU C 219 46.61 4.82 -21.82
N VAL C 220 47.05 3.67 -22.30
CA VAL C 220 46.73 2.38 -21.68
C VAL C 220 48.00 1.55 -21.65
N HIS C 221 48.66 1.51 -20.49
CA HIS C 221 49.86 0.70 -20.27
C HIS C 221 50.93 0.99 -21.31
N GLY C 222 51.41 2.22 -21.30
CA GLY C 222 52.45 2.61 -22.22
C GLY C 222 53.80 2.01 -21.86
N GLU C 223 54.65 1.93 -22.88
CA GLU C 223 56.04 1.55 -22.74
C GLU C 223 56.92 2.79 -22.77
N PRO C 224 58.15 2.72 -22.25
CA PRO C 224 59.02 3.90 -22.27
C PRO C 224 59.33 4.41 -23.66
N ARG C 225 59.19 3.57 -24.68
CA ARG C 225 59.46 3.98 -26.05
C ARG C 225 58.47 5.03 -26.56
N ILE C 226 57.27 5.11 -25.99
CA ILE C 226 56.25 6.02 -26.48
C ILE C 226 56.28 7.36 -25.76
N LEU C 227 57.22 7.54 -24.82
CA LEU C 227 57.30 8.79 -24.09
C LEU C 227 57.64 9.94 -25.02
N GLN C 228 58.49 9.71 -26.02
CA GLN C 228 58.83 10.74 -26.97
C GLN C 228 57.60 11.18 -27.76
N LYS C 229 56.80 10.23 -28.22
CA LYS C 229 55.60 10.57 -28.98
C LYS C 229 54.58 11.28 -28.09
N MET C 230 54.45 10.84 -26.84
CA MET C 230 53.54 11.51 -25.93
C MET C 230 53.96 12.95 -25.67
N TYR C 231 55.27 13.17 -25.49
CA TYR C 231 55.76 14.54 -25.30
C TYR C 231 55.56 15.38 -26.55
N LYS C 232 55.72 14.79 -27.73
CA LYS C 232 55.47 15.52 -28.97
C LYS C 232 54.00 15.93 -29.05
N ASN C 233 53.10 15.01 -28.68
CA ASN C 233 51.67 15.34 -28.66
C ASN C 233 51.37 16.46 -27.67
N ILE C 234 52.00 16.40 -26.49
CA ILE C 234 51.82 17.48 -25.51
C ILE C 234 52.31 18.80 -26.08
N GLN C 235 53.45 18.78 -26.76
CA GLN C 235 53.94 19.98 -27.44
C GLN C 235 52.92 20.49 -28.45
N ASN C 236 52.20 19.58 -29.11
CA ASN C 236 51.14 19.99 -30.01
C ASN C 236 49.89 20.44 -29.27
N SER C 237 49.88 20.39 -27.94
CA SER C 237 48.79 20.90 -27.11
C SER C 237 47.47 20.16 -27.39
N ILE C 238 47.46 18.87 -27.12
CA ILE C 238 46.26 18.05 -27.16
C ILE C 238 46.15 17.32 -25.83
N PRO C 239 44.97 17.24 -25.23
CA PRO C 239 44.85 16.65 -23.89
C PRO C 239 45.12 15.15 -23.92
N TRP C 240 45.41 14.63 -22.73
CA TRP C 240 45.66 13.20 -22.54
C TRP C 240 44.85 12.69 -21.37
N LEU C 241 44.39 11.44 -21.48
CA LEU C 241 43.73 10.75 -20.39
C LEU C 241 44.56 9.54 -19.99
N ILE C 242 44.77 9.38 -18.69
CA ILE C 242 45.64 8.33 -18.17
C ILE C 242 44.78 7.39 -17.33
N LEU C 243 44.81 6.10 -17.67
CA LEU C 243 44.11 5.11 -16.87
C LEU C 243 44.85 4.89 -15.57
N ALA C 244 44.09 4.83 -14.47
CA ALA C 244 44.69 4.66 -13.15
C ALA C 244 45.36 3.29 -13.02
N GLY C 245 44.68 2.24 -13.46
CA GLY C 245 45.20 0.89 -13.31
C GLY C 245 45.63 0.25 -14.60
N SER C 246 46.26 1.03 -15.48
CA SER C 246 46.67 0.49 -16.78
C SER C 246 47.83 -0.48 -16.62
N GLY C 247 48.96 -0.01 -16.09
CA GLY C 247 50.07 -0.91 -15.83
C GLY C 247 51.45 -0.38 -16.21
N GLY C 248 51.54 0.37 -17.30
CA GLY C 248 52.82 0.84 -17.78
C GLY C 248 53.20 2.22 -17.29
N VAL C 249 53.50 3.13 -18.22
CA VAL C 249 53.83 4.50 -17.88
C VAL C 249 52.65 5.19 -17.21
N ALA C 250 51.43 4.68 -17.42
CA ALA C 250 50.26 5.27 -16.81
C ALA C 250 50.37 5.24 -15.29
N ASP C 251 50.84 4.12 -14.73
CA ASP C 251 51.01 4.04 -13.28
C ASP C 251 52.04 5.05 -12.79
N ILE C 252 53.15 5.20 -13.53
CA ILE C 252 54.16 6.17 -13.14
C ILE C 252 53.57 7.57 -13.10
N LEU C 253 52.83 7.93 -14.16
CA LEU C 253 52.26 9.27 -14.23
C LEU C 253 51.25 9.51 -13.12
N VAL C 254 50.37 8.54 -12.87
CA VAL C 254 49.35 8.74 -11.85
C VAL C 254 49.97 8.81 -10.46
N THR C 255 51.01 8.00 -10.21
CA THR C 255 51.68 8.04 -8.92
C THR C 255 52.38 9.37 -8.71
N LEU C 256 53.06 9.88 -9.74
CA LEU C 256 53.74 11.18 -9.59
C LEU C 256 52.74 12.31 -9.40
N MET C 257 51.61 12.28 -10.12
CA MET C 257 50.61 13.32 -9.94
C MET C 257 49.97 13.24 -8.56
N ASP C 258 49.73 12.03 -8.06
CA ASP C 258 49.23 11.87 -6.69
C ASP C 258 50.24 12.38 -5.67
N ARG C 259 51.54 12.16 -5.93
CA ARG C 259 52.57 12.68 -5.04
C ARG C 259 52.53 14.20 -4.97
N GLY C 260 52.33 14.85 -6.13
CA GLY C 260 52.22 16.28 -6.21
C GLY C 260 53.44 16.96 -6.80
N CYS C 261 54.64 16.46 -6.49
CA CYS C 261 55.86 17.01 -7.02
C CYS C 261 56.71 15.88 -7.58
N TRP C 262 57.42 16.16 -8.66
CA TRP C 262 58.26 15.17 -9.34
C TRP C 262 59.71 15.59 -9.24
N ASP C 263 60.57 14.65 -8.82
CA ASP C 263 61.99 14.86 -8.72
C ASP C 263 62.70 13.75 -9.48
N ALA C 264 63.96 14.00 -9.86
CA ALA C 264 64.69 13.05 -10.69
C ALA C 264 64.84 11.71 -10.01
N ASP C 265 65.20 11.70 -8.72
CA ASP C 265 65.40 10.44 -8.01
C ASP C 265 64.11 9.63 -7.93
N ILE C 266 62.99 10.29 -7.62
CA ILE C 266 61.73 9.59 -7.45
C ILE C 266 61.29 8.95 -8.75
N VAL C 267 61.34 9.71 -9.85
CA VAL C 267 60.91 9.17 -11.13
C VAL C 267 61.86 8.09 -11.61
N GLN C 268 63.17 8.25 -11.39
CA GLN C 268 64.11 7.20 -11.76
C GLN C 268 63.82 5.91 -10.99
N GLU C 269 63.59 6.02 -9.69
CA GLU C 269 63.28 4.83 -8.89
C GLU C 269 62.00 4.16 -9.35
N LEU C 270 60.95 4.96 -9.60
CA LEU C 270 59.69 4.37 -10.03
C LEU C 270 59.80 3.73 -11.40
N LEU C 271 60.53 4.36 -12.32
CA LEU C 271 60.72 3.77 -13.64
C LEU C 271 61.51 2.48 -13.56
N ILE C 272 62.55 2.44 -12.71
CA ILE C 272 63.32 1.22 -12.53
C ILE C 272 62.45 0.12 -11.94
N ASN C 273 61.62 0.45 -10.95
CA ASN C 273 60.77 -0.56 -10.33
C ASN C 273 59.74 -1.09 -11.30
N THR C 274 59.11 -0.21 -12.08
CA THR C 274 58.08 -0.64 -13.02
C THR C 274 58.66 -1.34 -14.24
N PHE C 275 59.85 -0.93 -14.68
CA PHE C 275 60.49 -1.51 -15.86
C PHE C 275 61.91 -1.94 -15.51
N PRO C 276 62.05 -3.01 -14.72
CA PRO C 276 63.40 -3.50 -14.41
C PRO C 276 64.17 -3.97 -15.62
N ASP C 277 63.47 -4.46 -16.66
CA ASP C 277 64.14 -4.96 -17.84
C ASP C 277 64.91 -3.85 -18.55
N GLY C 278 64.45 -2.61 -18.43
CA GLY C 278 65.13 -1.49 -19.05
C GLY C 278 66.32 -1.02 -18.25
N LEU C 279 67.53 -1.33 -18.72
CA LEU C 279 68.77 -0.95 -18.04
C LEU C 279 69.69 -0.30 -19.06
N HIS C 280 69.52 1.01 -19.26
CA HIS C 280 70.40 1.79 -20.13
C HIS C 280 70.47 3.20 -19.56
N SER C 281 71.66 3.61 -19.12
CA SER C 281 71.79 4.87 -18.41
C SER C 281 71.34 6.05 -19.26
N THR C 282 71.77 6.08 -20.52
CA THR C 282 71.33 7.14 -21.42
C THR C 282 69.83 7.08 -21.63
N GLU C 283 69.29 5.89 -21.85
CA GLU C 283 67.84 5.75 -22.03
C GLU C 283 67.09 6.16 -20.77
N ILE C 284 67.60 5.77 -19.60
CA ILE C 284 66.93 6.13 -18.35
C ILE C 284 66.93 7.63 -18.15
N THR C 285 68.06 8.29 -18.42
CA THR C 285 68.13 9.74 -18.29
C THR C 285 67.20 10.42 -19.28
N SER C 286 67.15 9.94 -20.52
CA SER C 286 66.25 10.52 -21.51
C SER C 286 64.79 10.36 -21.10
N TRP C 287 64.43 9.19 -20.59
CA TRP C 287 63.06 8.97 -20.15
C TRP C 287 62.72 9.84 -18.94
N THR C 288 63.68 10.03 -18.04
CA THR C 288 63.47 10.91 -16.90
C THR C 288 63.21 12.34 -17.36
N LYS C 289 64.03 12.83 -18.29
CA LYS C 289 63.81 14.19 -18.81
C LYS C 289 62.47 14.29 -19.51
N LEU C 290 62.11 13.27 -20.29
CA LEU C 290 60.84 13.29 -21.00
C LEU C 290 59.67 13.33 -20.02
N ILE C 291 59.74 12.54 -18.96
CA ILE C 291 58.67 12.53 -17.96
C ILE C 291 58.59 13.89 -17.28
N GLN C 292 59.73 14.48 -16.94
CA GLN C 292 59.71 15.79 -16.29
C GLN C 292 59.08 16.85 -17.20
N ARG C 293 59.48 16.89 -18.46
CA ARG C 293 58.89 17.86 -19.38
C ARG C 293 57.41 17.60 -19.61
N ILE C 294 57.00 16.33 -19.61
CA ILE C 294 55.58 16.01 -19.77
C ILE C 294 54.78 16.53 -18.58
N LEU C 295 55.25 16.23 -17.37
CA LEU C 295 54.54 16.67 -16.18
C LEU C 295 54.61 18.18 -15.98
N ASP C 296 55.58 18.85 -16.62
CA ASP C 296 55.65 20.30 -16.52
C ASP C 296 54.38 20.96 -17.05
N HIS C 297 53.70 20.33 -18.02
CA HIS C 297 52.46 20.90 -18.54
C HIS C 297 51.31 20.70 -17.56
N GLY C 298 50.98 19.45 -17.27
CA GLY C 298 49.99 19.16 -16.24
C GLY C 298 48.56 19.44 -16.66
N HIS C 299 48.31 20.63 -17.19
CA HIS C 299 46.95 20.99 -17.59
C HIS C 299 46.46 20.13 -18.74
N LEU C 300 47.37 19.50 -19.47
CA LEU C 300 47.02 18.58 -20.55
C LEU C 300 46.93 17.14 -20.07
N LEU C 301 47.17 16.88 -18.79
CA LEU C 301 47.15 15.52 -18.23
C LEU C 301 45.93 15.36 -17.35
N THR C 302 45.29 14.20 -17.44
CA THR C 302 44.10 13.92 -16.66
C THR C 302 44.06 12.44 -16.31
N VAL C 303 43.56 12.14 -15.12
CA VAL C 303 43.52 10.78 -14.60
C VAL C 303 42.09 10.27 -14.68
N HIS C 304 41.92 9.07 -15.24
CA HIS C 304 40.63 8.40 -15.26
C HIS C 304 40.74 7.13 -14.42
N ASP C 305 39.91 7.05 -13.38
CA ASP C 305 39.90 5.88 -12.50
C ASP C 305 38.57 5.16 -12.63
N PRO C 306 38.49 4.07 -13.38
CA PRO C 306 37.20 3.37 -13.53
C PRO C 306 36.65 2.84 -12.23
N GLU C 307 37.49 2.60 -11.23
CA GLU C 307 37.00 2.12 -9.94
C GLU C 307 36.20 3.19 -9.21
N GLN C 308 36.57 4.46 -9.37
CA GLN C 308 35.94 5.56 -8.64
C GLN C 308 34.90 6.29 -9.48
N ASP C 309 35.30 6.84 -10.63
CA ASP C 309 34.41 7.66 -11.43
C ASP C 309 33.61 6.84 -12.44
N SER C 310 34.30 6.13 -13.32
CA SER C 310 33.68 5.27 -14.34
C SER C 310 32.75 6.04 -15.28
N GLU C 311 32.90 7.36 -15.34
CA GLU C 311 32.11 8.21 -16.24
C GLU C 311 33.10 8.86 -17.20
N LEU C 312 33.37 8.16 -18.31
CA LEU C 312 34.42 8.59 -19.22
C LEU C 312 34.10 9.92 -19.89
N ASP C 313 32.83 10.14 -20.24
CA ASP C 313 32.45 11.40 -20.87
C ASP C 313 32.68 12.58 -19.96
N THR C 314 32.39 12.42 -18.66
CA THR C 314 32.65 13.49 -17.70
C THR C 314 34.12 13.84 -17.65
N VAL C 315 34.99 12.82 -17.59
CA VAL C 315 36.42 13.06 -17.56
C VAL C 315 36.88 13.71 -18.85
N ILE C 316 36.32 13.29 -19.98
CA ILE C 316 36.72 13.86 -21.27
C ILE C 316 36.39 15.35 -21.31
N LEU C 317 35.17 15.70 -20.91
CA LEU C 317 34.78 17.11 -20.90
C LEU C 317 35.63 17.91 -19.92
N LYS C 318 35.88 17.35 -18.73
CA LYS C 318 36.70 18.07 -17.77
C LYS C 318 38.10 18.31 -18.31
N ALA C 319 38.71 17.31 -18.94
CA ALA C 319 40.03 17.48 -19.50
C ALA C 319 40.04 18.53 -20.61
N LEU C 320 39.04 18.49 -21.49
CA LEU C 320 39.00 19.44 -22.59
C LEU C 320 38.83 20.86 -22.10
N VAL C 321 37.90 21.08 -21.16
CA VAL C 321 37.70 22.43 -20.65
C VAL C 321 38.90 22.90 -19.86
N LYS C 322 39.55 21.99 -19.13
CA LYS C 322 40.76 22.37 -18.40
C LYS C 322 41.86 22.80 -19.35
N ALA C 323 42.06 22.06 -20.44
CA ALA C 323 43.08 22.42 -21.41
C ALA C 323 42.79 23.77 -22.04
N CYS C 324 41.53 24.00 -22.44
CA CYS C 324 41.18 25.27 -23.07
C CYS C 324 41.30 26.43 -22.10
N LYS C 325 40.87 26.23 -20.85
CA LYS C 325 40.95 27.29 -19.85
C LYS C 325 42.40 27.64 -19.54
N SER C 326 43.27 26.63 -19.46
CA SER C 326 44.69 26.91 -19.26
C SER C 326 45.28 27.61 -20.49
N GLN C 327 44.76 27.30 -21.68
CA GLN C 327 45.26 27.94 -22.89
C GLN C 327 45.04 29.45 -22.86
N SER C 328 43.81 29.88 -22.60
CA SER C 328 43.48 31.30 -22.58
C SER C 328 42.26 31.53 -21.71
N GLN C 329 42.10 32.78 -21.26
CA GLN C 329 40.98 33.18 -20.42
C GLN C 329 39.90 33.93 -21.18
N GLU C 330 40.02 34.05 -22.51
CA GLU C 330 39.01 34.77 -23.28
C GLU C 330 37.71 33.98 -23.31
N ALA C 331 36.59 34.72 -23.26
CA ALA C 331 35.28 34.07 -23.25
C ALA C 331 35.01 33.34 -24.56
N GLN C 332 35.59 33.82 -25.66
CA GLN C 332 35.42 33.16 -26.94
C GLN C 332 36.02 31.76 -26.92
N ASP C 333 37.13 31.59 -26.22
CA ASP C 333 37.73 30.26 -26.09
C ASP C 333 36.79 29.29 -25.37
N PHE C 334 36.13 29.75 -24.31
CA PHE C 334 35.18 28.90 -23.60
C PHE C 334 33.94 28.62 -24.43
N LEU C 335 33.60 29.53 -25.34
CA LEU C 335 32.39 29.34 -26.15
C LEU C 335 32.46 28.06 -26.96
N ASP C 336 33.62 27.77 -27.54
CA ASP C 336 33.80 26.50 -28.23
C ASP C 336 33.65 25.33 -27.25
N ALA C 337 34.18 25.49 -26.03
CA ALA C 337 33.97 24.48 -24.99
C ALA C 337 32.52 24.46 -24.52
N LEU C 338 31.87 25.62 -24.48
CA LEU C 338 30.47 25.65 -24.07
C LEU C 338 29.59 24.88 -25.05
N LYS C 339 29.85 25.01 -26.35
CA LYS C 339 29.10 24.25 -27.32
C LYS C 339 29.32 22.75 -27.14
N LEU C 340 30.55 22.35 -26.85
CA LEU C 340 30.83 20.94 -26.61
C LEU C 340 30.09 20.44 -25.37
N ALA C 341 30.06 21.25 -24.31
CA ALA C 341 29.31 20.87 -23.12
C ALA C 341 27.82 20.75 -23.42
N VAL C 342 27.30 21.64 -24.27
CA VAL C 342 25.91 21.54 -24.69
C VAL C 342 25.66 20.23 -25.43
N ALA C 343 26.58 19.88 -26.33
CA ALA C 343 26.34 18.74 -27.22
C ALA C 343 26.17 17.44 -26.45
N TRP C 344 26.78 17.33 -25.26
CA TRP C 344 26.68 16.12 -24.48
C TRP C 344 25.66 16.23 -23.35
N ASN C 345 24.93 17.34 -23.28
CA ASN C 345 23.87 17.52 -22.28
C ASN C 345 24.42 17.36 -20.87
N ARG C 346 25.65 17.80 -20.67
CA ARG C 346 26.28 17.82 -19.34
C ARG C 346 26.20 19.21 -18.73
N VAL C 347 24.99 19.56 -18.28
CA VAL C 347 24.75 20.89 -17.74
C VAL C 347 25.51 21.10 -16.43
N ASP C 348 25.64 20.06 -15.63
CA ASP C 348 26.36 20.19 -14.37
C ASP C 348 27.83 20.53 -14.60
N ILE C 349 28.47 19.87 -15.57
CA ILE C 349 29.87 20.17 -15.88
C ILE C 349 30.01 21.60 -16.37
N ALA C 350 29.10 22.03 -17.24
CA ALA C 350 29.15 23.39 -17.75
C ALA C 350 29.01 24.41 -16.62
N LYS C 351 28.04 24.19 -15.74
CA LYS C 351 27.82 25.11 -14.63
C LYS C 351 29.03 25.13 -13.71
N SER C 352 29.65 23.97 -13.46
CA SER C 352 30.81 23.93 -12.57
C SER C 352 32.01 24.64 -13.18
N GLU C 353 32.26 24.44 -14.47
CA GLU C 353 33.51 24.90 -15.09
C GLU C 353 33.37 26.21 -15.84
N ILE C 354 32.50 26.27 -16.85
CA ILE C 354 32.45 27.45 -17.71
C ILE C 354 31.74 28.60 -17.01
N PHE C 355 30.59 28.33 -16.41
CA PHE C 355 29.79 29.38 -15.79
C PHE C 355 30.09 29.51 -14.31
N SER C 356 31.32 29.89 -13.96
CA SER C 356 31.69 30.11 -12.56
C SER C 356 32.48 31.41 -12.46
N GLY C 357 31.75 32.53 -12.34
CA GLY C 357 32.33 33.79 -11.91
C GLY C 357 33.28 34.45 -12.87
N ASP C 358 34.36 33.74 -13.24
CA ASP C 358 35.48 34.37 -13.93
C ASP C 358 35.09 34.89 -15.30
N VAL C 359 34.31 34.12 -16.05
CA VAL C 359 34.05 34.39 -17.46
C VAL C 359 32.80 35.26 -17.57
N GLN C 360 32.95 36.44 -18.15
CA GLN C 360 31.80 37.27 -18.45
C GLN C 360 31.08 36.78 -19.70
N TRP C 361 29.76 36.79 -19.66
CA TRP C 361 28.94 36.25 -20.74
C TRP C 361 27.90 37.29 -21.12
N SER C 362 28.01 37.84 -22.33
CA SER C 362 27.04 38.79 -22.84
C SER C 362 25.93 38.07 -23.58
N ALA C 363 24.84 38.79 -23.81
CA ALA C 363 23.69 38.20 -24.51
C ALA C 363 24.07 37.82 -25.94
N GLN C 364 24.83 38.69 -26.63
CA GLN C 364 25.25 38.38 -27.99
C GLN C 364 26.17 37.17 -28.02
N ASP C 365 26.91 36.94 -26.94
CA ASP C 365 27.79 35.78 -26.87
C ASP C 365 27.00 34.48 -26.87
N LEU C 366 25.87 34.46 -26.19
CA LEU C 366 25.10 33.24 -25.98
C LEU C 366 24.05 32.99 -27.05
N GLU C 367 23.95 33.87 -28.06
CA GLU C 367 22.91 33.72 -29.07
C GLU C 367 23.04 32.40 -29.82
N GLU C 368 24.22 32.13 -30.38
CA GLU C 368 24.43 30.91 -31.15
C GLU C 368 24.33 29.67 -30.25
N VAL C 369 24.89 29.75 -29.06
CA VAL C 369 24.85 28.63 -28.14
C VAL C 369 23.42 28.38 -27.67
N MET C 370 22.65 29.45 -27.45
CA MET C 370 21.24 29.29 -27.12
C MET C 370 20.49 28.62 -28.26
N MET C 371 20.79 29.01 -29.50
CA MET C 371 20.17 28.35 -30.65
C MET C 371 20.50 26.86 -30.67
N GLU C 372 21.76 26.52 -30.42
CA GLU C 372 22.16 25.12 -30.44
C GLU C 372 21.47 24.33 -29.35
N ALA C 373 21.37 24.90 -28.15
CA ALA C 373 20.68 24.21 -27.05
C ALA C 373 19.19 24.08 -27.33
N LEU C 374 18.59 25.08 -27.97
CA LEU C 374 17.16 25.07 -28.23
C LEU C 374 16.80 24.05 -29.30
N VAL C 375 17.58 24.03 -30.37
CA VAL C 375 17.33 23.14 -31.50
C VAL C 375 17.80 21.70 -31.30
N ASN C 376 18.55 21.46 -30.22
CA ASN C 376 19.03 20.12 -29.92
C ASN C 376 18.29 19.44 -28.76
N ASP C 377 17.14 19.99 -28.41
CA ASP C 377 16.29 19.47 -27.33
C ASP C 377 16.95 19.33 -25.96
N LYS C 378 17.75 20.31 -25.57
CA LYS C 378 18.40 20.31 -24.27
C LYS C 378 17.73 21.40 -23.45
N PRO C 379 16.84 21.03 -22.52
CA PRO C 379 16.15 22.09 -21.79
C PRO C 379 16.95 22.68 -20.64
N ASP C 380 17.84 21.87 -20.05
CA ASP C 380 18.63 22.36 -18.94
C ASP C 380 19.52 23.52 -19.36
N PHE C 381 20.13 23.42 -20.54
CA PHE C 381 20.96 24.51 -21.03
C PHE C 381 20.12 25.72 -21.41
N VAL C 382 18.89 25.50 -21.88
CA VAL C 382 17.99 26.62 -22.16
C VAL C 382 17.70 27.40 -20.88
N ARG C 383 17.39 26.67 -19.81
CA ARG C 383 17.15 27.31 -18.52
C ARG C 383 18.40 28.03 -18.03
N LEU C 384 19.57 27.40 -18.19
CA LEU C 384 20.81 28.02 -17.75
C LEU C 384 21.09 29.32 -18.50
N PHE C 385 20.87 29.31 -19.80
CA PHE C 385 21.16 30.50 -20.60
C PHE C 385 20.16 31.61 -20.32
N VAL C 386 18.89 31.26 -20.13
CA VAL C 386 17.91 32.27 -19.76
C VAL C 386 18.27 32.89 -18.41
N ASP C 387 18.70 32.07 -17.46
CA ASP C 387 19.12 32.56 -16.16
C ASP C 387 20.41 33.36 -16.21
N ASN C 388 21.13 33.34 -17.33
CA ASN C 388 22.44 33.98 -17.42
C ASN C 388 22.46 35.11 -18.42
N GLY C 389 21.35 35.85 -18.55
CA GLY C 389 21.32 37.08 -19.32
C GLY C 389 20.61 36.99 -20.65
N VAL C 390 20.26 35.81 -21.16
CA VAL C 390 19.56 35.75 -22.44
C VAL C 390 18.14 36.26 -22.25
N ASN C 391 17.77 37.25 -23.06
CA ASN C 391 16.46 37.89 -22.98
C ASN C 391 15.57 37.33 -24.09
N ILE C 392 14.63 36.46 -23.71
CA ILE C 392 13.76 35.84 -24.69
C ILE C 392 12.93 36.89 -25.44
N LYS C 393 12.57 37.98 -24.76
CA LYS C 393 11.78 39.02 -25.40
C LYS C 393 12.49 39.58 -26.62
N GLN C 394 13.80 39.80 -26.51
CA GLN C 394 14.57 40.33 -27.63
C GLN C 394 15.19 39.23 -28.48
N PHE C 395 15.46 38.07 -27.89
CA PHE C 395 16.08 36.99 -28.64
C PHE C 395 15.14 36.43 -29.69
N LEU C 396 13.88 36.21 -29.35
CA LEU C 396 12.94 35.49 -30.20
C LEU C 396 12.19 36.46 -31.10
N THR C 397 12.66 36.58 -32.33
CA THR C 397 11.92 37.30 -33.36
C THR C 397 11.15 36.32 -34.23
N TYR C 398 10.28 36.86 -35.08
CA TYR C 398 9.49 36.01 -35.96
C TYR C 398 10.37 35.23 -36.92
N GLY C 399 11.41 35.88 -37.44
CA GLY C 399 12.36 35.16 -38.28
C GLY C 399 13.05 34.03 -37.55
N ARG C 400 13.44 34.29 -36.29
CA ARG C 400 14.07 33.25 -35.50
C ARG C 400 13.10 32.11 -35.18
N LEU C 401 11.83 32.44 -34.94
CA LEU C 401 10.84 31.40 -34.73
C LEU C 401 10.66 30.55 -35.97
N GLN C 402 10.65 31.18 -37.14
CA GLN C 402 10.57 30.41 -38.39
C GLN C 402 11.81 29.56 -38.58
N GLU C 403 12.98 30.06 -38.21
CA GLU C 403 14.19 29.25 -38.29
C GLU C 403 14.11 28.04 -37.36
N LEU C 404 13.56 28.24 -36.17
CA LEU C 404 13.36 27.12 -35.24
C LEU C 404 12.39 26.10 -35.84
N TYR C 405 11.33 26.57 -36.47
CA TYR C 405 10.36 25.64 -37.07
C TYR C 405 10.96 24.90 -38.26
N CYS C 406 11.84 25.55 -39.02
CA CYS C 406 12.46 24.88 -40.16
C CYS C 406 13.40 23.76 -39.72
N SER C 407 14.12 23.95 -38.61
CA SER C 407 15.13 22.99 -38.19
C SER C 407 14.55 21.98 -37.19
N VAL C 408 13.54 21.25 -37.65
CA VAL C 408 13.00 20.15 -36.86
C VAL C 408 13.88 18.91 -37.08
N SER C 409 13.66 17.91 -36.23
CA SER C 409 14.49 16.71 -36.23
C SER C 409 14.31 15.87 -37.48
N GLU C 410 13.30 16.13 -38.30
CA GLU C 410 12.98 15.41 -39.52
C GLU C 410 12.64 13.94 -39.26
N LYS C 411 12.48 13.53 -38.01
CA LYS C 411 12.13 12.16 -37.67
C LYS C 411 10.90 12.06 -36.78
N ASN C 412 10.23 13.16 -36.50
CA ASN C 412 9.05 13.18 -35.64
C ASN C 412 7.82 13.60 -36.44
N LEU C 413 6.68 13.60 -35.75
CA LEU C 413 5.40 13.82 -36.42
C LEU C 413 5.32 15.22 -37.00
N LEU C 414 5.86 16.21 -36.30
CA LEU C 414 5.73 17.59 -36.75
C LEU C 414 6.33 17.78 -38.13
N HIS C 415 7.48 17.13 -38.38
CA HIS C 415 8.11 17.26 -39.69
C HIS C 415 7.23 16.66 -40.79
N THR C 416 6.61 15.52 -40.53
CA THR C 416 5.74 14.91 -41.52
C THR C 416 4.52 15.79 -41.80
N LEU C 417 3.92 16.35 -40.74
CA LEU C 417 2.78 17.24 -40.93
C LEU C 417 3.18 18.48 -41.74
N LEU C 418 4.34 19.05 -41.43
CA LEU C 418 4.81 20.22 -42.16
C LEU C 418 5.09 19.88 -43.61
N LEU C 419 5.63 18.68 -43.87
CA LEU C 419 5.84 18.25 -45.25
C LEU C 419 4.52 18.13 -45.99
N LYS C 420 3.52 17.53 -45.36
CA LYS C 420 2.23 17.39 -46.01
C LYS C 420 1.63 18.75 -46.33
N LYS C 421 1.70 19.69 -45.38
CA LYS C 421 1.17 21.02 -45.64
C LYS C 421 1.95 21.74 -46.73
N ASN C 422 3.27 21.54 -46.76
CA ASN C 422 4.10 22.15 -47.80
C ASN C 422 3.73 21.60 -49.17
N GLN C 423 3.51 20.29 -49.25
CA GLN C 423 3.08 19.70 -50.52
C GLN C 423 1.73 20.25 -50.96
N GLU C 424 0.79 20.38 -50.02
CA GLU C 424 -0.51 20.94 -50.36
C GLU C 424 -0.38 22.37 -50.88
N ARG C 425 0.45 23.18 -50.21
CA ARG C 425 0.65 24.55 -50.66
C ARG C 425 1.30 24.61 -52.03
N GLN C 426 2.31 23.77 -52.26
CA GLN C 426 2.99 23.76 -53.55
C GLN C 426 2.04 23.32 -54.68
N ALA C 427 1.22 22.30 -54.41
CA ALA C 427 0.25 21.86 -55.39
C ALA C 427 -0.79 22.94 -55.67
N GLN C 428 -1.20 23.68 -54.64
CA GLN C 428 -2.18 24.73 -54.83
C GLN C 428 -1.66 25.81 -55.76
N LEU C 429 -0.40 26.20 -55.60
CA LEU C 429 0.19 27.23 -56.44
C LEU C 429 0.61 26.67 -57.80
N LYS C 446 15.02 28.83 -49.89
CA LYS C 446 15.22 29.74 -48.76
C LYS C 446 14.91 29.04 -47.44
N PHE C 447 13.62 28.95 -47.13
CA PHE C 447 13.14 28.33 -45.90
C PHE C 447 12.37 27.06 -46.25
N ARG C 448 12.72 25.96 -45.58
CA ARG C 448 12.05 24.69 -45.86
C ARG C 448 10.57 24.74 -45.53
N PHE C 449 10.22 25.37 -44.40
CA PHE C 449 8.83 25.48 -43.97
C PHE C 449 8.50 26.93 -43.67
N THR C 450 7.31 27.35 -44.10
CA THR C 450 6.83 28.70 -43.93
C THR C 450 5.75 28.70 -42.84
N PHE C 451 5.45 29.89 -42.32
CA PHE C 451 4.45 29.99 -41.26
C PHE C 451 3.08 29.50 -41.71
N HIS C 452 2.83 29.43 -43.02
CA HIS C 452 1.57 28.86 -43.50
C HIS C 452 1.42 27.41 -43.06
N GLU C 453 2.50 26.63 -43.15
CA GLU C 453 2.42 25.22 -42.82
C GLU C 453 2.11 25.02 -41.34
N VAL C 454 2.82 25.73 -40.47
CA VAL C 454 2.55 25.59 -39.04
C VAL C 454 1.17 26.12 -38.70
N SER C 455 0.72 27.18 -39.38
CA SER C 455 -0.63 27.67 -39.15
C SER C 455 -1.67 26.63 -39.53
N LYS C 456 -1.46 25.93 -40.64
CA LYS C 456 -2.40 24.88 -41.04
C LYS C 456 -2.36 23.70 -40.07
N VAL C 457 -1.18 23.36 -39.56
CA VAL C 457 -1.09 22.30 -38.56
C VAL C 457 -1.86 22.68 -37.30
N LEU C 458 -1.68 23.92 -36.85
CA LEU C 458 -2.42 24.40 -35.69
C LEU C 458 -3.91 24.47 -35.96
N LYS C 459 -4.31 24.72 -37.21
CA LYS C 459 -5.73 24.71 -37.56
C LYS C 459 -6.26 23.28 -37.55
N ASP C 460 -5.44 22.31 -37.93
CA ASP C 460 -5.84 20.92 -37.81
C ASP C 460 -6.04 20.53 -36.35
N PHE C 461 -5.17 21.01 -35.48
CA PHE C 461 -5.24 20.61 -34.07
C PHE C 461 -6.30 21.36 -33.28
N LEU C 462 -6.23 22.68 -33.27
CA LEU C 462 -7.14 23.47 -32.45
C LEU C 462 -8.31 24.00 -33.27
N ASP C 463 -8.01 24.60 -34.43
CA ASP C 463 -8.94 25.07 -35.45
C ASP C 463 -9.68 26.35 -35.10
N ASP C 464 -9.62 26.82 -33.86
CA ASP C 464 -10.26 28.08 -33.53
C ASP C 464 -9.29 29.02 -32.83
N THR C 465 -8.46 28.46 -31.95
CA THR C 465 -7.59 29.28 -31.13
C THR C 465 -6.47 29.92 -31.96
N CYS C 466 -5.87 29.14 -32.85
CA CYS C 466 -4.73 29.61 -33.63
C CYS C 466 -5.21 30.34 -34.88
N LYS C 467 -5.77 31.53 -34.66
CA LYS C 467 -6.15 32.43 -35.73
C LYS C 467 -5.47 33.77 -35.50
N GLY C 468 -4.69 34.21 -36.48
CA GLY C 468 -3.99 35.47 -36.36
C GLY C 468 -2.70 35.43 -35.57
N PHE C 469 -2.23 34.25 -35.16
CA PHE C 469 -0.94 34.17 -34.48
C PHE C 469 0.18 34.66 -35.38
N TYR C 470 0.19 34.22 -36.63
CA TYR C 470 1.23 34.58 -37.56
C TYR C 470 0.72 35.08 -38.90
N GLN C 471 -0.58 34.95 -39.18
CA GLN C 471 -1.13 35.47 -40.43
C GLN C 471 -1.25 36.98 -40.41
N LYS C 472 -1.40 37.59 -39.24
CA LYS C 472 -1.47 39.04 -39.14
C LYS C 472 -0.09 39.64 -39.36
N LEU C 473 -0.06 40.77 -40.07
CA LEU C 473 1.21 41.45 -40.35
C LEU C 473 1.39 42.66 -39.44
N ASN C 489 1.45 38.33 -46.18
CA ASN C 489 0.69 37.86 -45.04
C ASN C 489 1.57 37.69 -43.80
N LEU C 490 2.73 37.08 -44.00
CA LEU C 490 3.65 36.84 -42.89
C LEU C 490 4.16 38.17 -42.33
N PRO C 491 4.41 38.23 -41.03
CA PRO C 491 4.89 39.47 -40.42
C PRO C 491 6.36 39.71 -40.75
N ASP C 492 6.89 40.80 -40.23
CA ASP C 492 8.29 41.12 -40.44
C ASP C 492 9.18 40.14 -39.70
N MET C 493 10.18 39.59 -40.39
CA MET C 493 11.08 38.63 -39.76
C MET C 493 11.90 39.27 -38.66
N ASP C 494 12.25 40.56 -38.82
CA ASP C 494 13.04 41.26 -37.83
C ASP C 494 12.22 41.78 -36.65
N ARG C 495 10.92 41.54 -36.64
CA ARG C 495 10.05 42.00 -35.56
C ARG C 495 9.89 40.91 -34.51
N ARG C 496 10.09 41.28 -33.25
CA ARG C 496 10.00 40.31 -32.17
C ARG C 496 8.57 39.87 -31.95
N CYS C 497 8.41 38.62 -31.48
CA CYS C 497 7.09 38.06 -31.26
C CYS C 497 6.38 38.76 -30.12
N GLU C 498 5.06 38.96 -30.28
CA GLU C 498 4.28 39.58 -29.23
C GLU C 498 4.15 38.68 -28.00
N HIS C 499 4.07 37.37 -28.21
CA HIS C 499 3.93 36.39 -27.14
C HIS C 499 5.03 35.35 -27.30
N PRO C 500 6.26 35.69 -26.89
CA PRO C 500 7.37 34.75 -27.14
C PRO C 500 7.21 33.42 -26.43
N TRP C 501 6.83 33.45 -25.16
CA TRP C 501 6.70 32.20 -24.41
C TRP C 501 5.59 31.32 -24.97
N ARG C 502 4.49 31.93 -25.42
CA ARG C 502 3.42 31.16 -26.04
C ARG C 502 3.92 30.42 -27.27
N ASP C 503 4.63 31.13 -28.15
CA ASP C 503 5.12 30.50 -29.37
C ASP C 503 6.14 29.42 -29.07
N LEU C 504 7.05 29.67 -28.12
CA LEU C 504 8.04 28.67 -27.76
C LEU C 504 7.39 27.42 -27.18
N PHE C 505 6.42 27.61 -26.28
CA PHE C 505 5.72 26.47 -25.71
C PHE C 505 4.96 25.69 -26.78
N LEU C 506 4.30 26.40 -27.69
CA LEU C 506 3.54 25.73 -28.73
C LEU C 506 4.47 24.94 -29.66
N TRP C 507 5.61 25.54 -29.98
CA TRP C 507 6.61 24.94 -30.85
C TRP C 507 7.18 23.68 -30.21
N ALA C 508 7.55 23.79 -28.94
CA ALA C 508 8.12 22.65 -28.22
C ALA C 508 7.08 21.57 -28.03
N ILE C 509 5.81 21.95 -27.98
CA ILE C 509 4.74 20.97 -27.81
C ILE C 509 4.45 20.22 -29.11
N LEU C 510 4.49 20.90 -30.25
CA LEU C 510 4.19 20.23 -31.50
C LEU C 510 5.14 19.08 -31.81
N GLN C 511 6.30 19.06 -31.19
CA GLN C 511 7.28 18.00 -31.43
C GLN C 511 7.58 17.01 -30.30
N ASN C 512 6.62 16.88 -29.39
CA ASN C 512 6.68 15.97 -28.25
C ASN C 512 7.86 16.15 -27.31
N ARG C 513 8.39 17.37 -27.25
CA ARG C 513 9.46 17.66 -26.33
C ARG C 513 8.70 18.15 -25.12
N GLN C 514 8.66 17.34 -24.08
CA GLN C 514 7.88 17.68 -22.91
C GLN C 514 8.61 18.44 -21.81
N GLU C 515 9.89 18.14 -21.65
CA GLU C 515 10.69 18.79 -20.62
C GLU C 515 10.95 20.24 -21.00
N MET C 516 11.24 20.48 -22.27
CA MET C 516 11.51 21.83 -22.74
C MET C 516 10.20 22.60 -22.74
N ALA C 517 9.13 21.91 -23.12
CA ALA C 517 7.80 22.51 -23.17
C ALA C 517 7.28 22.82 -21.77
N ASN C 518 7.55 21.95 -20.80
CA ASN C 518 7.19 22.23 -19.42
C ASN C 518 7.92 23.47 -18.91
N TYR C 519 9.20 23.58 -19.23
CA TYR C 519 9.95 24.77 -18.84
C TYR C 519 9.34 26.03 -19.46
N PHE C 520 8.96 25.96 -20.73
CA PHE C 520 8.33 27.12 -21.38
C PHE C 520 6.99 27.44 -20.75
N TRP C 521 6.23 26.42 -20.37
CA TRP C 521 4.97 26.64 -19.68
C TRP C 521 5.19 27.31 -18.33
N ALA C 522 6.26 26.95 -17.63
CA ALA C 522 6.56 27.56 -16.34
C ALA C 522 6.92 29.03 -16.43
N MET C 523 7.24 29.53 -17.64
CA MET C 523 7.60 30.93 -17.81
C MET C 523 6.55 31.75 -18.52
N GLY C 524 5.55 31.13 -19.13
CA GLY C 524 4.52 31.83 -19.87
C GLY C 524 3.58 32.62 -18.97
N PRO C 525 2.98 33.67 -19.53
CA PRO C 525 2.06 34.48 -18.71
C PRO C 525 0.77 33.76 -18.34
N GLU C 526 0.09 33.16 -19.31
CA GLU C 526 -1.20 32.50 -19.08
C GLU C 526 -0.98 31.00 -19.10
N ALA C 527 -1.06 30.37 -17.93
CA ALA C 527 -0.62 28.99 -17.78
C ALA C 527 -1.76 27.98 -17.83
N VAL C 528 -2.95 28.31 -17.34
CA VAL C 528 -4.06 27.37 -17.41
C VAL C 528 -4.46 27.13 -18.86
N ALA C 529 -4.61 28.22 -19.63
CA ALA C 529 -4.93 28.07 -21.04
C ALA C 529 -3.84 27.34 -21.79
N ALA C 530 -2.58 27.63 -21.47
CA ALA C 530 -1.47 26.96 -22.13
C ALA C 530 -1.48 25.47 -21.83
N ALA C 531 -1.74 25.09 -20.58
CA ALA C 531 -1.79 23.68 -20.23
C ALA C 531 -2.94 22.96 -20.93
N LEU C 532 -4.10 23.61 -21.00
CA LEU C 532 -5.23 22.99 -21.69
C LEU C 532 -4.95 22.84 -23.19
N VAL C 533 -4.33 23.85 -23.80
CA VAL C 533 -3.93 23.74 -25.20
C VAL C 533 -2.95 22.60 -25.39
N GLY C 534 -2.00 22.48 -24.46
CA GLY C 534 -1.03 21.40 -24.56
C GLY C 534 -1.67 20.03 -24.47
N CYS C 535 -2.59 19.85 -23.53
CA CYS C 535 -3.23 18.54 -23.41
C CYS C 535 -4.08 18.23 -24.62
N LYS C 536 -4.76 19.25 -25.18
CA LYS C 536 -5.50 19.04 -26.42
C LYS C 536 -4.58 18.58 -27.54
N ILE C 537 -3.45 19.27 -27.71
CA ILE C 537 -2.53 18.93 -28.79
C ILE C 537 -1.98 17.53 -28.59
N MET C 538 -1.67 17.17 -27.34
CA MET C 538 -1.07 15.85 -27.10
C MET C 538 -2.08 14.74 -27.35
N LYS C 539 -3.34 14.93 -26.92
CA LYS C 539 -4.32 13.89 -27.18
C LYS C 539 -4.73 13.86 -28.65
N GLU C 540 -4.52 14.95 -29.39
CA GLU C 540 -4.74 14.88 -30.83
C GLU C 540 -3.59 14.16 -31.53
N MET C 541 -2.36 14.37 -31.08
CA MET C 541 -1.20 13.75 -31.69
C MET C 541 -1.04 12.29 -31.32
N ALA C 542 -1.60 11.86 -30.19
CA ALA C 542 -1.48 10.46 -29.80
C ALA C 542 -2.05 9.54 -30.87
N HIS C 543 -3.10 10.00 -31.57
CA HIS C 543 -3.65 9.20 -32.66
C HIS C 543 -2.71 9.15 -33.86
N LEU C 544 -2.01 10.25 -34.14
CA LEU C 544 -1.14 10.32 -35.30
C LEU C 544 0.24 9.74 -35.04
N ALA C 545 0.54 9.34 -33.82
CA ALA C 545 1.87 8.83 -33.50
C ALA C 545 2.11 7.50 -34.19
N THR C 546 3.33 7.32 -34.71
CA THR C 546 3.72 6.07 -35.35
C THR C 546 4.33 5.08 -34.37
N GLU C 547 5.42 5.47 -33.72
CA GLU C 547 6.07 4.61 -32.75
C GLU C 547 5.20 4.44 -31.51
N ALA C 548 5.28 3.25 -30.91
CA ALA C 548 4.48 2.99 -29.72
C ALA C 548 4.99 3.77 -28.52
N GLU C 549 6.31 3.94 -28.40
CA GLU C 549 6.85 4.68 -27.28
C GLU C 549 6.43 6.14 -27.31
N SER C 550 6.46 6.76 -28.49
CA SER C 550 6.02 8.15 -28.61
C SER C 550 4.54 8.29 -28.29
N ALA C 551 3.73 7.35 -28.77
CA ALA C 551 2.30 7.39 -28.48
C ALA C 551 2.05 7.25 -26.99
N ARG C 552 2.79 6.35 -26.32
CA ARG C 552 2.63 6.21 -24.88
C ARG C 552 3.05 7.48 -24.15
N SER C 553 4.14 8.10 -24.57
CA SER C 553 4.57 9.34 -23.93
C SER C 553 3.53 10.44 -24.12
N MET C 554 2.93 10.51 -25.30
CA MET C 554 1.91 11.52 -25.55
C MET C 554 0.64 11.26 -24.74
N LYS C 555 0.28 9.98 -24.58
CA LYS C 555 -0.90 9.65 -23.79
C LYS C 555 -0.71 9.95 -22.31
N ASN C 556 0.52 10.16 -21.86
CA ASN C 556 0.83 10.49 -20.47
C ASN C 556 1.41 11.90 -20.36
N ALA C 557 0.83 12.84 -21.10
CA ALA C 557 1.35 14.20 -21.12
C ALA C 557 1.15 14.91 -19.80
N LYS C 558 0.13 14.53 -19.04
CA LYS C 558 -0.22 15.12 -17.74
C LYS C 558 -0.23 16.65 -17.78
N TYR C 559 -0.56 17.23 -18.95
CA TYR C 559 -0.71 18.67 -19.03
C TYR C 559 -2.02 19.14 -18.42
N GLU C 560 -3.08 18.34 -18.56
CA GLU C 560 -4.31 18.65 -17.86
C GLU C 560 -4.11 18.65 -16.36
N GLN C 561 -3.21 17.80 -15.86
CA GLN C 561 -2.90 17.80 -14.44
C GLN C 561 -2.25 19.11 -14.02
N PHE C 562 -1.40 19.67 -14.88
CA PHE C 562 -0.80 20.97 -14.57
C PHE C 562 -1.86 22.05 -14.41
N ALA C 563 -2.81 22.10 -15.35
CA ALA C 563 -3.88 23.09 -15.27
C ALA C 563 -4.73 22.87 -14.02
N MET C 564 -5.07 21.62 -13.72
CA MET C 564 -5.89 21.35 -12.55
C MET C 564 -5.17 21.76 -11.27
N ASP C 565 -3.89 21.42 -11.14
CA ASP C 565 -3.15 21.77 -9.93
C ASP C 565 -2.98 23.28 -9.79
N LEU C 566 -2.65 23.96 -10.88
CA LEU C 566 -2.46 25.40 -10.81
C LEU C 566 -3.78 26.10 -10.48
N PHE C 567 -4.88 25.63 -11.06
CA PHE C 567 -6.16 26.24 -10.75
C PHE C 567 -6.59 25.90 -9.33
N SER C 568 -6.22 24.73 -8.81
CA SER C 568 -6.49 24.45 -7.41
C SER C 568 -5.75 25.43 -6.50
N GLU C 569 -4.49 25.72 -6.83
CA GLU C 569 -3.75 26.72 -6.08
C GLU C 569 -4.41 28.09 -6.18
N CYS C 570 -4.83 28.49 -7.38
CA CYS C 570 -5.47 29.79 -7.56
C CYS C 570 -6.78 29.87 -6.79
N TYR C 571 -7.58 28.81 -6.83
CA TYR C 571 -8.86 28.79 -6.13
C TYR C 571 -8.67 28.82 -4.62
N SER C 572 -7.64 28.12 -4.13
CA SER C 572 -7.33 28.18 -2.71
C SER C 572 -6.86 29.56 -2.30
N ASN C 573 -6.20 30.29 -3.20
CA ASN C 573 -5.70 31.61 -2.85
C ASN C 573 -6.83 32.63 -2.74
N SER C 574 -7.60 32.79 -3.81
CA SER C 574 -8.59 33.86 -3.90
C SER C 574 -10.03 33.37 -3.92
N GLU C 575 -10.37 32.45 -4.84
CA GLU C 575 -11.70 31.87 -5.00
C GLU C 575 -12.67 32.88 -5.60
N ASP C 576 -12.25 34.14 -5.69
CA ASP C 576 -13.00 35.16 -6.41
C ASP C 576 -12.28 35.60 -7.67
N ARG C 577 -10.95 35.68 -7.61
CA ARG C 577 -10.17 35.93 -8.82
C ARG C 577 -10.12 34.69 -9.69
N ALA C 578 -10.34 33.51 -9.09
CA ALA C 578 -10.33 32.27 -9.86
C ALA C 578 -11.44 32.24 -10.88
N TYR C 579 -12.64 32.72 -10.50
CA TYR C 579 -13.75 32.77 -11.44
C TYR C 579 -13.44 33.72 -12.60
N SER C 580 -12.87 34.88 -12.30
CA SER C 580 -12.50 35.81 -13.35
C SER C 580 -11.45 35.21 -14.27
N LEU C 581 -10.49 34.47 -13.70
CA LEU C 581 -9.51 33.77 -14.51
C LEU C 581 -10.18 32.76 -15.42
N LEU C 582 -11.18 32.05 -14.90
CA LEU C 582 -11.89 31.06 -15.71
C LEU C 582 -12.63 31.72 -16.86
N VAL C 583 -13.27 32.86 -16.62
CA VAL C 583 -14.18 33.44 -17.60
C VAL C 583 -13.59 34.61 -18.36
N ARG C 584 -12.33 34.95 -18.14
CA ARG C 584 -11.75 36.07 -18.87
C ARG C 584 -11.35 35.62 -20.27
N LYS C 585 -11.19 36.61 -21.15
CA LYS C 585 -10.76 36.38 -22.52
C LYS C 585 -9.23 36.49 -22.55
N THR C 586 -8.56 35.36 -22.74
CA THR C 586 -7.11 35.33 -22.71
C THR C 586 -6.53 36.11 -23.87
N CYS C 587 -5.49 36.90 -23.59
CA CYS C 587 -4.85 37.69 -24.63
C CYS C 587 -3.96 36.85 -25.53
N CYS C 588 -3.29 35.84 -24.97
CA CYS C 588 -2.31 35.09 -25.74
C CYS C 588 -2.97 34.06 -26.65
N TRP C 589 -4.24 33.75 -26.45
CA TRP C 589 -4.92 32.70 -27.20
C TRP C 589 -6.13 33.22 -27.97
N SER C 590 -5.98 34.40 -28.57
CA SER C 590 -6.98 34.96 -29.48
C SER C 590 -8.35 35.10 -28.81
N LYS C 591 -8.35 35.75 -27.64
CA LYS C 591 -9.58 36.08 -26.92
C LYS C 591 -10.43 34.85 -26.67
N ALA C 592 -9.79 33.76 -26.27
CA ALA C 592 -10.48 32.50 -25.98
C ALA C 592 -10.57 32.32 -24.48
N THR C 593 -11.78 32.07 -24.00
CA THR C 593 -12.01 31.81 -22.59
C THR C 593 -11.36 30.48 -22.20
N VAL C 594 -10.85 30.43 -20.96
CA VAL C 594 -10.24 29.20 -20.47
C VAL C 594 -11.24 28.05 -20.51
N LEU C 595 -12.50 28.32 -20.19
CA LEU C 595 -13.54 27.30 -20.32
C LEU C 595 -13.71 26.87 -21.78
N ASN C 596 -13.59 27.82 -22.72
CA ASN C 596 -13.67 27.46 -24.12
C ASN C 596 -12.55 26.50 -24.52
N ILE C 597 -11.34 26.77 -24.04
CA ILE C 597 -10.21 25.90 -24.38
C ILE C 597 -10.37 24.53 -23.71
N ALA C 598 -10.90 24.51 -22.48
CA ALA C 598 -11.15 23.24 -21.82
C ALA C 598 -12.19 22.43 -22.58
N THR C 599 -13.22 23.10 -23.10
CA THR C 599 -14.20 22.41 -23.95
C THR C 599 -13.54 21.89 -25.21
N LEU C 600 -12.69 22.69 -25.83
CA LEU C 600 -11.96 22.24 -27.02
C LEU C 600 -11.08 21.05 -26.71
N ALA C 601 -10.38 21.10 -25.57
CA ALA C 601 -9.50 20.00 -25.17
C ALA C 601 -10.26 18.81 -24.62
N GLU C 602 -11.56 18.96 -24.35
CA GLU C 602 -12.35 17.92 -23.69
C GLU C 602 -11.68 17.48 -22.40
N ALA C 603 -11.17 18.44 -21.64
CA ALA C 603 -10.52 18.19 -20.37
C ALA C 603 -11.59 17.91 -19.32
N LYS C 604 -12.08 16.67 -19.33
CA LYS C 604 -13.16 16.30 -18.43
C LYS C 604 -12.72 16.40 -16.98
N CYS C 605 -11.49 16.00 -16.68
CA CYS C 605 -11.00 16.10 -15.31
C CYS C 605 -10.88 17.54 -14.85
N PHE C 606 -10.65 18.47 -15.77
CA PHE C 606 -10.60 19.88 -15.40
C PHE C 606 -11.98 20.39 -14.99
N PHE C 607 -13.01 20.06 -15.76
CA PHE C 607 -14.36 20.51 -15.42
C PHE C 607 -14.87 19.87 -14.14
N ALA C 608 -14.30 18.72 -13.75
CA ALA C 608 -14.67 18.08 -12.51
C ALA C 608 -14.09 18.77 -11.29
N HIS C 609 -13.23 19.77 -11.48
CA HIS C 609 -12.62 20.46 -10.36
C HIS C 609 -13.68 21.19 -9.55
N ASP C 610 -13.40 21.34 -8.25
CA ASP C 610 -14.37 21.95 -7.34
C ASP C 610 -14.65 23.40 -7.71
N GLY C 611 -13.62 24.15 -8.11
CA GLY C 611 -13.83 25.54 -8.46
C GLY C 611 -14.69 25.73 -9.69
N VAL C 612 -14.44 24.93 -10.73
CA VAL C 612 -15.24 25.03 -11.95
C VAL C 612 -16.68 24.65 -11.66
N GLN C 613 -16.88 23.58 -10.88
CA GLN C 613 -18.23 23.17 -10.53
C GLN C 613 -18.94 24.23 -9.68
N ALA C 614 -18.19 24.89 -8.79
CA ALA C 614 -18.78 25.95 -7.99
C ALA C 614 -19.20 27.13 -8.86
N LEU C 615 -18.37 27.50 -9.84
CA LEU C 615 -18.75 28.56 -10.75
C LEU C 615 -19.97 28.17 -11.58
N LEU C 616 -20.03 26.91 -12.01
CA LEU C 616 -21.18 26.44 -12.78
C LEU C 616 -22.44 26.46 -11.94
N THR C 617 -22.34 26.09 -10.66
CA THR C 617 -23.48 26.17 -9.76
C THR C 617 -23.91 27.62 -9.55
N LYS C 618 -22.95 28.52 -9.45
CA LYS C 618 -23.27 29.94 -9.30
C LYS C 618 -24.02 30.45 -10.53
N VAL C 619 -23.61 30.01 -11.72
CA VAL C 619 -24.34 30.36 -12.93
C VAL C 619 -25.72 29.71 -12.94
N TRP C 620 -25.80 28.48 -12.44
CA TRP C 620 -27.03 27.71 -12.50
C TRP C 620 -28.15 28.37 -11.72
N TRP C 621 -27.85 28.88 -10.54
CA TRP C 621 -28.84 29.51 -9.69
C TRP C 621 -29.10 30.96 -10.04
N GLY C 622 -28.34 31.54 -10.96
CA GLY C 622 -28.58 32.91 -11.36
C GLY C 622 -28.43 33.86 -10.18
N ALA C 623 -29.41 34.75 -10.03
CA ALA C 623 -29.35 35.73 -8.96
C ALA C 623 -29.67 35.15 -7.59
N MET C 624 -30.32 33.98 -7.55
CA MET C 624 -30.67 33.39 -6.27
C MET C 624 -29.42 32.84 -5.59
N ARG C 625 -29.53 32.65 -4.27
CA ARG C 625 -28.43 32.09 -3.50
C ARG C 625 -28.31 30.59 -3.77
N THR C 626 -27.06 30.12 -3.85
CA THR C 626 -26.82 28.73 -4.22
C THR C 626 -27.28 27.75 -3.15
N ASP C 627 -27.52 28.22 -1.93
CA ASP C 627 -27.97 27.33 -0.86
C ASP C 627 -29.50 27.26 -0.75
N THR C 628 -30.22 27.88 -1.70
CA THR C 628 -31.68 27.86 -1.65
C THR C 628 -32.19 26.42 -1.70
N SER C 629 -33.10 26.09 -0.79
CA SER C 629 -33.65 24.75 -0.75
C SER C 629 -34.53 24.47 -1.95
N ILE C 630 -34.48 23.23 -2.43
CA ILE C 630 -35.27 22.84 -3.59
C ILE C 630 -36.76 22.92 -3.28
N SER C 631 -37.15 22.51 -2.07
CA SER C 631 -38.56 22.59 -1.69
C SER C 631 -39.06 24.03 -1.70
N ARG C 632 -38.31 24.94 -1.10
CA ARG C 632 -38.68 26.35 -1.12
C ARG C 632 -38.70 26.88 -2.55
N LEU C 633 -37.75 26.43 -3.37
CA LEU C 633 -37.69 26.91 -4.74
C LEU C 633 -38.91 26.48 -5.55
N VAL C 634 -39.29 25.21 -5.47
CA VAL C 634 -40.45 24.75 -6.22
C VAL C 634 -41.73 25.35 -5.64
N LEU C 635 -41.77 25.57 -4.32
CA LEU C 635 -42.92 26.22 -3.71
C LEU C 635 -43.07 27.64 -4.26
N THR C 636 -41.96 28.37 -4.38
CA THR C 636 -42.02 29.70 -4.98
C THR C 636 -42.43 29.62 -6.45
N PHE C 637 -41.93 28.63 -7.17
CA PHE C 637 -42.24 28.51 -8.59
C PHE C 637 -43.72 28.27 -8.82
N PHE C 638 -44.35 27.40 -8.01
CA PHE C 638 -45.72 27.02 -8.29
C PHE C 638 -46.71 28.14 -7.98
N ILE C 639 -46.41 28.98 -7.00
CA ILE C 639 -47.22 30.17 -6.72
C ILE C 639 -46.36 31.40 -6.97
N PRO C 640 -46.51 32.03 -8.13
CA PRO C 640 -45.60 33.11 -8.56
C PRO C 640 -45.52 34.27 -7.57
N PRO C 641 -46.61 34.72 -6.96
CA PRO C 641 -46.52 35.95 -6.14
C PRO C 641 -45.54 35.86 -4.98
N LEU C 642 -45.19 34.66 -4.52
CA LEU C 642 -44.23 34.56 -3.43
C LEU C 642 -42.81 34.92 -3.83
N VAL C 643 -42.59 35.35 -5.07
CA VAL C 643 -41.25 35.77 -5.46
C VAL C 643 -40.85 37.05 -4.73
N TRP C 644 -41.80 37.95 -4.48
CA TRP C 644 -41.51 39.20 -3.82
C TRP C 644 -41.36 39.06 -2.31
N THR C 645 -41.78 37.93 -1.76
CA THR C 645 -41.57 37.64 -0.34
C THR C 645 -40.09 37.30 -0.13
N SER C 646 -39.64 37.31 1.13
CA SER C 646 -38.27 36.96 1.46
C SER C 646 -38.08 35.46 1.63
N LEU C 647 -38.92 34.66 0.99
CA LEU C 647 -38.84 33.21 1.15
C LEU C 647 -37.52 32.67 0.59
N ILE C 648 -37.06 33.22 -0.53
CA ILE C 648 -35.80 32.81 -1.15
C ILE C 648 -34.86 34.00 -1.17
N LYS C 649 -33.63 33.79 -0.68
CA LYS C 649 -32.65 34.85 -0.64
C LYS C 649 -32.07 35.11 -2.02
N PHE C 650 -31.60 36.34 -2.24
CA PHE C 650 -31.08 36.77 -3.52
C PHE C 650 -29.69 37.36 -3.34
N ASN C 651 -28.84 37.15 -4.33
CA ASN C 651 -27.50 37.72 -4.29
C ASN C 651 -27.60 39.24 -4.39
N PRO C 652 -26.79 39.99 -3.63
CA PRO C 652 -26.84 41.45 -3.73
C PRO C 652 -26.38 41.93 -5.10
N GLU C 653 -27.00 43.01 -5.56
CA GLU C 653 -26.68 43.63 -6.85
C GLU C 653 -26.77 42.62 -7.99
N SER C 698 -43.29 55.83 -7.50
CA SER C 698 -44.11 54.71 -7.92
C SER C 698 -43.46 53.96 -9.09
N ALA C 699 -42.90 54.72 -10.04
CA ALA C 699 -42.23 54.10 -11.17
C ALA C 699 -41.01 53.31 -10.71
N THR C 700 -40.27 53.83 -9.72
CA THR C 700 -39.11 53.13 -9.20
C THR C 700 -39.52 51.81 -8.56
N PHE C 701 -40.63 51.81 -7.80
CA PHE C 701 -41.11 50.57 -7.21
C PHE C 701 -41.52 49.57 -8.28
N ILE C 702 -42.16 50.05 -9.36
CA ILE C 702 -42.49 49.17 -10.48
C ILE C 702 -41.23 48.59 -11.07
N ARG C 703 -40.19 49.42 -11.23
CA ARG C 703 -38.91 48.92 -11.71
C ARG C 703 -38.34 47.87 -10.77
N VAL C 704 -38.47 48.08 -9.46
CA VAL C 704 -37.92 47.14 -8.49
C VAL C 704 -38.62 45.78 -8.60
N VAL C 705 -39.95 45.80 -8.65
CA VAL C 705 -40.68 44.53 -8.70
C VAL C 705 -40.44 43.83 -10.04
N LEU C 706 -40.36 44.61 -11.13
CA LEU C 706 -40.05 44.02 -12.42
C LEU C 706 -38.66 43.37 -12.42
N ARG C 707 -37.68 44.04 -11.81
CA ARG C 707 -36.35 43.49 -11.73
C ARG C 707 -36.32 42.21 -10.90
N ARG C 708 -37.05 42.19 -9.78
CA ARG C 708 -37.15 40.98 -8.98
C ARG C 708 -37.75 39.84 -9.78
N TRP C 709 -38.84 40.11 -10.49
CA TRP C 709 -39.50 39.10 -11.30
C TRP C 709 -38.55 38.55 -12.37
N ASN C 710 -37.87 39.45 -13.08
CA ASN C 710 -36.94 39.03 -14.13
C ASN C 710 -35.79 38.21 -13.54
N ARG C 711 -35.22 38.67 -12.42
CA ARG C 711 -34.08 37.98 -11.83
C ARG C 711 -34.46 36.59 -11.35
N PHE C 712 -35.68 36.41 -10.86
CA PHE C 712 -36.09 35.06 -10.48
C PHE C 712 -36.37 34.20 -11.70
N TRP C 713 -37.06 34.75 -12.70
CA TRP C 713 -37.49 33.92 -13.82
C TRP C 713 -36.45 33.78 -14.92
N SER C 714 -35.36 34.53 -14.88
CA SER C 714 -34.28 34.37 -15.83
C SER C 714 -33.22 33.39 -15.35
N ALA C 715 -33.32 32.90 -14.12
CA ALA C 715 -32.35 31.96 -13.61
C ALA C 715 -32.43 30.65 -14.41
N PRO C 716 -31.29 30.05 -14.74
CA PRO C 716 -31.32 28.79 -15.50
C PRO C 716 -32.08 27.68 -14.82
N VAL C 717 -32.07 27.62 -13.49
CA VAL C 717 -32.77 26.53 -12.80
C VAL C 717 -34.28 26.68 -12.93
N THR C 718 -34.79 27.91 -12.84
CA THR C 718 -36.22 28.12 -13.04
C THR C 718 -36.62 27.83 -14.48
N VAL C 719 -35.77 28.21 -15.44
CA VAL C 719 -36.04 27.87 -16.84
C VAL C 719 -36.10 26.36 -17.01
N PHE C 720 -35.16 25.64 -16.37
CA PHE C 720 -35.12 24.20 -16.51
C PHE C 720 -36.36 23.55 -15.91
N MET C 721 -36.80 24.02 -14.74
CA MET C 721 -37.99 23.42 -14.14
C MET C 721 -39.24 23.76 -14.93
N GLY C 722 -39.32 24.97 -15.49
CA GLY C 722 -40.43 25.29 -16.37
C GLY C 722 -40.47 24.40 -17.59
N ASN C 723 -39.30 24.16 -18.19
CA ASN C 723 -39.24 23.25 -19.33
C ASN C 723 -39.67 21.84 -18.94
N VAL C 724 -39.24 21.38 -17.76
CA VAL C 724 -39.60 20.03 -17.32
C VAL C 724 -41.10 19.93 -17.10
N ILE C 725 -41.68 20.91 -16.41
CA ILE C 725 -43.11 20.88 -16.11
C ILE C 725 -43.92 20.93 -17.40
N MET C 726 -43.54 21.81 -18.33
CA MET C 726 -44.32 21.91 -19.56
C MET C 726 -44.04 20.75 -20.51
N TYR C 727 -42.91 20.06 -20.35
CA TYR C 727 -42.72 18.82 -21.10
C TYR C 727 -43.59 17.71 -20.54
N PHE C 728 -43.77 17.68 -19.21
CA PHE C 728 -44.74 16.76 -18.63
C PHE C 728 -46.15 17.05 -19.15
N ALA C 729 -46.50 18.34 -19.22
CA ALA C 729 -47.79 18.71 -19.76
C ALA C 729 -47.91 18.31 -21.23
N PHE C 730 -46.83 18.47 -22.00
CA PHE C 730 -46.83 18.06 -23.39
C PHE C 730 -47.06 16.57 -23.53
N LEU C 731 -46.38 15.77 -22.71
CA LEU C 731 -46.57 14.33 -22.76
C LEU C 731 -47.99 13.94 -22.37
N ILE C 732 -48.55 14.61 -21.36
CA ILE C 732 -49.92 14.31 -20.93
C ILE C 732 -50.90 14.63 -22.05
N LEU C 733 -50.73 15.78 -22.70
CA LEU C 733 -51.60 16.13 -23.81
C LEU C 733 -51.44 15.17 -24.97
N PHE C 734 -50.20 14.76 -25.26
CA PHE C 734 -49.96 13.80 -26.34
C PHE C 734 -50.69 12.49 -26.06
N SER C 735 -50.58 12.00 -24.83
CA SER C 735 -51.24 10.75 -24.47
C SER C 735 -52.75 10.90 -24.52
N TYR C 736 -53.28 12.04 -24.06
CA TYR C 736 -54.72 12.25 -24.13
C TYR C 736 -55.21 12.24 -25.56
N VAL C 737 -54.52 12.94 -26.45
CA VAL C 737 -54.92 12.97 -27.86
C VAL C 737 -54.83 11.58 -28.45
N LEU C 738 -53.77 10.84 -28.11
CA LEU C 738 -53.55 9.52 -28.70
C LEU C 738 -54.57 8.50 -28.24
N LEU C 739 -54.98 8.55 -26.96
CA LEU C 739 -55.78 7.50 -26.36
C LEU C 739 -57.26 7.81 -26.29
N LEU C 740 -57.64 9.09 -26.21
CA LEU C 740 -59.04 9.45 -25.99
C LEU C 740 -59.61 10.43 -27.00
N ASP C 741 -58.78 11.23 -27.67
CA ASP C 741 -59.26 12.26 -28.58
C ASP C 741 -58.58 12.16 -29.94
N PHE C 742 -58.48 10.94 -30.46
CA PHE C 742 -57.98 10.70 -31.81
C PHE C 742 -59.18 10.43 -32.71
N ARG C 743 -59.51 11.38 -33.55
CA ARG C 743 -60.74 11.37 -34.33
C ARG C 743 -60.47 10.84 -35.73
N PRO C 744 -61.52 10.55 -36.49
CA PRO C 744 -61.35 10.10 -37.88
C PRO C 744 -60.65 11.15 -38.73
N PRO C 745 -60.34 10.82 -39.99
CA PRO C 745 -59.60 11.75 -40.85
C PRO C 745 -60.28 13.11 -40.98
N PRO C 746 -59.59 14.09 -41.56
CA PRO C 746 -60.09 15.48 -41.58
C PRO C 746 -61.49 15.61 -42.16
N PRO C 747 -61.94 14.71 -43.05
CA PRO C 747 -63.38 14.69 -43.38
C PRO C 747 -64.27 14.81 -42.15
N TYR C 748 -63.86 14.20 -41.04
CA TYR C 748 -64.48 14.41 -39.74
C TYR C 748 -63.63 15.27 -38.82
N GLY C 749 -62.42 15.63 -39.23
CA GLY C 749 -61.64 16.64 -38.55
C GLY C 749 -60.82 16.11 -37.39
N PRO C 750 -59.55 16.49 -37.32
CA PRO C 750 -58.78 16.26 -36.11
C PRO C 750 -59.34 17.09 -34.96
N SER C 751 -59.17 16.57 -33.75
CA SER C 751 -59.69 17.25 -32.59
C SER C 751 -58.96 18.58 -32.37
N ALA C 752 -59.60 19.47 -31.61
CA ALA C 752 -58.95 20.73 -31.27
C ALA C 752 -57.69 20.48 -30.47
N ALA C 753 -57.73 19.52 -29.54
CA ALA C 753 -56.53 19.15 -28.80
C ALA C 753 -55.44 18.66 -29.74
N GLU C 754 -55.81 17.99 -30.83
CA GLU C 754 -54.80 17.57 -31.80
C GLU C 754 -54.14 18.75 -32.48
N ILE C 755 -54.93 19.78 -32.81
CA ILE C 755 -54.35 20.99 -33.39
C ILE C 755 -53.41 21.66 -32.40
N ILE C 756 -53.82 21.73 -31.12
CA ILE C 756 -52.96 22.30 -30.10
C ILE C 756 -51.66 21.51 -30.00
N LEU C 757 -51.76 20.18 -30.07
CA LEU C 757 -50.57 19.34 -30.02
C LEU C 757 -49.66 19.59 -31.22
N TYR C 758 -50.25 19.76 -32.40
CA TYR C 758 -49.45 20.06 -33.59
C TYR C 758 -48.70 21.37 -33.43
N PHE C 759 -49.38 22.39 -32.93
CA PHE C 759 -48.72 23.67 -32.72
C PHE C 759 -47.64 23.56 -31.66
N TRP C 760 -47.89 22.76 -30.62
CA TRP C 760 -46.89 22.55 -29.57
C TRP C 760 -45.63 21.89 -30.13
N VAL C 761 -45.80 20.86 -30.96
CA VAL C 761 -44.65 20.22 -31.58
C VAL C 761 -43.95 21.18 -32.53
N PHE C 762 -44.71 22.04 -33.21
CA PHE C 762 -44.10 23.02 -34.09
C PHE C 762 -43.21 23.98 -33.31
N THR C 763 -43.68 24.44 -32.15
CA THR C 763 -42.86 25.32 -31.31
C THR C 763 -41.62 24.58 -30.78
N LEU C 764 -41.79 23.31 -30.43
CA LEU C 764 -40.62 22.52 -30.01
C LEU C 764 -39.60 22.44 -31.12
N VAL C 765 -40.05 22.24 -32.36
CA VAL C 765 -39.14 22.18 -33.50
C VAL C 765 -38.45 23.53 -33.71
N LEU C 766 -39.21 24.63 -33.60
CA LEU C 766 -38.61 25.95 -33.73
C LEU C 766 -37.52 26.16 -32.69
N GLU C 767 -37.78 25.76 -31.45
CA GLU C 767 -36.77 25.90 -30.40
C GLU C 767 -35.54 25.05 -30.71
N GLU C 768 -35.75 23.82 -31.18
CA GLU C 768 -34.61 22.98 -31.52
C GLU C 768 -33.78 23.58 -32.64
N ILE C 769 -34.44 24.11 -33.67
CA ILE C 769 -33.73 24.73 -34.78
C ILE C 769 -32.94 25.95 -34.30
N ARG C 770 -33.57 26.80 -33.49
CA ARG C 770 -32.87 27.98 -33.00
C ARG C 770 -31.66 27.59 -32.17
N GLN C 771 -31.83 26.61 -31.27
CA GLN C 771 -30.74 26.17 -30.41
C GLN C 771 -29.59 25.60 -31.23
N SER C 772 -29.91 24.82 -32.26
CA SER C 772 -28.86 24.17 -33.03
C SER C 772 -28.15 25.12 -33.98
N PHE C 773 -28.85 26.13 -34.51
CA PHE C 773 -28.31 26.89 -35.62
C PHE C 773 -28.09 28.37 -35.32
N PHE C 774 -29.01 29.02 -34.62
CA PHE C 774 -28.94 30.48 -34.49
C PHE C 774 -28.16 30.94 -33.27
N THR C 775 -27.56 30.02 -32.51
CA THR C 775 -26.72 30.44 -31.39
C THR C 775 -25.35 30.91 -31.83
N ASP C 776 -24.79 30.31 -32.87
CA ASP C 776 -23.48 30.69 -33.38
C ASP C 776 -23.63 31.48 -34.67
N GLU C 777 -23.17 32.73 -34.66
CA GLU C 777 -23.33 33.58 -35.83
C GLU C 777 -22.35 33.23 -36.94
N ASP C 778 -21.13 32.82 -36.57
CA ASP C 778 -20.06 32.57 -37.52
C ASP C 778 -19.67 31.10 -37.46
N MET C 779 -20.19 30.31 -38.40
CA MET C 779 -19.82 28.91 -38.56
C MET C 779 -20.47 28.40 -39.84
N SER C 780 -19.80 27.45 -40.49
CA SER C 780 -20.33 26.88 -41.71
C SER C 780 -21.62 26.11 -41.43
N ILE C 781 -22.59 26.25 -42.33
CA ILE C 781 -23.87 25.58 -42.17
C ILE C 781 -23.68 24.06 -42.21
N LEU C 782 -22.85 23.58 -43.13
CA LEU C 782 -22.59 22.15 -43.19
C LEU C 782 -21.86 21.66 -41.94
N LYS C 783 -20.94 22.47 -41.41
CA LYS C 783 -20.25 22.10 -40.18
C LYS C 783 -21.22 22.01 -39.02
N LYS C 784 -22.14 22.97 -38.91
CA LYS C 784 -23.13 22.93 -37.84
C LYS C 784 -24.06 21.74 -38.00
N MET C 785 -24.44 21.42 -39.23
CA MET C 785 -25.29 20.25 -39.47
C MET C 785 -24.59 18.96 -39.07
N LYS C 786 -23.30 18.83 -39.41
CA LYS C 786 -22.55 17.64 -39.02
C LYS C 786 -22.41 17.55 -37.51
N LEU C 787 -22.13 18.68 -36.85
CA LEU C 787 -22.04 18.69 -35.40
C LEU C 787 -23.37 18.30 -34.76
N TYR C 788 -24.47 18.79 -35.32
CA TYR C 788 -25.79 18.46 -34.79
C TYR C 788 -26.09 16.98 -34.94
N VAL C 789 -25.88 16.42 -36.14
CA VAL C 789 -26.16 15.00 -36.36
C VAL C 789 -25.15 14.09 -35.68
N GLU C 790 -24.03 14.64 -35.19
CA GLU C 790 -23.06 13.82 -34.47
C GLU C 790 -23.66 13.23 -33.20
N ASP C 791 -24.45 14.02 -32.47
CA ASP C 791 -25.06 13.55 -31.24
C ASP C 791 -26.10 12.48 -31.52
N ASN C 792 -26.12 11.44 -30.69
CA ASN C 792 -27.12 10.39 -30.85
C ASN C 792 -28.49 10.85 -30.37
N TRP C 793 -28.52 11.70 -29.34
CA TRP C 793 -29.81 12.21 -28.87
C TRP C 793 -30.44 13.16 -29.87
N ASN C 794 -29.62 13.93 -30.60
CA ASN C 794 -30.16 14.71 -31.70
C ASN C 794 -30.68 13.81 -32.82
N LYS C 795 -30.03 12.66 -33.03
CA LYS C 795 -30.58 11.67 -33.95
C LYS C 795 -31.95 11.20 -33.48
N CYS C 796 -32.09 10.97 -32.17
CA CYS C 796 -33.39 10.58 -31.62
C CYS C 796 -34.43 11.67 -31.83
N ASP C 797 -34.04 12.94 -31.65
CA ASP C 797 -34.97 14.04 -31.88
C ASP C 797 -35.40 14.10 -33.35
N MET C 798 -34.46 13.92 -34.27
CA MET C 798 -34.80 13.90 -35.69
C MET C 798 -35.73 12.74 -36.00
N VAL C 799 -35.49 11.58 -35.40
CA VAL C 799 -36.38 10.45 -35.58
C VAL C 799 -37.77 10.78 -35.07
N ALA C 800 -37.85 11.44 -33.91
CA ALA C 800 -39.14 11.81 -33.33
C ALA C 800 -39.91 12.73 -34.26
N ILE C 801 -39.25 13.76 -34.79
CA ILE C 801 -39.97 14.70 -35.63
C ILE C 801 -40.33 14.09 -36.98
N SER C 802 -39.44 13.24 -37.52
CA SER C 802 -39.78 12.55 -38.77
C SER C 802 -41.00 11.66 -38.57
N LEU C 803 -41.04 10.94 -37.45
CA LEU C 803 -42.22 10.13 -37.16
C LEU C 803 -43.46 10.99 -37.00
N PHE C 804 -43.31 12.16 -36.36
CA PHE C 804 -44.46 13.02 -36.18
C PHE C 804 -45.02 13.50 -37.51
N VAL C 805 -44.16 13.95 -38.41
CA VAL C 805 -44.64 14.49 -39.68
C VAL C 805 -45.21 13.36 -40.54
N VAL C 806 -44.58 12.19 -40.52
CA VAL C 806 -45.11 11.05 -41.28
C VAL C 806 -46.48 10.65 -40.74
N GLY C 807 -46.62 10.57 -39.41
CA GLY C 807 -47.88 10.20 -38.83
C GLY C 807 -48.97 11.22 -39.10
N LEU C 808 -48.62 12.50 -39.04
CA LEU C 808 -49.60 13.55 -39.34
C LEU C 808 -50.06 13.45 -40.80
N SER C 809 -49.12 13.27 -41.72
CA SER C 809 -49.47 13.16 -43.13
C SER C 809 -50.36 11.94 -43.37
N CYS C 810 -50.02 10.80 -42.77
CA CYS C 810 -50.83 9.60 -42.95
C CYS C 810 -52.20 9.75 -42.31
N ARG C 811 -52.27 10.46 -41.18
CA ARG C 811 -53.55 10.66 -40.51
C ARG C 811 -54.45 11.59 -41.29
N MET C 812 -53.88 12.56 -42.03
CA MET C 812 -54.70 13.40 -42.88
C MET C 812 -55.43 12.58 -43.95
N ALA C 813 -54.86 11.46 -44.37
CA ALA C 813 -55.50 10.60 -45.35
C ALA C 813 -56.51 9.70 -44.66
N MET C 814 -57.22 8.90 -45.46
CA MET C 814 -58.16 7.92 -44.95
C MET C 814 -57.73 6.48 -45.20
N SER C 815 -56.91 6.24 -46.22
CA SER C 815 -56.42 4.89 -46.49
C SER C 815 -55.19 4.55 -45.68
N THR C 816 -54.57 5.53 -45.03
CA THR C 816 -53.39 5.31 -44.20
C THR C 816 -53.62 5.83 -42.77
N TYR C 817 -54.88 5.90 -42.35
CA TYR C 817 -55.20 6.44 -41.04
C TYR C 817 -54.59 5.60 -39.92
N GLU C 818 -54.73 4.28 -40.01
CA GLU C 818 -54.21 3.41 -38.96
C GLU C 818 -52.69 3.44 -38.93
N ALA C 819 -52.06 3.54 -40.10
CA ALA C 819 -50.61 3.68 -40.14
C ALA C 819 -50.15 4.95 -39.44
N GLY C 820 -50.86 6.06 -39.67
CA GLY C 820 -50.53 7.29 -38.98
C GLY C 820 -50.70 7.17 -37.48
N ARG C 821 -51.78 6.51 -37.04
CA ARG C 821 -51.99 6.32 -35.62
C ARG C 821 -50.86 5.49 -35.01
N THR C 822 -50.43 4.43 -35.70
CA THR C 822 -49.33 3.61 -35.21
C THR C 822 -48.04 4.40 -35.13
N VAL C 823 -47.76 5.22 -36.14
CA VAL C 823 -46.54 6.01 -36.13
C VAL C 823 -46.55 7.03 -35.00
N LEU C 824 -47.70 7.66 -34.76
CA LEU C 824 -47.82 8.59 -33.63
C LEU C 824 -47.65 7.86 -32.30
N ALA C 825 -48.17 6.63 -32.20
CA ALA C 825 -47.97 5.85 -30.99
C ALA C 825 -46.50 5.59 -30.73
N LEU C 826 -45.75 5.25 -31.79
CA LEU C 826 -44.30 5.11 -31.65
C LEU C 826 -43.64 6.42 -31.24
N ASP C 827 -44.11 7.52 -31.82
CA ASP C 827 -43.53 8.82 -31.51
C ASP C 827 -43.72 9.20 -30.04
N PHE C 828 -44.84 8.82 -29.45
CA PHE C 828 -45.02 9.08 -28.02
C PHE C 828 -43.92 8.40 -27.21
N MET C 829 -43.59 7.15 -27.56
CA MET C 829 -42.52 6.45 -26.88
C MET C 829 -41.19 7.17 -27.09
N VAL C 830 -40.95 7.66 -28.31
CA VAL C 830 -39.69 8.36 -28.56
C VAL C 830 -39.58 9.62 -27.70
N PHE C 831 -40.66 10.39 -27.59
CA PHE C 831 -40.62 11.59 -26.76
C PHE C 831 -40.44 11.26 -25.28
N THR C 832 -41.15 10.23 -24.80
CA THR C 832 -40.98 9.81 -23.42
C THR C 832 -39.54 9.40 -23.16
N LEU C 833 -38.88 8.81 -24.16
CA LEU C 833 -37.46 8.50 -23.99
C LEU C 833 -36.60 9.76 -24.00
N ARG C 834 -36.98 10.76 -24.79
CA ARG C 834 -36.26 12.04 -24.77
C ARG C 834 -36.31 12.69 -23.39
N LEU C 835 -37.34 12.37 -22.61
CA LEU C 835 -37.44 12.90 -21.25
C LEU C 835 -36.19 12.61 -20.43
N ILE C 836 -35.53 11.48 -20.69
CA ILE C 836 -34.30 11.14 -19.96
C ILE C 836 -33.21 12.15 -20.28
N HIS C 837 -33.05 12.46 -21.57
CA HIS C 837 -32.07 13.44 -21.99
C HIS C 837 -32.40 14.75 -21.32
N ILE C 838 -33.69 15.07 -21.21
CA ILE C 838 -34.12 16.30 -20.55
C ILE C 838 -33.63 16.34 -19.11
N PHE C 839 -33.80 15.24 -18.37
CA PHE C 839 -33.34 15.19 -16.99
C PHE C 839 -31.86 14.91 -16.82
N ALA C 840 -31.11 14.82 -17.92
CA ALA C 840 -29.67 14.55 -17.82
C ALA C 840 -28.96 15.51 -16.88
N ILE C 841 -29.42 16.76 -16.80
CA ILE C 841 -28.71 17.76 -15.98
C ILE C 841 -28.92 17.53 -14.49
N HIS C 842 -29.92 16.74 -14.11
CA HIS C 842 -30.21 16.52 -12.69
C HIS C 842 -29.00 15.93 -11.99
N LYS C 843 -28.73 16.41 -10.77
CA LYS C 843 -27.48 16.05 -10.11
C LYS C 843 -27.52 14.62 -9.58
N GLN C 844 -28.70 14.11 -9.22
CA GLN C 844 -28.77 12.75 -8.69
C GLN C 844 -28.87 11.72 -9.80
N LEU C 845 -29.47 12.08 -10.94
CA LEU C 845 -29.79 11.12 -11.98
C LEU C 845 -28.76 11.07 -13.10
N GLY C 846 -28.04 12.15 -13.38
CA GLY C 846 -27.14 12.21 -14.50
C GLY C 846 -26.07 11.13 -14.50
N PRO C 847 -25.39 10.94 -13.38
CA PRO C 847 -24.43 9.83 -13.28
C PRO C 847 -25.07 8.48 -13.57
N LYS C 848 -26.33 8.28 -13.16
CA LYS C 848 -27.00 7.02 -13.47
C LYS C 848 -27.21 6.87 -14.97
N ILE C 849 -27.55 7.96 -15.65
CA ILE C 849 -27.71 7.91 -17.11
C ILE C 849 -26.40 7.52 -17.76
N ILE C 850 -25.30 8.14 -17.32
CA ILE C 850 -23.99 7.79 -17.87
C ILE C 850 -23.68 6.32 -17.63
N ILE C 851 -23.96 5.84 -16.42
CA ILE C 851 -23.66 4.45 -16.08
C ILE C 851 -24.46 3.50 -16.96
N VAL C 852 -25.74 3.79 -17.18
CA VAL C 852 -26.56 2.93 -18.03
C VAL C 852 -26.02 2.91 -19.46
N GLU C 853 -25.67 4.09 -19.98
CA GLU C 853 -25.08 4.14 -21.31
C GLU C 853 -23.80 3.31 -21.38
N ARG C 854 -23.10 3.18 -20.26
CA ARG C 854 -21.94 2.29 -20.24
C ARG C 854 -22.33 0.82 -20.20
N MET C 855 -23.36 0.47 -19.43
CA MET C 855 -23.77 -0.93 -19.31
C MET C 855 -24.37 -1.48 -20.60
N ILE C 856 -24.75 -0.61 -21.53
CA ILE C 856 -25.28 -1.07 -22.82
C ILE C 856 -24.32 -2.07 -23.49
N LYS C 857 -23.01 -1.88 -23.32
CA LYS C 857 -22.05 -2.79 -23.96
C LYS C 857 -22.17 -4.21 -23.40
N ASP C 858 -22.27 -4.33 -22.08
CA ASP C 858 -22.47 -5.65 -21.48
C ASP C 858 -23.80 -6.23 -21.91
N VAL C 859 -24.82 -5.38 -22.07
CA VAL C 859 -26.10 -5.83 -22.59
C VAL C 859 -25.91 -6.47 -23.95
N PHE C 860 -25.09 -5.85 -24.81
CA PHE C 860 -24.89 -6.38 -26.15
C PHE C 860 -24.10 -7.70 -26.13
N PHE C 861 -23.11 -7.81 -25.24
CA PHE C 861 -22.40 -9.08 -25.09
C PHE C 861 -23.36 -10.20 -24.72
N PHE C 862 -24.18 -9.96 -23.70
CA PHE C 862 -25.18 -10.95 -23.30
C PHE C 862 -26.14 -11.24 -24.43
N LEU C 863 -26.48 -10.22 -25.22
CA LEU C 863 -27.39 -10.42 -26.34
C LEU C 863 -26.79 -11.35 -27.37
N PHE C 864 -25.49 -11.20 -27.67
CA PHE C 864 -24.85 -12.11 -28.62
C PHE C 864 -24.90 -13.54 -28.11
N PHE C 865 -24.49 -13.75 -26.86
CA PHE C 865 -24.48 -15.11 -26.32
C PHE C 865 -25.88 -15.72 -26.34
N LEU C 866 -26.86 -14.98 -25.82
CA LEU C 866 -28.22 -15.47 -25.75
C LEU C 866 -28.79 -15.71 -27.14
N SER C 867 -28.44 -14.86 -28.11
CA SER C 867 -28.94 -15.03 -29.47
C SER C 867 -28.43 -16.33 -30.08
N VAL C 868 -27.13 -16.60 -29.92
CA VAL C 868 -26.59 -17.85 -30.47
C VAL C 868 -27.28 -19.05 -29.84
N TRP C 869 -27.33 -19.06 -28.50
CA TRP C 869 -27.93 -20.19 -27.81
C TRP C 869 -29.41 -20.35 -28.16
N LEU C 870 -30.11 -19.23 -28.30
CA LEU C 870 -31.54 -19.25 -28.59
C LEU C 870 -31.81 -19.73 -30.01
N ILE C 871 -31.01 -19.29 -30.98
CA ILE C 871 -31.15 -19.83 -32.33
C ILE C 871 -31.01 -21.35 -32.29
N ALA C 872 -29.95 -21.84 -31.64
CA ALA C 872 -29.72 -23.28 -31.63
C ALA C 872 -30.90 -24.02 -31.02
N TYR C 873 -31.29 -23.63 -29.80
CA TYR C 873 -32.35 -24.36 -29.10
C TYR C 873 -33.68 -24.25 -29.81
N GLY C 874 -34.05 -23.05 -30.25
CA GLY C 874 -35.35 -22.86 -30.88
C GLY C 874 -35.47 -23.61 -32.19
N VAL C 875 -34.43 -23.54 -33.03
CA VAL C 875 -34.49 -24.28 -34.29
C VAL C 875 -34.55 -25.78 -34.02
N THR C 876 -33.75 -26.28 -33.07
CA THR C 876 -33.78 -27.71 -32.79
C THR C 876 -35.15 -28.17 -32.31
N THR C 877 -35.76 -27.42 -31.38
CA THR C 877 -37.06 -27.84 -30.87
C THR C 877 -38.16 -27.69 -31.91
N GLN C 878 -38.11 -26.65 -32.73
CA GLN C 878 -39.09 -26.51 -33.79
C GLN C 878 -38.99 -27.66 -34.78
N ALA C 879 -37.77 -28.07 -35.13
CA ALA C 879 -37.60 -29.21 -36.02
C ALA C 879 -38.10 -30.50 -35.37
N LEU C 880 -37.82 -30.68 -34.07
CA LEU C 880 -38.17 -31.93 -33.41
C LEU C 880 -39.66 -32.02 -33.13
N LEU C 881 -40.34 -30.90 -32.98
CA LEU C 881 -41.70 -30.86 -32.46
C LEU C 881 -42.75 -30.58 -33.52
N HIS C 882 -42.49 -29.69 -34.46
CA HIS C 882 -43.40 -29.39 -35.56
C HIS C 882 -42.65 -29.48 -36.87
N PRO C 883 -42.33 -30.69 -37.32
CA PRO C 883 -41.59 -30.83 -38.58
C PRO C 883 -42.43 -30.67 -39.82
N ASN C 884 -43.76 -30.56 -39.68
CA ASN C 884 -44.67 -30.48 -40.81
C ASN C 884 -45.50 -29.21 -40.79
N ASP C 885 -44.92 -28.11 -40.30
CA ASP C 885 -45.63 -26.84 -40.26
C ASP C 885 -45.08 -25.93 -41.33
N PRO C 886 -45.79 -25.71 -42.45
CA PRO C 886 -45.25 -24.87 -43.52
C PRO C 886 -45.27 -23.38 -43.23
N ARG C 887 -46.05 -22.95 -42.25
CA ARG C 887 -46.24 -21.52 -42.03
C ARG C 887 -44.96 -20.88 -41.49
N ILE C 888 -44.40 -19.94 -42.26
CA ILE C 888 -43.14 -19.32 -41.89
C ILE C 888 -43.30 -18.47 -40.64
N ASP C 889 -44.44 -17.78 -40.51
CA ASP C 889 -44.66 -16.94 -39.34
C ASP C 889 -44.65 -17.78 -38.07
N TRP C 890 -45.32 -18.94 -38.10
CA TRP C 890 -45.34 -19.79 -36.92
C TRP C 890 -43.99 -20.47 -36.71
N VAL C 891 -43.24 -20.73 -37.79
CA VAL C 891 -41.89 -21.25 -37.63
C VAL C 891 -41.04 -20.25 -36.84
N PHE C 892 -41.08 -18.98 -37.23
CA PHE C 892 -40.32 -17.97 -36.52
C PHE C 892 -40.84 -17.78 -35.10
N ARG C 893 -42.16 -17.88 -34.91
CA ARG C 893 -42.73 -17.82 -33.58
C ARG C 893 -42.12 -18.89 -32.70
N ARG C 894 -42.37 -20.16 -33.03
CA ARG C 894 -41.92 -21.26 -32.19
C ARG C 894 -40.40 -21.36 -32.13
N ALA C 895 -39.68 -20.72 -33.05
CA ALA C 895 -38.23 -20.81 -33.02
C ALA C 895 -37.58 -19.69 -32.20
N LEU C 896 -38.15 -18.50 -32.18
CA LEU C 896 -37.47 -17.41 -31.52
C LEU C 896 -38.32 -16.69 -30.49
N TYR C 897 -39.62 -16.54 -30.73
CA TYR C 897 -40.48 -15.82 -29.80
C TYR C 897 -40.66 -16.60 -28.51
N ARG C 898 -40.99 -17.89 -28.62
CA ARG C 898 -41.17 -18.70 -27.42
C ARG C 898 -39.88 -18.88 -26.63
N PRO C 899 -38.75 -19.27 -27.24
CA PRO C 899 -37.51 -19.38 -26.45
C PRO C 899 -37.10 -18.09 -25.79
N TYR C 900 -37.38 -16.95 -26.43
CA TYR C 900 -37.11 -15.67 -25.78
C TYR C 900 -37.98 -15.50 -24.54
N LEU C 901 -39.25 -15.92 -24.61
CA LEU C 901 -40.14 -15.76 -23.47
C LEU C 901 -39.83 -16.74 -22.35
N HIS C 902 -39.15 -17.86 -22.64
CA HIS C 902 -38.77 -18.76 -21.54
C HIS C 902 -37.85 -18.08 -20.54
N ILE C 903 -37.17 -17.00 -20.95
CA ILE C 903 -36.27 -16.30 -20.02
C ILE C 903 -37.07 -15.65 -18.90
N PHE C 904 -38.26 -15.15 -19.21
CA PHE C 904 -39.05 -14.37 -18.25
C PHE C 904 -40.15 -15.21 -17.61
N GLY C 905 -39.88 -16.49 -17.34
CA GLY C 905 -40.82 -17.32 -16.63
C GLY C 905 -42.01 -17.78 -17.42
N GLN C 906 -42.04 -17.53 -18.72
CA GLN C 906 -43.15 -17.95 -19.58
C GLN C 906 -42.76 -19.26 -20.24
N ILE C 907 -43.06 -20.37 -19.58
CA ILE C 907 -42.73 -21.69 -20.10
C ILE C 907 -44.02 -22.45 -20.37
N PRO C 908 -44.54 -22.39 -21.58
CA PRO C 908 -45.80 -23.08 -21.92
C PRO C 908 -45.61 -24.58 -22.18
N LEU C 909 -45.61 -25.34 -21.09
CA LEU C 909 -45.46 -26.79 -21.21
C LEU C 909 -46.64 -27.45 -21.90
N GLU C 910 -47.73 -26.71 -22.10
CA GLU C 910 -48.91 -27.28 -22.72
C GLU C 910 -48.67 -27.73 -24.16
N GLU C 911 -47.60 -27.25 -24.79
CA GLU C 911 -47.26 -27.68 -26.15
C GLU C 911 -45.82 -28.11 -26.32
N ILE C 912 -45.14 -28.47 -25.23
CA ILE C 912 -43.77 -28.97 -25.32
C ILE C 912 -43.70 -30.37 -24.70
N ASP C 913 -44.56 -30.62 -23.73
CA ASP C 913 -44.57 -31.88 -22.99
C ASP C 913 -45.82 -32.66 -23.37
N ALA C 914 -45.62 -33.91 -23.80
CA ALA C 914 -46.73 -34.73 -24.26
C ALA C 914 -47.74 -34.99 -23.15
N ALA C 915 -47.25 -35.24 -21.94
CA ALA C 915 -48.16 -35.48 -20.82
C ALA C 915 -48.99 -34.25 -20.49
N LYS C 916 -48.57 -33.06 -20.91
CA LYS C 916 -49.30 -31.84 -20.65
C LYS C 916 -49.99 -31.28 -21.89
N MET C 917 -49.87 -31.93 -23.04
CA MET C 917 -50.58 -31.48 -24.22
C MET C 917 -52.07 -31.77 -24.08
N PRO C 918 -52.93 -30.77 -24.19
CA PRO C 918 -54.37 -31.02 -24.07
C PRO C 918 -54.90 -31.79 -25.26
N ASP C 919 -56.06 -32.41 -25.06
CA ASP C 919 -56.71 -33.16 -26.14
C ASP C 919 -57.44 -32.25 -27.11
N ASP C 920 -56.77 -31.22 -27.63
CA ASP C 920 -57.38 -30.33 -28.58
C ASP C 920 -57.59 -31.04 -29.92
N ASN C 921 -58.49 -30.48 -30.72
CA ASN C 921 -58.91 -31.10 -31.97
C ASN C 921 -57.93 -30.67 -33.05
N CYS C 922 -56.90 -31.49 -33.27
CA CYS C 922 -55.77 -31.12 -34.11
C CYS C 922 -55.72 -32.00 -35.35
N THR C 923 -55.06 -31.50 -36.39
CA THR C 923 -54.96 -32.18 -37.67
C THR C 923 -53.50 -32.30 -38.09
N THR C 924 -53.26 -33.19 -39.06
CA THR C 924 -51.95 -33.35 -39.66
C THR C 924 -51.91 -32.99 -41.14
N ASP C 925 -53.05 -32.70 -41.75
CA ASP C 925 -53.07 -32.33 -43.15
C ASP C 925 -52.40 -30.97 -43.35
N VAL C 926 -51.48 -30.91 -44.31
CA VAL C 926 -50.77 -29.65 -44.57
C VAL C 926 -51.73 -28.59 -45.08
N GLN C 927 -52.65 -28.97 -45.97
CA GLN C 927 -53.60 -28.01 -46.52
C GLN C 927 -54.47 -27.40 -45.42
N GLU C 928 -54.96 -28.24 -44.51
CA GLU C 928 -55.77 -27.73 -43.40
C GLU C 928 -54.92 -26.89 -42.45
N ILE C 929 -53.66 -27.27 -42.25
CA ILE C 929 -52.78 -26.51 -41.36
C ILE C 929 -52.55 -25.11 -41.91
N ILE C 930 -52.28 -25.01 -43.21
CA ILE C 930 -51.97 -23.71 -43.81
C ILE C 930 -53.18 -22.79 -43.75
N LEU C 931 -54.37 -23.32 -44.05
CA LEU C 931 -55.58 -22.50 -44.03
C LEU C 931 -55.96 -22.05 -42.63
N GLY C 932 -55.37 -22.63 -41.59
CA GLY C 932 -55.69 -22.23 -40.23
C GLY C 932 -56.98 -22.79 -39.70
N THR C 933 -57.58 -23.76 -40.39
CA THR C 933 -58.84 -24.34 -39.92
C THR C 933 -58.66 -25.03 -38.57
N LEU C 934 -57.59 -25.81 -38.43
CA LEU C 934 -57.31 -26.52 -37.19
C LEU C 934 -55.83 -26.34 -36.85
N PRO C 935 -55.49 -26.28 -35.57
CA PRO C 935 -54.09 -26.14 -35.18
C PRO C 935 -53.30 -27.39 -35.56
N PRO C 936 -52.02 -27.24 -35.86
CA PRO C 936 -51.20 -28.40 -36.21
C PRO C 936 -51.07 -29.35 -35.04
N CYS C 937 -51.01 -30.64 -35.33
CA CYS C 937 -50.79 -31.62 -34.29
C CYS C 937 -49.29 -31.76 -34.00
N PRO C 938 -48.84 -31.42 -32.80
CA PRO C 938 -47.41 -31.50 -32.50
C PRO C 938 -46.89 -32.93 -32.54
N ASN C 939 -45.65 -33.06 -32.98
CA ASN C 939 -45.03 -34.38 -33.09
C ASN C 939 -44.47 -34.80 -31.74
N ILE C 940 -44.79 -36.02 -31.34
CA ILE C 940 -44.35 -36.54 -30.05
C ILE C 940 -43.51 -37.79 -30.25
N TYR C 941 -42.78 -37.85 -31.36
CA TYR C 941 -41.97 -39.02 -31.66
C TYR C 941 -40.95 -39.29 -30.55
N ALA C 942 -40.01 -38.37 -30.38
CA ALA C 942 -39.02 -38.45 -29.30
C ALA C 942 -39.18 -37.19 -28.47
N ASN C 943 -40.12 -37.22 -27.53
CA ASN C 943 -40.41 -36.05 -26.72
C ASN C 943 -39.56 -35.99 -25.46
N TRP C 944 -38.97 -37.11 -25.04
CA TRP C 944 -38.00 -37.06 -23.97
C TRP C 944 -36.82 -36.18 -24.35
N LEU C 945 -36.40 -36.24 -25.61
CA LEU C 945 -35.33 -35.37 -26.09
C LEU C 945 -35.76 -33.92 -26.03
N VAL C 946 -37.00 -33.61 -26.40
CA VAL C 946 -37.47 -32.24 -26.36
C VAL C 946 -37.49 -31.72 -24.93
N ILE C 947 -37.98 -32.54 -23.99
CA ILE C 947 -38.03 -32.12 -22.59
C ILE C 947 -36.62 -31.93 -22.04
N LEU C 948 -35.71 -32.84 -22.38
CA LEU C 948 -34.33 -32.71 -21.92
C LEU C 948 -33.68 -31.44 -22.47
N LEU C 949 -33.92 -31.14 -23.74
CA LEU C 949 -33.39 -29.92 -24.33
C LEU C 949 -33.98 -28.69 -23.67
N LEU C 950 -35.27 -28.73 -23.34
CA LEU C 950 -35.89 -27.61 -22.64
C LEU C 950 -35.25 -27.42 -21.27
N VAL C 951 -35.00 -28.52 -20.56
CA VAL C 951 -34.37 -28.42 -19.24
C VAL C 951 -32.98 -27.83 -19.35
N ILE C 952 -32.20 -28.30 -20.33
CA ILE C 952 -30.84 -27.79 -20.51
C ILE C 952 -30.86 -26.32 -20.88
N TYR C 953 -31.75 -25.94 -21.79
CA TYR C 953 -31.85 -24.53 -22.20
C TYR C 953 -32.27 -23.66 -21.03
N LEU C 954 -33.26 -24.10 -20.25
CA LEU C 954 -33.68 -23.33 -19.10
C LEU C 954 -32.55 -23.16 -18.12
N LEU C 955 -31.84 -24.24 -17.79
CA LEU C 955 -30.69 -24.15 -16.91
C LEU C 955 -29.70 -23.12 -17.43
N VAL C 956 -29.21 -23.31 -18.66
CA VAL C 956 -28.18 -22.43 -19.22
C VAL C 956 -28.65 -20.99 -19.18
N THR C 957 -29.76 -20.68 -19.86
CA THR C 957 -30.21 -19.30 -19.97
C THR C 957 -30.53 -18.70 -18.60
N ASN C 958 -31.48 -19.28 -17.89
CA ASN C 958 -31.97 -18.68 -16.65
C ASN C 958 -30.98 -18.73 -15.51
N VAL C 959 -29.87 -19.46 -15.63
CA VAL C 959 -28.91 -19.44 -14.54
C VAL C 959 -27.59 -18.87 -15.02
N LEU C 960 -26.91 -19.57 -15.94
CA LEU C 960 -25.57 -19.18 -16.31
C LEU C 960 -25.55 -17.81 -16.97
N LEU C 961 -26.38 -17.62 -18.00
CA LEU C 961 -26.34 -16.36 -18.75
C LEU C 961 -26.84 -15.20 -17.91
N LEU C 962 -27.92 -15.38 -17.17
CA LEU C 962 -28.45 -14.28 -16.37
C LEU C 962 -27.51 -13.89 -15.25
N ASN C 963 -26.95 -14.87 -14.54
CA ASN C 963 -26.01 -14.55 -13.48
C ASN C 963 -24.71 -13.99 -14.02
N LEU C 964 -24.30 -14.42 -15.22
CA LEU C 964 -23.14 -13.80 -15.85
C LEU C 964 -23.41 -12.35 -16.18
N LEU C 965 -24.61 -12.05 -16.66
CA LEU C 965 -24.98 -10.67 -16.92
C LEU C 965 -24.97 -9.85 -15.62
N ILE C 966 -25.47 -10.43 -14.53
CA ILE C 966 -25.47 -9.72 -13.25
C ILE C 966 -24.04 -9.44 -12.81
N ALA C 967 -23.15 -10.44 -12.92
CA ALA C 967 -21.77 -10.25 -12.52
C ALA C 967 -21.07 -9.20 -13.38
N MET C 968 -21.32 -9.24 -14.70
CA MET C 968 -20.74 -8.23 -15.58
C MET C 968 -21.23 -6.85 -15.21
N PHE C 969 -22.53 -6.71 -14.89
CA PHE C 969 -23.05 -5.42 -14.48
C PHE C 969 -22.40 -4.94 -13.19
N SER C 970 -22.21 -5.84 -12.22
CA SER C 970 -21.59 -5.44 -10.96
C SER C 970 -20.17 -4.93 -11.20
N TYR C 971 -19.38 -5.70 -11.97
CA TYR C 971 -18.01 -5.30 -12.23
C TYR C 971 -17.94 -3.99 -13.01
N THR C 972 -18.80 -3.85 -14.02
CA THR C 972 -18.79 -2.62 -14.81
C THR C 972 -19.21 -1.43 -13.98
N PHE C 973 -20.19 -1.59 -13.10
CA PHE C 973 -20.59 -0.50 -12.22
C PHE C 973 -19.43 -0.06 -11.36
N GLN C 974 -18.74 -1.03 -10.74
CA GLN C 974 -17.60 -0.70 -9.89
C GLN C 974 -16.52 0.03 -10.67
N VAL C 975 -16.22 -0.44 -11.88
CA VAL C 975 -15.17 0.20 -12.67
C VAL C 975 -15.58 1.59 -13.14
N VAL C 976 -16.85 1.79 -13.50
CA VAL C 976 -17.27 2.98 -14.23
C VAL C 976 -17.62 4.14 -13.30
N GLN C 977 -18.18 3.86 -12.13
CA GLN C 977 -18.84 4.91 -11.35
C GLN C 977 -18.00 6.18 -11.22
N GLU C 978 -16.71 6.04 -10.92
CA GLU C 978 -15.86 7.21 -10.71
C GLU C 978 -15.71 8.04 -12.00
N ASN C 979 -15.49 7.38 -13.14
CA ASN C 979 -15.39 8.11 -14.40
C ASN C 979 -16.73 8.66 -14.82
N ALA C 980 -17.82 7.96 -14.49
CA ALA C 980 -19.15 8.44 -14.82
C ALA C 980 -19.45 9.75 -14.12
N ASP C 981 -19.01 9.89 -12.86
CA ASP C 981 -19.21 11.16 -12.16
C ASP C 981 -18.51 12.31 -12.87
N ILE C 982 -17.26 12.10 -13.27
CA ILE C 982 -16.49 13.14 -13.96
C ILE C 982 -17.13 13.48 -15.29
N PHE C 983 -17.56 12.46 -16.04
CA PHE C 983 -18.20 12.70 -17.32
C PHE C 983 -19.51 13.47 -17.12
N TRP C 984 -20.25 13.17 -16.05
CA TRP C 984 -21.46 13.92 -15.76
C TRP C 984 -21.15 15.38 -15.50
N LYS C 985 -20.09 15.67 -14.75
CA LYS C 985 -19.73 17.06 -14.50
C LYS C 985 -19.37 17.78 -15.80
N PHE C 986 -18.59 17.11 -16.65
CA PHE C 986 -18.20 17.71 -17.92
C PHE C 986 -19.42 17.99 -18.79
N GLN C 987 -20.37 17.05 -18.81
CA GLN C 987 -21.61 17.26 -19.57
C GLN C 987 -22.44 18.38 -18.96
N ARG C 988 -22.45 18.46 -17.63
CA ARG C 988 -23.21 19.49 -16.93
C ARG C 988 -22.74 20.88 -17.32
N TYR C 989 -21.43 21.04 -17.53
CA TYR C 989 -20.95 22.33 -18.01
C TYR C 989 -21.66 22.75 -19.29
N ASN C 990 -21.66 21.86 -20.29
CA ASN C 990 -22.26 22.19 -21.57
C ASN C 990 -23.74 22.42 -21.45
N LEU C 991 -24.43 21.62 -20.62
CA LEU C 991 -25.86 21.79 -20.47
C LEU C 991 -26.20 23.13 -19.81
N ILE C 992 -25.42 23.54 -18.82
CA ILE C 992 -25.65 24.83 -18.18
C ILE C 992 -25.37 25.96 -19.16
N VAL C 993 -24.32 25.83 -19.96
CA VAL C 993 -24.05 26.85 -20.97
C VAL C 993 -25.22 26.94 -21.95
N GLU C 994 -25.79 25.79 -22.25
CA GLU C 994 -26.91 25.69 -23.17
C GLU C 994 -28.18 26.35 -22.59
N TYR C 995 -28.40 26.21 -21.29
CA TYR C 995 -29.52 26.83 -20.59
C TYR C 995 -29.30 28.31 -20.35
N HIS C 996 -28.04 28.78 -20.40
CA HIS C 996 -27.79 30.21 -20.26
C HIS C 996 -28.44 31.01 -21.39
N SER C 997 -28.33 30.54 -22.62
CA SER C 997 -28.84 31.26 -23.77
C SER C 997 -30.29 30.92 -24.11
N ARG C 998 -30.86 29.94 -23.45
CA ARG C 998 -32.21 29.49 -23.77
C ARG C 998 -33.22 30.53 -23.31
N PRO C 999 -34.23 30.85 -24.12
CA PRO C 999 -35.27 31.79 -23.67
C PRO C 999 -36.01 31.27 -22.45
N ALA C 1000 -36.42 32.20 -21.59
CA ALA C 1000 -36.97 31.85 -20.28
C ALA C 1000 -38.36 31.23 -20.36
N LEU C 1001 -39.00 31.28 -21.51
CA LEU C 1001 -40.35 30.74 -21.66
C LEU C 1001 -40.41 29.35 -22.29
N ALA C 1002 -40.90 28.38 -21.52
CA ALA C 1002 -41.03 27.01 -22.00
C ALA C 1002 -42.12 26.91 -23.06
N PRO C 1003 -41.93 26.02 -24.05
CA PRO C 1003 -42.92 25.81 -25.12
C PRO C 1003 -44.20 25.22 -24.57
N PRO C 1004 -45.36 25.58 -25.15
CA PRO C 1004 -45.55 26.16 -26.48
C PRO C 1004 -45.45 27.68 -26.47
N PHE C 1005 -45.26 28.25 -25.28
CA PHE C 1005 -45.14 29.70 -25.11
C PHE C 1005 -43.93 30.27 -25.84
N ILE C 1006 -42.84 29.52 -25.84
CA ILE C 1006 -41.59 29.88 -26.50
C ILE C 1006 -41.73 30.61 -27.84
N ILE C 1007 -42.90 30.50 -28.48
CA ILE C 1007 -43.12 31.23 -29.73
C ILE C 1007 -43.11 32.73 -29.48
N ILE C 1008 -43.59 33.17 -28.32
CA ILE C 1008 -43.54 34.59 -27.98
C ILE C 1008 -42.08 35.05 -27.89
N SER C 1009 -41.24 34.27 -27.23
CA SER C 1009 -39.82 34.62 -27.12
C SER C 1009 -39.16 34.63 -28.49
N HIS C 1010 -39.49 33.67 -29.35
CA HIS C 1010 -38.89 33.62 -30.68
C HIS C 1010 -39.31 34.82 -31.51
N ILE C 1011 -40.59 35.19 -31.46
CA ILE C 1011 -41.07 36.35 -32.20
C ILE C 1011 -40.40 37.62 -31.69
N THR C 1012 -40.30 37.75 -30.36
CA THR C 1012 -39.64 38.93 -29.79
C THR C 1012 -38.18 39.01 -30.22
N GLN C 1013 -37.48 37.88 -30.19
CA GLN C 1013 -36.07 37.88 -30.60
C GLN C 1013 -35.92 38.24 -32.07
N ALA C 1014 -36.80 37.70 -32.92
CA ALA C 1014 -36.73 38.01 -34.34
C ALA C 1014 -37.01 39.49 -34.60
N LEU C 1015 -38.03 40.04 -33.91
CA LEU C 1015 -38.34 41.45 -34.08
C LEU C 1015 -37.20 42.34 -33.60
N LEU C 1016 -36.58 41.97 -32.47
CA LEU C 1016 -35.45 42.74 -31.98
C LEU C 1016 -34.27 42.68 -32.94
N SER C 1017 -34.02 41.51 -33.52
CA SER C 1017 -32.94 41.38 -34.50
C SER C 1017 -33.21 42.23 -35.73
N PHE C 1018 -34.46 42.21 -36.22
CA PHE C 1018 -34.80 43.02 -37.40
C PHE C 1018 -34.68 44.51 -37.10
N ILE C 1019 -35.15 44.94 -35.92
CA ILE C 1019 -35.07 46.35 -35.57
C ILE C 1019 -33.62 46.75 -35.30
N LYS C 1020 -32.89 45.93 -34.56
CA LYS C 1020 -31.51 46.22 -34.24
C LYS C 1020 -30.55 45.24 -34.91
N ASP C 1027 -23.63 38.02 -21.01
CA ASP C 1027 -23.01 36.71 -20.84
C ASP C 1027 -22.13 36.70 -19.59
N LEU C 1028 -22.62 36.06 -18.52
CA LEU C 1028 -21.85 35.98 -17.28
C LEU C 1028 -20.56 35.21 -17.50
N LEU C 1029 -20.62 34.10 -18.23
CA LEU C 1029 -19.43 33.38 -18.64
C LEU C 1029 -18.84 34.04 -19.88
N GLU C 1030 -17.54 33.82 -20.09
CA GLU C 1030 -16.83 34.36 -21.25
C GLU C 1030 -16.96 35.88 -21.31
N ARG C 1031 -16.46 36.54 -20.27
CA ARG C 1031 -16.50 37.99 -20.16
C ARG C 1031 -15.15 38.60 -20.50
N GLU C 1032 -15.19 39.84 -20.97
CA GLU C 1032 -14.00 40.59 -21.33
C GLU C 1032 -13.75 41.65 -20.27
N LEU C 1033 -12.52 41.72 -19.78
CA LEU C 1033 -12.17 42.55 -18.65
C LEU C 1033 -11.36 43.78 -19.07
N PRO C 1034 -11.39 44.85 -18.27
CA PRO C 1034 -10.57 46.02 -18.60
C PRO C 1034 -9.09 45.68 -18.57
N SER C 1035 -8.29 46.55 -19.19
CA SER C 1035 -6.88 46.28 -19.34
C SER C 1035 -6.18 46.17 -17.99
N GLY C 1036 -6.48 47.09 -17.07
CA GLY C 1036 -5.84 47.03 -15.76
C GLY C 1036 -6.17 45.78 -14.99
N LEU C 1037 -7.45 45.42 -14.96
CA LEU C 1037 -7.86 44.21 -14.26
C LEU C 1037 -7.29 42.96 -14.92
N ASP C 1038 -7.25 42.95 -16.25
CA ASP C 1038 -6.68 41.80 -16.96
C ASP C 1038 -5.19 41.64 -16.63
N GLN C 1039 -4.45 42.75 -16.63
CA GLN C 1039 -3.04 42.68 -16.29
C GLN C 1039 -2.84 42.23 -14.85
N LYS C 1040 -3.67 42.74 -13.93
CA LYS C 1040 -3.57 42.32 -12.54
C LYS C 1040 -3.84 40.83 -12.40
N LEU C 1041 -4.84 40.31 -13.11
CA LEU C 1041 -5.14 38.89 -13.03
C LEU C 1041 -4.02 38.06 -13.64
N MET C 1042 -3.41 38.52 -14.73
CA MET C 1042 -2.31 37.78 -15.31
C MET C 1042 -1.13 37.71 -14.33
N THR C 1043 -0.80 38.83 -13.69
CA THR C 1043 0.29 38.81 -12.72
C THR C 1043 -0.05 37.94 -11.53
N TRP C 1044 -1.31 37.97 -11.08
CA TRP C 1044 -1.72 37.13 -9.96
C TRP C 1044 -1.60 35.66 -10.32
N GLU C 1045 -2.02 35.29 -11.53
CA GLU C 1045 -1.88 33.90 -11.97
C GLU C 1045 -0.42 33.49 -12.05
N THR C 1046 0.44 34.39 -12.54
CA THR C 1046 1.86 34.08 -12.59
C THR C 1046 2.42 33.86 -11.19
N VAL C 1047 2.02 34.69 -10.23
CA VAL C 1047 2.48 34.53 -8.86
C VAL C 1047 2.00 33.19 -8.28
N GLN C 1048 0.74 32.84 -8.55
CA GLN C 1048 0.23 31.56 -8.06
C GLN C 1048 0.97 30.40 -8.70
N LYS C 1049 1.30 30.50 -9.98
CA LYS C 1049 2.06 29.45 -10.65
C LYS C 1049 3.45 29.31 -10.03
N GLU C 1050 4.10 30.44 -9.74
CA GLU C 1050 5.41 30.38 -9.10
C GLU C 1050 5.33 29.75 -7.73
N ASN C 1051 4.29 30.10 -6.95
CA ASN C 1051 4.13 29.50 -5.64
C ASN C 1051 3.88 28.00 -5.74
N TYR C 1052 3.06 27.58 -6.70
CA TYR C 1052 2.77 26.17 -6.87
C TYR C 1052 4.01 25.38 -7.26
N LEU C 1053 4.81 25.93 -8.18
CA LEU C 1053 6.05 25.26 -8.57
C LEU C 1053 7.03 25.21 -7.41
N ALA C 1054 7.12 26.29 -6.63
CA ALA C 1054 8.00 26.29 -5.46
C ALA C 1054 7.55 25.25 -4.45
N LYS C 1055 6.25 25.11 -4.23
CA LYS C 1055 5.75 24.09 -3.33
C LYS C 1055 6.08 22.69 -3.83
N LEU C 1056 5.95 22.46 -5.13
CA LEU C 1056 6.32 21.16 -5.69
C LEU C 1056 7.80 20.88 -5.46
N GLU C 1057 8.64 21.87 -5.73
CA GLU C 1057 10.09 21.68 -5.54
C GLU C 1057 10.42 21.41 -4.08
N HIS C 1058 9.78 22.15 -3.16
CA HIS C 1058 10.04 21.95 -1.74
C HIS C 1058 9.60 20.56 -1.29
N GLU C 1059 8.41 20.12 -1.73
CA GLU C 1059 7.94 18.80 -1.35
C GLU C 1059 8.83 17.70 -1.94
N HIS C 1060 9.39 17.93 -3.12
CA HIS C 1060 10.34 16.97 -3.68
C HIS C 1060 11.64 16.97 -2.88
N ARG C 1061 12.09 18.14 -2.43
CA ARG C 1061 13.34 18.21 -1.69
C ARG C 1061 13.23 17.56 -0.32
N GLU C 1062 12.07 17.61 0.31
CA GLU C 1062 11.86 17.00 1.61
C GLU C 1062 11.38 15.56 1.53
N SER C 1063 11.33 14.99 0.33
CA SER C 1063 10.92 13.61 0.17
C SER C 1063 11.94 12.66 0.81
N SER C 1064 11.47 11.48 1.18
CA SER C 1064 12.36 10.50 1.80
C SER C 1064 13.45 10.06 0.84
N GLY C 1065 13.11 9.83 -0.43
CA GLY C 1065 14.11 9.38 -1.38
C GLY C 1065 15.20 10.41 -1.62
N GLU C 1066 14.81 11.68 -1.79
CA GLU C 1066 15.81 12.72 -2.01
C GLU C 1066 16.67 12.92 -0.77
N ARG C 1067 16.06 12.85 0.41
CA ARG C 1067 16.85 12.94 1.65
C ARG C 1067 17.86 11.82 1.73
N LEU C 1068 17.44 10.59 1.38
CA LEU C 1068 18.37 9.46 1.40
C LEU C 1068 19.49 9.65 0.39
N ARG C 1069 19.17 10.14 -0.80
CA ARG C 1069 20.19 10.35 -1.82
C ARG C 1069 21.22 11.38 -1.35
N TYR C 1070 20.72 12.51 -0.83
CA TYR C 1070 21.61 13.55 -0.34
C TYR C 1070 22.46 13.05 0.83
N THR C 1071 21.84 12.27 1.73
CA THR C 1071 22.58 11.72 2.86
C THR C 1071 23.68 10.77 2.39
N SER C 1072 23.38 9.91 1.42
CA SER C 1072 24.39 8.97 0.94
C SER C 1072 25.53 9.71 0.28
N SER C 1073 25.22 10.74 -0.53
CA SER C 1073 26.29 11.49 -1.20
C SER C 1073 27.15 12.22 -0.18
N LYS C 1074 26.53 12.88 0.80
CA LYS C 1074 27.31 13.60 1.80
C LYS C 1074 28.10 12.65 2.68
N VAL C 1075 27.58 11.45 2.94
CA VAL C 1075 28.33 10.47 3.72
C VAL C 1075 29.53 9.98 2.93
N GLN C 1076 29.38 9.76 1.62
CA GLN C 1076 30.52 9.35 0.82
C GLN C 1076 31.61 10.43 0.81
N THR C 1077 31.21 11.68 0.61
CA THR C 1077 32.18 12.77 0.62
C THR C 1077 32.84 12.91 1.99
N LEU C 1078 32.04 12.82 3.06
CA LEU C 1078 32.58 12.92 4.40
C LEU C 1078 33.54 11.77 4.68
N LEU C 1079 33.22 10.58 4.19
CA LEU C 1079 34.08 9.42 4.42
C LEU C 1079 35.43 9.59 3.75
N ARG C 1080 35.43 10.03 2.48
CA ARG C 1080 36.72 10.21 1.80
C ARG C 1080 37.52 11.35 2.45
N MET C 1081 36.84 12.44 2.81
CA MET C 1081 37.55 13.55 3.46
C MET C 1081 38.11 13.11 4.81
N VAL C 1082 37.34 12.34 5.58
CA VAL C 1082 37.81 11.88 6.88
C VAL C 1082 38.95 10.89 6.73
N GLY C 1083 38.92 10.07 5.67
CA GLY C 1083 40.06 9.20 5.41
C GLY C 1083 41.33 9.99 5.13
N GLY C 1084 41.22 11.02 4.30
CA GLY C 1084 42.38 11.88 4.06
C GLY C 1084 42.88 12.56 5.33
N PHE C 1085 41.95 13.08 6.13
CA PHE C 1085 42.33 13.74 7.38
C PHE C 1085 42.96 12.77 8.36
N LYS C 1086 42.44 11.54 8.44
CA LYS C 1086 43.00 10.54 9.32
C LYS C 1086 44.40 10.13 8.86
N ASP C 1087 44.62 10.00 7.55
CA ASP C 1087 45.96 9.74 7.06
C ASP C 1087 46.92 10.86 7.43
N GLN C 1088 46.48 12.11 7.25
CA GLN C 1088 47.34 13.24 7.60
C GLN C 1088 47.65 13.26 9.10
N GLU C 1089 46.65 12.99 9.94
CA GLU C 1089 46.87 12.98 11.38
C GLU C 1089 47.81 11.84 11.78
N LYS C 1090 47.63 10.66 11.19
CA LYS C 1090 48.51 9.54 11.49
C LYS C 1090 49.94 9.80 11.04
N ARG C 1091 50.11 10.59 9.97
CA ARG C 1091 51.46 11.00 9.59
C ARG C 1091 52.13 11.82 10.70
N MET C 1092 51.39 12.71 11.34
CA MET C 1092 51.93 13.52 12.43
C MET C 1092 51.44 13.04 13.78
N ARG D 16 46.44 -50.40 20.02
CA ARG D 16 45.27 -50.91 20.71
C ARG D 16 44.03 -50.10 20.37
N LEU D 17 43.15 -50.68 19.55
CA LEU D 17 41.92 -50.04 19.12
C LEU D 17 40.74 -50.63 19.86
N GLY D 18 39.80 -49.78 20.23
CA GLY D 18 38.60 -50.23 20.91
C GLY D 18 37.47 -49.26 20.69
N ASP D 19 36.25 -49.73 20.94
CA ASP D 19 35.06 -48.91 20.84
C ASP D 19 34.49 -48.65 22.23
N ILE D 20 33.86 -47.50 22.39
CA ILE D 20 33.31 -47.06 23.66
C ILE D 20 31.82 -46.82 23.50
N ASP D 21 31.03 -47.41 24.38
CA ASP D 21 29.57 -47.23 24.39
C ASP D 21 29.23 -46.37 25.61
N PHE D 22 29.02 -45.08 25.38
CA PHE D 22 28.71 -44.16 26.47
C PHE D 22 27.35 -44.47 27.07
N THR D 23 27.27 -44.43 28.40
CA THR D 23 26.04 -44.64 29.13
C THR D 23 25.68 -43.37 29.87
N GLY D 24 24.47 -42.85 29.63
CA GLY D 24 24.03 -41.64 30.27
C GLY D 24 22.73 -41.12 29.70
N VAL D 25 22.62 -39.79 29.57
CA VAL D 25 21.39 -39.20 29.05
C VAL D 25 21.15 -39.65 27.60
N SER D 26 22.19 -39.62 26.77
CA SER D 26 22.09 -40.03 25.38
C SER D 26 23.09 -41.16 25.14
N ARG D 27 22.59 -42.31 24.70
CA ARG D 27 23.44 -43.45 24.43
C ARG D 27 24.09 -43.29 23.05
N THR D 28 25.42 -43.13 23.04
CA THR D 28 26.16 -42.96 21.80
C THR D 28 27.40 -43.84 21.85
N ARG D 29 27.84 -44.23 20.66
CA ARG D 29 29.01 -45.10 20.50
C ARG D 29 30.16 -44.30 19.95
N GLY D 30 31.33 -44.42 20.58
CA GLY D 30 32.52 -43.73 20.14
C GLY D 30 33.73 -44.63 20.06
N LYS D 31 34.64 -44.35 19.15
CA LYS D 31 35.85 -45.13 18.97
C LYS D 31 37.02 -44.43 19.66
N PHE D 32 38.08 -45.20 19.89
CA PHE D 32 39.29 -44.67 20.51
C PHE D 32 40.46 -45.58 20.18
N VAL D 33 41.66 -45.08 20.42
CA VAL D 33 42.88 -45.87 20.25
C VAL D 33 43.93 -45.37 21.22
N ARG D 34 44.55 -46.29 21.95
CA ARG D 34 45.70 -45.96 22.78
C ARG D 34 46.94 -45.82 21.91
N VAL D 35 47.75 -44.81 22.20
CA VAL D 35 48.89 -44.49 21.36
C VAL D 35 50.00 -43.97 22.25
N THR D 36 51.24 -44.25 21.88
CA THR D 36 52.40 -43.85 22.66
C THR D 36 53.13 -42.70 21.99
N SER D 37 53.96 -42.02 22.78
CA SER D 37 54.70 -40.87 22.28
C SER D 37 55.73 -41.23 21.22
N SER D 38 56.12 -42.50 21.12
CA SER D 38 57.10 -42.95 20.14
C SER D 38 56.47 -43.37 18.82
N THR D 39 55.15 -43.27 18.70
CA THR D 39 54.47 -43.68 17.48
C THR D 39 54.66 -42.65 16.38
N ASP D 40 54.70 -43.13 15.14
CA ASP D 40 54.74 -42.24 13.99
C ASP D 40 53.35 -41.67 13.74
N PRO D 41 53.22 -40.37 13.52
CA PRO D 41 51.89 -39.80 13.22
C PRO D 41 51.28 -40.35 11.94
N ALA D 42 52.09 -40.90 11.04
CA ALA D 42 51.56 -41.46 9.81
C ALA D 42 50.61 -42.62 10.11
N GLU D 43 50.97 -43.48 11.06
CA GLU D 43 50.10 -44.60 11.40
C GLU D 43 48.78 -44.10 11.99
N ILE D 44 48.85 -43.08 12.84
CA ILE D 44 47.63 -42.54 13.45
C ILE D 44 46.72 -41.93 12.39
N TYR D 45 47.30 -41.16 11.47
CA TYR D 45 46.49 -40.60 10.39
C TYR D 45 45.90 -41.69 9.52
N GLN D 46 46.68 -42.73 9.24
CA GLN D 46 46.19 -43.83 8.42
C GLN D 46 45.01 -44.53 9.08
N ILE D 47 45.11 -44.81 10.38
CA ILE D 47 44.00 -45.50 11.04
C ILE D 47 42.79 -44.58 11.14
N LEU D 48 43.00 -43.29 11.38
CA LEU D 48 41.89 -42.34 11.39
C LEU D 48 41.17 -42.32 10.06
N THR D 49 41.92 -42.27 8.95
CA THR D 49 41.29 -42.16 7.65
C THR D 49 40.65 -43.46 7.21
N LYS D 50 41.32 -44.59 7.41
CA LYS D 50 40.87 -45.86 6.86
C LYS D 50 40.10 -46.69 7.87
N GLN D 51 40.71 -46.97 9.03
CA GLN D 51 40.09 -47.90 9.97
C GLN D 51 38.76 -47.37 10.49
N TRP D 52 38.69 -46.08 10.77
CA TRP D 52 37.47 -45.46 11.28
C TRP D 52 36.64 -44.82 10.17
N GLY D 53 37.08 -44.90 8.93
CA GLY D 53 36.27 -44.42 7.82
C GLY D 53 36.11 -42.93 7.74
N LEU D 54 37.02 -42.16 8.31
CA LEU D 54 36.94 -40.71 8.26
C LEU D 54 37.56 -40.21 6.97
N ALA D 55 36.79 -39.46 6.19
CA ALA D 55 37.33 -38.89 4.97
C ALA D 55 38.38 -37.83 5.31
N PRO D 56 39.37 -37.65 4.44
CA PRO D 56 40.36 -36.58 4.66
C PRO D 56 39.68 -35.24 4.77
N PRO D 57 39.89 -34.53 5.89
CA PRO D 57 39.12 -33.31 6.14
C PRO D 57 39.54 -32.18 5.21
N HIS D 58 38.59 -31.28 4.97
CA HIS D 58 38.87 -30.05 4.23
C HIS D 58 39.31 -28.91 5.13
N LEU D 59 39.30 -29.12 6.45
CA LEU D 59 39.68 -28.08 7.39
C LEU D 59 39.90 -28.69 8.77
N VAL D 60 41.04 -28.39 9.39
CA VAL D 60 41.36 -28.91 10.72
C VAL D 60 41.52 -27.72 11.65
N VAL D 61 40.72 -27.69 12.71
CA VAL D 61 40.77 -26.64 13.72
C VAL D 61 41.12 -27.29 15.05
N ALA D 62 42.18 -26.82 15.68
CA ALA D 62 42.66 -27.37 16.94
C ALA D 62 42.46 -26.37 18.05
N LEU D 63 41.80 -26.80 19.12
CA LEU D 63 41.62 -25.96 20.30
C LEU D 63 42.81 -26.14 21.23
N MET D 64 43.40 -25.03 21.66
CA MET D 64 44.61 -25.03 22.48
C MET D 64 44.37 -24.21 23.73
N GLY D 65 43.26 -24.45 24.40
CA GLY D 65 42.97 -23.74 25.62
C GLY D 65 41.62 -24.16 26.18
N GLY D 66 41.12 -23.37 27.13
CA GLY D 66 39.84 -23.63 27.74
C GLY D 66 39.86 -24.64 28.86
N ASP D 67 41.01 -25.24 29.16
CA ASP D 67 41.13 -26.17 30.27
C ASP D 67 41.48 -25.50 31.58
N GLU D 68 41.68 -24.20 31.59
CA GLU D 68 42.04 -23.49 32.81
C GLU D 68 40.82 -23.38 33.72
N VAL D 69 41.09 -22.92 34.96
CA VAL D 69 40.01 -22.73 35.92
C VAL D 69 39.02 -21.68 35.42
N ALA D 70 39.54 -20.56 34.93
CA ALA D 70 38.68 -19.51 34.39
C ALA D 70 38.02 -20.01 33.10
N GLN D 71 36.76 -19.68 32.93
CA GLN D 71 35.98 -20.11 31.78
C GLN D 71 35.45 -18.89 31.02
N LEU D 72 35.13 -19.10 29.75
CA LEU D 72 34.57 -18.05 28.94
C LEU D 72 33.17 -17.69 29.41
N LYS D 73 32.76 -16.45 29.12
CA LYS D 73 31.39 -16.06 29.40
C LYS D 73 30.44 -16.88 28.53
N PRO D 74 29.27 -17.23 29.05
CA PRO D 74 28.34 -18.08 28.27
C PRO D 74 27.96 -17.47 26.94
N TRP D 75 27.82 -16.14 26.86
CA TRP D 75 27.54 -15.51 25.57
C TRP D 75 28.72 -15.70 24.62
N LEU D 76 29.95 -15.46 25.09
CA LEU D 76 31.12 -15.62 24.23
C LEU D 76 31.32 -17.08 23.86
N ARG D 77 31.11 -17.99 24.82
CA ARG D 77 31.22 -19.41 24.53
C ARG D 77 30.22 -19.83 23.46
N ASP D 78 28.97 -19.37 23.58
CA ASP D 78 27.95 -19.73 22.61
C ASP D 78 28.27 -19.15 21.24
N THR D 79 28.73 -17.89 21.21
CA THR D 79 29.12 -17.29 19.93
C THR D 79 30.24 -18.08 19.28
N LEU D 80 31.25 -18.46 20.07
CA LEU D 80 32.37 -19.20 19.52
C LEU D 80 31.92 -20.55 18.97
N ARG D 81 31.11 -21.29 19.74
CA ARG D 81 30.68 -22.60 19.28
C ARG D 81 29.81 -22.49 18.03
N LYS D 82 28.91 -21.52 17.99
CA LYS D 82 28.04 -21.36 16.82
C LYS D 82 28.85 -20.97 15.59
N GLY D 83 29.78 -20.03 15.75
CA GLY D 83 30.61 -19.65 14.62
C GLY D 83 31.48 -20.78 14.12
N LEU D 84 32.07 -21.54 15.03
CA LEU D 84 32.92 -22.65 14.63
C LEU D 84 32.12 -23.71 13.90
N VAL D 85 30.94 -24.06 14.42
CA VAL D 85 30.11 -25.06 13.75
C VAL D 85 29.65 -24.56 12.39
N LYS D 86 29.25 -23.29 12.30
CA LYS D 86 28.80 -22.75 11.03
C LYS D 86 29.93 -22.74 10.00
N ALA D 87 31.14 -22.38 10.41
CA ALA D 87 32.27 -22.39 9.50
C ALA D 87 32.63 -23.80 9.08
N ALA D 88 32.55 -24.76 10.00
CA ALA D 88 32.90 -26.13 9.69
C ALA D 88 31.86 -26.82 8.81
N GLN D 89 30.60 -26.41 8.90
CA GLN D 89 29.54 -27.11 8.17
C GLN D 89 29.62 -26.89 6.67
N SER D 90 30.36 -25.88 6.21
CA SER D 90 30.46 -25.64 4.77
C SER D 90 31.13 -26.81 4.06
N THR D 91 32.19 -27.34 4.64
CA THR D 91 32.94 -28.46 4.08
C THR D 91 33.05 -29.56 5.13
N GLY D 92 33.89 -30.55 4.85
CA GLY D 92 34.17 -31.58 5.83
C GLY D 92 35.33 -31.18 6.73
N ALA D 93 35.04 -30.84 7.98
CA ALA D 93 36.04 -30.29 8.88
C ALA D 93 36.22 -31.18 10.11
N TRP D 94 37.45 -31.19 10.63
CA TRP D 94 37.78 -31.84 11.87
C TRP D 94 38.04 -30.79 12.94
N ILE D 95 37.59 -31.07 14.16
CA ILE D 95 37.79 -30.17 15.29
C ILE D 95 38.61 -30.92 16.32
N LEU D 96 39.91 -30.63 16.37
CA LEU D 96 40.82 -31.32 17.26
C LEU D 96 40.75 -30.66 18.64
N THR D 97 40.23 -31.39 19.62
CA THR D 97 40.17 -30.93 21.00
C THR D 97 40.66 -32.03 21.92
N SER D 98 40.85 -31.68 23.18
CA SER D 98 41.15 -32.67 24.21
C SER D 98 39.87 -33.38 24.58
N GLY D 99 39.80 -34.68 24.36
CA GLY D 99 38.56 -35.40 24.56
C GLY D 99 38.18 -35.55 26.01
N LEU D 100 38.04 -34.43 26.71
CA LEU D 100 37.68 -34.41 28.12
C LEU D 100 36.48 -33.51 28.32
N ARG D 101 35.50 -34.01 29.06
CA ARG D 101 34.25 -33.28 29.31
C ARG D 101 34.52 -32.19 30.35
N PHE D 102 34.96 -31.04 29.85
CA PHE D 102 35.24 -29.90 30.72
C PHE D 102 35.44 -28.65 29.89
N GLY D 103 34.99 -27.52 30.43
CA GLY D 103 35.26 -26.23 29.84
C GLY D 103 34.65 -26.05 28.47
N ILE D 104 35.35 -25.29 27.63
CA ILE D 104 34.88 -25.01 26.28
C ILE D 104 34.76 -26.29 25.46
N THR D 105 35.56 -27.31 25.80
CA THR D 105 35.52 -28.55 25.05
C THR D 105 34.16 -29.22 25.14
N LYS D 106 33.56 -29.23 26.34
CA LYS D 106 32.27 -29.87 26.51
C LYS D 106 31.20 -29.23 25.64
N ASN D 107 31.09 -27.90 25.71
CA ASN D 107 30.08 -27.20 24.93
C ASN D 107 30.35 -27.30 23.43
N LEU D 108 31.62 -27.23 23.02
CA LEU D 108 31.93 -27.36 21.61
C LEU D 108 31.58 -28.74 21.08
N GLY D 109 31.89 -29.79 21.84
CA GLY D 109 31.50 -31.13 21.43
C GLY D 109 29.99 -31.30 21.39
N GLN D 110 29.29 -30.69 22.34
CA GLN D 110 27.83 -30.75 22.32
C GLN D 110 27.27 -30.07 21.09
N ALA D 111 27.82 -28.92 20.71
CA ALA D 111 27.38 -28.24 19.50
C ALA D 111 27.67 -29.08 18.27
N VAL D 112 28.84 -29.73 18.23
CA VAL D 112 29.18 -30.59 17.10
C VAL D 112 28.20 -31.73 16.99
N ARG D 113 27.87 -32.37 18.11
CA ARG D 113 26.92 -33.48 18.10
C ARG D 113 25.54 -33.01 17.66
N ASP D 114 25.09 -31.85 18.16
CA ASP D 114 23.79 -31.34 17.77
C ASP D 114 23.74 -31.05 16.27
N HIS D 115 24.81 -30.47 15.73
CA HIS D 115 24.86 -30.24 14.29
C HIS D 115 24.85 -31.55 13.51
N SER D 116 25.57 -32.57 14.02
CA SER D 116 25.61 -33.85 13.34
C SER D 116 24.23 -34.49 13.29
N LEU D 117 23.49 -34.43 14.39
CA LEU D 117 22.15 -35.00 14.40
C LEU D 117 21.22 -34.26 13.44
N ALA D 118 21.31 -32.93 13.41
CA ALA D 118 20.41 -32.11 12.63
C ALA D 118 20.84 -31.95 11.18
N SER D 119 21.99 -32.50 10.80
CA SER D 119 22.49 -32.36 9.43
C SER D 119 21.80 -33.39 8.55
N THR D 120 21.04 -32.91 7.57
CA THR D 120 20.37 -33.80 6.63
C THR D 120 21.29 -34.30 5.53
N SER D 121 22.47 -33.73 5.38
CA SER D 121 23.42 -34.13 4.34
C SER D 121 24.64 -34.78 4.97
N PRO D 122 24.76 -36.10 4.95
CA PRO D 122 25.96 -36.76 5.51
C PRO D 122 27.18 -36.70 4.60
N LYS D 123 27.09 -36.02 3.46
CA LYS D 123 28.24 -35.91 2.57
C LYS D 123 29.39 -35.17 3.25
N VAL D 124 29.08 -34.07 3.93
CA VAL D 124 30.07 -33.31 4.69
C VAL D 124 29.81 -33.54 6.18
N ARG D 125 30.87 -33.90 6.90
CA ARG D 125 30.74 -34.29 8.30
C ARG D 125 31.72 -33.48 9.14
N VAL D 126 31.23 -32.96 10.25
CA VAL D 126 32.06 -32.28 11.23
C VAL D 126 32.37 -33.26 12.35
N VAL D 127 33.64 -33.65 12.46
CA VAL D 127 34.07 -34.69 13.38
C VAL D 127 34.89 -34.04 14.48
N ALA D 128 34.55 -34.32 15.73
CA ALA D 128 35.24 -33.78 16.89
C ALA D 128 36.19 -34.84 17.42
N ILE D 129 37.44 -34.78 17.00
CA ILE D 129 38.47 -35.72 17.43
C ILE D 129 38.96 -35.31 18.80
N GLY D 130 39.21 -36.30 19.65
CA GLY D 130 39.69 -36.03 20.99
C GLY D 130 41.07 -36.59 21.28
N ILE D 131 42.03 -35.71 21.58
CA ILE D 131 43.37 -36.12 21.96
C ILE D 131 43.55 -35.75 23.43
N ALA D 132 43.52 -36.76 24.30
CA ALA D 132 43.62 -36.51 25.72
C ALA D 132 44.69 -37.40 26.34
N PRO D 133 45.39 -36.93 27.37
CA PRO D 133 46.39 -37.77 28.03
C PRO D 133 45.74 -38.92 28.76
N TRP D 134 46.46 -40.05 28.79
CA TRP D 134 45.94 -41.25 29.44
C TRP D 134 45.80 -41.08 30.95
N ASN D 135 46.76 -40.42 31.60
CA ASN D 135 46.73 -40.27 33.04
C ASN D 135 45.65 -39.30 33.53
N MET D 136 44.99 -38.58 32.62
CA MET D 136 43.92 -37.67 32.98
C MET D 136 42.55 -38.25 32.62
N ILE D 137 42.46 -39.57 32.52
CA ILE D 137 41.23 -40.26 32.16
C ILE D 137 40.60 -40.85 33.41
N GLN D 138 39.32 -40.55 33.61
CA GLN D 138 38.57 -41.09 34.72
C GLN D 138 37.95 -42.43 34.32
N ASN D 139 38.12 -43.43 35.20
CA ASN D 139 37.65 -44.79 34.94
C ASN D 139 38.26 -45.36 33.66
N ARG D 140 39.58 -45.20 33.52
CA ARG D 140 40.26 -45.79 32.37
C ARG D 140 40.18 -47.31 32.39
N ASP D 141 40.09 -47.91 33.58
CA ASP D 141 39.97 -49.35 33.68
C ASP D 141 38.68 -49.84 33.04
N LEU D 142 37.63 -49.02 33.05
CA LEU D 142 36.37 -49.41 32.43
C LEU D 142 36.54 -49.64 30.93
N LEU D 143 37.31 -48.77 30.27
CA LEU D 143 37.57 -48.91 28.84
C LEU D 143 38.82 -49.75 28.55
N LEU D 144 39.53 -50.20 29.58
CA LEU D 144 40.67 -51.09 29.34
C LEU D 144 40.25 -52.42 28.73
N SER D 145 38.98 -52.79 28.82
CA SER D 145 38.52 -54.04 28.24
C SER D 145 38.73 -54.06 26.73
N ALA D 146 38.06 -53.15 26.02
CA ALA D 146 38.22 -52.97 24.57
C ALA D 146 38.00 -54.28 23.82
N LYS D 147 36.91 -54.97 24.16
CA LYS D 147 36.58 -56.21 23.47
C LYS D 147 36.03 -55.90 22.08
N PRO D 148 36.62 -56.45 21.02
CA PRO D 148 36.09 -56.16 19.67
C PRO D 148 34.64 -56.57 19.49
N ASP D 149 34.23 -57.68 20.10
CA ASP D 149 32.83 -58.11 19.97
C ASP D 149 31.91 -57.24 20.82
N HIS D 150 32.33 -56.90 22.02
CA HIS D 150 31.52 -56.09 22.93
C HIS D 150 32.24 -54.80 23.26
N PRO D 151 31.84 -53.66 22.68
CA PRO D 151 32.47 -52.39 23.04
C PRO D 151 32.28 -52.07 24.52
N ALA D 152 33.31 -51.50 25.13
CA ALA D 152 33.27 -51.20 26.55
C ALA D 152 32.23 -50.13 26.85
N THR D 153 31.53 -50.31 27.97
CA THR D 153 30.56 -49.33 28.43
C THR D 153 31.25 -48.31 29.33
N TYR D 154 31.05 -47.03 29.04
CA TYR D 154 31.70 -45.96 29.78
C TYR D 154 30.65 -45.01 30.32
N PRO D 155 30.66 -44.74 31.62
CA PRO D 155 29.69 -43.79 32.20
C PRO D 155 30.23 -42.36 32.20
N THR D 156 29.34 -41.42 31.91
CA THR D 156 29.70 -40.01 31.82
C THR D 156 29.36 -39.32 33.14
N GLU D 157 30.33 -38.61 33.70
CA GLU D 157 30.15 -37.88 34.94
C GLU D 157 30.75 -36.49 34.80
N ASP D 158 30.02 -35.47 35.28
CA ASP D 158 30.49 -34.09 35.25
C ASP D 158 31.36 -33.85 36.49
N LEU D 159 32.63 -34.23 36.37
CA LEU D 159 33.58 -34.02 37.45
C LEU D 159 33.90 -32.54 37.60
N PRO D 160 34.34 -32.12 38.79
CA PRO D 160 34.75 -30.72 38.96
C PRO D 160 36.08 -30.45 38.27
N TYR D 161 36.64 -29.26 38.46
CA TYR D 161 37.90 -28.90 37.81
C TYR D 161 38.99 -29.91 38.13
N GLY D 162 39.40 -29.98 39.40
CA GLY D 162 40.36 -30.97 39.85
C GLY D 162 41.53 -31.13 38.91
N ALA D 163 41.88 -32.39 38.64
CA ALA D 163 42.91 -32.70 37.66
C ALA D 163 42.56 -33.89 36.77
N VAL D 164 41.41 -34.52 36.96
CA VAL D 164 40.99 -35.66 36.15
C VAL D 164 39.57 -35.40 35.65
N TYR D 165 39.32 -35.75 34.40
CA TYR D 165 38.00 -35.57 33.80
C TYR D 165 37.55 -36.87 33.14
N SER D 166 36.30 -36.88 32.72
CA SER D 166 35.71 -37.99 31.99
C SER D 166 35.62 -37.63 30.52
N LEU D 167 35.74 -38.65 29.66
CA LEU D 167 35.65 -38.44 28.22
C LEU D 167 34.28 -37.90 27.86
N ASP D 168 34.27 -36.86 27.03
CA ASP D 168 33.01 -36.32 26.55
C ASP D 168 32.34 -37.33 25.61
N CYS D 169 31.06 -37.58 25.84
CA CYS D 169 30.34 -38.52 24.99
C CYS D 169 30.07 -37.95 23.60
N ASN D 170 30.17 -36.64 23.43
CA ASN D 170 29.88 -36.02 22.14
C ASN D 170 31.02 -36.13 21.15
N HIS D 171 32.23 -36.41 21.61
CA HIS D 171 33.34 -36.65 20.68
C HIS D 171 33.25 -38.05 20.10
N SER D 172 33.19 -38.14 18.77
CA SER D 172 32.94 -39.42 18.13
C SER D 172 34.19 -40.29 18.12
N HIS D 173 35.37 -39.70 18.00
CA HIS D 173 36.61 -40.45 17.99
C HIS D 173 37.60 -39.86 18.97
N PHE D 174 38.52 -40.70 19.45
CA PHE D 174 39.46 -40.32 20.49
C PHE D 174 40.87 -40.79 20.15
N ILE D 175 41.86 -40.06 20.67
CA ILE D 175 43.26 -40.43 20.54
C ILE D 175 43.85 -40.32 21.95
N LEU D 176 43.92 -41.45 22.66
CA LEU D 176 44.39 -41.47 24.04
C LEU D 176 45.89 -41.75 24.05
N VAL D 177 46.66 -40.81 24.56
CA VAL D 177 48.12 -40.90 24.54
C VAL D 177 48.64 -41.15 25.95
N ASP D 178 49.55 -42.11 26.06
CA ASP D 178 50.16 -42.43 27.34
C ASP D 178 51.20 -41.39 27.71
N GLU D 179 51.44 -41.23 29.01
CA GLU D 179 52.41 -40.26 29.50
C GLU D 179 53.82 -40.71 29.13
N ASP D 180 54.64 -39.76 28.69
CA ASP D 180 56.02 -40.06 28.36
C ASP D 180 56.87 -40.08 29.63
N PRO D 181 57.59 -41.16 29.90
CA PRO D 181 58.45 -41.18 31.09
C PRO D 181 59.59 -40.18 31.04
N LYS D 182 59.95 -39.69 29.85
CA LYS D 182 61.04 -38.73 29.73
C LYS D 182 60.61 -37.35 30.21
N ARG D 183 59.59 -36.78 29.57
CA ARG D 183 59.11 -35.45 29.90
C ARG D 183 57.59 -35.45 30.05
N PRO D 184 57.05 -34.56 30.89
CA PRO D 184 55.60 -34.47 31.09
C PRO D 184 54.89 -33.59 30.05
N GLY D 185 55.16 -33.84 28.78
CA GLY D 185 54.52 -33.11 27.71
C GLY D 185 54.13 -33.99 26.55
N ALA D 186 53.82 -35.26 26.83
CA ALA D 186 53.56 -36.22 25.78
C ALA D 186 52.37 -35.82 24.92
N THR D 187 51.28 -35.39 25.56
CA THR D 187 50.08 -35.02 24.81
C THR D 187 50.34 -33.81 23.92
N GLY D 188 51.06 -32.82 24.42
CA GLY D 188 51.35 -31.64 23.61
C GLY D 188 52.22 -31.97 22.41
N GLU D 189 53.27 -32.77 22.62
CA GLU D 189 54.12 -33.16 21.50
C GLU D 189 53.34 -33.98 20.49
N MET D 190 52.47 -34.88 20.96
CA MET D 190 51.66 -35.67 20.05
C MET D 190 50.71 -34.79 19.25
N ARG D 191 50.10 -33.80 19.90
CA ARG D 191 49.22 -32.89 19.18
C ARG D 191 49.99 -32.10 18.12
N VAL D 192 51.18 -31.63 18.47
CA VAL D 192 51.98 -30.87 17.52
C VAL D 192 52.35 -31.74 16.33
N LYS D 193 52.79 -32.97 16.59
CA LYS D 193 53.18 -33.86 15.50
C LYS D 193 51.98 -34.21 14.62
N MET D 194 50.82 -34.44 15.22
CA MET D 194 49.63 -34.74 14.44
C MET D 194 49.24 -33.56 13.57
N LEU D 195 49.29 -32.35 14.12
CA LEU D 195 48.95 -31.17 13.31
C LEU D 195 49.92 -31.00 12.16
N LYS D 196 51.23 -31.18 12.41
CA LYS D 196 52.20 -31.04 11.33
C LYS D 196 51.97 -32.09 10.26
N HIS D 197 51.74 -33.34 10.66
CA HIS D 197 51.53 -34.39 9.67
C HIS D 197 50.27 -34.16 8.87
N ILE D 198 49.19 -33.74 9.52
CA ILE D 198 47.94 -33.49 8.81
C ILE D 198 48.09 -32.33 7.85
N SER D 199 48.89 -31.32 8.21
CA SER D 199 49.06 -30.17 7.33
C SER D 199 49.74 -30.51 6.03
N LEU D 200 50.35 -31.70 5.91
CA LEU D 200 51.06 -32.11 4.71
C LEU D 200 50.32 -33.21 3.94
N GLN D 201 49.00 -33.20 4.00
CA GLN D 201 48.19 -34.19 3.31
C GLN D 201 47.34 -33.50 2.23
N ARG D 202 46.48 -34.28 1.59
CA ARG D 202 45.62 -33.80 0.52
C ARG D 202 44.17 -33.85 0.94
N THR D 203 43.41 -32.83 0.55
CA THR D 203 42.02 -32.71 1.00
C THR D 203 41.13 -33.83 0.47
N GLY D 204 41.28 -34.21 -0.79
CA GLY D 204 40.44 -35.23 -1.38
C GLY D 204 41.08 -36.60 -1.38
N TYR D 205 40.33 -37.57 -1.93
CA TYR D 205 40.84 -38.93 -2.02
C TYR D 205 42.06 -39.01 -2.93
N GLY D 206 42.03 -38.32 -4.07
CA GLY D 206 43.15 -38.32 -4.99
C GLY D 206 43.74 -36.95 -5.19
N GLY D 207 44.99 -36.89 -5.64
CA GLY D 207 45.67 -35.63 -5.84
C GLY D 207 45.38 -35.00 -7.20
N THR D 208 44.15 -35.14 -7.68
CA THR D 208 43.74 -34.56 -8.96
C THR D 208 43.14 -33.16 -8.77
N GLY D 209 42.06 -33.07 -7.99
CA GLY D 209 41.45 -31.79 -7.71
C GLY D 209 41.42 -31.49 -6.23
N SER D 210 42.44 -31.98 -5.52
CA SER D 210 42.52 -31.87 -4.07
C SER D 210 43.61 -30.88 -3.68
N ILE D 211 43.36 -30.16 -2.59
CA ILE D 211 44.28 -29.17 -2.10
C ILE D 211 44.99 -29.72 -0.86
N GLU D 212 46.05 -29.03 -0.44
CA GLU D 212 46.71 -29.36 0.81
C GLU D 212 45.80 -28.96 1.98
N ILE D 213 45.70 -29.85 2.97
CA ILE D 213 44.74 -29.69 4.05
C ILE D 213 45.05 -28.43 4.86
N PRO D 214 44.11 -27.52 5.02
CA PRO D 214 44.33 -26.31 5.83
C PRO D 214 44.19 -26.61 7.31
N VAL D 215 45.31 -26.58 8.03
CA VAL D 215 45.34 -26.81 9.46
C VAL D 215 45.41 -25.47 10.16
N LEU D 216 44.51 -25.25 11.12
CA LEU D 216 44.42 -23.98 11.82
C LEU D 216 44.28 -24.25 13.32
N CYS D 217 44.89 -23.40 14.13
CA CYS D 217 44.82 -23.53 15.58
C CYS D 217 44.04 -22.37 16.17
N LEU D 218 43.29 -22.66 17.22
CA LEU D 218 42.47 -21.67 17.91
C LEU D 218 42.89 -21.62 19.37
N LEU D 219 43.12 -20.42 19.87
CA LEU D 219 43.57 -20.20 21.24
C LEU D 219 42.45 -19.59 22.07
N VAL D 220 42.16 -20.19 23.21
CA VAL D 220 41.09 -19.75 24.10
C VAL D 220 41.64 -19.77 25.53
N HIS D 221 42.04 -18.60 26.04
CA HIS D 221 42.50 -18.44 27.41
C HIS D 221 43.64 -19.40 27.73
N GLY D 222 44.74 -19.21 27.03
CA GLY D 222 45.90 -20.06 27.27
C GLY D 222 46.59 -19.73 28.57
N GLU D 223 47.32 -20.72 29.07
CA GLU D 223 48.21 -20.59 30.20
C GLU D 223 49.64 -20.45 29.73
N PRO D 224 50.54 -19.90 30.55
CA PRO D 224 51.93 -19.75 30.10
C PRO D 224 52.61 -21.06 29.78
N ARG D 225 52.10 -22.18 30.30
CA ARG D 225 52.71 -23.48 30.02
C ARG D 225 52.57 -23.89 28.56
N ILE D 226 51.59 -23.36 27.83
CA ILE D 226 51.34 -23.76 26.45
C ILE D 226 52.09 -22.88 25.46
N LEU D 227 52.86 -21.91 25.94
CA LEU D 227 53.60 -21.03 25.04
C LEU D 227 54.63 -21.82 24.23
N GLN D 228 55.28 -22.80 24.86
CA GLN D 228 56.24 -23.61 24.15
C GLN D 228 55.59 -24.38 23.01
N LYS D 229 54.43 -24.98 23.28
CA LYS D 229 53.73 -25.73 22.23
C LYS D 229 53.25 -24.80 21.13
N MET D 230 52.77 -23.61 21.50
CA MET D 230 52.33 -22.65 20.49
C MET D 230 53.49 -22.22 19.60
N TYR D 231 54.65 -21.97 20.21
CA TYR D 231 55.82 -21.60 19.42
C TYR D 231 56.27 -22.75 18.53
N LYS D 232 56.18 -23.99 19.02
CA LYS D 232 56.52 -25.14 18.18
C LYS D 232 55.58 -25.22 16.98
N ASN D 233 54.29 -24.98 17.20
CA ASN D 233 53.33 -24.98 16.10
C ASN D 233 53.65 -23.87 15.10
N ILE D 234 54.01 -22.69 15.60
CA ILE D 234 54.40 -21.59 14.71
C ILE D 234 55.62 -21.98 13.89
N GLN D 235 56.59 -22.62 14.54
CA GLN D 235 57.75 -23.14 13.81
C GLN D 235 57.33 -24.12 12.73
N ASN D 236 56.28 -24.90 12.98
CA ASN D 236 55.75 -25.78 11.95
C ASN D 236 54.93 -25.04 10.91
N SER D 237 54.77 -23.71 11.05
CA SER D 237 54.11 -22.87 10.05
C SER D 237 52.66 -23.28 9.84
N ILE D 238 51.86 -23.17 10.90
CA ILE D 238 50.42 -23.34 10.84
C ILE D 238 49.77 -22.11 11.46
N PRO D 239 48.72 -21.57 10.87
CA PRO D 239 48.15 -20.31 11.37
C PRO D 239 47.49 -20.49 12.73
N TRP D 240 47.30 -19.37 13.42
CA TRP D 240 46.66 -19.35 14.72
C TRP D 240 45.58 -18.27 14.74
N LEU D 241 44.50 -18.54 15.47
CA LEU D 241 43.45 -17.56 15.71
C LEU D 241 43.38 -17.29 17.20
N ILE D 242 43.32 -16.01 17.56
CA ILE D 242 43.36 -15.59 18.96
C ILE D 242 42.04 -14.89 19.26
N LEU D 243 41.34 -15.39 20.29
CA LEU D 243 40.13 -14.73 20.73
C LEU D 243 40.46 -13.42 21.44
N ALA D 244 39.72 -12.37 21.12
CA ALA D 244 39.97 -11.07 21.73
C ALA D 244 39.70 -11.08 23.23
N GLY D 245 38.57 -11.67 23.63
CA GLY D 245 38.19 -11.66 25.03
C GLY D 245 38.29 -13.00 25.70
N SER D 246 39.33 -13.76 25.39
CA SER D 246 39.48 -15.10 25.96
C SER D 246 39.83 -15.02 27.44
N GLY D 247 40.96 -14.40 27.77
CA GLY D 247 41.31 -14.22 29.17
C GLY D 247 42.75 -14.49 29.53
N GLY D 248 43.37 -15.48 28.89
CA GLY D 248 44.73 -15.86 29.25
C GLY D 248 45.79 -15.19 28.39
N VAL D 249 46.66 -16.00 27.78
CA VAL D 249 47.69 -15.49 26.89
C VAL D 249 47.08 -14.78 25.70
N ALA D 250 45.82 -15.09 25.37
CA ALA D 250 45.16 -14.45 24.25
C ALA D 250 45.09 -12.94 24.45
N ASP D 251 44.76 -12.51 25.67
CA ASP D 251 44.71 -11.07 25.95
C ASP D 251 46.08 -10.43 25.79
N ILE D 252 47.13 -11.11 26.26
CA ILE D 252 48.48 -10.57 26.12
C ILE D 252 48.82 -10.39 24.64
N LEU D 253 48.54 -11.42 23.84
CA LEU D 253 48.88 -11.35 22.42
C LEU D 253 48.09 -10.25 21.72
N VAL D 254 46.78 -10.15 22.00
CA VAL D 254 45.99 -9.14 21.30
C VAL D 254 46.40 -7.73 21.73
N THR D 255 46.72 -7.56 23.01
CA THR D 255 47.17 -6.24 23.46
C THR D 255 48.50 -5.85 22.83
N LEU D 256 49.44 -6.79 22.75
CA LEU D 256 50.72 -6.48 22.12
C LEU D 256 50.56 -6.19 20.64
N MET D 257 49.72 -6.94 19.94
CA MET D 257 49.50 -6.66 18.52
C MET D 257 48.80 -5.33 18.31
N ASP D 258 47.85 -4.98 19.19
CA ASP D 258 47.23 -3.67 19.12
C ASP D 258 48.24 -2.56 19.39
N ARG D 259 49.19 -2.79 20.31
CA ARG D 259 50.23 -1.81 20.58
C ARG D 259 51.09 -1.57 19.34
N GLY D 260 51.40 -2.65 18.61
CA GLY D 260 52.17 -2.56 17.39
C GLY D 260 53.61 -3.03 17.52
N CYS D 261 54.26 -2.74 18.65
CA CYS D 261 55.62 -3.18 18.90
C CYS D 261 55.69 -3.82 20.27
N TRP D 262 56.53 -4.85 20.38
CA TRP D 262 56.68 -5.60 21.61
C TRP D 262 58.09 -5.42 22.15
N ASP D 263 58.18 -5.07 23.43
CA ASP D 263 59.46 -4.92 24.12
C ASP D 263 59.44 -5.77 25.38
N ALA D 264 60.64 -6.07 25.89
CA ALA D 264 60.75 -6.99 27.02
C ALA D 264 60.02 -6.47 28.24
N ASP D 265 60.18 -5.18 28.56
CA ASP D 265 59.54 -4.63 29.74
C ASP D 265 58.02 -4.67 29.64
N ILE D 266 57.48 -4.32 28.46
CA ILE D 266 56.03 -4.28 28.29
C ILE D 266 55.42 -5.67 28.44
N VAL D 267 56.02 -6.67 27.79
CA VAL D 267 55.48 -8.01 27.87
C VAL D 267 55.66 -8.59 29.26
N GLN D 268 56.78 -8.30 29.92
CA GLN D 268 56.96 -8.76 31.29
C GLN D 268 55.90 -8.17 32.21
N GLU D 269 55.64 -6.86 32.08
CA GLU D 269 54.64 -6.22 32.92
C GLU D 269 53.26 -6.79 32.65
N LEU D 270 52.90 -6.99 31.38
CA LEU D 270 51.58 -7.52 31.06
C LEU D 270 51.43 -8.96 31.55
N LEU D 271 52.48 -9.77 31.40
CA LEU D 271 52.41 -11.15 31.89
C LEU D 271 52.28 -11.19 33.40
N ILE D 272 53.00 -10.32 34.10
CA ILE D 272 52.89 -10.26 35.55
C ILE D 272 51.49 -9.84 35.97
N ASN D 273 50.93 -8.83 35.29
CA ASN D 273 49.59 -8.37 35.64
C ASN D 273 48.54 -9.45 35.39
N THR D 274 48.63 -10.13 34.25
CA THR D 274 47.64 -11.14 33.91
C THR D 274 47.81 -12.42 34.72
N PHE D 275 49.05 -12.78 35.06
CA PHE D 275 49.35 -13.99 35.82
C PHE D 275 50.20 -13.64 37.02
N PRO D 276 49.61 -12.98 38.03
CA PRO D 276 50.38 -12.69 39.25
C PRO D 276 50.84 -13.93 39.99
N ASP D 277 50.09 -15.03 39.89
CA ASP D 277 50.46 -16.25 40.59
C ASP D 277 51.80 -16.80 40.11
N GLY D 278 52.13 -16.54 38.85
CA GLY D 278 53.40 -17.00 38.31
C GLY D 278 54.56 -16.11 38.69
N LEU D 279 55.39 -16.57 39.62
CA LEU D 279 56.55 -15.82 40.10
C LEU D 279 57.76 -16.73 40.05
N HIS D 280 58.42 -16.78 38.89
CA HIS D 280 59.66 -17.51 38.71
C HIS D 280 60.48 -16.78 37.66
N SER D 281 61.64 -16.27 38.07
CA SER D 281 62.42 -15.39 37.19
C SER D 281 62.83 -16.12 35.92
N THR D 282 63.32 -17.34 36.05
CA THR D 282 63.67 -18.12 34.86
C THR D 282 62.45 -18.40 34.00
N GLU D 283 61.33 -18.76 34.63
CA GLU D 283 60.10 -19.01 33.88
C GLU D 283 59.61 -17.74 33.20
N ILE D 284 59.69 -16.60 33.90
CA ILE D 284 59.23 -15.35 33.32
C ILE D 284 60.10 -14.97 32.12
N THR D 285 61.42 -15.12 32.25
CA THR D 285 62.31 -14.81 31.13
C THR D 285 62.05 -15.74 29.95
N SER D 286 61.85 -17.04 30.21
CA SER D 286 61.57 -17.97 29.14
C SER D 286 60.26 -17.63 28.44
N TRP D 287 59.23 -17.28 29.21
CA TRP D 287 57.95 -16.92 28.61
C TRP D 287 58.07 -15.62 27.80
N THR D 288 58.87 -14.68 28.29
CA THR D 288 59.10 -13.44 27.53
C THR D 288 59.77 -13.74 26.19
N LYS D 289 60.81 -14.58 26.22
CA LYS D 289 61.49 -14.94 24.97
C LYS D 289 60.54 -15.68 24.04
N LEU D 290 59.72 -16.59 24.59
CA LEU D 290 58.77 -17.32 23.76
C LEU D 290 57.77 -16.39 23.11
N ILE D 291 57.26 -15.42 23.87
CA ILE D 291 56.30 -14.47 23.31
C ILE D 291 56.95 -13.63 22.22
N GLN D 292 58.19 -13.19 22.45
CA GLN D 292 58.88 -12.39 21.45
C GLN D 292 59.08 -13.18 20.16
N ARG D 293 59.56 -14.43 20.26
CA ARG D 293 59.73 -15.23 19.06
C ARG D 293 58.40 -15.54 18.38
N ILE D 294 57.33 -15.71 19.15
CA ILE D 294 56.02 -15.95 18.55
C ILE D 294 55.56 -14.73 17.76
N LEU D 295 55.65 -13.55 18.36
CA LEU D 295 55.22 -12.34 17.68
C LEU D 295 56.14 -11.96 16.53
N ASP D 296 57.37 -12.49 16.52
CA ASP D 296 58.27 -12.21 15.40
C ASP D 296 57.69 -12.70 14.09
N HIS D 297 56.87 -13.75 14.11
CA HIS D 297 56.26 -14.25 12.88
C HIS D 297 55.11 -13.34 12.44
N GLY D 298 54.09 -13.20 13.27
CA GLY D 298 53.03 -12.25 13.00
C GLY D 298 52.08 -12.68 11.89
N HIS D 299 52.62 -13.07 10.74
CA HIS D 299 51.78 -13.47 9.62
C HIS D 299 50.99 -14.73 9.93
N LEU D 300 51.42 -15.50 10.92
CA LEU D 300 50.70 -16.69 11.37
C LEU D 300 49.74 -16.39 12.51
N LEU D 301 49.66 -15.15 12.96
CA LEU D 301 48.81 -14.74 14.07
C LEU D 301 47.63 -13.93 13.54
N THR D 302 46.45 -14.18 14.09
CA THR D 302 45.24 -13.48 13.67
C THR D 302 44.32 -13.31 14.86
N VAL D 303 43.63 -12.17 14.89
CA VAL D 303 42.75 -11.82 16.01
C VAL D 303 41.31 -12.00 15.56
N HIS D 304 40.53 -12.71 16.38
CA HIS D 304 39.10 -12.85 16.16
C HIS D 304 38.36 -12.16 17.29
N ASP D 305 37.54 -11.16 16.96
CA ASP D 305 36.77 -10.43 17.95
C ASP D 305 35.29 -10.68 17.73
N PRO D 306 34.66 -11.56 18.51
CA PRO D 306 33.23 -11.85 18.30
C PRO D 306 32.35 -10.63 18.48
N GLU D 307 32.79 -9.64 19.26
CA GLU D 307 31.98 -8.44 19.44
C GLU D 307 31.91 -7.60 18.17
N GLN D 308 32.96 -7.61 17.36
CA GLN D 308 33.02 -6.77 16.16
C GLN D 308 32.70 -7.54 14.88
N ASP D 309 33.44 -8.61 14.61
CA ASP D 309 33.29 -9.34 13.35
C ASP D 309 32.26 -10.45 13.46
N SER D 310 32.47 -11.41 14.37
CA SER D 310 31.58 -12.54 14.62
C SER D 310 31.38 -13.41 13.38
N GLU D 311 32.27 -13.30 12.40
CA GLU D 311 32.22 -14.11 11.18
C GLU D 311 33.49 -14.97 11.18
N LEU D 312 33.39 -16.14 11.81
CA LEU D 312 34.59 -16.95 12.03
C LEU D 312 35.16 -17.48 10.71
N ASP D 313 34.30 -17.84 9.75
CA ASP D 313 34.80 -18.33 8.47
C ASP D 313 35.60 -17.26 7.73
N THR D 314 35.15 -16.01 7.79
CA THR D 314 35.88 -14.92 7.16
C THR D 314 37.27 -14.78 7.76
N VAL D 315 37.35 -14.83 9.09
CA VAL D 315 38.66 -14.72 9.75
C VAL D 315 39.53 -15.90 9.40
N ILE D 316 38.94 -17.10 9.32
CA ILE D 316 39.72 -18.29 9.00
C ILE D 316 40.33 -18.17 7.60
N LEU D 317 39.51 -17.77 6.63
CA LEU D 317 40.03 -17.60 5.27
C LEU D 317 41.08 -16.51 5.21
N LYS D 318 40.85 -15.39 5.90
CA LYS D 318 41.83 -14.31 5.88
C LYS D 318 43.16 -14.78 6.46
N ALA D 319 43.10 -15.51 7.59
CA ALA D 319 44.33 -16.01 8.20
C ALA D 319 45.06 -16.98 7.27
N LEU D 320 44.31 -17.89 6.64
CA LEU D 320 44.94 -18.88 5.78
C LEU D 320 45.60 -18.22 4.57
N VAL D 321 44.88 -17.30 3.91
CA VAL D 321 45.46 -16.64 2.74
C VAL D 321 46.62 -15.76 3.14
N LYS D 322 46.56 -15.12 4.32
CA LYS D 322 47.68 -14.31 4.79
C LYS D 322 48.90 -15.17 5.02
N ALA D 323 48.73 -16.33 5.65
CA ALA D 323 49.86 -17.22 5.89
C ALA D 323 50.47 -17.69 4.58
N CYS D 324 49.63 -18.10 3.63
CA CYS D 324 50.16 -18.59 2.35
C CYS D 324 50.83 -17.49 1.56
N LYS D 325 50.26 -16.28 1.56
CA LYS D 325 50.85 -15.16 0.83
C LYS D 325 52.19 -14.77 1.44
N SER D 326 52.29 -14.78 2.77
CA SER D 326 53.58 -14.51 3.40
C SER D 326 54.58 -15.62 3.10
N GLN D 327 54.10 -16.85 2.95
CA GLN D 327 54.99 -17.96 2.65
C GLN D 327 55.69 -17.76 1.30
N SER D 328 54.93 -17.49 0.25
CA SER D 328 55.49 -17.32 -1.09
C SER D 328 54.56 -16.46 -1.94
N GLN D 329 55.12 -15.87 -2.99
CA GLN D 329 54.38 -15.03 -3.92
C GLN D 329 54.02 -15.73 -5.21
N GLU D 330 54.31 -17.03 -5.34
CA GLU D 330 53.98 -17.74 -6.57
C GLU D 330 52.48 -17.90 -6.72
N ALA D 331 52.01 -17.81 -7.96
CA ALA D 331 50.57 -17.92 -8.22
C ALA D 331 50.06 -19.31 -7.89
N GLN D 332 50.91 -20.33 -8.02
CA GLN D 332 50.50 -21.69 -7.68
C GLN D 332 50.17 -21.81 -6.20
N ASP D 333 50.91 -21.09 -5.35
CA ASP D 333 50.59 -21.11 -3.93
C ASP D 333 49.20 -20.54 -3.65
N PHE D 334 48.84 -19.45 -4.33
CA PHE D 334 47.51 -18.87 -4.15
C PHE D 334 46.42 -19.78 -4.73
N LEU D 335 46.76 -20.58 -5.73
CA LEU D 335 45.77 -21.44 -6.36
C LEU D 335 45.14 -22.40 -5.35
N ASP D 336 45.96 -22.97 -4.47
CA ASP D 336 45.42 -23.79 -3.40
C ASP D 336 44.53 -22.97 -2.48
N ALA D 337 44.93 -21.72 -2.20
CA ALA D 337 44.07 -20.83 -1.43
C ALA D 337 42.86 -20.40 -2.23
N LEU D 338 42.99 -20.24 -3.55
CA LEU D 338 41.86 -19.88 -4.38
C LEU D 338 40.80 -20.97 -4.35
N LYS D 339 41.21 -22.23 -4.40
CA LYS D 339 40.24 -23.32 -4.31
C LYS D 339 39.52 -23.30 -2.97
N LEU D 340 40.25 -23.02 -1.89
CA LEU D 340 39.63 -22.94 -0.58
C LEU D 340 38.62 -21.80 -0.52
N ALA D 341 38.96 -20.65 -1.11
CA ALA D 341 38.03 -19.54 -1.17
C ALA D 341 36.80 -19.90 -1.96
N VAL D 342 36.97 -20.65 -3.05
CA VAL D 342 35.83 -21.12 -3.82
C VAL D 342 34.95 -22.02 -2.98
N ALA D 343 35.56 -22.94 -2.22
CA ALA D 343 34.79 -23.95 -1.51
C ALA D 343 33.81 -23.34 -0.52
N TRP D 344 34.13 -22.17 0.02
CA TRP D 344 33.27 -21.53 1.00
C TRP D 344 32.40 -20.44 0.39
N ASN D 345 32.45 -20.25 -0.92
CA ASN D 345 31.62 -19.28 -1.62
C ASN D 345 31.82 -17.87 -1.06
N ARG D 346 33.06 -17.58 -0.67
CA ARG D 346 33.44 -16.25 -0.21
C ARG D 346 34.13 -15.47 -1.33
N VAL D 347 33.31 -15.02 -2.29
CA VAL D 347 33.85 -14.35 -3.47
C VAL D 347 34.47 -13.00 -3.08
N ASP D 348 33.89 -12.32 -2.10
CA ASP D 348 34.42 -11.03 -1.69
C ASP D 348 35.83 -11.16 -1.11
N ILE D 349 36.04 -12.19 -0.27
CA ILE D 349 37.37 -12.42 0.29
C ILE D 349 38.37 -12.73 -0.81
N ALA D 350 37.98 -13.58 -1.76
CA ALA D 350 38.87 -13.92 -2.87
C ALA D 350 39.24 -12.68 -3.67
N LYS D 351 38.25 -11.86 -4.00
CA LYS D 351 38.50 -10.65 -4.78
C LYS D 351 39.40 -9.69 -4.01
N SER D 352 39.20 -9.58 -2.70
CA SER D 352 40.02 -8.66 -1.91
C SER D 352 41.46 -9.14 -1.82
N GLU D 353 41.68 -10.44 -1.61
CA GLU D 353 43.00 -10.95 -1.28
C GLU D 353 43.72 -11.56 -2.48
N ILE D 354 43.15 -12.58 -3.12
CA ILE D 354 43.89 -13.30 -4.16
C ILE D 354 43.92 -12.49 -5.45
N PHE D 355 42.78 -11.96 -5.87
CA PHE D 355 42.69 -11.25 -7.14
C PHE D 355 42.87 -9.75 -6.94
N SER D 356 44.06 -9.32 -6.50
CA SER D 356 44.34 -7.89 -6.35
C SER D 356 45.73 -7.61 -6.92
N GLY D 357 45.78 -7.39 -8.23
CA GLY D 357 46.94 -6.79 -8.87
C GLY D 357 48.20 -7.64 -8.91
N ASP D 358 48.68 -8.05 -7.74
CA ASP D 358 50.02 -8.61 -7.64
C ASP D 358 50.13 -9.94 -8.38
N VAL D 359 49.13 -10.80 -8.28
CA VAL D 359 49.22 -12.16 -8.76
C VAL D 359 48.73 -12.21 -10.20
N GLN D 360 49.60 -12.65 -11.11
CA GLN D 360 49.19 -12.88 -12.48
C GLN D 360 48.45 -14.20 -12.60
N TRP D 361 47.37 -14.20 -13.39
CA TRP D 361 46.51 -15.37 -13.54
C TRP D 361 46.31 -15.65 -15.01
N SER D 362 46.85 -16.79 -15.47
CA SER D 362 46.68 -17.21 -16.85
C SER D 362 45.42 -18.08 -16.99
N ALA D 363 44.98 -18.25 -18.23
CA ALA D 363 43.80 -19.05 -18.49
C ALA D 363 44.00 -20.51 -18.07
N GLN D 364 45.18 -21.05 -18.37
CA GLN D 364 45.47 -22.43 -17.98
C GLN D 364 45.51 -22.58 -16.47
N ASP D 365 45.87 -21.50 -15.76
CA ASP D 365 45.89 -21.55 -14.30
C ASP D 365 44.49 -21.73 -13.73
N LEU D 366 43.50 -21.08 -14.33
CA LEU D 366 42.15 -21.04 -13.79
C LEU D 366 41.27 -22.18 -14.29
N GLU D 367 41.80 -23.07 -15.14
CA GLU D 367 40.97 -24.13 -15.71
C GLU D 367 40.37 -25.03 -14.63
N GLU D 368 41.22 -25.58 -13.75
CA GLU D 368 40.74 -26.47 -12.71
C GLU D 368 39.86 -25.74 -11.71
N VAL D 369 40.25 -24.51 -11.36
CA VAL D 369 39.46 -23.74 -10.40
C VAL D 369 38.12 -23.34 -11.02
N MET D 370 38.11 -23.04 -12.31
CA MET D 370 36.84 -22.77 -13.00
C MET D 370 35.95 -24.01 -12.98
N MET D 371 36.54 -25.18 -13.22
CA MET D 371 35.76 -26.41 -13.14
C MET D 371 35.17 -26.60 -11.75
N GLU D 372 35.95 -26.36 -10.71
CA GLU D 372 35.46 -26.54 -9.35
C GLU D 372 34.33 -25.56 -9.05
N ALA D 373 34.47 -24.30 -9.48
CA ALA D 373 33.41 -23.33 -9.25
C ALA D 373 32.17 -23.65 -10.04
N LEU D 374 32.34 -24.19 -11.25
CA LEU D 374 31.19 -24.50 -12.10
C LEU D 374 30.42 -25.70 -11.58
N VAL D 375 31.13 -26.74 -11.19
CA VAL D 375 30.51 -27.97 -10.71
C VAL D 375 30.02 -27.92 -9.26
N ASN D 376 30.39 -26.86 -8.55
CA ASN D 376 29.97 -26.70 -7.16
C ASN D 376 28.87 -25.66 -6.97
N ASP D 377 28.23 -25.28 -8.06
CA ASP D 377 27.12 -24.30 -8.06
C ASP D 377 27.45 -22.93 -7.45
N LYS D 378 28.64 -22.41 -7.74
CA LYS D 378 29.02 -21.09 -7.25
C LYS D 378 29.05 -20.17 -8.47
N PRO D 379 28.02 -19.33 -8.62
CA PRO D 379 28.03 -18.49 -9.82
C PRO D 379 28.91 -17.26 -9.73
N ASP D 380 29.09 -16.74 -8.51
CA ASP D 380 29.91 -15.55 -8.35
C ASP D 380 31.35 -15.80 -8.79
N PHE D 381 31.88 -16.96 -8.44
CA PHE D 381 33.23 -17.30 -8.86
C PHE D 381 33.30 -17.56 -10.36
N VAL D 382 32.23 -18.09 -10.95
CA VAL D 382 32.20 -18.27 -12.39
C VAL D 382 32.29 -16.91 -13.09
N ARG D 383 31.50 -15.95 -12.62
CA ARG D 383 31.58 -14.60 -13.17
C ARG D 383 32.96 -14.00 -12.96
N LEU D 384 33.55 -14.19 -11.78
CA LEU D 384 34.86 -13.63 -11.51
C LEU D 384 35.92 -14.21 -12.44
N PHE D 385 35.86 -15.52 -12.67
CA PHE D 385 36.86 -16.16 -13.51
C PHE D 385 36.69 -15.78 -14.98
N VAL D 386 35.44 -15.67 -15.43
CA VAL D 386 35.19 -15.21 -16.80
C VAL D 386 35.72 -13.80 -16.97
N ASP D 387 35.50 -12.94 -15.99
CA ASP D 387 35.99 -11.57 -16.04
C ASP D 387 37.50 -11.48 -15.92
N ASN D 388 38.19 -12.57 -15.57
CA ASN D 388 39.62 -12.54 -15.30
C ASN D 388 40.40 -13.42 -16.28
N GLY D 389 39.95 -13.49 -17.53
CA GLY D 389 40.72 -14.10 -18.60
C GLY D 389 40.23 -15.46 -19.06
N VAL D 390 39.31 -16.11 -18.35
CA VAL D 390 38.82 -17.41 -18.81
C VAL D 390 37.96 -17.22 -20.05
N ASN D 391 38.32 -17.91 -21.12
CA ASN D 391 37.63 -17.79 -22.40
C ASN D 391 36.70 -18.99 -22.57
N ILE D 392 35.40 -18.75 -22.40
CA ILE D 392 34.42 -19.83 -22.50
C ILE D 392 34.44 -20.46 -23.88
N LYS D 393 34.73 -19.68 -24.92
CA LYS D 393 34.75 -20.22 -26.27
C LYS D 393 35.77 -21.33 -26.40
N GLN D 394 36.95 -21.17 -25.79
CA GLN D 394 37.99 -22.18 -25.84
C GLN D 394 37.92 -23.15 -24.66
N PHE D 395 37.40 -22.68 -23.52
CA PHE D 395 37.34 -23.53 -22.34
C PHE D 395 36.36 -24.68 -22.53
N LEU D 396 35.18 -24.39 -23.08
CA LEU D 396 34.09 -25.35 -23.12
C LEU D 396 34.14 -26.15 -24.41
N THR D 397 34.70 -27.36 -24.32
CA THR D 397 34.63 -28.31 -25.42
C THR D 397 33.51 -29.31 -25.16
N TYR D 398 33.21 -30.13 -26.17
CA TYR D 398 32.16 -31.12 -26.02
C TYR D 398 32.51 -32.14 -24.95
N GLY D 399 33.77 -32.55 -24.89
CA GLY D 399 34.19 -33.44 -23.82
C GLY D 399 34.03 -32.81 -22.44
N ARG D 400 34.36 -31.53 -22.33
CA ARG D 400 34.20 -30.85 -21.05
C ARG D 400 32.72 -30.70 -20.69
N LEU D 401 31.87 -30.46 -21.69
CA LEU D 401 30.43 -30.40 -21.43
C LEU D 401 29.91 -31.74 -20.94
N GLN D 402 30.38 -32.84 -21.55
CA GLN D 402 29.99 -34.16 -21.07
C GLN D 402 30.50 -34.41 -19.67
N GLU D 403 31.71 -33.95 -19.35
CA GLU D 403 32.22 -34.08 -17.98
C GLU D 403 31.35 -33.31 -17.00
N LEU D 404 30.91 -32.11 -17.39
CA LEU D 404 30.01 -31.35 -16.54
C LEU D 404 28.69 -32.08 -16.34
N TYR D 405 28.16 -32.70 -17.40
CA TYR D 405 26.91 -33.42 -17.27
C TYR D 405 27.06 -34.68 -16.42
N CYS D 406 28.22 -35.32 -16.46
CA CYS D 406 28.44 -36.51 -15.65
C CYS D 406 28.50 -36.18 -14.17
N SER D 407 29.08 -35.05 -13.81
CA SER D 407 29.30 -34.70 -12.40
C SER D 407 28.15 -33.85 -11.86
N VAL D 408 26.94 -34.42 -11.91
CA VAL D 408 25.80 -33.79 -11.28
C VAL D 408 25.79 -34.11 -9.79
N SER D 409 24.95 -33.40 -9.05
CA SER D 409 24.91 -33.52 -7.60
C SER D 409 24.40 -34.86 -7.12
N GLU D 410 23.81 -35.68 -8.00
CA GLU D 410 23.25 -36.99 -7.70
C GLU D 410 22.10 -36.91 -6.70
N LYS D 411 21.61 -35.72 -6.37
CA LYS D 411 20.50 -35.56 -5.45
C LYS D 411 19.36 -34.73 -6.03
N ASN D 412 19.43 -34.34 -7.30
CA ASN D 412 18.41 -33.53 -7.94
C ASN D 412 17.74 -34.30 -9.07
N LEU D 413 16.76 -33.65 -9.69
CA LEU D 413 15.93 -34.33 -10.68
C LEU D 413 16.73 -34.76 -11.89
N LEU D 414 17.68 -33.92 -12.32
CA LEU D 414 18.43 -34.21 -13.53
C LEU D 414 19.17 -35.53 -13.43
N HIS D 415 19.73 -35.83 -12.25
CA HIS D 415 20.43 -37.09 -12.08
C HIS D 415 19.49 -38.28 -12.21
N THR D 416 18.29 -38.17 -11.63
CA THR D 416 17.33 -39.26 -11.74
C THR D 416 16.88 -39.47 -13.20
N LEU D 417 16.64 -38.37 -13.91
CA LEU D 417 16.25 -38.49 -15.32
C LEU D 417 17.38 -39.12 -16.14
N LEU D 418 18.62 -38.72 -15.88
CA LEU D 418 19.75 -39.29 -16.60
C LEU D 418 19.91 -40.77 -16.27
N LEU D 419 19.67 -41.15 -15.01
CA LEU D 419 19.73 -42.56 -14.64
C LEU D 419 18.66 -43.36 -15.38
N LYS D 420 17.44 -42.83 -15.45
CA LYS D 420 16.38 -43.54 -16.15
C LYS D 420 16.72 -43.71 -17.63
N LYS D 421 17.24 -42.66 -18.26
CA LYS D 421 17.61 -42.77 -19.67
C LYS D 421 18.77 -43.74 -19.86
N ASN D 422 19.72 -43.76 -18.92
CA ASN D 422 20.84 -44.69 -19.01
C ASN D 422 20.35 -46.13 -18.89
N GLN D 423 19.41 -46.37 -17.98
CA GLN D 423 18.85 -47.71 -17.85
C GLN D 423 18.13 -48.12 -19.12
N GLU D 424 17.35 -47.20 -19.71
CA GLU D 424 16.67 -47.52 -20.95
C GLU D 424 17.66 -47.86 -22.06
N ARG D 425 18.74 -47.08 -22.17
CA ARG D 425 19.74 -47.35 -23.19
C ARG D 425 20.44 -48.68 -22.95
N GLN D 426 20.78 -48.98 -21.70
CA GLN D 426 21.45 -50.24 -21.39
C GLN D 426 20.53 -51.43 -21.68
N ALA D 427 19.25 -51.32 -21.33
CA ALA D 427 18.31 -52.38 -21.63
C ALA D 427 18.12 -52.56 -23.13
N GLN D 428 18.13 -51.47 -23.89
CA GLN D 428 17.97 -51.56 -25.32
C GLN D 428 19.11 -52.34 -25.96
N LEU D 429 20.33 -52.10 -25.51
CA LEU D 429 21.50 -52.79 -26.05
C LEU D 429 21.63 -54.18 -25.45
N LYS D 446 33.75 -45.62 -18.05
CA LYS D 446 34.33 -44.38 -18.57
C LYS D 446 33.54 -43.17 -18.10
N PHE D 447 32.43 -42.90 -18.78
CA PHE D 447 31.56 -41.78 -18.45
C PHE D 447 30.23 -42.31 -17.92
N ARG D 448 29.80 -41.75 -16.78
CA ARG D 448 28.55 -42.21 -16.17
C ARG D 448 27.35 -41.92 -17.07
N PHE D 449 27.33 -40.75 -17.70
CA PHE D 449 26.25 -40.35 -18.57
C PHE D 449 26.79 -39.88 -19.91
N THR D 450 26.12 -40.29 -20.98
CA THR D 450 26.51 -39.98 -22.35
C THR D 450 25.54 -38.93 -22.90
N PHE D 451 25.93 -38.29 -23.99
CA PHE D 451 25.08 -37.26 -24.58
C PHE D 451 23.74 -37.81 -25.04
N HIS D 452 23.62 -39.13 -25.23
CA HIS D 452 22.33 -39.70 -25.55
C HIS D 452 21.31 -39.45 -24.44
N GLU D 453 21.73 -39.60 -23.19
CA GLU D 453 20.81 -39.44 -22.08
C GLU D 453 20.30 -38.00 -21.98
N VAL D 454 21.21 -37.03 -22.07
CA VAL D 454 20.77 -35.64 -22.01
C VAL D 454 19.94 -35.27 -23.23
N SER D 455 20.26 -35.85 -24.39
CA SER D 455 19.44 -35.60 -25.57
C SER D 455 18.02 -36.13 -25.37
N LYS D 456 17.89 -37.32 -24.78
CA LYS D 456 16.56 -37.87 -24.52
C LYS D 456 15.81 -37.04 -23.47
N VAL D 457 16.52 -36.53 -22.46
CA VAL D 457 15.86 -35.67 -21.48
C VAL D 457 15.35 -34.40 -22.15
N LEU D 458 16.18 -33.79 -23.00
CA LEU D 458 15.75 -32.61 -23.74
C LEU D 458 14.62 -32.92 -24.70
N LYS D 459 14.57 -34.14 -25.23
CA LYS D 459 13.46 -34.53 -26.08
C LYS D 459 12.18 -34.72 -25.26
N ASP D 460 12.32 -35.18 -24.01
CA ASP D 460 11.16 -35.24 -23.13
C ASP D 460 10.63 -33.85 -22.83
N PHE D 461 11.53 -32.89 -22.63
CA PHE D 461 11.11 -31.55 -22.23
C PHE D 461 10.62 -30.71 -23.41
N LEU D 462 11.45 -30.54 -24.43
CA LEU D 462 11.10 -29.66 -25.54
C LEU D 462 10.55 -30.45 -26.72
N ASP D 463 11.25 -31.51 -27.11
CA ASP D 463 10.88 -32.51 -28.12
C ASP D 463 11.00 -32.03 -29.55
N ASP D 464 11.20 -30.74 -29.80
CA ASP D 464 11.39 -30.29 -31.17
C ASP D 464 12.66 -29.45 -31.29
N THR D 465 12.90 -28.61 -30.28
CA THR D 465 14.02 -27.67 -30.37
C THR D 465 15.36 -28.38 -30.28
N CYS D 466 15.48 -29.35 -29.36
CA CYS D 466 16.75 -30.02 -29.12
C CYS D 466 16.91 -31.20 -30.09
N LYS D 467 17.13 -30.84 -31.35
CA LYS D 467 17.46 -31.82 -32.39
C LYS D 467 18.76 -31.41 -33.04
N GLY D 468 19.75 -32.30 -33.01
CA GLY D 468 21.04 -32.02 -33.59
C GLY D 468 21.98 -31.20 -32.74
N PHE D 469 21.62 -30.91 -31.49
CA PHE D 469 22.54 -30.21 -30.61
C PHE D 469 23.82 -31.00 -30.41
N TYR D 470 23.69 -32.30 -30.14
CA TYR D 470 24.83 -33.15 -29.88
C TYR D 470 24.84 -34.44 -30.70
N GLN D 471 23.74 -34.76 -31.38
CA GLN D 471 23.73 -35.96 -32.21
C GLN D 471 24.51 -35.77 -33.50
N LYS D 472 24.63 -34.54 -33.98
CA LYS D 472 25.42 -34.28 -35.19
C LYS D 472 26.90 -34.38 -34.87
N LEU D 473 27.66 -34.95 -35.81
CA LEU D 473 29.10 -35.10 -35.63
C LEU D 473 29.87 -34.05 -36.42
N ASN D 489 28.02 -41.25 -33.42
CA ASN D 489 27.03 -40.19 -33.41
C ASN D 489 27.52 -38.96 -32.65
N LEU D 490 28.12 -39.19 -31.49
CA LEU D 490 28.61 -38.09 -30.68
C LEU D 490 29.73 -37.36 -31.40
N PRO D 491 29.86 -36.05 -31.20
CA PRO D 491 30.91 -35.29 -31.86
C PRO D 491 32.26 -35.54 -31.20
N ASP D 492 33.28 -34.87 -31.73
CA ASP D 492 34.62 -35.02 -31.17
C ASP D 492 34.69 -34.36 -29.80
N MET D 493 35.24 -35.08 -28.82
CA MET D 493 35.34 -34.53 -27.47
C MET D 493 36.27 -33.35 -27.42
N ASP D 494 37.31 -33.33 -28.25
CA ASP D 494 38.27 -32.24 -28.27
C ASP D 494 37.80 -31.04 -29.08
N ARG D 495 36.61 -31.09 -29.67
CA ARG D 495 36.08 -30.00 -30.46
C ARG D 495 35.22 -29.10 -29.60
N ARG D 496 35.47 -27.80 -29.69
CA ARG D 496 34.73 -26.84 -28.88
C ARG D 496 33.29 -26.71 -29.35
N CYS D 497 32.40 -26.40 -28.41
CA CYS D 497 30.98 -26.30 -28.74
C CYS D 497 30.70 -25.10 -29.62
N GLU D 498 29.78 -25.27 -30.57
CA GLU D 498 29.41 -24.18 -31.46
C GLU D 498 28.66 -23.08 -30.71
N HIS D 499 27.85 -23.45 -29.73
CA HIS D 499 27.07 -22.50 -28.94
C HIS D 499 27.37 -22.75 -27.47
N PRO D 500 28.50 -22.27 -26.98
CA PRO D 500 28.88 -22.58 -25.59
C PRO D 500 27.91 -22.05 -24.56
N TRP D 501 27.48 -20.79 -24.71
CA TRP D 501 26.58 -20.20 -23.73
C TRP D 501 25.23 -20.90 -23.73
N ARG D 502 24.75 -21.31 -24.90
CA ARG D 502 23.49 -22.04 -24.96
C ARG D 502 23.57 -23.34 -24.17
N ASP D 503 24.64 -24.11 -24.38
CA ASP D 503 24.80 -25.37 -23.69
C ASP D 503 24.95 -25.17 -22.19
N LEU D 504 25.73 -24.17 -21.78
CA LEU D 504 25.92 -23.91 -20.36
C LEU D 504 24.61 -23.49 -19.70
N PHE D 505 23.85 -22.61 -20.36
CA PHE D 505 22.55 -22.20 -19.82
C PHE D 505 21.61 -23.38 -19.72
N LEU D 506 21.57 -24.22 -20.75
CA LEU D 506 20.66 -25.36 -20.74
C LEU D 506 21.03 -26.34 -19.63
N TRP D 507 22.33 -26.55 -19.47
CA TRP D 507 22.87 -27.45 -18.45
C TRP D 507 22.53 -26.95 -17.06
N ALA D 508 22.78 -25.67 -16.82
CA ALA D 508 22.50 -25.06 -15.52
C ALA D 508 21.00 -25.04 -15.26
N ILE D 509 20.20 -24.99 -16.31
CA ILE D 509 18.76 -24.97 -16.14
C ILE D 509 18.20 -26.36 -15.82
N LEU D 510 18.76 -27.40 -16.42
CA LEU D 510 18.23 -28.73 -16.15
C LEU D 510 18.35 -29.15 -14.70
N GLN D 511 19.22 -28.49 -13.94
CA GLN D 511 19.42 -28.82 -12.53
C GLN D 511 18.96 -27.82 -11.48
N ASN D 512 18.02 -26.96 -11.87
CA ASN D 512 17.43 -25.94 -11.02
C ASN D 512 18.41 -24.95 -10.39
N ARG D 513 19.54 -24.72 -11.05
CA ARG D 513 20.48 -23.73 -10.58
C ARG D 513 20.04 -22.50 -11.32
N GLN D 514 19.42 -21.57 -10.63
CA GLN D 514 18.88 -20.39 -11.27
C GLN D 514 19.82 -19.18 -11.36
N GLU D 515 20.66 -19.02 -10.35
CA GLU D 515 21.59 -17.90 -10.32
C GLU D 515 22.68 -18.09 -11.36
N MET D 516 23.18 -19.31 -11.48
CA MET D 516 24.22 -19.62 -12.44
C MET D 516 23.63 -19.58 -13.83
N ALA D 517 22.38 -20.06 -13.94
CA ALA D 517 21.68 -20.08 -15.21
C ALA D 517 21.31 -18.67 -15.66
N ASN D 518 20.93 -17.81 -14.73
CA ASN D 518 20.67 -16.42 -15.06
C ASN D 518 21.92 -15.74 -15.58
N TYR D 519 23.06 -16.01 -14.94
CA TYR D 519 24.32 -15.45 -15.43
C TYR D 519 24.62 -15.93 -16.85
N PHE D 520 24.39 -17.22 -17.11
CA PHE D 520 24.64 -17.74 -18.45
C PHE D 520 23.68 -17.13 -19.46
N TRP D 521 22.43 -16.89 -19.06
CA TRP D 521 21.48 -16.22 -19.94
C TRP D 521 21.92 -14.80 -20.24
N ALA D 522 22.51 -14.10 -19.26
CA ALA D 522 22.98 -12.74 -19.48
C ALA D 522 24.15 -12.66 -20.45
N MET D 523 24.81 -13.77 -20.75
CA MET D 523 25.93 -13.77 -21.67
C MET D 523 25.63 -14.41 -23.02
N GLY D 524 24.51 -15.12 -23.15
CA GLY D 524 24.18 -15.81 -24.37
C GLY D 524 23.80 -14.86 -25.50
N PRO D 525 23.98 -15.30 -26.74
CA PRO D 525 23.63 -14.43 -27.87
C PRO D 525 22.14 -14.18 -28.02
N GLU D 526 21.32 -15.24 -28.03
CA GLU D 526 19.89 -15.12 -28.24
C GLU D 526 19.19 -15.31 -26.91
N ALA D 527 18.64 -14.23 -26.36
CA ALA D 527 18.16 -14.24 -24.98
C ALA D 527 16.66 -14.44 -24.85
N VAL D 528 15.86 -13.95 -25.78
CA VAL D 528 14.42 -14.17 -25.69
C VAL D 528 14.10 -15.65 -25.84
N ALA D 529 14.69 -16.29 -26.86
CA ALA D 529 14.47 -17.71 -27.05
C ALA D 529 15.00 -18.51 -25.87
N ALA D 530 16.16 -18.12 -25.34
CA ALA D 530 16.72 -18.82 -24.19
C ALA D 530 15.80 -18.70 -22.98
N ALA D 531 15.26 -17.51 -22.73
CA ALA D 531 14.36 -17.33 -21.60
C ALA D 531 13.08 -18.15 -21.76
N LEU D 532 12.54 -18.18 -22.97
CA LEU D 532 11.33 -18.98 -23.20
C LEU D 532 11.61 -20.46 -23.02
N VAL D 533 12.76 -20.94 -23.51
CA VAL D 533 13.14 -22.33 -23.30
C VAL D 533 13.28 -22.62 -21.82
N GLY D 534 13.89 -21.69 -21.09
CA GLY D 534 14.06 -21.88 -19.66
C GLY D 534 12.73 -21.97 -18.92
N CYS D 535 11.78 -21.08 -19.26
CA CYS D 535 10.49 -21.14 -18.57
C CYS D 535 9.74 -22.42 -18.93
N LYS D 536 9.85 -22.86 -20.18
CA LYS D 536 9.25 -24.14 -20.55
C LYS D 536 9.83 -25.28 -19.73
N ILE D 537 11.16 -25.34 -19.62
CA ILE D 537 11.79 -26.42 -18.89
C ILE D 537 11.40 -26.37 -17.42
N MET D 538 11.33 -25.16 -16.85
CA MET D 538 11.01 -25.05 -15.43
C MET D 538 9.57 -25.47 -15.15
N LYS D 539 8.64 -25.06 -16.01
CA LYS D 539 7.25 -25.47 -15.78
C LYS D 539 7.04 -26.95 -16.12
N GLU D 540 7.92 -27.55 -16.91
CA GLU D 540 7.85 -28.99 -17.10
C GLU D 540 8.41 -29.73 -15.90
N MET D 541 9.49 -29.22 -15.31
CA MET D 541 10.12 -29.87 -14.17
C MET D 541 9.36 -29.67 -12.87
N ALA D 542 8.55 -28.61 -12.77
CA ALA D 542 7.79 -28.38 -11.55
C ALA D 542 6.89 -29.58 -11.23
N HIS D 543 6.38 -30.24 -12.27
CA HIS D 543 5.57 -31.44 -12.05
C HIS D 543 6.41 -32.61 -11.54
N LEU D 544 7.64 -32.73 -12.03
CA LEU D 544 8.50 -33.85 -11.65
C LEU D 544 9.26 -33.62 -10.35
N ALA D 545 9.15 -32.43 -9.76
CA ALA D 545 9.89 -32.14 -8.54
C ALA D 545 9.36 -32.98 -7.38
N THR D 546 10.29 -33.46 -6.55
CA THR D 546 9.93 -34.25 -5.38
C THR D 546 9.76 -33.37 -4.14
N GLU D 547 10.80 -32.65 -3.76
CA GLU D 547 10.73 -31.76 -2.61
C GLU D 547 9.81 -30.58 -2.89
N ALA D 548 9.11 -30.12 -1.85
CA ALA D 548 8.20 -29.00 -2.03
C ALA D 548 8.95 -27.69 -2.27
N GLU D 549 10.10 -27.52 -1.60
CA GLU D 549 10.88 -26.30 -1.79
C GLU D 549 11.39 -26.17 -3.21
N SER D 550 11.90 -27.27 -3.78
CA SER D 550 12.37 -27.23 -5.16
C SER D 550 11.22 -26.95 -6.13
N ALA D 551 10.06 -27.57 -5.89
CA ALA D 551 8.91 -27.31 -6.75
C ALA D 551 8.48 -25.86 -6.66
N ARG D 552 8.48 -25.28 -5.46
CA ARG D 552 8.14 -23.87 -5.32
C ARG D 552 9.14 -22.98 -6.04
N SER D 553 10.43 -23.30 -5.93
CA SER D 553 11.44 -22.50 -6.62
C SER D 553 11.27 -22.59 -8.13
N MET D 554 10.94 -23.78 -8.63
CA MET D 554 10.73 -23.94 -10.07
C MET D 554 9.48 -23.20 -10.54
N LYS D 555 8.43 -23.20 -9.72
CA LYS D 555 7.21 -22.49 -10.09
C LYS D 555 7.39 -20.98 -10.11
N ASN D 556 8.46 -20.47 -9.52
CA ASN D 556 8.77 -19.06 -9.49
C ASN D 556 10.05 -18.75 -10.27
N ALA D 557 10.20 -19.39 -11.43
CA ALA D 557 11.43 -19.24 -12.20
C ALA D 557 11.56 -17.85 -12.79
N LYS D 558 10.42 -17.17 -13.04
CA LYS D 558 10.37 -15.83 -13.63
C LYS D 558 11.27 -15.70 -14.85
N TYR D 559 11.45 -16.79 -15.60
CA TYR D 559 12.19 -16.70 -16.85
C TYR D 559 11.34 -16.09 -17.96
N GLU D 560 10.04 -16.35 -17.96
CA GLU D 560 9.15 -15.66 -18.88
C GLU D 560 9.18 -14.16 -18.64
N GLN D 561 9.36 -13.74 -17.39
CA GLN D 561 9.47 -12.32 -17.10
C GLN D 561 10.72 -11.73 -17.74
N PHE D 562 11.82 -12.48 -17.75
CA PHE D 562 13.03 -12.00 -18.41
C PHE D 562 12.78 -11.76 -19.89
N ALA D 563 12.14 -12.72 -20.57
CA ALA D 563 11.85 -12.55 -21.99
C ALA D 563 10.93 -11.36 -22.22
N MET D 564 9.89 -11.22 -21.39
CA MET D 564 8.96 -10.12 -21.57
C MET D 564 9.65 -8.77 -21.38
N ASP D 565 10.47 -8.65 -20.34
CA ASP D 565 11.15 -7.38 -20.09
C ASP D 565 12.16 -7.06 -21.19
N LEU D 566 12.93 -8.05 -21.62
CA LEU D 566 13.92 -7.80 -22.66
C LEU D 566 13.24 -7.44 -23.98
N PHE D 567 12.13 -8.10 -24.29
CA PHE D 567 11.42 -7.75 -25.52
C PHE D 567 10.75 -6.40 -25.40
N SER D 568 10.31 -6.01 -24.20
CA SER D 568 9.79 -4.66 -24.03
C SER D 568 10.88 -3.63 -24.31
N GLU D 569 12.09 -3.88 -23.81
CA GLU D 569 13.21 -2.99 -24.12
C GLU D 569 13.48 -2.95 -25.62
N CYS D 570 13.50 -4.11 -26.28
CA CYS D 570 13.75 -4.15 -27.72
C CYS D 570 12.67 -3.42 -28.50
N TYR D 571 11.41 -3.62 -28.12
CA TYR D 571 10.30 -2.96 -28.81
C TYR D 571 10.33 -1.46 -28.60
N SER D 572 10.70 -1.02 -27.39
CA SER D 572 10.85 0.41 -27.15
C SER D 572 12.00 1.01 -27.95
N ASN D 573 13.05 0.21 -28.21
CA ASN D 573 14.19 0.74 -28.95
C ASN D 573 13.86 0.92 -30.43
N SER D 574 13.43 -0.15 -31.09
CA SER D 574 13.28 -0.14 -32.54
C SER D 574 11.83 -0.26 -33.01
N GLU D 575 11.12 -1.29 -32.54
CA GLU D 575 9.72 -1.56 -32.87
C GLU D 575 9.58 -2.07 -34.31
N ASP D 576 10.66 -2.00 -35.08
CA ASP D 576 10.72 -2.62 -36.39
C ASP D 576 11.69 -3.80 -36.42
N ARG D 577 12.80 -3.68 -35.69
CA ARG D 577 13.69 -4.83 -35.52
C ARG D 577 13.08 -5.84 -34.56
N ALA D 578 12.16 -5.39 -33.70
CA ALA D 578 11.52 -6.29 -32.76
C ALA D 578 10.70 -7.36 -33.48
N TYR D 579 9.99 -6.95 -34.53
CA TYR D 579 9.21 -7.92 -35.30
C TYR D 579 10.12 -8.94 -35.97
N SER D 580 11.23 -8.48 -36.54
CA SER D 580 12.18 -9.41 -37.15
C SER D 580 12.76 -10.35 -36.11
N LEU D 581 13.04 -9.85 -34.92
CA LEU D 581 13.51 -10.71 -33.83
C LEU D 581 12.46 -11.75 -33.48
N LEU D 582 11.19 -11.35 -33.46
CA LEU D 582 10.12 -12.29 -33.16
C LEU D 582 10.01 -13.39 -34.21
N VAL D 583 10.15 -13.03 -35.49
CA VAL D 583 9.84 -13.95 -36.57
C VAL D 583 11.08 -14.56 -37.22
N ARG D 584 12.27 -14.26 -36.73
CA ARG D 584 13.46 -14.84 -37.33
C ARG D 584 13.66 -16.27 -36.85
N LYS D 585 14.44 -17.02 -37.62
CA LYS D 585 14.80 -18.39 -37.28
C LYS D 585 16.08 -18.36 -36.47
N THR D 586 15.98 -18.66 -35.18
CA THR D 586 17.14 -18.58 -34.29
C THR D 586 18.17 -19.62 -34.66
N CYS D 587 19.44 -19.22 -34.65
CA CYS D 587 20.51 -20.14 -34.99
C CYS D 587 20.83 -21.10 -33.85
N CYS D 588 20.72 -20.65 -32.61
CA CYS D 588 21.14 -21.47 -31.48
C CYS D 588 20.11 -22.52 -31.12
N TRP D 589 18.87 -22.39 -31.61
CA TRP D 589 17.79 -23.27 -31.22
C TRP D 589 17.20 -24.02 -32.42
N SER D 590 18.05 -24.47 -33.33
CA SER D 590 17.67 -25.34 -34.44
C SER D 590 16.59 -24.71 -35.30
N LYS D 591 16.85 -23.47 -35.74
CA LYS D 591 15.99 -22.75 -36.68
C LYS D 591 14.55 -22.68 -36.17
N ALA D 592 14.40 -22.39 -34.88
CA ALA D 592 13.08 -22.28 -34.27
C ALA D 592 12.75 -20.81 -34.06
N THR D 593 11.58 -20.40 -34.54
CA THR D 593 11.12 -19.04 -34.36
C THR D 593 10.82 -18.78 -32.87
N VAL D 594 11.08 -17.55 -32.44
CA VAL D 594 10.81 -17.18 -31.05
C VAL D 594 9.33 -17.40 -30.73
N LEU D 595 8.44 -17.09 -31.67
CA LEU D 595 7.03 -17.37 -31.47
C LEU D 595 6.78 -18.86 -31.34
N ASN D 596 7.52 -19.69 -32.10
CA ASN D 596 7.38 -21.13 -31.97
C ASN D 596 7.75 -21.60 -30.57
N ILE D 597 8.85 -21.06 -30.03
CA ILE D 597 9.27 -21.45 -28.68
C ILE D 597 8.29 -20.96 -27.64
N ALA D 598 7.73 -19.76 -27.84
CA ALA D 598 6.71 -19.26 -26.92
C ALA D 598 5.47 -20.15 -26.94
N THR D 599 5.08 -20.62 -28.13
CA THR D 599 3.98 -21.56 -28.22
C THR D 599 4.32 -22.87 -27.51
N LEU D 600 5.54 -23.36 -27.69
CA LEU D 600 5.97 -24.57 -26.99
C LEU D 600 5.96 -24.36 -25.48
N ALA D 601 6.45 -23.21 -25.02
CA ALA D 601 6.47 -22.92 -23.60
C ALA D 601 5.10 -22.54 -23.05
N GLU D 602 4.13 -22.30 -23.91
CA GLU D 602 2.82 -21.79 -23.50
C GLU D 602 2.97 -20.53 -22.65
N ALA D 603 3.88 -19.65 -23.07
CA ALA D 603 4.13 -18.40 -22.38
C ALA D 603 3.01 -17.43 -22.71
N LYS D 604 1.88 -17.60 -22.01
CA LYS D 604 0.71 -16.78 -22.28
C LYS D 604 0.98 -15.32 -21.99
N CYS D 605 1.72 -15.02 -20.92
CA CYS D 605 2.04 -13.63 -20.60
C CYS D 605 2.93 -13.00 -21.65
N PHE D 606 3.74 -13.81 -22.34
CA PHE D 606 4.58 -13.27 -23.41
C PHE D 606 3.73 -12.85 -24.60
N PHE D 607 2.77 -13.69 -25.00
CA PHE D 607 1.91 -13.34 -26.14
C PHE D 607 1.01 -12.15 -25.82
N ALA D 608 0.77 -11.89 -24.54
CA ALA D 608 -0.03 -10.74 -24.15
C ALA D 608 0.73 -9.43 -24.26
N HIS D 609 2.02 -9.48 -24.57
CA HIS D 609 2.80 -8.26 -24.68
C HIS D 609 2.30 -7.40 -25.83
N ASP D 610 2.49 -6.08 -25.69
CA ASP D 610 1.97 -5.16 -26.68
C ASP D 610 2.64 -5.34 -28.04
N GLY D 611 3.94 -5.63 -28.06
CA GLY D 611 4.63 -5.81 -29.33
C GLY D 611 4.16 -7.04 -30.08
N VAL D 612 4.00 -8.16 -29.37
CA VAL D 612 3.53 -9.37 -30.02
C VAL D 612 2.12 -9.19 -30.54
N GLN D 613 1.26 -8.55 -29.75
CA GLN D 613 -0.12 -8.29 -30.19
C GLN D 613 -0.14 -7.35 -31.39
N ALA D 614 0.76 -6.36 -31.41
CA ALA D 614 0.84 -5.46 -32.55
C ALA D 614 1.27 -6.20 -33.81
N LEU D 615 2.25 -7.09 -33.69
CA LEU D 615 2.65 -7.90 -34.84
C LEU D 615 1.51 -8.79 -35.31
N LEU D 616 0.78 -9.38 -34.36
CA LEU D 616 -0.35 -10.24 -34.73
C LEU D 616 -1.44 -9.43 -35.42
N THR D 617 -1.69 -8.21 -34.97
CA THR D 617 -2.65 -7.35 -35.65
C THR D 617 -2.18 -6.99 -37.05
N LYS D 618 -0.88 -6.74 -37.19
CA LYS D 618 -0.32 -6.44 -38.51
C LYS D 618 -0.51 -7.62 -39.46
N VAL D 619 -0.32 -8.84 -38.96
CA VAL D 619 -0.59 -10.02 -39.76
C VAL D 619 -2.07 -10.15 -40.06
N TRP D 620 -2.91 -9.79 -39.08
CA TRP D 620 -4.35 -10.00 -39.19
C TRP D 620 -4.94 -9.18 -40.33
N TRP D 621 -4.50 -7.94 -40.47
CA TRP D 621 -5.02 -7.04 -41.49
C TRP D 621 -4.35 -7.24 -42.84
N GLY D 622 -3.31 -8.05 -42.92
CA GLY D 622 -2.66 -8.29 -44.19
C GLY D 622 -2.09 -7.01 -44.78
N ALA D 623 -2.37 -6.78 -46.06
CA ALA D 623 -1.85 -5.60 -46.73
C ALA D 623 -2.59 -4.33 -46.34
N MET D 624 -3.80 -4.44 -45.80
CA MET D 624 -4.55 -3.25 -45.42
C MET D 624 -3.93 -2.59 -44.19
N ARG D 625 -4.25 -1.33 -44.00
CA ARG D 625 -3.77 -0.59 -42.85
C ARG D 625 -4.52 -1.03 -41.59
N THR D 626 -3.79 -1.12 -40.48
CA THR D 626 -4.37 -1.64 -39.25
C THR D 626 -5.42 -0.72 -38.66
N ASP D 627 -5.46 0.55 -39.08
CA ASP D 627 -6.44 1.48 -38.56
C ASP D 627 -7.71 1.54 -39.40
N THR D 628 -7.85 0.65 -40.39
CA THR D 628 -9.04 0.65 -41.22
C THR D 628 -10.29 0.40 -40.39
N SER D 629 -11.30 1.24 -40.60
CA SER D 629 -12.54 1.11 -39.83
C SER D 629 -13.29 -0.15 -40.23
N ILE D 630 -13.94 -0.76 -39.24
CA ILE D 630 -14.68 -2.00 -39.49
C ILE D 630 -15.87 -1.72 -40.41
N SER D 631 -16.54 -0.58 -40.22
CA SER D 631 -17.66 -0.24 -41.08
C SER D 631 -17.22 -0.10 -42.54
N ARG D 632 -16.13 0.64 -42.77
CA ARG D 632 -15.62 0.77 -44.13
C ARG D 632 -15.18 -0.58 -44.68
N LEU D 633 -14.60 -1.43 -43.82
CA LEU D 633 -14.14 -2.74 -44.27
C LEU D 633 -15.29 -3.62 -44.71
N VAL D 634 -16.35 -3.70 -43.91
CA VAL D 634 -17.49 -4.53 -44.29
C VAL D 634 -18.22 -3.93 -45.48
N LEU D 635 -18.24 -2.60 -45.58
CA LEU D 635 -18.85 -1.96 -46.74
C LEU D 635 -18.09 -2.33 -48.00
N THR D 636 -16.76 -2.34 -47.95
CA THR D 636 -15.97 -2.78 -49.09
C THR D 636 -16.21 -4.25 -49.38
N PHE D 637 -16.32 -5.07 -48.34
CA PHE D 637 -16.51 -6.50 -48.54
C PHE D 637 -17.82 -6.81 -49.25
N PHE D 638 -18.90 -6.14 -48.86
CA PHE D 638 -20.21 -6.49 -49.38
C PHE D 638 -20.37 -6.08 -50.84
N ILE D 639 -19.74 -5.00 -51.27
CA ILE D 639 -19.71 -4.61 -52.67
C ILE D 639 -18.28 -4.70 -53.18
N PRO D 640 -17.92 -5.78 -53.86
CA PRO D 640 -16.52 -6.03 -54.22
C PRO D 640 -15.86 -4.93 -55.01
N PRO D 641 -16.54 -4.29 -55.99
CA PRO D 641 -15.83 -3.33 -56.85
C PRO D 641 -15.20 -2.16 -56.11
N LEU D 642 -15.67 -1.82 -54.92
CA LEU D 642 -15.06 -0.72 -54.17
C LEU D 642 -13.66 -1.03 -53.65
N VAL D 643 -13.11 -2.22 -53.96
CA VAL D 643 -11.75 -2.51 -53.54
C VAL D 643 -10.75 -1.61 -54.27
N TRP D 644 -11.02 -1.30 -55.53
CA TRP D 644 -10.11 -0.48 -56.32
C TRP D 644 -10.22 1.00 -56.00
N THR D 645 -11.26 1.41 -55.30
CA THR D 645 -11.40 2.78 -54.84
C THR D 645 -10.43 3.00 -53.68
N SER D 646 -10.19 4.26 -53.31
CA SER D 646 -9.31 4.59 -52.20
C SER D 646 -10.05 4.61 -50.87
N LEU D 647 -11.15 3.84 -50.78
CA LEU D 647 -11.94 3.82 -49.56
C LEU D 647 -11.14 3.25 -48.38
N ILE D 648 -10.34 2.22 -48.64
CA ILE D 648 -9.51 1.59 -47.61
C ILE D 648 -8.05 1.75 -48.00
N LYS D 649 -7.24 2.24 -47.07
CA LYS D 649 -5.83 2.45 -47.34
C LYS D 649 -5.08 1.13 -47.31
N PHE D 650 -3.96 1.06 -48.04
CA PHE D 650 -3.16 -0.14 -48.18
C PHE D 650 -1.72 0.15 -47.81
N ASN D 651 -1.06 -0.82 -47.21
CA ASN D 651 0.35 -0.66 -46.87
C ASN D 651 1.17 -0.60 -48.16
N PRO D 652 2.18 0.26 -48.23
CA PRO D 652 3.01 0.34 -49.43
C PRO D 652 3.79 -0.95 -49.65
N GLU D 653 3.97 -1.29 -50.92
CA GLU D 653 4.71 -2.49 -51.32
C GLU D 653 4.16 -3.75 -50.65
N SER D 698 -1.45 -2.22 -71.00
CA SER D 698 -2.74 -2.81 -70.61
C SER D 698 -2.54 -4.02 -69.72
N ALA D 699 -1.56 -4.86 -70.07
CA ALA D 699 -1.26 -6.03 -69.26
C ALA D 699 -0.79 -5.63 -67.87
N THR D 700 0.02 -4.57 -67.78
CA THR D 700 0.48 -4.09 -66.49
C THR D 700 -0.68 -3.62 -65.62
N PHE D 701 -1.64 -2.91 -66.22
CA PHE D 701 -2.81 -2.49 -65.46
C PHE D 701 -3.62 -3.69 -64.99
N ILE D 702 -3.75 -4.71 -65.83
CA ILE D 702 -4.43 -5.94 -65.41
C ILE D 702 -3.69 -6.57 -64.24
N ARG D 703 -2.36 -6.58 -64.31
CA ARG D 703 -1.58 -7.08 -63.18
C ARG D 703 -1.82 -6.25 -61.93
N VAL D 704 -1.92 -4.93 -62.08
CA VAL D 704 -2.13 -4.06 -60.91
C VAL D 704 -3.47 -4.36 -60.26
N VAL D 705 -4.53 -4.44 -61.05
CA VAL D 705 -5.86 -4.68 -60.48
C VAL D 705 -5.94 -6.08 -59.88
N LEU D 706 -5.32 -7.07 -60.53
CA LEU D 706 -5.30 -8.40 -59.97
C LEU D 706 -4.55 -8.44 -58.64
N ARG D 707 -3.44 -7.71 -58.55
CA ARG D 707 -2.68 -7.66 -57.30
C ARG D 707 -3.50 -6.98 -56.20
N ARG D 708 -4.20 -5.91 -56.54
CA ARG D 708 -5.06 -5.25 -55.56
C ARG D 708 -6.14 -6.20 -55.06
N TRP D 709 -6.79 -6.92 -55.98
CA TRP D 709 -7.83 -7.85 -55.62
C TRP D 709 -7.29 -8.95 -54.70
N ASN D 710 -6.14 -9.53 -55.07
CA ASN D 710 -5.54 -10.58 -54.26
C ASN D 710 -5.15 -10.06 -52.88
N ARG D 711 -4.54 -8.88 -52.83
CA ARG D 711 -4.08 -8.35 -51.55
C ARG D 711 -5.24 -8.04 -50.63
N PHE D 712 -6.38 -7.61 -51.16
CA PHE D 712 -7.53 -7.41 -50.30
C PHE D 712 -8.15 -8.74 -49.87
N TRP D 713 -8.28 -9.69 -50.79
CA TRP D 713 -9.01 -10.91 -50.47
C TRP D 713 -8.15 -11.98 -49.82
N SER D 714 -6.83 -11.81 -49.78
CA SER D 714 -5.96 -12.74 -49.09
C SER D 714 -5.73 -12.35 -47.63
N ALA D 715 -6.22 -11.19 -47.21
CA ALA D 715 -6.03 -10.77 -45.84
C ALA D 715 -6.79 -11.70 -44.89
N PRO D 716 -6.19 -12.07 -43.76
CA PRO D 716 -6.88 -12.98 -42.83
C PRO D 716 -8.21 -12.45 -42.34
N VAL D 717 -8.37 -11.14 -42.18
CA VAL D 717 -9.63 -10.61 -41.66
C VAL D 717 -10.74 -10.78 -42.69
N THR D 718 -10.44 -10.56 -43.97
CA THR D 718 -11.46 -10.77 -45.01
C THR D 718 -11.80 -12.26 -45.11
N VAL D 719 -10.81 -13.13 -45.00
CA VAL D 719 -11.09 -14.56 -44.99
C VAL D 719 -12.00 -14.91 -43.83
N PHE D 720 -11.74 -14.34 -42.65
CA PHE D 720 -12.53 -14.64 -41.47
C PHE D 720 -13.97 -14.16 -41.64
N MET D 721 -14.16 -12.96 -42.19
CA MET D 721 -15.53 -12.48 -42.37
C MET D 721 -16.26 -13.26 -43.44
N GLY D 722 -15.56 -13.68 -44.50
CA GLY D 722 -16.18 -14.54 -45.48
C GLY D 722 -16.62 -15.86 -44.89
N ASN D 723 -15.76 -16.45 -44.05
CA ASN D 723 -16.13 -17.68 -43.37
C ASN D 723 -17.34 -17.48 -42.46
N VAL D 724 -17.37 -16.36 -41.74
CA VAL D 724 -18.50 -16.09 -40.84
C VAL D 724 -19.79 -15.93 -41.64
N ILE D 725 -19.75 -15.14 -42.72
CA ILE D 725 -20.94 -14.90 -43.51
C ILE D 725 -21.44 -16.20 -44.13
N MET D 726 -20.53 -17.00 -44.68
CA MET D 726 -20.99 -18.24 -45.32
C MET D 726 -21.35 -19.30 -44.29
N TYR D 727 -20.86 -19.21 -43.06
CA TYR D 727 -21.36 -20.08 -42.01
C TYR D 727 -22.77 -19.68 -41.59
N PHE D 728 -23.06 -18.38 -41.57
CA PHE D 728 -24.43 -17.94 -41.36
C PHE D 728 -25.34 -18.46 -42.47
N ALA D 729 -24.87 -18.39 -43.72
CA ALA D 729 -25.64 -18.93 -44.82
C ALA D 729 -25.83 -20.44 -44.68
N PHE D 730 -24.79 -21.15 -44.24
CA PHE D 730 -24.90 -22.58 -44.01
C PHE D 730 -25.94 -22.90 -42.96
N LEU D 731 -25.95 -22.16 -41.85
CA LEU D 731 -26.94 -22.39 -40.81
C LEU D 731 -28.34 -22.09 -41.32
N ILE D 732 -28.49 -21.02 -42.11
CA ILE D 732 -29.81 -20.67 -42.64
C ILE D 732 -30.30 -21.78 -43.56
N LEU D 733 -29.43 -22.28 -44.43
CA LEU D 733 -29.82 -23.37 -45.32
C LEU D 733 -30.14 -24.63 -44.54
N PHE D 734 -29.36 -24.93 -43.50
CA PHE D 734 -29.63 -26.11 -42.68
C PHE D 734 -31.00 -26.01 -42.04
N SER D 735 -31.32 -24.84 -41.48
CA SER D 735 -32.61 -24.65 -40.84
C SER D 735 -33.75 -24.74 -41.87
N TYR D 736 -33.55 -24.16 -43.05
CA TYR D 736 -34.58 -24.24 -44.08
C TYR D 736 -34.84 -25.69 -44.47
N VAL D 737 -33.78 -26.46 -44.70
CA VAL D 737 -33.96 -27.87 -45.06
C VAL D 737 -34.64 -28.63 -43.93
N LEU D 738 -34.26 -28.32 -42.69
CA LEU D 738 -34.79 -29.07 -41.55
C LEU D 738 -36.26 -28.76 -41.30
N LEU D 739 -36.67 -27.51 -41.48
CA LEU D 739 -38.00 -27.06 -41.07
C LEU D 739 -39.01 -26.99 -42.19
N LEU D 740 -38.59 -26.77 -43.43
CA LEU D 740 -39.52 -26.56 -44.53
C LEU D 740 -39.30 -27.47 -45.74
N ASP D 741 -38.10 -28.02 -45.93
CA ASP D 741 -37.80 -28.81 -47.12
C ASP D 741 -37.18 -30.15 -46.74
N PHE D 742 -37.77 -30.81 -45.74
CA PHE D 742 -37.37 -32.15 -45.35
C PHE D 742 -38.42 -33.12 -45.91
N ARG D 743 -38.04 -33.85 -46.94
CA ARG D 743 -38.96 -34.68 -47.71
C ARG D 743 -38.92 -36.12 -47.24
N PRO D 744 -39.87 -36.94 -47.69
CA PRO D 744 -39.86 -38.36 -47.34
C PRO D 744 -38.59 -39.05 -47.82
N PRO D 745 -38.41 -40.33 -47.47
CA PRO D 745 -37.19 -41.06 -47.84
C PRO D 745 -36.94 -41.05 -49.34
N PRO D 746 -35.75 -41.49 -49.77
CA PRO D 746 -35.34 -41.36 -51.19
C PRO D 746 -36.33 -41.96 -52.17
N PRO D 747 -37.14 -42.97 -51.78
CA PRO D 747 -38.27 -43.34 -52.63
C PRO D 747 -39.03 -42.13 -53.17
N TYR D 748 -39.17 -41.09 -52.34
CA TYR D 748 -39.67 -39.80 -52.79
C TYR D 748 -38.58 -38.75 -52.90
N GLY D 749 -37.35 -39.09 -52.51
CA GLY D 749 -36.20 -38.27 -52.80
C GLY D 749 -35.97 -37.14 -51.80
N PRO D 750 -34.72 -37.00 -51.36
CA PRO D 750 -34.34 -35.79 -50.62
C PRO D 750 -34.43 -34.57 -51.51
N SER D 751 -34.71 -33.43 -50.91
CA SER D 751 -34.84 -32.20 -51.68
C SER D 751 -33.49 -31.82 -52.29
N ALA D 752 -33.56 -30.98 -53.34
CA ALA D 752 -32.33 -30.47 -53.93
C ALA D 752 -31.54 -29.66 -52.92
N ALA D 753 -32.23 -28.86 -52.11
CA ALA D 753 -31.56 -28.13 -51.04
C ALA D 753 -30.87 -29.08 -50.07
N GLU D 754 -31.45 -30.25 -49.84
CA GLU D 754 -30.80 -31.24 -48.98
C GLU D 754 -29.51 -31.76 -49.60
N ILE D 755 -29.50 -31.97 -50.91
CA ILE D 755 -28.27 -32.39 -51.58
C ILE D 755 -27.22 -31.30 -51.49
N ILE D 756 -27.64 -30.05 -51.68
CA ILE D 756 -26.70 -28.93 -51.55
C ILE D 756 -26.13 -28.88 -50.14
N LEU D 757 -26.98 -29.11 -49.14
CA LEU D 757 -26.52 -29.13 -47.76
C LEU D 757 -25.53 -30.26 -47.52
N TYR D 758 -25.79 -31.43 -48.09
CA TYR D 758 -24.87 -32.55 -47.94
C TYR D 758 -23.51 -32.21 -48.54
N PHE D 759 -23.50 -31.61 -49.73
CA PHE D 759 -22.24 -31.23 -50.35
C PHE D 759 -21.53 -30.16 -49.53
N TRP D 760 -22.30 -29.23 -48.96
CA TRP D 760 -21.73 -28.19 -48.13
C TRP D 760 -21.03 -28.77 -46.89
N VAL D 761 -21.69 -29.73 -46.23
CA VAL D 761 -21.10 -30.38 -45.08
C VAL D 761 -19.87 -31.18 -45.50
N PHE D 762 -19.92 -31.78 -46.70
CA PHE D 762 -18.77 -32.52 -47.19
C PHE D 762 -17.56 -31.60 -47.37
N THR D 763 -17.79 -30.41 -47.94
CA THR D 763 -16.68 -29.46 -48.08
C THR D 763 -16.18 -28.97 -46.73
N LEU D 764 -17.09 -28.77 -45.77
CA LEU D 764 -16.66 -28.42 -44.42
C LEU D 764 -15.76 -29.50 -43.83
N VAL D 765 -16.12 -30.76 -44.03
CA VAL D 765 -15.32 -31.88 -43.54
C VAL D 765 -13.97 -31.91 -44.23
N LEU D 766 -13.93 -31.68 -45.55
CA LEU D 766 -12.67 -31.64 -46.26
C LEU D 766 -11.77 -30.55 -45.70
N GLU D 767 -12.33 -29.37 -45.44
CA GLU D 767 -11.53 -28.28 -44.88
C GLU D 767 -11.01 -28.65 -43.50
N GLU D 768 -11.85 -29.27 -42.66
CA GLU D 768 -11.39 -29.66 -41.33
C GLU D 768 -10.26 -30.68 -41.42
N ILE D 769 -10.39 -31.66 -42.32
CA ILE D 769 -9.34 -32.67 -42.47
C ILE D 769 -8.05 -32.03 -42.95
N ARG D 770 -8.14 -31.14 -43.94
CA ARG D 770 -6.93 -30.49 -44.44
C ARG D 770 -6.27 -29.67 -43.34
N GLN D 771 -7.06 -28.90 -42.59
CA GLN D 771 -6.52 -28.07 -41.53
C GLN D 771 -5.86 -28.91 -40.45
N SER D 772 -6.47 -30.05 -40.10
CA SER D 772 -5.93 -30.84 -39.01
C SER D 772 -4.71 -31.65 -39.43
N PHE D 773 -4.63 -32.09 -40.69
CA PHE D 773 -3.64 -33.09 -41.07
C PHE D 773 -2.62 -32.59 -42.09
N PHE D 774 -3.05 -31.86 -43.11
CA PHE D 774 -2.16 -31.55 -44.22
C PHE D 774 -1.37 -30.25 -44.04
N THR D 775 -1.50 -29.59 -42.89
CA THR D 775 -0.70 -28.40 -42.65
C THR D 775 0.74 -28.75 -42.25
N ASP D 776 0.94 -29.83 -41.51
CA ASP D 776 2.26 -30.25 -41.07
C ASP D 776 2.71 -31.44 -41.90
N GLU D 777 3.82 -31.28 -42.63
CA GLU D 777 4.30 -32.34 -43.50
C GLU D 777 5.00 -33.44 -42.72
N ASP D 778 5.70 -33.08 -41.63
CA ASP D 778 6.50 -34.03 -40.88
C ASP D 778 5.95 -34.12 -39.46
N MET D 779 5.16 -35.17 -39.21
CA MET D 779 4.66 -35.49 -37.88
C MET D 779 3.95 -36.83 -37.95
N SER D 780 4.00 -37.57 -36.85
CA SER D 780 3.35 -38.87 -36.79
C SER D 780 1.84 -38.73 -36.92
N ILE D 781 1.23 -39.63 -37.68
CA ILE D 781 -0.21 -39.59 -37.88
C ILE D 781 -0.94 -39.80 -36.56
N LEU D 782 -0.47 -40.75 -35.75
CA LEU D 782 -1.08 -40.97 -34.45
C LEU D 782 -0.91 -39.76 -33.54
N LYS D 783 0.26 -39.12 -33.60
CA LYS D 783 0.47 -37.92 -32.80
C LYS D 783 -0.48 -36.79 -33.21
N LYS D 784 -0.66 -36.60 -34.52
CA LYS D 784 -1.59 -35.58 -34.99
C LYS D 784 -3.01 -35.91 -34.60
N MET D 785 -3.39 -37.19 -34.66
CA MET D 785 -4.73 -37.59 -34.24
C MET D 785 -4.95 -37.31 -32.76
N LYS D 786 -3.96 -37.63 -31.92
CA LYS D 786 -4.09 -37.37 -30.50
C LYS D 786 -4.17 -35.87 -30.22
N LEU D 787 -3.36 -35.07 -30.92
CA LEU D 787 -3.42 -33.63 -30.75
C LEU D 787 -4.77 -33.07 -31.18
N TYR D 788 -5.32 -33.61 -32.26
CA TYR D 788 -6.63 -33.17 -32.74
C TYR D 788 -7.72 -33.50 -31.74
N VAL D 789 -7.76 -34.74 -31.26
CA VAL D 789 -8.79 -35.14 -30.30
C VAL D 789 -8.57 -34.55 -28.93
N GLU D 790 -7.41 -33.96 -28.67
CA GLU D 790 -7.18 -33.31 -27.38
C GLU D 790 -8.13 -32.14 -27.17
N ASP D 791 -8.36 -31.35 -28.21
CA ASP D 791 -9.25 -30.20 -28.10
C ASP D 791 -10.69 -30.65 -27.88
N ASN D 792 -11.40 -29.94 -27.00
CA ASN D 792 -12.80 -30.25 -26.76
C ASN D 792 -13.68 -29.77 -27.90
N TRP D 793 -13.31 -28.65 -28.53
CA TRP D 793 -14.09 -28.15 -29.65
C TRP D 793 -13.94 -29.06 -30.87
N ASN D 794 -12.77 -29.67 -31.06
CA ASN D 794 -12.64 -30.69 -32.09
C ASN D 794 -13.47 -31.91 -31.75
N LYS D 795 -13.61 -32.24 -30.47
CA LYS D 795 -14.54 -33.29 -30.07
C LYS D 795 -15.97 -32.92 -30.47
N CYS D 796 -16.34 -31.65 -30.27
CA CYS D 796 -17.65 -31.20 -30.68
C CYS D 796 -17.84 -31.31 -32.19
N ASP D 797 -16.81 -30.97 -32.96
CA ASP D 797 -16.89 -31.10 -34.41
C ASP D 797 -17.05 -32.56 -34.83
N MET D 798 -16.31 -33.46 -34.20
CA MET D 798 -16.46 -34.89 -34.49
C MET D 798 -17.87 -35.37 -34.14
N VAL D 799 -18.40 -34.90 -33.01
CA VAL D 799 -19.78 -35.24 -32.65
C VAL D 799 -20.75 -34.74 -33.70
N ALA D 800 -20.52 -33.51 -34.18
CA ALA D 800 -21.40 -32.94 -35.19
C ALA D 800 -21.40 -33.77 -36.47
N ILE D 801 -20.22 -34.16 -36.95
CA ILE D 801 -20.17 -34.90 -38.20
C ILE D 801 -20.67 -36.32 -38.02
N SER D 802 -20.42 -36.93 -36.85
CA SER D 802 -20.97 -38.26 -36.59
C SER D 802 -22.49 -38.21 -36.58
N LEU D 803 -23.06 -37.19 -35.95
CA LEU D 803 -24.51 -37.03 -35.97
C LEU D 803 -25.01 -36.81 -37.38
N PHE D 804 -24.28 -36.03 -38.18
CA PHE D 804 -24.72 -35.79 -39.55
C PHE D 804 -24.76 -37.06 -40.36
N VAL D 805 -23.70 -37.88 -40.28
CA VAL D 805 -23.66 -39.10 -41.10
C VAL D 805 -24.70 -40.10 -40.60
N VAL D 806 -24.88 -40.20 -39.28
CA VAL D 806 -25.89 -41.10 -38.74
C VAL D 806 -27.29 -40.66 -39.19
N GLY D 807 -27.57 -39.36 -39.10
CA GLY D 807 -28.87 -38.86 -39.51
C GLY D 807 -29.12 -39.05 -41.00
N LEU D 808 -28.10 -38.81 -41.81
CA LEU D 808 -28.24 -39.03 -43.25
C LEU D 808 -28.53 -40.49 -43.56
N SER D 809 -27.79 -41.41 -42.92
CA SER D 809 -28.01 -42.83 -43.15
C SER D 809 -29.41 -43.25 -42.72
N CYS D 810 -29.85 -42.77 -41.55
CA CYS D 810 -31.19 -43.11 -41.09
C CYS D 810 -32.26 -42.51 -41.97
N ARG D 811 -32.02 -41.31 -42.50
CA ARG D 811 -32.99 -40.66 -43.36
C ARG D 811 -33.11 -41.35 -44.71
N MET D 812 -32.02 -41.95 -45.19
CA MET D 812 -32.10 -42.73 -46.42
C MET D 812 -33.05 -43.91 -46.28
N ALA D 813 -33.21 -44.42 -45.08
CA ALA D 813 -34.13 -45.52 -44.84
C ALA D 813 -35.55 -44.99 -44.67
N MET D 814 -36.50 -45.90 -44.50
CA MET D 814 -37.89 -45.53 -44.23
C MET D 814 -38.36 -45.94 -42.84
N SER D 815 -37.74 -46.96 -42.25
CA SER D 815 -38.11 -47.37 -40.90
C SER D 815 -37.40 -46.55 -39.83
N THR D 816 -36.39 -45.79 -40.20
CA THR D 816 -35.65 -44.94 -39.26
C THR D 816 -35.66 -43.48 -39.70
N TYR D 817 -36.68 -43.10 -40.46
CA TYR D 817 -36.74 -41.73 -40.99
C TYR D 817 -36.84 -40.71 -39.87
N GLU D 818 -37.74 -40.95 -38.91
CA GLU D 818 -37.91 -40.00 -37.82
C GLU D 818 -36.68 -39.92 -36.94
N ALA D 819 -35.99 -41.05 -36.74
CA ALA D 819 -34.75 -41.03 -35.99
C ALA D 819 -33.71 -40.17 -36.69
N GLY D 820 -33.60 -40.29 -38.01
CA GLY D 820 -32.68 -39.44 -38.75
C GLY D 820 -33.04 -37.97 -38.65
N ARG D 821 -34.33 -37.66 -38.72
CA ARG D 821 -34.75 -36.27 -38.58
C ARG D 821 -34.38 -35.72 -37.20
N THR D 822 -34.60 -36.53 -36.16
CA THR D 822 -34.24 -36.10 -34.81
C THR D 822 -32.73 -35.87 -34.67
N VAL D 823 -31.93 -36.78 -35.24
CA VAL D 823 -30.49 -36.64 -35.15
C VAL D 823 -30.02 -35.39 -35.89
N LEU D 824 -30.61 -35.11 -37.05
CA LEU D 824 -30.25 -33.89 -37.78
C LEU D 824 -30.68 -32.65 -36.99
N ALA D 825 -31.82 -32.72 -36.31
CA ALA D 825 -32.24 -31.60 -35.48
C ALA D 825 -31.22 -31.33 -34.37
N LEU D 826 -30.71 -32.39 -33.74
CA LEU D 826 -29.65 -32.22 -32.75
C LEU D 826 -28.39 -31.64 -33.38
N ASP D 827 -28.06 -32.10 -34.59
CA ASP D 827 -26.87 -31.62 -35.27
C ASP D 827 -26.93 -30.13 -35.57
N PHE D 828 -28.13 -29.61 -35.88
CA PHE D 828 -28.25 -28.18 -36.09
C PHE D 828 -27.84 -27.42 -34.84
N MET D 829 -28.27 -27.90 -33.66
CA MET D 829 -27.88 -27.27 -32.41
C MET D 829 -26.37 -27.35 -32.22
N VAL D 830 -25.77 -28.50 -32.56
CA VAL D 830 -24.32 -28.64 -32.40
C VAL D 830 -23.58 -27.62 -33.27
N PHE D 831 -24.01 -27.45 -34.53
CA PHE D 831 -23.36 -26.48 -35.41
C PHE D 831 -23.55 -25.06 -34.92
N THR D 832 -24.77 -24.72 -34.48
CA THR D 832 -25.01 -23.39 -33.93
C THR D 832 -24.12 -23.14 -32.73
N LEU D 833 -23.83 -24.17 -31.94
CA LEU D 833 -22.88 -24.01 -30.83
C LEU D 833 -21.46 -23.83 -31.34
N ARG D 834 -21.10 -24.51 -32.43
CA ARG D 834 -19.77 -24.32 -33.03
C ARG D 834 -19.57 -22.87 -33.47
N LEU D 835 -20.67 -22.18 -33.76
CA LEU D 835 -20.56 -20.77 -34.16
C LEU D 835 -19.80 -19.94 -33.11
N ILE D 836 -19.91 -20.31 -31.83
CA ILE D 836 -19.18 -19.60 -30.78
C ILE D 836 -17.67 -19.76 -30.97
N HIS D 837 -17.25 -20.99 -31.22
CA HIS D 837 -15.85 -21.26 -31.45
C HIS D 837 -15.41 -20.44 -32.65
N ILE D 838 -16.29 -20.35 -33.65
CA ILE D 838 -15.96 -19.57 -34.86
C ILE D 838 -15.68 -18.12 -34.49
N PHE D 839 -16.52 -17.52 -33.65
CA PHE D 839 -16.34 -16.13 -33.23
C PHE D 839 -15.31 -15.96 -32.12
N ALA D 840 -14.66 -17.03 -31.68
CA ALA D 840 -13.67 -16.91 -30.61
C ALA D 840 -12.62 -15.84 -30.88
N ILE D 841 -12.26 -15.63 -32.15
CA ILE D 841 -11.20 -14.69 -32.48
C ILE D 841 -11.63 -13.23 -32.29
N HIS D 842 -12.94 -12.98 -32.23
CA HIS D 842 -13.43 -11.62 -32.11
C HIS D 842 -12.87 -10.94 -30.87
N LYS D 843 -12.49 -9.67 -31.00
CA LYS D 843 -11.77 -9.01 -29.92
C LYS D 843 -12.68 -8.66 -28.75
N GLN D 844 -13.96 -8.39 -29.02
CA GLN D 844 -14.87 -8.04 -27.93
C GLN D 844 -15.44 -9.27 -27.25
N LEU D 845 -15.61 -10.36 -27.98
CA LEU D 845 -16.32 -11.53 -27.48
C LEU D 845 -15.42 -12.62 -26.91
N GLY D 846 -14.19 -12.73 -27.38
CA GLY D 846 -13.31 -13.82 -26.98
C GLY D 846 -13.08 -13.92 -25.48
N PRO D 847 -12.75 -12.79 -24.84
CA PRO D 847 -12.64 -12.80 -23.38
C PRO D 847 -13.92 -13.26 -22.69
N LYS D 848 -15.09 -12.92 -23.24
CA LYS D 848 -16.33 -13.40 -22.65
C LYS D 848 -16.45 -14.91 -22.77
N ILE D 849 -16.02 -15.48 -23.90
CA ILE D 849 -16.04 -16.92 -24.06
C ILE D 849 -15.15 -17.59 -23.02
N ILE D 850 -13.95 -17.03 -22.84
CA ILE D 850 -13.04 -17.59 -21.83
C ILE D 850 -13.68 -17.51 -20.44
N ILE D 851 -14.30 -16.38 -20.13
CA ILE D 851 -14.90 -16.19 -18.82
C ILE D 851 -16.01 -17.21 -18.59
N VAL D 852 -16.86 -17.42 -19.59
CA VAL D 852 -17.94 -18.40 -19.46
C VAL D 852 -17.39 -19.80 -19.23
N GLU D 853 -16.36 -20.17 -20.01
CA GLU D 853 -15.73 -21.46 -19.81
C GLU D 853 -15.18 -21.59 -18.39
N ARG D 854 -14.79 -20.47 -17.78
CA ARG D 854 -14.38 -20.52 -16.38
C ARG D 854 -15.56 -20.67 -15.43
N MET D 855 -16.67 -19.97 -15.70
CA MET D 855 -17.83 -20.04 -14.81
C MET D 855 -18.51 -21.40 -14.82
N ILE D 856 -18.22 -22.24 -15.82
CA ILE D 856 -18.79 -23.58 -15.85
C ILE D 856 -18.54 -24.34 -14.55
N LYS D 857 -17.39 -24.11 -13.90
CA LYS D 857 -17.09 -24.82 -12.65
C LYS D 857 -18.08 -24.44 -11.55
N ASP D 858 -18.35 -23.13 -11.40
CA ASP D 858 -19.34 -22.71 -10.42
C ASP D 858 -20.71 -23.25 -10.78
N VAL D 859 -21.01 -23.33 -12.07
CA VAL D 859 -22.26 -23.94 -12.51
C VAL D 859 -22.35 -25.37 -11.99
N PHE D 860 -21.25 -26.11 -12.06
CA PHE D 860 -21.27 -27.51 -11.62
C PHE D 860 -21.41 -27.61 -10.10
N PHE D 861 -20.75 -26.71 -9.36
CA PHE D 861 -20.94 -26.70 -7.90
C PHE D 861 -22.41 -26.50 -7.54
N PHE D 862 -23.03 -25.48 -8.15
CA PHE D 862 -24.45 -25.22 -7.91
C PHE D 862 -25.29 -26.41 -8.33
N LEU D 863 -24.89 -27.08 -9.42
CA LEU D 863 -25.63 -28.25 -9.88
C LEU D 863 -25.59 -29.36 -8.85
N PHE D 864 -24.44 -29.60 -8.23
CA PHE D 864 -24.35 -30.63 -7.20
C PHE D 864 -25.28 -30.30 -6.02
N PHE D 865 -25.19 -29.07 -5.53
CA PHE D 865 -26.03 -28.69 -4.39
C PHE D 865 -27.51 -28.83 -4.73
N LEU D 866 -27.91 -28.25 -5.87
CA LEU D 866 -29.30 -28.29 -6.28
C LEU D 866 -29.77 -29.72 -6.52
N SER D 867 -28.90 -30.56 -7.07
CA SER D 867 -29.28 -31.95 -7.34
C SER D 867 -29.56 -32.69 -6.04
N VAL D 868 -28.69 -32.54 -5.04
CA VAL D 868 -28.93 -33.21 -3.76
C VAL D 868 -30.25 -32.74 -3.15
N TRP D 869 -30.43 -31.42 -3.08
CA TRP D 869 -31.64 -30.88 -2.47
C TRP D 869 -32.89 -31.30 -3.25
N LEU D 870 -32.79 -31.33 -4.58
CA LEU D 870 -33.92 -31.66 -5.43
C LEU D 870 -34.29 -33.14 -5.31
N ILE D 871 -33.29 -34.03 -5.26
CA ILE D 871 -33.59 -35.43 -5.01
C ILE D 871 -34.37 -35.57 -3.71
N ALA D 872 -33.87 -34.94 -2.64
CA ALA D 872 -34.52 -35.09 -1.35
C ALA D 872 -35.97 -34.62 -1.41
N TYR D 873 -36.17 -33.37 -1.86
CA TYR D 873 -37.51 -32.79 -1.84
C TYR D 873 -38.45 -33.54 -2.78
N GLY D 874 -38.01 -33.84 -3.99
CA GLY D 874 -38.88 -34.48 -4.95
C GLY D 874 -39.29 -35.88 -4.53
N VAL D 875 -38.34 -36.67 -4.03
CA VAL D 875 -38.69 -38.01 -3.57
C VAL D 875 -39.64 -37.92 -2.39
N THR D 876 -39.38 -37.01 -1.44
CA THR D 876 -40.27 -36.90 -0.29
C THR D 876 -41.69 -36.53 -0.70
N THR D 877 -41.83 -35.53 -1.59
CA THR D 877 -43.18 -35.12 -1.98
C THR D 877 -43.87 -36.17 -2.82
N GLN D 878 -43.14 -36.86 -3.70
CA GLN D 878 -43.75 -37.93 -4.47
C GLN D 878 -44.25 -39.04 -3.56
N ALA D 879 -43.47 -39.39 -2.54
CA ALA D 879 -43.92 -40.41 -1.59
C ALA D 879 -45.13 -39.93 -0.81
N LEU D 880 -45.14 -38.66 -0.40
CA LEU D 880 -46.21 -38.16 0.45
C LEU D 880 -47.51 -37.94 -0.34
N LEU D 881 -47.40 -37.68 -1.63
CA LEU D 881 -48.52 -37.20 -2.43
C LEU D 881 -49.11 -38.25 -3.35
N HIS D 882 -48.28 -39.08 -3.98
CA HIS D 882 -48.74 -40.15 -4.85
C HIS D 882 -48.07 -41.46 -4.44
N PRO D 883 -48.46 -42.03 -3.31
CA PRO D 883 -47.83 -43.27 -2.84
C PRO D 883 -48.31 -44.51 -3.58
N ASN D 884 -49.32 -44.39 -4.43
CA ASN D 884 -49.90 -45.54 -5.12
C ASN D 884 -49.81 -45.39 -6.64
N ASP D 885 -48.75 -44.77 -7.14
CA ASP D 885 -48.59 -44.58 -8.57
C ASP D 885 -47.51 -45.53 -9.06
N PRO D 886 -47.85 -46.63 -9.73
CA PRO D 886 -46.82 -47.58 -10.16
C PRO D 886 -45.99 -47.12 -11.35
N ARG D 887 -46.47 -46.13 -12.10
CA ARG D 887 -45.80 -45.74 -13.34
C ARG D 887 -44.45 -45.09 -13.05
N ILE D 888 -43.38 -45.73 -13.53
CA ILE D 888 -42.02 -45.24 -13.26
C ILE D 888 -41.78 -43.90 -13.94
N ASP D 889 -42.30 -43.73 -15.16
CA ASP D 889 -42.11 -42.48 -15.87
C ASP D 889 -42.71 -41.32 -15.09
N TRP D 890 -43.92 -41.50 -14.57
CA TRP D 890 -44.55 -40.44 -13.80
C TRP D 890 -43.89 -40.26 -12.44
N VAL D 891 -43.33 -41.34 -11.88
CA VAL D 891 -42.55 -41.20 -10.64
C VAL D 891 -41.37 -40.27 -10.88
N PHE D 892 -40.62 -40.51 -11.95
CA PHE D 892 -39.48 -39.66 -12.26
C PHE D 892 -39.93 -38.25 -12.60
N ARG D 893 -41.06 -38.11 -13.30
CA ARG D 893 -41.63 -36.80 -13.58
C ARG D 893 -41.84 -36.03 -12.28
N ARG D 894 -42.75 -36.52 -11.45
CA ARG D 894 -43.11 -35.81 -10.24
C ARG D 894 -41.95 -35.70 -9.25
N ALA D 895 -40.91 -36.52 -9.39
CA ALA D 895 -39.79 -36.45 -8.48
C ALA D 895 -38.70 -35.49 -8.92
N LEU D 896 -38.47 -35.35 -10.22
CA LEU D 896 -37.34 -34.55 -10.64
C LEU D 896 -37.70 -33.46 -11.64
N TYR D 897 -38.64 -33.72 -12.55
CA TYR D 897 -38.99 -32.74 -13.57
C TYR D 897 -39.72 -31.56 -12.94
N ARG D 898 -40.73 -31.83 -12.12
CA ARG D 898 -41.47 -30.73 -11.48
C ARG D 898 -40.60 -29.95 -10.50
N PRO D 899 -39.86 -30.56 -9.57
CA PRO D 899 -39.01 -29.75 -8.68
C PRO D 899 -37.99 -28.93 -9.44
N TYR D 900 -37.49 -29.43 -10.56
CA TYR D 900 -36.59 -28.62 -11.38
C TYR D 900 -37.30 -27.41 -11.94
N LEU D 901 -38.56 -27.57 -12.36
CA LEU D 901 -39.30 -26.44 -12.92
C LEU D 901 -39.73 -25.44 -11.87
N HIS D 902 -39.80 -25.83 -10.59
CA HIS D 902 -40.13 -24.84 -9.57
C HIS D 902 -39.09 -23.73 -9.49
N ILE D 903 -37.87 -23.99 -9.98
CA ILE D 903 -36.83 -22.96 -9.94
C ILE D 903 -37.19 -21.80 -10.85
N PHE D 904 -37.83 -22.08 -11.98
CA PHE D 904 -38.10 -21.06 -12.99
C PHE D 904 -39.54 -20.56 -12.92
N GLY D 905 -40.10 -20.44 -11.72
CA GLY D 905 -41.41 -19.86 -11.55
C GLY D 905 -42.56 -20.74 -11.95
N GLN D 906 -42.32 -22.00 -12.27
CA GLN D 906 -43.37 -22.94 -12.66
C GLN D 906 -43.76 -23.74 -11.42
N ILE D 907 -44.72 -23.22 -10.67
CA ILE D 907 -45.17 -23.88 -9.44
C ILE D 907 -46.62 -24.28 -9.62
N PRO D 908 -46.90 -25.50 -10.07
CA PRO D 908 -48.29 -25.95 -10.28
C PRO D 908 -48.98 -26.37 -8.99
N LEU D 909 -49.54 -25.39 -8.30
CA LEU D 909 -50.25 -25.67 -7.06
C LEU D 909 -51.52 -26.48 -7.28
N GLU D 910 -51.95 -26.62 -8.53
CA GLU D 910 -53.17 -27.35 -8.82
C GLU D 910 -53.10 -28.82 -8.43
N GLU D 911 -51.90 -29.36 -8.22
CA GLU D 911 -51.74 -30.74 -7.79
C GLU D 911 -50.82 -30.90 -6.60
N ILE D 912 -50.58 -29.85 -5.83
CA ILE D 912 -49.77 -29.97 -4.61
C ILE D 912 -50.59 -29.50 -3.41
N ASP D 913 -51.53 -28.59 -3.64
CA ASP D 913 -52.35 -28.01 -2.59
C ASP D 913 -53.77 -28.53 -2.72
N ALA D 914 -54.30 -29.08 -1.63
CA ALA D 914 -55.63 -29.68 -1.67
C ALA D 914 -56.70 -28.65 -1.98
N ALA D 915 -56.57 -27.45 -1.40
CA ALA D 915 -57.54 -26.40 -1.66
C ALA D 915 -57.53 -25.95 -3.11
N LYS D 916 -56.45 -26.23 -3.84
CA LYS D 916 -56.35 -25.84 -5.24
C LYS D 916 -56.46 -27.02 -6.19
N MET D 917 -56.63 -28.23 -5.68
CA MET D 917 -56.82 -29.38 -6.56
C MET D 917 -58.21 -29.32 -7.20
N PRO D 918 -58.31 -29.35 -8.52
CA PRO D 918 -59.63 -29.29 -9.16
C PRO D 918 -60.38 -30.59 -8.95
N ASP D 919 -61.70 -30.51 -9.12
CA ASP D 919 -62.55 -31.69 -8.98
C ASP D 919 -62.53 -32.55 -10.22
N ASP D 920 -61.34 -32.93 -10.68
CA ASP D 920 -61.20 -33.80 -11.84
C ASP D 920 -61.67 -35.21 -11.50
N ASN D 921 -61.99 -35.96 -12.54
CA ASN D 921 -62.57 -37.29 -12.38
C ASN D 921 -61.43 -38.29 -12.22
N CYS D 922 -61.06 -38.56 -10.98
CA CYS D 922 -59.85 -39.32 -10.67
C CYS D 922 -60.21 -40.65 -10.02
N THR D 923 -59.27 -41.60 -10.12
CA THR D 923 -59.47 -42.95 -9.62
C THR D 923 -58.33 -43.34 -8.68
N THR D 924 -58.57 -44.40 -7.91
CA THR D 924 -57.55 -44.97 -7.04
C THR D 924 -57.16 -46.39 -7.43
N ASP D 925 -57.85 -47.00 -8.38
CA ASP D 925 -57.52 -48.36 -8.80
C ASP D 925 -56.17 -48.36 -9.51
N VAL D 926 -55.29 -49.28 -9.09
CA VAL D 926 -53.97 -49.37 -9.70
C VAL D 926 -54.06 -49.78 -11.15
N GLN D 927 -54.95 -50.73 -11.46
CA GLN D 927 -55.09 -51.20 -12.84
C GLN D 927 -55.54 -50.07 -13.76
N GLU D 928 -56.51 -49.27 -13.30
CA GLU D 928 -56.97 -48.14 -14.11
C GLU D 928 -55.89 -47.06 -14.20
N ILE D 929 -55.11 -46.87 -13.14
CA ILE D 929 -54.05 -45.88 -13.15
C ILE D 929 -52.99 -46.25 -14.19
N ILE D 930 -52.59 -47.51 -14.20
CA ILE D 930 -51.52 -47.95 -15.11
C ILE D 930 -51.96 -47.82 -16.56
N LEU D 931 -53.20 -48.21 -16.87
CA LEU D 931 -53.70 -48.14 -18.23
C LEU D 931 -53.88 -46.70 -18.71
N GLY D 932 -53.84 -45.72 -17.82
CA GLY D 932 -54.00 -44.35 -18.23
C GLY D 932 -55.42 -43.92 -18.51
N THR D 933 -56.40 -44.74 -18.13
CA THR D 933 -57.79 -44.39 -18.37
C THR D 933 -58.18 -43.13 -17.61
N LEU D 934 -57.79 -43.03 -16.35
CA LEU D 934 -58.10 -41.88 -15.51
C LEU D 934 -56.84 -41.47 -14.76
N PRO D 935 -56.65 -40.18 -14.51
CA PRO D 935 -55.48 -39.74 -13.75
C PRO D 935 -55.54 -40.23 -12.32
N PRO D 936 -54.38 -40.48 -11.70
CA PRO D 936 -54.38 -40.93 -10.31
C PRO D 936 -54.94 -39.88 -9.37
N CYS D 937 -55.62 -40.32 -8.32
CA CYS D 937 -56.12 -39.39 -7.32
C CYS D 937 -55.02 -39.08 -6.31
N PRO D 938 -54.57 -37.84 -6.22
CA PRO D 938 -53.49 -37.49 -5.29
C PRO D 938 -53.91 -37.68 -3.84
N ASN D 939 -52.95 -38.11 -3.03
CA ASN D 939 -53.19 -38.35 -1.62
C ASN D 939 -53.13 -37.05 -0.85
N ILE D 940 -54.14 -36.80 -0.02
CA ILE D 940 -54.22 -35.56 0.75
C ILE D 940 -54.25 -35.88 2.23
N TYR D 941 -53.59 -36.97 2.63
CA TYR D 941 -53.59 -37.38 4.02
C TYR D 941 -53.04 -36.28 4.92
N ALA D 942 -51.75 -35.97 4.76
CA ALA D 942 -51.11 -34.88 5.49
C ALA D 942 -50.58 -33.91 4.45
N ASN D 943 -51.45 -33.01 4.00
CA ASN D 943 -51.07 -32.08 2.95
C ASN D 943 -50.47 -30.79 3.50
N TRP D 944 -50.70 -30.50 4.77
CA TRP D 944 -49.99 -29.38 5.39
C TRP D 944 -48.49 -29.63 5.35
N LEU D 945 -48.06 -30.88 5.56
CA LEU D 945 -46.65 -31.21 5.45
C LEU D 945 -46.14 -30.99 4.04
N VAL D 946 -46.93 -31.36 3.03
CA VAL D 946 -46.51 -31.18 1.65
C VAL D 946 -46.36 -29.70 1.33
N ILE D 947 -47.33 -28.88 1.77
CA ILE D 947 -47.25 -27.44 1.51
C ILE D 947 -46.06 -26.83 2.24
N LEU D 948 -45.82 -27.24 3.48
CA LEU D 948 -44.68 -26.73 4.23
C LEU D 948 -43.37 -27.10 3.56
N LEU D 949 -43.26 -28.34 3.07
CA LEU D 949 -42.06 -28.75 2.36
C LEU D 949 -41.89 -27.97 1.08
N LEU D 950 -42.98 -27.70 0.38
CA LEU D 950 -42.89 -26.88 -0.84
C LEU D 950 -42.40 -25.48 -0.51
N VAL D 951 -42.90 -24.90 0.58
CA VAL D 951 -42.47 -23.56 0.97
C VAL D 951 -40.98 -23.55 1.31
N ILE D 952 -40.54 -24.56 2.08
CA ILE D 952 -39.13 -24.63 2.46
C ILE D 952 -38.25 -24.82 1.24
N TYR D 953 -38.66 -25.71 0.33
CA TYR D 953 -37.88 -25.95 -0.88
C TYR D 953 -37.81 -24.71 -1.74
N LEU D 954 -38.94 -24.01 -1.92
CA LEU D 954 -38.94 -22.79 -2.70
C LEU D 954 -38.01 -21.76 -2.08
N LEU D 955 -38.12 -21.55 -0.77
CA LEU D 955 -37.22 -20.63 -0.10
C LEU D 955 -35.77 -20.99 -0.38
N VAL D 956 -35.37 -22.21 -0.03
CA VAL D 956 -33.98 -22.63 -0.17
C VAL D 956 -33.51 -22.43 -1.60
N THR D 957 -34.16 -23.11 -2.55
CA THR D 957 -33.71 -23.07 -3.94
C THR D 957 -33.74 -21.66 -4.50
N ASN D 958 -34.92 -21.04 -4.55
CA ASN D 958 -35.08 -19.76 -5.23
C ASN D 958 -34.42 -18.60 -4.51
N VAL D 959 -33.93 -18.76 -3.28
CA VAL D 959 -33.26 -17.65 -2.63
C VAL D 959 -31.82 -18.02 -2.35
N LEU D 960 -31.59 -19.00 -1.46
CA LEU D 960 -30.24 -19.28 -1.01
C LEU D 960 -29.37 -19.77 -2.15
N LEU D 961 -29.83 -20.79 -2.87
CA LEU D 961 -28.99 -21.38 -3.90
C LEU D 961 -28.78 -20.43 -5.07
N LEU D 962 -29.84 -19.75 -5.51
CA LEU D 962 -29.70 -18.85 -6.65
C LEU D 962 -28.82 -17.66 -6.32
N ASN D 963 -29.01 -17.05 -5.14
CA ASN D 963 -28.17 -15.93 -4.76
C ASN D 963 -26.74 -16.36 -4.49
N LEU D 964 -26.54 -17.58 -3.98
CA LEU D 964 -25.19 -18.10 -3.83
C LEU D 964 -24.53 -18.27 -5.20
N LEU D 965 -25.28 -18.75 -6.19
CA LEU D 965 -24.73 -18.85 -7.53
C LEU D 965 -24.37 -17.48 -8.08
N ILE D 966 -25.22 -16.47 -7.83
CA ILE D 966 -24.92 -15.13 -8.30
C ILE D 966 -23.66 -14.60 -7.64
N ALA D 967 -23.51 -14.81 -6.33
CA ALA D 967 -22.32 -14.33 -5.63
C ALA D 967 -21.06 -15.05 -6.12
N MET D 968 -21.16 -16.36 -6.34
CA MET D 968 -20.02 -17.10 -6.87
C MET D 968 -19.64 -16.59 -8.25
N PHE D 969 -20.64 -16.30 -9.10
CA PHE D 969 -20.34 -15.74 -10.41
C PHE D 969 -19.66 -14.40 -10.31
N SER D 970 -20.13 -13.53 -9.41
CA SER D 970 -19.51 -12.22 -9.26
C SER D 970 -18.05 -12.35 -8.85
N TYR D 971 -17.79 -13.18 -7.82
CA TYR D 971 -16.43 -13.34 -7.35
C TYR D 971 -15.54 -13.95 -8.42
N THR D 972 -16.04 -14.98 -9.12
CA THR D 972 -15.24 -15.62 -10.16
C THR D 972 -14.96 -14.66 -11.30
N PHE D 973 -15.93 -13.85 -11.69
CA PHE D 973 -15.70 -12.85 -12.73
C PHE D 973 -14.59 -11.89 -12.32
N GLN D 974 -14.66 -11.38 -11.09
CA GLN D 974 -13.64 -10.45 -10.62
C GLN D 974 -12.26 -11.11 -10.62
N VAL D 975 -12.18 -12.36 -10.17
CA VAL D 975 -10.88 -13.03 -10.11
C VAL D 975 -10.36 -13.36 -11.51
N VAL D 976 -11.23 -13.72 -12.45
CA VAL D 976 -10.80 -14.31 -13.70
C VAL D 976 -10.48 -13.28 -14.77
N GLN D 977 -11.22 -12.16 -14.79
CA GLN D 977 -11.21 -11.28 -15.97
C GLN D 977 -9.79 -10.98 -16.48
N GLU D 978 -8.87 -10.66 -15.58
CA GLU D 978 -7.52 -10.29 -16.00
C GLU D 978 -6.80 -11.45 -16.67
N ASN D 979 -6.89 -12.66 -16.09
CA ASN D 979 -6.27 -13.82 -16.72
C ASN D 979 -6.98 -14.22 -18.00
N ALA D 980 -8.30 -14.00 -18.05
CA ALA D 980 -9.06 -14.32 -19.25
C ALA D 980 -8.60 -13.47 -20.42
N ASP D 981 -8.28 -12.21 -20.18
CA ASP D 981 -7.77 -11.36 -21.26
C ASP D 981 -6.46 -11.91 -21.82
N ILE D 982 -5.54 -12.29 -20.94
CA ILE D 982 -4.24 -12.83 -21.37
C ILE D 982 -4.44 -14.13 -22.13
N PHE D 983 -5.31 -15.00 -21.62
CA PHE D 983 -5.56 -16.26 -22.29
C PHE D 983 -6.19 -16.03 -23.67
N TRP D 984 -7.06 -15.01 -23.77
CA TRP D 984 -7.61 -14.69 -25.08
C TRP D 984 -6.54 -14.25 -26.05
N LYS D 985 -5.59 -13.43 -25.60
CA LYS D 985 -4.51 -13.00 -26.48
C LYS D 985 -3.68 -14.20 -26.94
N PHE D 986 -3.36 -15.10 -26.01
CA PHE D 986 -2.57 -16.27 -26.36
C PHE D 986 -3.31 -17.14 -27.37
N GLN D 987 -4.62 -17.31 -27.19
CA GLN D 987 -5.42 -18.07 -28.14
C GLN D 987 -5.50 -17.36 -29.48
N ARG D 988 -5.57 -16.03 -29.45
CA ARG D 988 -5.65 -15.25 -30.68
C ARG D 988 -4.43 -15.45 -31.54
N TYR D 989 -3.26 -15.60 -30.91
CA TYR D 989 -2.07 -15.90 -31.69
C TYR D 989 -2.27 -17.14 -32.55
N ASN D 990 -2.70 -18.24 -31.91
CA ASN D 990 -2.86 -19.50 -32.63
C ASN D 990 -3.95 -19.40 -33.69
N LEU D 991 -5.03 -18.70 -33.39
CA LEU D 991 -6.11 -18.57 -34.37
C LEU D 991 -5.67 -17.77 -35.59
N ILE D 992 -4.88 -16.71 -35.38
CA ILE D 992 -4.38 -15.93 -36.50
C ILE D 992 -3.40 -16.75 -37.32
N VAL D 993 -2.54 -17.53 -36.65
CA VAL D 993 -1.64 -18.41 -37.39
C VAL D 993 -2.43 -19.41 -38.23
N GLU D 994 -3.55 -19.86 -37.66
CA GLU D 994 -4.42 -20.81 -38.32
C GLU D 994 -5.10 -20.20 -39.55
N TYR D 995 -5.49 -18.93 -39.47
CA TYR D 995 -6.09 -18.21 -40.59
C TYR D 995 -5.07 -17.78 -41.62
N HIS D 996 -3.78 -17.75 -41.25
CA HIS D 996 -2.75 -17.42 -42.24
C HIS D 996 -2.70 -18.46 -43.35
N SER D 997 -2.76 -19.74 -43.00
CA SER D 997 -2.64 -20.81 -43.98
C SER D 997 -3.97 -21.24 -44.59
N ARG D 998 -5.08 -20.72 -44.08
CA ARG D 998 -6.39 -21.14 -44.55
C ARG D 998 -6.65 -20.58 -45.95
N PRO D 999 -7.20 -21.38 -46.87
CA PRO D 999 -7.52 -20.86 -48.20
C PRO D 999 -8.54 -19.73 -48.13
N ALA D 1000 -8.41 -18.78 -49.05
CA ALA D 1000 -9.19 -17.54 -48.99
C ALA D 1000 -10.65 -17.74 -49.32
N LEU D 1001 -11.04 -18.90 -49.84
CA LEU D 1001 -12.43 -19.15 -50.22
C LEU D 1001 -13.22 -19.94 -49.18
N ALA D 1002 -14.26 -19.31 -48.64
CA ALA D 1002 -15.11 -19.96 -47.64
C ALA D 1002 -15.95 -21.06 -48.29
N PRO D 1003 -16.23 -22.13 -47.54
CA PRO D 1003 -17.04 -23.25 -48.04
C PRO D 1003 -18.48 -22.81 -48.29
N PRO D 1004 -19.13 -23.39 -49.31
CA PRO D 1004 -18.83 -24.65 -49.99
C PRO D 1004 -17.86 -24.45 -51.15
N PHE D 1005 -17.48 -23.20 -51.40
CA PHE D 1005 -16.57 -22.85 -52.48
C PHE D 1005 -15.19 -23.47 -52.28
N ILE D 1006 -14.74 -23.52 -51.03
CA ILE D 1006 -13.45 -24.09 -50.63
C ILE D 1006 -13.01 -25.34 -51.40
N ILE D 1007 -13.95 -26.03 -52.05
CA ILE D 1007 -13.59 -27.18 -52.86
C ILE D 1007 -12.72 -26.76 -54.04
N ILE D 1008 -12.97 -25.58 -54.58
CA ILE D 1008 -12.12 -25.07 -55.67
C ILE D 1008 -10.70 -24.89 -55.18
N SER D 1009 -10.54 -24.29 -53.99
CA SER D 1009 -9.21 -24.10 -53.43
C SER D 1009 -8.52 -25.43 -53.16
N HIS D 1010 -9.28 -26.41 -52.64
CA HIS D 1010 -8.70 -27.71 -52.35
C HIS D 1010 -8.25 -28.41 -53.63
N ILE D 1011 -9.08 -28.35 -54.67
CA ILE D 1011 -8.70 -28.97 -55.95
C ILE D 1011 -7.48 -28.29 -56.53
N THR D 1012 -7.43 -26.95 -56.47
CA THR D 1012 -6.27 -26.23 -56.99
C THR D 1012 -5.01 -26.60 -56.21
N GLN D 1013 -5.10 -26.68 -54.89
CA GLN D 1013 -3.94 -27.04 -54.09
C GLN D 1013 -3.47 -28.45 -54.41
N ALA D 1014 -4.41 -29.39 -54.55
CA ALA D 1014 -4.03 -30.77 -54.87
C ALA D 1014 -3.38 -30.85 -56.24
N LEU D 1015 -3.93 -30.14 -57.23
CA LEU D 1015 -3.35 -30.15 -58.57
C LEU D 1015 -1.96 -29.52 -58.57
N LEU D 1016 -1.78 -28.44 -57.82
CA LEU D 1016 -0.46 -27.81 -57.73
C LEU D 1016 0.55 -28.73 -57.05
N SER D 1017 0.11 -29.45 -56.01
CA SER D 1017 1.01 -30.40 -55.34
C SER D 1017 1.40 -31.53 -56.28
N PHE D 1018 0.43 -32.06 -57.04
CA PHE D 1018 0.74 -33.14 -57.98
C PHE D 1018 1.68 -32.66 -59.08
N ILE D 1019 1.44 -31.46 -59.62
CA ILE D 1019 2.30 -30.94 -60.67
C ILE D 1019 3.67 -30.57 -60.11
N LYS D 1020 3.71 -29.92 -58.95
CA LYS D 1020 4.97 -29.51 -58.35
C LYS D 1020 5.22 -30.27 -57.05
N ASP D 1027 5.23 -17.11 -46.10
CA ASP D 1027 4.95 -17.07 -44.67
C ASP D 1027 5.54 -15.81 -44.04
N LEU D 1028 4.66 -14.85 -43.75
CA LEU D 1028 5.12 -13.60 -43.13
C LEU D 1028 5.73 -13.86 -41.76
N LEU D 1029 5.11 -14.72 -40.96
CA LEU D 1029 5.67 -15.17 -39.71
C LEU D 1029 6.65 -16.31 -39.99
N GLU D 1030 7.59 -16.49 -39.05
CA GLU D 1030 8.60 -17.55 -39.15
C GLU D 1030 9.39 -17.45 -40.46
N ARG D 1031 10.08 -16.32 -40.61
CA ARG D 1031 10.87 -16.04 -41.79
C ARG D 1031 12.35 -16.27 -41.51
N GLU D 1032 13.09 -16.58 -42.56
CA GLU D 1032 14.53 -16.82 -42.49
C GLU D 1032 15.25 -15.62 -43.11
N LEU D 1033 16.24 -15.10 -42.40
CA LEU D 1033 16.90 -13.86 -42.76
C LEU D 1033 18.30 -14.12 -43.31
N PRO D 1034 18.83 -13.20 -44.12
CA PRO D 1034 20.20 -13.35 -44.60
C PRO D 1034 21.20 -13.31 -43.45
N SER D 1035 22.40 -13.81 -43.73
CA SER D 1035 23.41 -13.94 -42.68
C SER D 1035 23.78 -12.59 -42.07
N GLY D 1036 23.97 -11.58 -42.92
CA GLY D 1036 24.35 -10.27 -42.39
C GLY D 1036 23.26 -9.66 -41.52
N LEU D 1037 22.02 -9.72 -41.99
CA LEU D 1037 20.91 -9.17 -41.21
C LEU D 1037 20.70 -9.96 -39.92
N ASP D 1038 20.86 -11.28 -39.99
CA ASP D 1038 20.71 -12.10 -38.78
C ASP D 1038 21.78 -11.75 -37.75
N GLN D 1039 23.03 -11.59 -38.20
CA GLN D 1039 24.09 -11.21 -37.28
C GLN D 1039 23.86 -9.83 -36.69
N LYS D 1040 23.40 -8.89 -37.52
CA LYS D 1040 23.09 -7.55 -37.03
C LYS D 1040 21.99 -7.59 -35.98
N LEU D 1041 20.95 -8.39 -36.20
CA LEU D 1041 19.87 -8.50 -35.24
C LEU D 1041 20.34 -9.16 -33.95
N MET D 1042 21.20 -10.17 -34.05
CA MET D 1042 21.73 -10.79 -32.84
C MET D 1042 22.54 -9.80 -32.02
N THR D 1043 23.40 -9.03 -32.67
CA THR D 1043 24.17 -8.02 -31.93
C THR D 1043 23.27 -6.95 -31.35
N TRP D 1044 22.24 -6.54 -32.08
CA TRP D 1044 21.31 -5.55 -31.57
C TRP D 1044 20.56 -6.08 -30.34
N GLU D 1045 20.13 -7.33 -30.38
CA GLU D 1045 19.47 -7.93 -29.23
C GLU D 1045 20.42 -8.01 -28.04
N THR D 1046 21.69 -8.36 -28.29
CA THR D 1046 22.66 -8.40 -27.20
C THR D 1046 22.84 -7.02 -26.58
N VAL D 1047 22.90 -5.99 -27.42
CA VAL D 1047 23.05 -4.62 -26.91
C VAL D 1047 21.84 -4.23 -26.08
N GLN D 1048 20.64 -4.57 -26.56
CA GLN D 1048 19.43 -4.26 -25.81
C GLN D 1048 19.41 -5.00 -24.47
N LYS D 1049 19.86 -6.26 -24.46
CA LYS D 1049 19.92 -7.01 -23.22
C LYS D 1049 20.90 -6.37 -22.24
N GLU D 1050 22.05 -5.94 -22.73
CA GLU D 1050 23.01 -5.26 -21.87
C GLU D 1050 22.43 -3.98 -21.30
N ASN D 1051 21.74 -3.20 -22.14
CA ASN D 1051 21.12 -1.97 -21.65
C ASN D 1051 20.06 -2.25 -20.60
N TYR D 1052 19.25 -3.29 -20.83
CA TYR D 1052 18.19 -3.63 -19.88
C TYR D 1052 18.79 -4.07 -18.54
N LEU D 1053 19.83 -4.90 -18.58
CA LEU D 1053 20.48 -5.32 -17.34
C LEU D 1053 21.13 -4.15 -16.63
N ALA D 1054 21.76 -3.24 -17.38
CA ALA D 1054 22.35 -2.05 -16.78
C ALA D 1054 21.29 -1.18 -16.12
N LYS D 1055 20.14 -1.03 -16.77
CA LYS D 1055 19.05 -0.26 -16.18
C LYS D 1055 18.55 -0.93 -14.89
N LEU D 1056 18.43 -2.24 -14.89
CA LEU D 1056 18.02 -2.94 -13.67
C LEU D 1056 19.02 -2.70 -12.55
N GLU D 1057 20.31 -2.83 -12.86
CA GLU D 1057 21.34 -2.61 -11.84
C GLU D 1057 21.32 -1.18 -11.32
N HIS D 1058 21.15 -0.21 -12.22
CA HIS D 1058 21.10 1.19 -11.80
C HIS D 1058 19.89 1.45 -10.91
N GLU D 1059 18.71 0.94 -11.29
CA GLU D 1059 17.52 1.14 -10.48
C GLU D 1059 17.66 0.45 -9.12
N HIS D 1060 18.35 -0.67 -9.06
CA HIS D 1060 18.61 -1.31 -7.77
C HIS D 1060 19.58 -0.48 -6.94
N ARG D 1061 20.58 0.13 -7.57
CA ARG D 1061 21.56 0.91 -6.84
C ARG D 1061 20.96 2.19 -6.27
N GLU D 1062 20.00 2.78 -6.95
CA GLU D 1062 19.35 4.00 -6.48
C GLU D 1062 18.13 3.72 -5.63
N SER D 1063 17.87 2.46 -5.29
CA SER D 1063 16.74 2.13 -4.44
C SER D 1063 16.95 2.68 -3.02
N SER D 1064 15.84 2.90 -2.32
CA SER D 1064 15.92 3.42 -0.97
C SER D 1064 16.64 2.46 -0.04
N GLY D 1065 16.35 1.16 -0.15
CA GLY D 1065 16.99 0.19 0.72
C GLY D 1065 18.49 0.10 0.52
N GLU D 1066 18.94 0.09 -0.73
CA GLU D 1066 20.37 0.02 -0.99
C GLU D 1066 21.07 1.30 -0.55
N ARG D 1067 20.42 2.45 -0.76
CA ARG D 1067 20.99 3.70 -0.28
C ARG D 1067 21.13 3.69 1.23
N LEU D 1068 20.11 3.19 1.94
CA LEU D 1068 20.20 3.10 3.40
C LEU D 1068 21.31 2.16 3.84
N ARG D 1069 21.45 1.01 3.16
CA ARG D 1069 22.49 0.06 3.52
C ARG D 1069 23.88 0.68 3.32
N TYR D 1070 24.08 1.33 2.17
CA TYR D 1070 25.36 1.96 1.90
C TYR D 1070 25.64 3.09 2.89
N THR D 1071 24.61 3.86 3.22
CA THR D 1071 24.78 4.94 4.19
C THR D 1071 25.15 4.40 5.57
N SER D 1072 24.49 3.34 6.00
CA SER D 1072 24.80 2.77 7.31
C SER D 1072 26.22 2.24 7.35
N SER D 1073 26.65 1.55 6.28
CA SER D 1073 28.01 1.01 6.26
C SER D 1073 29.04 2.13 6.26
N LYS D 1074 28.83 3.16 5.43
CA LYS D 1074 29.78 4.26 5.39
C LYS D 1074 29.78 5.05 6.70
N VAL D 1075 28.63 5.15 7.38
CA VAL D 1075 28.58 5.83 8.66
C VAL D 1075 29.33 5.03 9.71
N GLN D 1076 29.21 3.71 9.69
CA GLN D 1076 29.97 2.89 10.64
C GLN D 1076 31.48 3.06 10.42
N THR D 1077 31.91 2.98 9.15
CA THR D 1077 33.33 3.15 8.85
C THR D 1077 33.81 4.55 9.24
N LEU D 1078 33.01 5.58 8.92
CA LEU D 1078 33.38 6.94 9.26
C LEU D 1078 33.45 7.11 10.77
N LEU D 1079 32.54 6.47 11.51
CA LEU D 1079 32.52 6.59 12.97
C LEU D 1079 33.79 5.98 13.57
N ARG D 1080 34.16 4.78 13.13
CA ARG D 1080 35.37 4.18 13.69
C ARG D 1080 36.62 4.97 13.30
N MET D 1081 36.68 5.44 12.05
CA MET D 1081 37.83 6.24 11.63
C MET D 1081 37.90 7.55 12.42
N VAL D 1082 36.77 8.20 12.64
CA VAL D 1082 36.74 9.44 13.39
C VAL D 1082 37.09 9.21 14.84
N GLY D 1083 36.69 8.06 15.40
CA GLY D 1083 37.12 7.74 16.76
C GLY D 1083 38.63 7.59 16.86
N GLY D 1084 39.23 6.89 15.90
CA GLY D 1084 40.69 6.79 15.87
C GLY D 1084 41.36 8.15 15.73
N PHE D 1085 40.85 8.98 14.82
CA PHE D 1085 41.43 10.30 14.61
C PHE D 1085 41.27 11.18 15.84
N LYS D 1086 40.12 11.10 16.52
CA LYS D 1086 39.91 11.87 17.73
C LYS D 1086 40.83 11.42 18.84
N ASP D 1087 41.06 10.11 18.97
CA ASP D 1087 42.03 9.62 19.95
C ASP D 1087 43.42 10.16 19.64
N GLN D 1088 43.83 10.11 18.37
CA GLN D 1088 45.14 10.63 17.99
C GLN D 1088 45.26 12.12 18.28
N GLU D 1089 44.21 12.89 17.97
CA GLU D 1089 44.24 14.33 18.22
C GLU D 1089 44.29 14.63 19.72
N LYS D 1090 43.52 13.89 20.51
CA LYS D 1090 43.54 14.09 21.96
C LYS D 1090 44.89 13.71 22.55
N ARG D 1091 45.60 12.76 21.93
CA ARG D 1091 46.96 12.48 22.38
C ARG D 1091 47.87 13.68 22.21
N MET D 1092 47.73 14.40 21.10
CA MET D 1092 48.54 15.59 20.86
C MET D 1092 47.72 16.86 21.06
C1 NAG E . -75.48 -20.82 -8.48
C2 NAG E . -76.10 -21.06 -9.86
C3 NAG E . -77.61 -20.95 -9.78
C4 NAG E . -78.10 -21.97 -8.77
C5 NAG E . -77.40 -21.79 -7.42
C6 NAG E . -77.82 -22.89 -6.46
C7 NAG E . -74.47 -20.45 -11.55
C8 NAG E . -74.22 -19.59 -12.76
N2 NAG E . -75.55 -20.14 -10.83
O3 NAG E . -78.17 -21.22 -11.06
O4 NAG E . -79.52 -21.84 -8.60
O5 NAG E . -75.98 -21.79 -7.56
O6 NAG E . -79.24 -23.10 -6.58
O7 NAG E . -73.74 -21.37 -11.24
C8 YUY F . -48.87 -21.82 6.69
C5 YUY F . -44.43 -17.94 7.48
C6 YUY F . -47.15 -20.21 7.00
O6 YUY F . -61.64 -27.99 0.12
C2 YUY F . -44.21 -17.68 5.04
C4 YUY F . -45.09 -19.79 6.12
C YUY F . -43.60 -15.77 6.56
O YUY F . -44.48 -19.36 7.33
C1 YUY F . -43.63 -17.28 6.38
O1 YUY F . -46.44 -19.37 6.09
O2 YUY F . -55.27 -26.54 6.44
C3 YUY F . -44.37 -19.20 4.92
O3 YUY F . -58.44 -26.78 4.39
O4 YUY F . -59.01 -28.18 2.67
O5 YUY F . -60.19 -31.00 1.17
C7 YUY F . -48.63 -20.31 6.66
O7 YUY F . -61.80 -28.96 -1.95
O8 YUY F . -60.51 -27.61 -5.01
C9 YUY F . -50.18 -22.41 6.14
O9 YUY F . -64.19 -28.52 -3.47
C10 YUY F . -51.38 -21.79 6.85
O10 YUY F . -61.69 -25.86 -3.58
C11 YUY F . -52.63 -22.58 6.66
O11 YUY F . -63.96 -27.24 -1.07
C12 YUY F . -52.70 -23.82 6.21
O12 YUY F . -61.33 -25.24 0.92
C13 YUY F . -54.04 -24.51 6.06
O13 YUY F . -60.42 -24.97 3.64
C14 YUY F . -54.02 -25.89 6.69
O14 YUY F . -58.48 -30.05 7.46
C15 YUY F . -52.90 -26.72 6.13
C16 YUY F . -51.56 -26.03 6.39
C17 YUY F . -51.47 -24.62 5.78
C18 YUY F . -51.46 -24.70 4.25
C19 YUY F . -50.18 -23.93 6.33
C20 YUY F . -48.90 -24.58 5.80
C21 YUY F . -47.62 -23.92 6.32
C22 YUY F . -47.60 -22.42 6.05
C23 YUY F . -47.55 -22.14 4.53
C24 YUY F . -46.52 -21.60 6.81
C25 YUY F . -45.15 -21.32 6.17
C26 YUY F . -43.98 -21.99 6.85
C27 YUY F . -56.14 -26.63 7.55
C28 YUY F . -56.94 -27.92 7.45
C29 YUY F . -58.19 -27.81 6.57
C30 YUY F . -57.83 -27.86 5.10
C31 YUY F . -59.47 -27.17 3.54
C32 YUY F . -59.92 -25.95 2.75
C33 YUY F . -60.99 -26.35 1.75
C34 YUY F . -60.52 -27.52 0.90
C35 YUY F . -60.04 -28.67 1.78
C36 YUY F . -59.43 -29.81 0.99
C37 YUY F . -61.61 -27.74 -1.26
C38 YUY F . -62.72 -26.75 -1.59
C39 YUY F . -62.83 -26.56 -3.09
C40 YUY F . -62.95 -27.91 -3.80
C41 YUY F . -61.81 -28.82 -3.38
C42 YUY F . -60.45 -28.29 -3.77
C43 YUY F . -59.15 -28.94 6.87
C1 YUV G . -45.17 -19.84 11.44
C2 YUV G . -45.28 -21.25 12.00
O1 YUV G . -58.85 -25.84 11.33
C YUV G . -44.12 -19.75 10.34
O YUV G . -48.20 -21.65 11.44
O2 YUV G . -47.51 -19.49 11.96
C3 YUV G . -46.43 -21.37 13.01
C4 YUV G . -47.71 -20.80 12.46
C5 YUV G . -48.88 -20.72 13.47
C6 YUV G . -50.12 -20.93 12.59
C7 YUV G . -49.56 -21.30 11.20
C8 YUV G . -50.38 -22.48 10.67
C9 YUV G . -51.66 -22.37 11.50
C10 YUV G . -51.14 -22.06 12.92
C11 YUV G . -52.36 -21.63 13.75
C12 YUV G . -53.45 -22.69 13.76
C13 YUV G . -53.90 -23.13 12.35
C14 YUV G . -52.71 -23.49 11.46
C15 YUV G . -53.19 -23.71 10.02
C16 YUV G . -54.46 -24.49 9.95
C17 YUV G . -55.27 -24.73 10.97
C18 YUV G . -55.00 -24.22 12.38
C19 YUV G . -56.29 -23.61 12.95
C20 YUV G . -57.48 -24.57 12.85
C21 YUV G . -57.74 -24.93 11.41
C22 YUV G . -56.51 -25.57 10.79
C23 YUV G . -54.57 -25.43 13.25
C24 YUV G . -50.45 -23.28 13.56
C25 YUV G . -48.91 -19.46 14.32
C26 YUV G . -46.52 -19.41 10.94
C1 NAG H . -72.15 -13.31 -28.64
C2 NAG H . -72.66 -14.73 -28.91
C3 NAG H . -73.83 -14.69 -29.89
C4 NAG H . -74.92 -13.82 -29.27
C5 NAG H . -74.37 -12.45 -28.92
C6 NAG H . -75.45 -11.63 -28.21
C7 NAG H . -70.83 -16.29 -28.57
C8 NAG H . -70.01 -17.37 -29.20
N2 NAG H . -71.60 -15.57 -29.40
O3 NAG H . -74.32 -16.01 -30.11
O4 NAG H . -75.99 -13.68 -30.22
O5 NAG H . -73.22 -12.53 -28.08
O6 NAG H . -76.69 -11.82 -28.89
O7 NAG H . -70.80 -16.07 -27.38
C8 YUY I . -52.78 2.47 -10.91
C5 YUY I . -46.99 3.86 -11.35
C6 YUY I . -50.47 3.03 -11.17
O6 YUY I . -66.02 -5.18 -14.04
C2 YUY I . -46.44 1.48 -11.61
C4 YUY I . -48.48 2.27 -10.35
C YUY I . -44.98 3.25 -12.67
O YUY I . -47.85 3.54 -10.24
C1 YUY I . -45.87 2.88 -11.49
O1 YUY I . -49.33 2.26 -11.50
O2 YUY I . -60.65 1.46 -10.94
C3 YUY I . -47.44 1.18 -10.49
O3 YUY I . -63.16 -0.69 -12.78
O4 YUY I . -64.27 -2.60 -12.13
O5 YUY I . -66.73 -4.44 -10.68
C7 YUY I . -51.69 2.64 -11.99
O7 YUY I . -66.54 -7.36 -13.51
O8 YUY I . -64.40 -10.20 -14.06
C9 YUY I . -54.12 1.81 -11.27
O9 YUY I . -68.05 -8.90 -15.40
C10 YUY I . -54.79 2.57 -12.41
O10 YUY I . -64.48 -8.60 -16.05
C11 YUY I . -56.24 2.24 -12.55
O11 YUY I . -67.34 -6.35 -16.10
C12 YUY I . -56.98 1.64 -11.63
O12 YUY I . -64.26 -4.05 -15.99
C13 YUY I . -58.45 1.37 -11.87
O13 YUY I . -63.62 -1.30 -15.48
C14 YUY I . -59.29 1.83 -10.71
O14 YUY I . -65.41 1.97 -9.95
C15 YUY I . -58.82 1.21 -9.42
C16 YUY I . -57.36 1.60 -9.16
C17 YUY I . -56.41 1.17 -10.29
C18 YUY I . -56.32 -0.36 -10.32
C19 YUY I . -55.03 1.83 -10.04
C20 YUY I . -54.32 1.28 -8.79
C21 YUY I . -52.96 1.90 -8.53
C22 YUY I . -52.04 1.81 -9.75
C23 YUY I . -51.69 0.35 -10.05
C24 YUY I . -50.77 2.70 -9.69
C25 YUY I . -49.43 2.13 -9.16
C26 YUY I . -48.95 2.77 -7.87
C27 YUY I . -61.53 2.54 -11.30
C28 YUY I . -62.90 2.25 -10.75
C29 YUY I . -63.76 1.35 -11.64
C30 YUY I . -63.37 -0.10 -11.50
C31 YUY I . -64.14 -1.63 -13.14
C32 YUY I . -63.71 -2.28 -14.45
C33 YUY I . -64.71 -3.35 -14.84
C34 YUY I . -64.93 -4.31 -13.69
C35 YUY I . -65.29 -3.57 -12.41
C36 YUY I . -65.41 -4.46 -11.20
C37 YUY I . -65.73 -6.52 -14.32
C38 YUY I . -66.02 -6.77 -15.79
C39 YUY I . -65.85 -8.25 -16.13
C40 YUY I . -66.67 -9.11 -15.18
C41 YUY I . -66.32 -8.76 -13.73
C42 YUY I . -64.89 -9.04 -13.38
C43 YUY I . -65.23 1.49 -11.28
C1 YUV J . -49.08 7.55 -9.95
C2 YUV J . -50.05 7.94 -8.85
O1 YUV J . -63.60 6.29 -13.24
C YUV J . -48.08 6.50 -9.49
O YUV J . -52.57 7.23 -10.29
O2 YUV J . -50.82 8.03 -11.59
C3 YUV J . -51.14 8.88 -9.35
C4 YUV J . -51.80 8.37 -10.62
C5 YUV J . -52.79 9.34 -11.29
C6 YUV J . -53.82 8.40 -11.93
C7 YUV J . -53.46 7.00 -11.40
C8 YUV J . -54.75 6.30 -10.99
C9 YUV J . -55.80 7.10 -11.76
C10 YUV J . -55.34 8.57 -11.60
C11 YUV J . -56.14 9.40 -12.59
C12 YUV J . -57.64 9.24 -12.40
C13 YUV J . -58.12 7.78 -12.42
C14 YUV J . -57.30 6.88 -11.48
C15 YUV J . -57.67 5.42 -11.71
C16 YUV J . -59.15 5.21 -11.85
C17 YUV J . -60.04 6.17 -12.06
C18 YUV J . -59.66 7.64 -12.18
C19 YUV J . -60.39 8.24 -13.39
C20 YUV J . -61.90 7.98 -13.33
C21 YUV J . -62.19 6.51 -13.31
C22 YUV J . -61.51 5.85 -12.12
C23 YUV J . -60.10 8.38 -10.90
C24 YUV J . -55.55 9.07 -10.16
C25 YUV J . -52.15 10.34 -12.25
C26 YUV J . -49.87 7.06 -11.14
C1 NAG K . -63.13 -32.31 -34.25
C2 NAG K . -64.34 -32.77 -33.43
C3 NAG K . -65.16 -33.77 -34.24
C4 NAG K . -65.60 -33.10 -35.52
C5 NAG K . -64.37 -32.56 -36.28
C6 NAG K . -64.84 -31.80 -37.52
C7 NAG K . -63.82 -32.56 -31.07
C8 NAG K . -63.72 -33.29 -29.77
N2 NAG K . -63.93 -33.33 -32.16
O3 NAG K . -66.31 -34.16 -33.47
O4 NAG K . -66.28 -34.04 -36.35
O5 NAG K . -63.58 -31.70 -35.46
O6 NAG K . -65.89 -32.53 -38.16
O7 NAG K . -63.77 -31.34 -31.15
C8 YUY L . -39.99 -12.24 -34.08
C5 YUY L . -34.48 -12.31 -31.81
C6 YUY L . -37.78 -12.34 -33.18
O6 YUY L . -54.84 -16.66 -36.03
C2 YUY L . -35.40 -12.83 -29.58
C4 YUY L . -36.70 -11.56 -31.33
C YUY L . -33.09 -13.63 -30.21
O YUY L . -35.46 -11.28 -31.97
C1 YUY L . -34.13 -12.53 -30.36
O1 YUY L . -37.28 -12.72 -31.90
O2 YUY L . -46.93 -12.63 -37.94
C3 YUY L . -36.49 -11.80 -29.85
O3 YUY L . -50.02 -14.80 -37.82
O4 YUY L . -52.09 -14.40 -36.91
O5 YUY L . -55.30 -13.26 -36.77
C7 YUY L . -38.93 -13.24 -33.65
O7 YUY L . -56.57 -16.41 -34.54
O8 YUY L . -56.47 -17.22 -31.04
C9 YUY L . -41.42 -12.71 -34.37
O9 YUY L . -58.51 -18.51 -34.35
C10 YUY L . -41.41 -13.78 -35.46
O10 YUY L . -55.40 -19.01 -32.51
C11 YUY L . -42.76 -13.99 -36.07
O11 YUY L . -56.39 -18.90 -36.03
C12 YUY L . -43.79 -13.17 -35.95
O12 YUY L . -52.56 -18.42 -36.03
C13 YUY L . -45.10 -13.49 -36.62
O13 YUY L . -50.49 -17.55 -37.83
C14 YUY L . -45.63 -12.31 -37.41
O14 YUY L . -50.54 -11.74 -41.07
C15 YUY L . -45.74 -11.09 -36.53
C16 YUY L . -44.37 -10.74 -35.96
C17 YUY L . -43.74 -11.88 -35.13
C18 YUY L . -44.55 -12.10 -33.85
C19 YUY L . -42.26 -11.51 -34.82
C20 YUY L . -42.14 -10.31 -33.87
C21 YUY L . -40.70 -9.93 -33.55
C22 YUY L . -39.89 -11.12 -33.01
C23 YUY L . -40.44 -11.59 -31.66
C24 YUY L . -38.35 -10.93 -32.98
C25 YUY L . -37.67 -10.43 -31.69
C26 YUY L . -37.02 -9.05 -31.81
C27 YUY L . -46.96 -12.89 -39.34
C28 YUY L . -48.29 -12.42 -39.88
C29 YUY L . -49.43 -13.44 -39.74
C30 YUY L . -49.96 -13.46 -38.33
C31 YUY L . -51.32 -15.29 -37.69
C32 YUY L . -51.23 -16.65 -37.01
C33 YUY L . -52.63 -17.20 -36.77
C34 YUY L . -53.48 -16.17 -36.04
C35 YUY L . -53.45 -14.84 -36.76
C36 YUY L . -54.19 -13.74 -36.02
C37 YUY L . -55.36 -17.09 -34.79
C38 YUY L . -55.60 -18.59 -34.88
C39 YUY L . -56.28 -19.10 -33.62
C40 YUY L . -57.54 -18.28 -33.34
C41 YUY L . -57.20 -16.79 -33.31
C42 YUY L . -56.24 -16.44 -32.20
C43 YUY L . -50.56 -13.11 -40.69
C1 YUV M . -34.14 -10.55 -35.89
C2 YUV M . -34.80 -9.44 -36.68
O1 YUV M . -46.25 -14.44 -43.72
C YUV M . -33.99 -10.19 -34.41
O YUV M . -37.11 -11.05 -37.74
O2 YUV M . -35.09 -12.19 -37.43
C3 YUV M . -35.07 -9.88 -38.13
C4 YUV M . -35.77 -11.21 -38.20
C5 YUV M . -35.94 -11.78 -39.62
C6 YUV M . -37.26 -12.57 -39.52
C7 YUV M . -37.84 -12.20 -38.14
C8 YUV M . -39.34 -11.91 -38.32
C9 YUV M . -39.64 -12.62 -39.65
C10 YUV M . -38.42 -12.27 -40.53
C11 YUV M . -38.48 -13.19 -41.76
C12 YUV M . -39.81 -13.06 -42.50
C13 YUV M . -41.04 -13.27 -41.61
C14 YUV M . -40.99 -12.42 -40.33
C15 YUV M . -42.13 -12.83 -39.40
C16 YUV M . -43.42 -13.03 -40.12
C17 YUV M . -43.56 -13.16 -41.43
C18 YUV M . -42.38 -13.10 -42.40
C19 YUV M . -42.51 -14.26 -43.40
C20 YUV M . -43.87 -14.28 -44.09
C21 YUV M . -44.97 -14.44 -43.07
C22 YUV M . -44.92 -13.31 -42.06
C23 YUV M . -42.43 -11.75 -43.15
C24 YUV M . -38.44 -10.79 -40.95
C25 YUV M . -34.76 -12.61 -40.12
C26 YUV M . -34.95 -11.82 -36.05
C1 NAG N . -66.45 -39.84 -14.09
C2 NAG N . -67.77 -39.12 -14.38
C3 NAG N . -68.94 -40.06 -14.12
C4 NAG N . -68.78 -41.28 -15.02
C5 NAG N . -67.41 -41.92 -14.78
C6 NAG N . -67.23 -43.07 -15.76
C7 NAG N . -67.46 -36.74 -14.05
C8 NAG N . -67.93 -35.52 -13.31
N2 NAG N . -67.89 -37.91 -13.59
O3 NAG N . -70.17 -39.39 -14.43
O4 NAG N . -69.81 -42.22 -14.73
O5 NAG N . -66.34 -40.99 -14.93
O6 NAG N . -68.44 -43.83 -15.85
O7 NAG N . -66.71 -36.66 -15.01
C8 YUY O . -36.10 -36.55 -16.48
C5 YUY O . -31.92 -34.12 -12.98
C6 YUY O . -34.46 -35.60 -15.02
O6 YUY O . -50.45 -39.48 -21.87
C2 YUY O . -33.18 -32.01 -12.93
C4 YUY O . -33.31 -33.63 -14.86
C YUY O . -31.73 -32.66 -10.97
O YUY O . -32.09 -34.19 -14.40
C1 YUY O . -31.91 -32.70 -12.48
O1 YUY O . -34.40 -34.36 -14.32
O2 YUY O . -41.54 -40.64 -20.56
C3 YUY O . -33.43 -32.19 -14.43
O3 YUY O . -45.30 -40.89 -20.65
O4 YUY O . -46.84 -40.00 -22.12
O5 YUY O . -48.76 -39.84 -24.91
C7 YUY O . -35.87 -36.21 -15.00
O7 YUY O . -51.85 -38.04 -22.99
O8 YUY O . -52.57 -34.65 -22.00
C9 YUY O . -37.49 -36.94 -16.97
O9 YUY O . -54.66 -38.15 -22.43
C10 YUY O . -38.01 -38.14 -16.18
O10 YUY O . -52.62 -36.29 -20.05
C11 YUY O . -39.16 -38.82 -16.87
O11 YUY O . -53.01 -39.80 -20.99
C12 YUY O . -39.52 -38.64 -18.12
O12 YUY O . -49.65 -39.63 -19.11
C13 YUY O . -40.70 -39.38 -18.69
O13 YUY O . -47.31 -41.23 -18.72
C14 YUY O . -40.37 -40.04 -20.01
O14 YUY O . -43.64 -43.78 -23.65
C15 YUY O . -39.82 -39.03 -20.99
C16 YUY O . -38.57 -38.37 -20.41
C17 YUY O . -38.80 -37.68 -19.06
C18 YUY O . -39.71 -36.45 -19.27
C19 YUY O . -37.43 -37.28 -18.46
C20 YUY O . -36.72 -36.18 -19.28
C21 YUY O . -35.37 -35.77 -18.70
C22 YUY O . -35.46 -35.36 -17.23
C23 YUY O . -36.31 -34.08 -17.08
C24 YUY O . -34.11 -35.25 -16.47
C25 YUY O . -33.39 -33.89 -16.37
C26 YUY O . -32.06 -33.83 -17.10
C27 YUY O . -41.58 -42.07 -20.49
C28 YUY O . -42.32 -42.60 -21.69
C29 YUY O . -43.85 -42.61 -21.53
C30 YUY O . -44.43 -41.23 -21.73
C31 YUY O . -46.66 -40.86 -21.01
C32 YUY O . -47.45 -40.35 -19.81
C33 YUY O . -48.93 -40.21 -20.19
C34 YUY O . -49.07 -39.39 -21.46
C35 YUY O . -48.21 -39.95 -22.57
C36 YUY O . -48.22 -39.11 -23.83
C37 YUY O . -51.25 -38.32 -21.74
C38 YUY O . -52.30 -38.60 -20.68
C39 YUY O . -53.27 -37.43 -20.59
C40 YUY O . -53.84 -37.09 -21.96
C41 YUY O . -52.69 -36.87 -22.95
C42 YUY O . -51.81 -35.71 -22.58
C43 YUY O . -44.48 -43.55 -22.54
C1 YUV P . -30.23 -37.96 -14.50
C2 YUV P . -30.03 -38.64 -15.83
O1 YUV P . -41.50 -46.59 -19.15
C YUV P . -30.03 -36.45 -14.59
O YUV P . -32.72 -39.94 -16.00
O2 YUV P . -31.81 -39.71 -13.88
C3 YUV P . -30.36 -40.13 -15.77
C4 YUV P . -31.71 -40.39 -15.12
C5 YUV P . -32.04 -41.86 -14.87
C6 YUV P . -33.58 -41.91 -15.01
C7 YUV P . -33.96 -40.51 -15.55
C8 YUV P . -34.97 -40.70 -16.67
C9 YUV P . -35.50 -42.11 -16.39
C10 YUV P . -34.24 -42.90 -16.01
C11 YUV P . -34.70 -44.24 -15.41
C12 YUV P . -35.62 -45.00 -16.36
C13 YUV P . -36.82 -44.18 -16.85
C14 YUV P . -36.41 -42.81 -17.40
C15 YUV P . -37.65 -41.97 -17.68
C16 YUV P . -38.75 -42.75 -18.32
C17 YUV P . -38.80 -44.07 -18.42
C18 YUV P . -37.73 -44.98 -17.83
C19 YUV P . -38.41 -46.12 -17.06
C20 YUV P . -39.45 -46.86 -17.90
C21 YUV P . -40.54 -45.90 -18.35
C22 YUV P . -39.93 -44.75 -19.15
C23 YUV P . -36.91 -45.58 -19.01
C24 YUV P . -33.34 -43.15 -17.24
C25 YUV P . -31.52 -42.42 -13.54
C26 YUV P . -31.60 -38.29 -13.98
#